data_3PUF
#
_entry.id   3PUF
#
_cell.length_a   90.068
_cell.length_b   108.366
_cell.length_c   114.264
_cell.angle_alpha   105.90
_cell.angle_beta   103.71
_cell.angle_gamma   111.42
#
_symmetry.space_group_name_H-M   'P 1'
#
loop_
_entity.id
_entity.type
_entity.pdbx_description
1 polymer 'Ribonuclease H2 subunit A'
2 polymer 'Ribonuclease H2 subunit B'
3 polymer 'Ribonuclease H2 subunit C'
4 water water
#
loop_
_entity_poly.entity_id
_entity_poly.type
_entity_poly.pdbx_seq_one_letter_code
_entity_poly.pdbx_strand_id
1 'polypeptide(L)'
;GPHMDLSELERDNTGRCRLSSPVPAVCRKEPCVLGVDEAGRGPVLGPMVYAICYCPLPRLADLEALKVADSKTLLESERE
RLFAKMEDTDFVGWALDVLSPNLISTSMLGRVKYNLNSLSHDTATGLIQYALDQGVNVTQVFVDTVGMPETYQARLQQSF
PGIEVTVKAKADALYPVVSAASICAKVARDQAVKKWQFVEKLQDLDTDYGSGYPNDPKTKAWLKEHVEPVFGFPQFVRFS
WRTAQTILEKEAEDVIWEDSASENQEGLRKITSYFLNEGSQARPRSSHRYFLERGLESATSL
;
A,D,G,J,M,P
2 'polypeptide(L)'
;GSHMRQHVFLVSEYLKDASKKMKNGLMFVKLVNPCSGEGAIYLFNMCLQQLFEVKVFKEKHHSWFINQSVQSGGLLHFAT
PVDPLFLLLHYLIKADKEGKFQPLDQVVVDNVFPNCILLLKLPGLEKLLHHVTEEKGNPEIDNKKYYKYSKEKTLKWLEK
KVNQTVAALKTNNVNVSSRVQSTAFFSGDQASTDKEEDYIRYAHGLISDYIPKELSDDLSKYLK
;
B,E,H,K,N,Q
3 'polypeptide(L)'
;GSHMESGDEAAIERHRVHLRSATLRDAVPATLHLLPCEVAVDGPAPVGRFFTPAIRQGPEGLEVSFRGRCLRGEEVAVPP
GLVGYVMVTEEKKVSMGKPDPLRDSGTDDQEEEPLERDFDRFIGATANFSRFTLWGLETIPGPDAKVRGALTWPSLAAAI
HAQVPED
;
C,F,I,L,O,R
#
# COMPACT_ATOMS: atom_id res chain seq x y z
N MET A 4 -51.11 5.57 -28.54
CA MET A 4 -50.18 5.02 -29.53
C MET A 4 -48.77 4.74 -28.97
N ASP A 5 -48.33 5.51 -27.96
CA ASP A 5 -47.02 5.35 -27.30
C ASP A 5 -47.20 4.72 -25.90
N LEU A 6 -46.12 4.15 -25.34
CA LEU A 6 -46.16 3.50 -24.03
C LEU A 6 -45.94 4.51 -22.90
N SER A 7 -46.96 5.36 -22.66
CA SER A 7 -46.96 6.39 -21.64
C SER A 7 -47.11 5.83 -20.22
N GLU A 8 -47.85 4.71 -20.06
CA GLU A 8 -48.13 4.03 -18.80
C GLU A 8 -46.87 3.65 -18.02
N LEU A 9 -45.72 3.55 -18.70
CA LEU A 9 -44.42 3.20 -18.14
C LEU A 9 -43.74 4.34 -17.36
N GLU A 10 -44.40 5.52 -17.31
CA GLU A 10 -43.90 6.72 -16.60
C GLU A 10 -44.21 6.65 -15.10
N ARG A 11 -45.25 5.89 -14.69
CA ARG A 11 -45.65 5.72 -13.29
C ARG A 11 -44.90 4.59 -12.57
N ASP A 12 -44.69 4.75 -11.25
CA ASP A 12 -43.96 3.84 -10.36
C ASP A 12 -44.37 2.36 -10.40
N ASN A 13 -43.35 1.48 -10.52
CA ASN A 13 -43.51 0.02 -10.55
C ASN A 13 -42.70 -0.65 -9.44
N THR A 14 -43.39 -1.45 -8.62
CA THR A 14 -42.84 -2.22 -7.50
C THR A 14 -43.29 -3.71 -7.64
N GLY A 15 -44.21 -3.96 -8.58
CA GLY A 15 -44.73 -5.29 -8.88
C GLY A 15 -44.83 -5.59 -10.36
N ARG A 16 -46.06 -5.59 -10.89
CA ARG A 16 -46.39 -5.87 -12.29
C ARG A 16 -46.99 -4.64 -12.96
N CYS A 17 -46.84 -4.53 -14.28
CA CYS A 17 -47.39 -3.45 -15.07
C CYS A 17 -47.84 -4.00 -16.42
N ARG A 18 -49.17 -4.11 -16.57
CA ARG A 18 -49.81 -4.63 -17.77
C ARG A 18 -50.23 -3.51 -18.71
N LEU A 19 -49.92 -3.68 -20.00
CA LEU A 19 -50.24 -2.76 -21.09
C LEU A 19 -50.83 -3.57 -22.24
N SER A 20 -51.90 -3.07 -22.85
CA SER A 20 -52.53 -3.74 -24.00
C SER A 20 -53.12 -2.77 -25.02
N SER A 21 -53.19 -3.21 -26.28
CA SER A 21 -53.78 -2.47 -27.37
C SER A 21 -55.28 -2.81 -27.37
N PRO A 22 -56.19 -1.92 -27.84
CA PRO A 22 -57.61 -2.31 -27.88
C PRO A 22 -57.82 -3.47 -28.86
N VAL A 23 -58.62 -4.47 -28.45
CA VAL A 23 -58.90 -5.67 -29.25
C VAL A 23 -59.64 -5.37 -30.57
N PRO A 24 -59.02 -5.66 -31.74
CA PRO A 24 -59.71 -5.41 -33.03
C PRO A 24 -60.99 -6.22 -33.21
N ALA A 25 -61.96 -5.68 -33.99
CA ALA A 25 -63.25 -6.31 -34.26
C ALA A 25 -63.08 -7.67 -34.95
N VAL A 26 -62.13 -7.75 -35.92
CA VAL A 26 -61.76 -8.94 -36.70
C VAL A 26 -61.37 -10.08 -35.76
N CYS A 27 -60.49 -9.79 -34.78
CA CYS A 27 -59.94 -10.69 -33.76
C CYS A 27 -60.96 -11.44 -32.91
N ARG A 28 -62.18 -10.90 -32.82
CA ARG A 28 -63.27 -11.49 -32.06
C ARG A 28 -63.96 -12.59 -32.85
N LYS A 29 -64.15 -12.38 -34.17
CA LYS A 29 -64.83 -13.35 -35.03
C LYS A 29 -63.90 -14.41 -35.63
N GLU A 30 -62.93 -13.99 -36.48
CA GLU A 30 -61.97 -14.88 -37.16
C GLU A 30 -61.01 -15.57 -36.18
N PRO A 31 -60.57 -16.82 -36.46
CA PRO A 31 -59.63 -17.48 -35.54
C PRO A 31 -58.23 -16.87 -35.60
N CYS A 32 -57.66 -16.57 -34.43
CA CYS A 32 -56.37 -15.91 -34.31
C CYS A 32 -55.16 -16.79 -34.06
N VAL A 33 -54.00 -16.24 -34.42
CA VAL A 33 -52.68 -16.82 -34.25
C VAL A 33 -51.92 -15.91 -33.24
N LEU A 34 -51.29 -16.50 -32.22
CA LEU A 34 -50.62 -15.75 -31.16
C LEU A 34 -49.12 -16.03 -31.06
N GLY A 35 -48.34 -14.98 -30.84
CA GLY A 35 -46.90 -15.05 -30.69
C GLY A 35 -46.44 -14.56 -29.33
N VAL A 36 -45.54 -15.31 -28.66
CA VAL A 36 -45.02 -14.97 -27.33
C VAL A 36 -43.48 -14.80 -27.33
N ASP A 37 -42.99 -13.68 -26.76
CA ASP A 37 -41.56 -13.41 -26.62
C ASP A 37 -41.25 -12.59 -25.36
N GLU A 38 -39.93 -12.46 -25.01
CA GLU A 38 -39.49 -11.77 -23.80
C GLU A 38 -38.27 -10.84 -23.99
N ALA A 39 -38.10 -9.88 -23.07
CA ALA A 39 -36.97 -8.94 -23.04
C ALA A 39 -36.59 -8.62 -21.58
N GLY A 40 -35.33 -8.84 -21.23
CA GLY A 40 -34.81 -8.54 -19.89
C GLY A 40 -34.67 -9.75 -18.98
N ARG A 41 -34.46 -10.94 -19.56
CA ARG A 41 -34.33 -12.19 -18.81
C ARG A 41 -33.00 -12.28 -18.05
N GLY A 42 -31.91 -11.83 -18.66
CA GLY A 42 -30.56 -11.89 -18.12
C GLY A 42 -29.97 -10.73 -17.32
N PRO A 43 -30.40 -9.44 -17.46
CA PRO A 43 -29.74 -8.36 -16.69
C PRO A 43 -29.97 -8.40 -15.17
N VAL A 44 -28.96 -7.97 -14.40
CA VAL A 44 -29.00 -7.88 -12.94
C VAL A 44 -29.86 -6.67 -12.61
N LEU A 45 -29.93 -5.71 -13.54
CA LEU A 45 -30.62 -4.43 -13.40
C LEU A 45 -31.87 -4.35 -14.24
N GLY A 46 -32.88 -3.71 -13.70
CA GLY A 46 -34.12 -3.44 -14.41
C GLY A 46 -35.17 -4.52 -14.54
N PRO A 47 -36.28 -4.19 -15.25
CA PRO A 47 -37.40 -5.13 -15.38
C PRO A 47 -37.26 -6.18 -16.46
N MET A 48 -38.18 -7.18 -16.43
CA MET A 48 -38.31 -8.23 -17.45
C MET A 48 -39.67 -8.04 -18.09
N VAL A 49 -39.69 -7.92 -19.42
CA VAL A 49 -40.89 -7.69 -20.20
C VAL A 49 -41.28 -8.91 -21.01
N TYR A 50 -42.56 -9.31 -20.92
CA TYR A 50 -43.17 -10.38 -21.71
C TYR A 50 -44.24 -9.75 -22.58
N ALA A 51 -44.25 -10.12 -23.88
CA ALA A 51 -45.17 -9.58 -24.86
C ALA A 51 -45.86 -10.63 -25.69
N ILE A 52 -47.11 -10.35 -26.06
CA ILE A 52 -47.93 -11.19 -26.93
C ILE A 52 -48.49 -10.31 -28.04
N CYS A 53 -48.46 -10.83 -29.28
CA CYS A 53 -48.98 -10.13 -30.45
C CYS A 53 -49.92 -11.09 -31.17
N TYR A 54 -51.14 -10.63 -31.47
CA TYR A 54 -52.16 -11.44 -32.15
C TYR A 54 -52.70 -10.78 -33.40
N CYS A 55 -53.12 -11.61 -34.37
CA CYS A 55 -53.73 -11.23 -35.65
C CYS A 55 -54.56 -12.41 -36.22
N PRO A 56 -55.62 -12.18 -37.04
CA PRO A 56 -56.42 -13.32 -37.55
C PRO A 56 -55.68 -14.16 -38.60
N LEU A 57 -56.09 -15.42 -38.75
CA LEU A 57 -55.52 -16.36 -39.73
C LEU A 57 -55.48 -15.82 -41.19
N PRO A 58 -56.57 -15.20 -41.76
CA PRO A 58 -56.48 -14.70 -43.14
C PRO A 58 -55.43 -13.61 -43.35
N ARG A 59 -55.30 -12.69 -42.37
CA ARG A 59 -54.34 -11.58 -42.48
C ARG A 59 -52.92 -11.87 -41.96
N LEU A 60 -52.49 -13.15 -42.03
CA LEU A 60 -51.16 -13.61 -41.60
C LEU A 60 -50.09 -13.15 -42.62
N ALA A 61 -50.41 -13.28 -43.93
CA ALA A 61 -49.53 -12.90 -45.04
C ALA A 61 -49.40 -11.38 -45.12
N ASP A 62 -50.46 -10.66 -44.69
CA ASP A 62 -50.50 -9.21 -44.62
C ASP A 62 -49.59 -8.72 -43.50
N LEU A 63 -49.32 -9.58 -42.49
CA LEU A 63 -48.41 -9.25 -41.41
C LEU A 63 -46.97 -9.32 -41.93
N GLU A 64 -46.71 -10.20 -42.93
CA GLU A 64 -45.37 -10.34 -43.54
C GLU A 64 -45.08 -9.16 -44.45
N ALA A 65 -46.14 -8.59 -45.08
CA ALA A 65 -46.11 -7.45 -46.01
C ALA A 65 -45.32 -6.24 -45.48
N LEU A 66 -45.47 -5.94 -44.18
CA LEU A 66 -44.70 -4.89 -43.50
C LEU A 66 -43.50 -5.59 -42.88
N LYS A 67 -42.30 -5.01 -43.02
CA LYS A 67 -41.04 -5.58 -42.56
C LYS A 67 -40.90 -5.64 -41.03
N VAL A 68 -41.88 -6.27 -40.37
CA VAL A 68 -41.94 -6.43 -38.92
C VAL A 68 -41.13 -7.66 -38.37
N ALA A 69 -40.19 -8.17 -39.19
CA ALA A 69 -39.33 -9.28 -38.80
C ALA A 69 -38.32 -8.81 -37.76
N ASP A 70 -37.96 -9.70 -36.83
CA ASP A 70 -36.99 -9.43 -35.76
C ASP A 70 -35.56 -9.42 -36.31
N SER A 71 -34.66 -8.70 -35.63
CA SER A 71 -33.23 -8.61 -35.96
C SER A 71 -32.45 -8.10 -34.77
N LYS A 72 -31.21 -8.60 -34.59
CA LYS A 72 -30.32 -8.18 -33.50
C LYS A 72 -29.69 -6.82 -33.83
N THR A 73 -29.64 -6.49 -35.13
CA THR A 73 -29.07 -5.26 -35.70
C THR A 73 -30.00 -4.06 -35.51
N LEU A 74 -31.34 -4.28 -35.48
CA LEU A 74 -32.36 -3.25 -35.34
C LEU A 74 -32.10 -2.26 -34.21
N LEU A 75 -32.16 -0.94 -34.52
CA LEU A 75 -31.98 0.16 -33.58
C LEU A 75 -33.23 0.31 -32.72
N GLU A 76 -33.10 1.01 -31.56
CA GLU A 76 -34.24 1.27 -30.65
C GLU A 76 -35.33 2.06 -31.39
N SER A 77 -34.91 3.06 -32.19
CA SER A 77 -35.78 3.91 -33.02
C SER A 77 -36.39 3.10 -34.17
N GLU A 78 -35.58 2.18 -34.78
CA GLU A 78 -35.99 1.29 -35.87
C GLU A 78 -37.08 0.32 -35.43
N ARG A 79 -37.04 -0.12 -34.16
CA ARG A 79 -38.04 -1.01 -33.57
C ARG A 79 -39.31 -0.24 -33.23
N GLU A 80 -39.16 1.04 -32.79
CA GLU A 80 -40.27 1.93 -32.46
C GLU A 80 -41.12 2.26 -33.71
N ARG A 81 -40.48 2.34 -34.90
CA ARG A 81 -41.15 2.61 -36.18
C ARG A 81 -42.02 1.42 -36.61
N LEU A 82 -41.53 0.19 -36.37
CA LEU A 82 -42.26 -1.05 -36.70
C LEU A 82 -43.42 -1.27 -35.74
N PHE A 83 -43.25 -0.87 -34.46
CA PHE A 83 -44.28 -0.98 -33.43
C PHE A 83 -45.46 -0.07 -33.79
N ALA A 84 -45.17 1.18 -34.20
CA ALA A 84 -46.17 2.17 -34.61
C ALA A 84 -46.89 1.67 -35.86
N LYS A 85 -46.13 1.01 -36.79
CA LYS A 85 -46.64 0.44 -38.03
C LYS A 85 -47.67 -0.66 -37.76
N MET A 86 -47.55 -1.34 -36.60
CA MET A 86 -48.47 -2.37 -36.14
C MET A 86 -49.72 -1.70 -35.52
N GLU A 87 -49.54 -0.53 -34.88
CA GLU A 87 -50.62 0.23 -34.25
C GLU A 87 -51.59 0.82 -35.27
N ASP A 88 -51.12 1.18 -36.48
CA ASP A 88 -52.01 1.73 -37.52
C ASP A 88 -52.67 0.61 -38.36
N THR A 89 -52.32 -0.65 -38.07
CA THR A 89 -52.85 -1.84 -38.73
C THR A 89 -54.18 -2.22 -38.05
N ASP A 90 -55.27 -2.25 -38.83
CA ASP A 90 -56.63 -2.58 -38.37
C ASP A 90 -56.81 -3.99 -37.74
N PHE A 91 -55.83 -4.89 -37.89
CA PHE A 91 -55.94 -6.25 -37.39
C PHE A 91 -54.96 -6.67 -36.29
N VAL A 92 -53.78 -6.04 -36.25
CA VAL A 92 -52.74 -6.38 -35.25
C VAL A 92 -53.12 -5.88 -33.84
N GLY A 93 -53.08 -6.82 -32.88
CA GLY A 93 -53.32 -6.58 -31.47
C GLY A 93 -52.11 -7.00 -30.65
N TRP A 94 -51.95 -6.46 -29.43
CA TRP A 94 -50.84 -6.80 -28.53
C TRP A 94 -51.13 -6.58 -27.06
N ALA A 95 -50.40 -7.30 -26.18
CA ALA A 95 -50.46 -7.18 -24.73
C ALA A 95 -49.09 -7.43 -24.09
N LEU A 96 -48.69 -6.55 -23.17
CA LEU A 96 -47.40 -6.52 -22.48
C LEU A 96 -47.57 -6.75 -20.98
N ASP A 97 -46.49 -7.27 -20.35
CA ASP A 97 -46.37 -7.52 -18.91
C ASP A 97 -44.94 -7.16 -18.48
N VAL A 98 -44.79 -6.00 -17.82
CA VAL A 98 -43.51 -5.46 -17.36
C VAL A 98 -43.28 -5.80 -15.88
N LEU A 99 -42.53 -6.89 -15.64
CA LEU A 99 -42.21 -7.39 -14.30
C LEU A 99 -41.01 -6.63 -13.75
N SER A 100 -41.23 -5.87 -12.67
CA SER A 100 -40.21 -5.05 -11.99
C SER A 100 -39.09 -5.90 -11.38
N PRO A 101 -37.82 -5.38 -11.29
CA PRO A 101 -36.74 -6.16 -10.65
C PRO A 101 -37.06 -6.57 -9.21
N ASN A 102 -37.89 -5.78 -8.50
CA ASN A 102 -38.35 -6.05 -7.14
C ASN A 102 -39.28 -7.27 -7.11
N LEU A 103 -40.14 -7.44 -8.13
CA LEU A 103 -41.06 -8.58 -8.24
C LEU A 103 -40.28 -9.85 -8.54
N ILE A 104 -39.21 -9.72 -9.34
CA ILE A 104 -38.33 -10.82 -9.70
C ILE A 104 -37.59 -11.26 -8.41
N SER A 105 -37.00 -10.27 -7.66
CA SER A 105 -36.28 -10.48 -6.39
C SER A 105 -37.16 -11.17 -5.37
N THR A 106 -38.30 -10.55 -5.03
CA THR A 106 -39.24 -11.03 -4.03
C THR A 106 -39.78 -12.44 -4.29
N SER A 107 -40.07 -12.78 -5.57
CA SER A 107 -40.59 -14.10 -5.95
C SER A 107 -39.55 -15.19 -5.73
N MET A 108 -38.31 -14.95 -6.20
CA MET A 108 -37.18 -15.88 -6.10
C MET A 108 -36.62 -16.01 -4.70
N LEU A 109 -36.63 -14.92 -3.93
CA LEU A 109 -36.12 -14.87 -2.56
C LEU A 109 -37.22 -15.06 -1.50
N GLY A 110 -38.38 -15.58 -1.92
CA GLY A 110 -39.50 -15.83 -1.01
C GLY A 110 -39.29 -17.00 -0.07
N ARG A 111 -40.27 -17.25 0.82
CA ARG A 111 -40.25 -18.36 1.80
C ARG A 111 -40.29 -19.70 1.04
N VAL A 112 -41.09 -19.73 -0.05
CA VAL A 112 -41.20 -20.83 -0.99
C VAL A 112 -40.53 -20.28 -2.26
N LYS A 113 -39.54 -21.01 -2.80
CA LYS A 113 -38.82 -20.53 -3.97
C LYS A 113 -39.63 -20.63 -5.26
N TYR A 114 -40.06 -19.47 -5.77
CA TYR A 114 -40.77 -19.33 -7.04
C TYR A 114 -39.63 -19.08 -8.03
N ASN A 115 -39.24 -20.14 -8.78
CA ASN A 115 -38.11 -20.07 -9.72
C ASN A 115 -38.40 -19.14 -10.91
N LEU A 116 -37.31 -18.55 -11.49
CA LEU A 116 -37.36 -17.63 -12.61
C LEU A 116 -38.15 -18.21 -13.80
N ASN A 117 -37.88 -19.49 -14.16
CA ASN A 117 -38.53 -20.18 -15.27
C ASN A 117 -40.02 -20.38 -15.10
N SER A 118 -40.49 -20.58 -13.85
CA SER A 118 -41.91 -20.72 -13.54
C SER A 118 -42.58 -19.36 -13.67
N LEU A 119 -41.98 -18.33 -13.06
CA LEU A 119 -42.43 -16.95 -13.09
C LEU A 119 -42.44 -16.41 -14.55
N SER A 120 -41.48 -16.84 -15.39
CA SER A 120 -41.40 -16.48 -16.81
C SER A 120 -42.51 -17.15 -17.61
N HIS A 121 -42.73 -18.46 -17.38
CA HIS A 121 -43.76 -19.26 -18.04
C HIS A 121 -45.18 -18.89 -17.56
N ASP A 122 -45.33 -18.56 -16.25
CA ASP A 122 -46.62 -18.17 -15.70
C ASP A 122 -47.11 -16.82 -16.25
N THR A 123 -46.16 -15.87 -16.47
CA THR A 123 -46.44 -14.57 -17.06
C THR A 123 -46.92 -14.77 -18.51
N ALA A 124 -46.27 -15.72 -19.24
CA ALA A 124 -46.64 -16.04 -20.61
C ALA A 124 -48.08 -16.56 -20.69
N THR A 125 -48.46 -17.63 -19.91
CA THR A 125 -49.84 -18.16 -19.91
C THR A 125 -50.86 -17.08 -19.57
N GLY A 126 -50.52 -16.24 -18.59
CA GLY A 126 -51.34 -15.11 -18.13
C GLY A 126 -51.74 -14.14 -19.22
N LEU A 127 -50.84 -13.86 -20.18
CA LEU A 127 -51.12 -12.98 -21.30
C LEU A 127 -51.98 -13.74 -22.31
N ILE A 128 -51.71 -15.05 -22.55
CA ILE A 128 -52.49 -15.90 -23.45
C ILE A 128 -53.92 -15.98 -22.93
N GLN A 129 -54.08 -16.17 -21.60
CA GLN A 129 -55.40 -16.19 -20.95
C GLN A 129 -56.06 -14.81 -21.02
N TYR A 130 -55.30 -13.71 -20.73
CA TYR A 130 -55.82 -12.34 -20.81
C TYR A 130 -56.53 -12.15 -22.14
N ALA A 131 -55.84 -12.45 -23.26
CA ALA A 131 -56.38 -12.37 -24.62
C ALA A 131 -57.72 -13.12 -24.75
N LEU A 132 -57.75 -14.39 -24.28
CA LEU A 132 -58.96 -15.23 -24.30
C LEU A 132 -60.13 -14.51 -23.61
N ASP A 133 -59.90 -14.03 -22.37
CA ASP A 133 -60.87 -13.29 -21.56
C ASP A 133 -61.30 -11.96 -22.22
N GLN A 134 -60.46 -11.41 -23.13
CA GLN A 134 -60.75 -10.15 -23.83
C GLN A 134 -61.51 -10.34 -25.16
N GLY A 135 -62.03 -11.55 -25.39
CA GLY A 135 -62.78 -11.89 -26.59
C GLY A 135 -61.96 -12.29 -27.79
N VAL A 136 -60.62 -12.38 -27.65
CA VAL A 136 -59.74 -12.79 -28.75
C VAL A 136 -59.96 -14.30 -29.00
N ASN A 137 -60.23 -14.65 -30.27
CA ASN A 137 -60.47 -16.03 -30.72
C ASN A 137 -59.14 -16.72 -31.04
N VAL A 138 -58.33 -16.99 -30.01
CA VAL A 138 -57.03 -17.64 -30.23
C VAL A 138 -57.17 -19.14 -30.43
N THR A 139 -56.69 -19.63 -31.59
CA THR A 139 -56.73 -21.03 -32.00
C THR A 139 -55.34 -21.62 -32.26
N GLN A 140 -54.30 -20.76 -32.33
CA GLN A 140 -52.89 -21.12 -32.56
C GLN A 140 -51.97 -20.24 -31.74
N VAL A 141 -51.04 -20.85 -31.01
CA VAL A 141 -50.09 -20.17 -30.14
C VAL A 141 -48.66 -20.60 -30.51
N PHE A 142 -47.78 -19.61 -30.75
CA PHE A 142 -46.38 -19.81 -31.11
C PHE A 142 -45.49 -19.11 -30.09
N VAL A 143 -44.65 -19.89 -29.39
CA VAL A 143 -43.79 -19.38 -28.31
C VAL A 143 -42.29 -19.61 -28.58
N ASP A 144 -41.47 -18.59 -28.28
CA ASP A 144 -40.01 -18.67 -28.40
C ASP A 144 -39.45 -19.04 -27.02
N THR A 145 -38.65 -20.12 -26.98
CA THR A 145 -38.03 -20.58 -25.73
C THR A 145 -36.51 -20.50 -25.77
N VAL A 146 -35.91 -20.22 -24.61
CA VAL A 146 -34.46 -20.14 -24.44
C VAL A 146 -33.88 -21.54 -24.20
N GLY A 147 -34.65 -22.39 -23.51
CA GLY A 147 -34.26 -23.74 -23.16
C GLY A 147 -35.06 -24.84 -23.81
N MET A 148 -35.57 -25.76 -22.98
CA MET A 148 -36.33 -26.95 -23.36
C MET A 148 -37.74 -26.66 -23.88
N PRO A 149 -38.03 -26.94 -25.18
CA PRO A 149 -39.38 -26.68 -25.70
C PRO A 149 -40.44 -27.74 -25.39
N GLU A 150 -40.03 -29.00 -25.21
CA GLU A 150 -40.86 -30.17 -24.95
C GLU A 150 -41.73 -30.06 -23.68
N THR A 151 -41.13 -29.60 -22.57
CA THR A 151 -41.82 -29.44 -21.28
C THR A 151 -42.78 -28.25 -21.30
N TYR A 152 -42.31 -27.11 -21.86
CA TYR A 152 -43.04 -25.85 -22.01
C TYR A 152 -44.29 -26.06 -22.86
N GLN A 153 -44.16 -26.79 -24.00
CA GLN A 153 -45.28 -27.08 -24.90
C GLN A 153 -46.32 -27.99 -24.22
N ALA A 154 -45.85 -28.99 -23.44
CA ALA A 154 -46.69 -29.93 -22.69
C ALA A 154 -47.44 -29.19 -21.59
N ARG A 155 -46.78 -28.18 -20.97
CA ARG A 155 -47.32 -27.34 -19.90
C ARG A 155 -48.49 -26.48 -20.45
N LEU A 156 -48.23 -25.78 -21.56
CA LEU A 156 -49.19 -24.90 -22.21
C LEU A 156 -50.39 -25.65 -22.76
N GLN A 157 -50.19 -26.91 -23.20
CA GLN A 157 -51.27 -27.76 -23.69
C GLN A 157 -52.18 -28.15 -22.52
N GLN A 158 -51.62 -28.30 -21.29
CA GLN A 158 -52.44 -28.61 -20.12
C GLN A 158 -53.21 -27.37 -19.66
N SER A 159 -52.63 -26.18 -19.88
CA SER A 159 -53.22 -24.89 -19.54
C SER A 159 -54.25 -24.50 -20.61
N PHE A 160 -53.97 -24.82 -21.90
CA PHE A 160 -54.85 -24.54 -23.05
C PHE A 160 -55.07 -25.81 -23.90
N PRO A 161 -55.88 -26.79 -23.44
CA PRO A 161 -56.06 -28.05 -24.21
C PRO A 161 -56.76 -27.96 -25.54
N GLY A 162 -57.48 -26.87 -25.77
CA GLY A 162 -58.19 -26.62 -27.02
C GLY A 162 -57.51 -25.68 -27.98
N ILE A 163 -56.23 -25.35 -27.74
CA ILE A 163 -55.47 -24.45 -28.60
C ILE A 163 -54.20 -25.16 -29.12
N GLU A 164 -53.87 -24.95 -30.42
CA GLU A 164 -52.68 -25.49 -31.08
C GLU A 164 -51.46 -24.75 -30.52
N VAL A 165 -50.61 -25.46 -29.75
CA VAL A 165 -49.42 -24.86 -29.12
C VAL A 165 -48.13 -25.32 -29.78
N THR A 166 -47.31 -24.34 -30.22
CA THR A 166 -46.01 -24.58 -30.83
C THR A 166 -44.95 -23.79 -30.06
N VAL A 167 -44.03 -24.51 -29.42
CA VAL A 167 -42.92 -23.95 -28.66
C VAL A 167 -41.65 -24.44 -29.35
N LYS A 168 -40.82 -23.50 -29.79
CA LYS A 168 -39.56 -23.78 -30.48
C LYS A 168 -38.49 -22.76 -30.13
N ALA A 169 -37.21 -23.20 -30.12
CA ALA A 169 -36.06 -22.32 -29.89
C ALA A 169 -35.83 -21.52 -31.16
N LYS A 170 -35.59 -20.19 -31.02
CA LYS A 170 -35.39 -19.23 -32.13
C LYS A 170 -36.67 -19.13 -32.99
N ALA A 171 -37.85 -19.19 -32.35
CA ALA A 171 -39.15 -19.09 -33.03
C ALA A 171 -39.41 -17.68 -33.57
N ASP A 172 -38.61 -16.69 -33.14
CA ASP A 172 -38.66 -15.31 -33.58
C ASP A 172 -38.20 -15.16 -35.02
N ALA A 173 -37.15 -15.89 -35.43
CA ALA A 173 -36.62 -15.88 -36.79
C ALA A 173 -37.47 -16.72 -37.75
N LEU A 174 -38.29 -17.64 -37.19
CA LEU A 174 -39.12 -18.59 -37.93
C LEU A 174 -40.56 -18.14 -38.19
N TYR A 175 -41.29 -17.67 -37.17
CA TYR A 175 -42.69 -17.25 -37.31
C TYR A 175 -42.85 -15.73 -37.20
N PRO A 176 -43.58 -15.09 -38.16
CA PRO A 176 -43.77 -13.63 -38.11
C PRO A 176 -44.50 -13.07 -36.88
N VAL A 177 -45.44 -13.83 -36.28
CA VAL A 177 -46.18 -13.43 -35.07
C VAL A 177 -45.24 -13.26 -33.87
N VAL A 178 -44.25 -14.16 -33.75
CA VAL A 178 -43.23 -14.20 -32.70
C VAL A 178 -42.22 -13.05 -32.89
N SER A 179 -41.91 -12.71 -34.16
CA SER A 179 -41.01 -11.60 -34.51
C SER A 179 -41.59 -10.27 -34.06
N ALA A 180 -42.90 -10.04 -34.34
CA ALA A 180 -43.65 -8.85 -33.98
C ALA A 180 -43.74 -8.69 -32.46
N ALA A 181 -44.07 -9.79 -31.74
CA ALA A 181 -44.15 -9.85 -30.27
C ALA A 181 -42.80 -9.46 -29.66
N SER A 182 -41.68 -9.87 -30.31
CA SER A 182 -40.30 -9.58 -29.93
C SER A 182 -40.02 -8.07 -29.96
N ILE A 183 -40.52 -7.35 -30.99
CA ILE A 183 -40.41 -5.90 -31.16
C ILE A 183 -41.13 -5.16 -30.03
N CYS A 184 -42.32 -5.67 -29.62
CA CYS A 184 -43.12 -5.12 -28.51
C CYS A 184 -42.36 -5.19 -27.18
N ALA A 185 -41.81 -6.39 -26.87
CA ALA A 185 -41.04 -6.65 -25.65
C ALA A 185 -39.78 -5.77 -25.56
N LYS A 186 -38.97 -5.72 -26.61
CA LYS A 186 -37.76 -4.90 -26.66
C LYS A 186 -38.06 -3.42 -26.54
N VAL A 187 -39.07 -2.90 -27.28
CA VAL A 187 -39.50 -1.49 -27.23
C VAL A 187 -39.94 -1.13 -25.80
N ALA A 188 -40.82 -1.97 -25.20
CA ALA A 188 -41.33 -1.79 -23.85
C ALA A 188 -40.22 -1.81 -22.80
N ARG A 189 -39.24 -2.73 -22.95
CA ARG A 189 -38.09 -2.85 -22.03
C ARG A 189 -37.25 -1.57 -22.08
N ASP A 190 -36.87 -1.14 -23.30
CA ASP A 190 -36.10 0.07 -23.55
C ASP A 190 -36.79 1.28 -22.96
N GLN A 191 -38.11 1.43 -23.22
CA GLN A 191 -38.90 2.54 -22.69
C GLN A 191 -39.08 2.45 -21.17
N ALA A 192 -39.13 1.23 -20.59
CA ALA A 192 -39.27 1.02 -19.14
C ALA A 192 -38.02 1.43 -18.39
N VAL A 193 -36.81 1.03 -18.89
CA VAL A 193 -35.52 1.41 -18.27
C VAL A 193 -35.21 2.89 -18.49
N LYS A 194 -35.66 3.47 -19.63
CA LYS A 194 -35.46 4.87 -20.01
C LYS A 194 -36.10 5.77 -18.96
N LYS A 195 -37.45 5.72 -18.83
CA LYS A 195 -38.22 6.53 -17.90
C LYS A 195 -38.64 5.78 -16.62
N TRP A 196 -37.67 5.09 -16.00
CA TRP A 196 -37.89 4.33 -14.77
C TRP A 196 -38.07 5.25 -13.57
N GLN A 197 -39.29 5.29 -13.01
CA GLN A 197 -39.61 6.07 -11.82
C GLN A 197 -38.97 5.30 -10.67
N PHE A 198 -38.03 5.94 -9.96
CA PHE A 198 -37.33 5.25 -8.88
C PHE A 198 -37.71 5.58 -7.45
N VAL A 199 -38.15 4.55 -6.72
CA VAL A 199 -38.62 4.59 -5.33
C VAL A 199 -37.65 5.17 -4.30
N GLU A 200 -36.35 4.95 -4.48
CA GLU A 200 -35.30 5.45 -3.58
C GLU A 200 -35.08 6.97 -3.68
N LYS A 201 -34.79 7.60 -2.52
CA LYS A 201 -34.56 9.03 -2.37
C LYS A 201 -33.07 9.41 -2.54
N LEU A 202 -32.43 8.95 -3.65
CA LEU A 202 -31.03 9.22 -4.00
C LEU A 202 -30.72 9.01 -5.48
N GLN A 203 -30.02 9.99 -6.10
CA GLN A 203 -29.61 9.99 -7.51
C GLN A 203 -28.30 10.74 -7.68
N THR A 207 -26.07 6.94 -13.05
CA THR A 207 -26.97 7.10 -14.19
C THR A 207 -26.59 6.21 -15.37
N ASP A 208 -25.27 6.07 -15.63
CA ASP A 208 -24.72 5.22 -16.69
C ASP A 208 -24.37 3.86 -16.07
N TYR A 209 -25.01 2.80 -16.55
CA TYR A 209 -24.79 1.45 -16.03
C TYR A 209 -24.46 0.41 -17.11
N GLY A 210 -24.77 0.72 -18.36
CA GLY A 210 -24.52 -0.17 -19.47
C GLY A 210 -25.74 -0.93 -19.90
N SER A 211 -25.54 -2.18 -20.37
CA SER A 211 -26.64 -3.06 -20.80
C SER A 211 -27.48 -3.55 -19.61
N GLY A 212 -26.81 -3.75 -18.48
CA GLY A 212 -27.40 -4.25 -17.24
C GLY A 212 -27.01 -5.68 -16.97
N TYR A 213 -26.33 -6.31 -17.94
CA TYR A 213 -25.86 -7.69 -17.86
C TYR A 213 -24.72 -7.89 -16.86
N PRO A 214 -24.67 -9.06 -16.18
CA PRO A 214 -23.61 -9.29 -15.17
C PRO A 214 -22.15 -9.15 -15.61
N ASN A 215 -21.83 -9.64 -16.81
CA ASN A 215 -20.46 -9.59 -17.34
C ASN A 215 -20.02 -8.20 -17.85
N ASP A 216 -20.98 -7.27 -18.03
CA ASP A 216 -20.74 -5.90 -18.49
C ASP A 216 -19.89 -5.14 -17.47
N PRO A 217 -18.72 -4.59 -17.91
CA PRO A 217 -17.83 -3.89 -16.98
C PRO A 217 -18.45 -2.65 -16.33
N LYS A 218 -19.28 -1.88 -17.08
CA LYS A 218 -19.96 -0.69 -16.58
C LYS A 218 -20.97 -1.05 -15.48
N THR A 219 -21.71 -2.17 -15.68
CA THR A 219 -22.72 -2.69 -14.73
C THR A 219 -22.09 -3.07 -13.40
N LYS A 220 -21.00 -3.89 -13.41
CA LYS A 220 -20.30 -4.28 -12.19
C LYS A 220 -19.63 -3.10 -11.48
N ALA A 221 -19.27 -2.03 -12.24
CA ALA A 221 -18.70 -0.79 -11.73
C ALA A 221 -19.78 0.03 -11.01
N TRP A 222 -20.99 0.06 -11.59
CA TRP A 222 -22.19 0.74 -11.08
C TRP A 222 -22.66 0.02 -9.82
N LEU A 223 -22.62 -1.35 -9.85
CA LEU A 223 -23.04 -2.23 -8.77
C LEU A 223 -22.20 -2.00 -7.54
N LYS A 224 -20.85 -2.04 -7.70
CA LYS A 224 -19.85 -1.82 -6.64
C LYS A 224 -19.97 -0.43 -6.02
N GLU A 225 -20.36 0.57 -6.82
CA GLU A 225 -20.53 1.96 -6.41
C GLU A 225 -21.78 2.14 -5.55
N HIS A 226 -22.88 1.49 -5.93
CA HIS A 226 -24.16 1.60 -5.24
C HIS A 226 -24.43 0.65 -4.07
N VAL A 227 -23.36 0.05 -3.51
CA VAL A 227 -23.47 -0.85 -2.35
C VAL A 227 -23.63 -0.02 -1.08
N GLU A 228 -24.68 -0.32 -0.31
CA GLU A 228 -24.99 0.28 0.98
C GLU A 228 -24.78 -0.84 2.04
N PRO A 229 -24.05 -0.61 3.15
CA PRO A 229 -23.81 -1.71 4.11
C PRO A 229 -25.05 -2.38 4.73
N VAL A 230 -26.11 -1.61 5.05
CA VAL A 230 -27.33 -2.18 5.65
C VAL A 230 -28.34 -2.63 4.60
N PHE A 231 -28.75 -1.73 3.69
CA PHE A 231 -29.76 -2.04 2.68
C PHE A 231 -29.26 -2.87 1.49
N GLY A 232 -27.96 -2.78 1.20
CA GLY A 232 -27.35 -3.51 0.11
C GLY A 232 -27.40 -2.75 -1.20
N PHE A 233 -28.49 -2.94 -1.97
CA PHE A 233 -28.67 -2.29 -3.26
C PHE A 233 -30.03 -1.59 -3.37
N PRO A 234 -30.23 -0.63 -4.32
CA PRO A 234 -31.57 -0.06 -4.51
C PRO A 234 -32.50 -1.12 -5.16
N GLN A 235 -33.82 -0.89 -5.19
CA GLN A 235 -34.76 -1.86 -5.76
C GLN A 235 -34.60 -2.19 -7.25
N PHE A 236 -33.85 -1.37 -8.01
CA PHE A 236 -33.59 -1.55 -9.45
C PHE A 236 -32.73 -2.80 -9.74
N VAL A 237 -31.96 -3.25 -8.74
CA VAL A 237 -31.08 -4.43 -8.80
C VAL A 237 -31.86 -5.70 -8.40
N ARG A 238 -31.60 -6.81 -9.11
CA ARG A 238 -32.18 -8.13 -8.87
C ARG A 238 -31.31 -8.85 -7.84
N PHE A 239 -31.76 -8.83 -6.58
CA PHE A 239 -31.12 -9.42 -5.41
C PHE A 239 -30.89 -10.93 -5.50
N SER A 240 -31.79 -11.61 -6.24
CA SER A 240 -31.79 -13.05 -6.48
C SER A 240 -30.59 -13.52 -7.32
N TRP A 241 -30.12 -12.66 -8.27
CA TRP A 241 -28.98 -12.94 -9.16
C TRP A 241 -27.72 -13.15 -8.33
N ARG A 242 -26.93 -14.21 -8.63
CA ARG A 242 -25.68 -14.53 -7.94
C ARG A 242 -24.66 -13.39 -8.00
N THR A 243 -24.76 -12.53 -9.03
CA THR A 243 -23.90 -11.34 -9.22
C THR A 243 -24.14 -10.37 -8.06
N ALA A 244 -25.42 -10.07 -7.73
CA ALA A 244 -25.78 -9.17 -6.63
C ALA A 244 -25.44 -9.80 -5.29
N GLN A 245 -25.76 -11.10 -5.12
CA GLN A 245 -25.54 -11.86 -3.89
C GLN A 245 -24.07 -11.92 -3.49
N THR A 246 -23.15 -12.24 -4.42
CA THR A 246 -21.70 -12.28 -4.12
C THR A 246 -21.14 -10.95 -3.64
N ILE A 247 -21.55 -9.82 -4.28
CA ILE A 247 -21.14 -8.46 -3.90
C ILE A 247 -21.63 -8.16 -2.48
N LEU A 248 -22.90 -8.56 -2.19
CA LEU A 248 -23.55 -8.38 -0.89
C LEU A 248 -22.82 -9.13 0.21
N GLU A 249 -22.40 -10.38 -0.08
CA GLU A 249 -21.67 -11.27 0.84
C GLU A 249 -20.35 -10.67 1.29
N LYS A 250 -19.68 -9.92 0.40
CA LYS A 250 -18.38 -9.32 0.66
C LYS A 250 -18.38 -7.83 1.04
N GLU A 251 -19.34 -7.05 0.53
CA GLU A 251 -19.39 -5.61 0.81
C GLU A 251 -20.45 -5.11 1.81
N ALA A 252 -21.56 -5.85 2.00
CA ALA A 252 -22.62 -5.43 2.92
C ALA A 252 -22.67 -6.24 4.23
N GLU A 253 -23.35 -5.68 5.25
CA GLU A 253 -23.48 -6.30 6.56
C GLU A 253 -24.39 -7.52 6.51
N ASP A 254 -24.07 -8.51 7.35
CA ASP A 254 -24.79 -9.78 7.43
C ASP A 254 -26.21 -9.63 7.96
N VAL A 255 -27.15 -10.36 7.33
CA VAL A 255 -28.57 -10.39 7.71
C VAL A 255 -29.02 -11.83 7.95
N ILE A 256 -29.75 -12.08 9.06
CA ILE A 256 -30.20 -13.43 9.44
C ILE A 256 -31.72 -13.54 9.51
N TRP A 257 -32.28 -14.38 8.64
CA TRP A 257 -33.71 -14.65 8.54
C TRP A 257 -34.00 -16.00 9.20
N GLU A 258 -35.29 -16.30 9.48
CA GLU A 258 -35.69 -17.58 10.07
C GLU A 258 -35.34 -18.78 9.18
N ASP A 259 -35.34 -18.57 7.85
CA ASP A 259 -35.03 -19.55 6.79
C ASP A 259 -33.56 -20.01 6.84
N SER A 260 -32.62 -19.04 6.94
CA SER A 260 -31.17 -19.27 6.99
C SER A 260 -30.72 -19.97 8.27
N SER A 287 -38.15 -20.57 34.53
CA SER A 287 -39.12 -19.47 34.38
C SER A 287 -40.47 -20.00 33.89
N HIS A 288 -41.56 -19.54 34.52
CA HIS A 288 -42.94 -19.98 34.23
C HIS A 288 -43.36 -19.93 32.75
N ARG A 289 -44.34 -20.79 32.39
CA ARG A 289 -44.93 -20.96 31.06
C ARG A 289 -45.40 -19.67 30.43
N TYR A 290 -46.03 -18.78 31.22
CA TYR A 290 -46.52 -17.48 30.77
C TYR A 290 -45.40 -16.67 30.13
N PHE A 291 -44.26 -16.53 30.83
CA PHE A 291 -43.10 -15.77 30.38
C PHE A 291 -42.37 -16.42 29.20
N LEU A 292 -42.30 -17.76 29.18
CA LEU A 292 -41.66 -18.54 28.12
C LEU A 292 -42.46 -18.51 26.81
N GLU A 293 -43.82 -18.51 26.92
CA GLU A 293 -44.75 -18.47 25.78
C GLU A 293 -44.65 -17.14 25.04
N ARG A 294 -44.36 -16.04 25.76
CA ARG A 294 -44.23 -14.72 25.15
C ARG A 294 -42.83 -14.07 25.21
N GLY A 295 -41.80 -14.91 25.12
CA GLY A 295 -40.38 -14.54 25.09
C GLY A 295 -39.93 -13.49 26.08
N LEU A 296 -40.46 -13.54 27.32
CA LEU A 296 -40.18 -12.61 28.41
C LEU A 296 -39.30 -13.21 29.51
N GLU A 297 -38.30 -12.43 29.96
CA GLU A 297 -37.36 -12.80 31.03
C GLU A 297 -36.92 -11.53 31.77
N SER A 298 -36.39 -11.68 33.01
CA SER A 298 -35.91 -10.56 33.81
C SER A 298 -34.58 -10.05 33.27
N ALA A 299 -34.39 -8.72 33.28
CA ALA A 299 -33.19 -8.05 32.79
C ALA A 299 -32.07 -8.09 33.82
N THR A 300 -30.89 -8.60 33.42
CA THR A 300 -29.71 -8.69 34.29
C THR A 300 -28.71 -7.57 33.99
N SER A 301 -28.79 -6.99 32.77
CA SER A 301 -27.94 -5.89 32.31
C SER A 301 -28.75 -4.74 31.68
N LEU A 302 -28.18 -3.51 31.72
CA LEU A 302 -28.73 -2.27 31.17
C LEU A 302 -30.18 -1.96 31.61
N MET B 4 -22.66 3.06 20.73
CA MET B 4 -23.77 3.47 21.58
C MET B 4 -25.02 2.63 21.28
N ARG B 5 -25.37 1.74 22.22
CA ARG B 5 -26.53 0.87 22.06
C ARG B 5 -27.82 1.56 22.56
N GLN B 6 -28.85 1.54 21.71
CA GLN B 6 -30.15 2.14 22.00
C GLN B 6 -31.08 1.09 22.65
N HIS B 7 -31.84 1.50 23.67
CA HIS B 7 -32.76 0.64 24.42
C HIS B 7 -34.21 1.08 24.23
N VAL B 8 -35.09 0.14 23.84
CA VAL B 8 -36.51 0.43 23.63
C VAL B 8 -37.32 0.06 24.88
N PHE B 9 -37.83 1.08 25.59
CA PHE B 9 -38.55 0.93 26.85
C PHE B 9 -40.03 1.23 26.78
N LEU B 10 -40.81 0.44 27.53
CA LEU B 10 -42.26 0.60 27.70
C LEU B 10 -42.56 0.75 29.19
N VAL B 11 -42.49 2.01 29.67
CA VAL B 11 -42.68 2.43 31.07
C VAL B 11 -44.13 2.88 31.35
N SER B 12 -44.56 2.90 32.63
CA SER B 12 -45.89 3.34 33.06
C SER B 12 -46.13 4.81 32.66
N GLU B 13 -47.36 5.14 32.18
CA GLU B 13 -47.76 6.46 31.67
C GLU B 13 -47.27 7.70 32.41
N TYR B 14 -47.44 7.74 33.74
CA TYR B 14 -47.04 8.88 34.58
C TYR B 14 -45.56 9.27 34.52
N LEU B 15 -44.66 8.29 34.29
CA LEU B 15 -43.22 8.50 34.21
C LEU B 15 -42.83 9.14 32.87
N LEU B 26 -34.88 9.45 39.54
CA LEU B 26 -35.08 8.03 39.26
C LEU B 26 -33.90 7.36 38.53
N MET B 27 -33.52 6.14 38.96
CA MET B 27 -32.38 5.40 38.43
C MET B 27 -32.59 3.88 38.29
N PHE B 28 -31.66 3.19 37.60
CA PHE B 28 -31.66 1.75 37.40
C PHE B 28 -30.77 1.11 38.48
N VAL B 29 -31.34 0.18 39.26
CA VAL B 29 -30.67 -0.49 40.38
C VAL B 29 -30.67 -2.02 40.27
N LYS B 30 -29.48 -2.64 40.46
CA LYS B 30 -29.35 -4.09 40.42
C LYS B 30 -29.58 -4.65 41.82
N LEU B 31 -30.74 -5.29 41.99
CA LEU B 31 -31.18 -5.88 43.26
C LEU B 31 -31.28 -7.40 43.10
N VAL B 32 -31.52 -8.09 44.23
CA VAL B 32 -31.64 -9.55 44.24
C VAL B 32 -32.99 -10.01 43.64
N ASN B 33 -32.96 -11.12 42.88
CA ASN B 33 -34.15 -11.71 42.31
C ASN B 33 -34.76 -12.57 43.44
N PRO B 34 -36.00 -12.27 43.89
CA PRO B 34 -36.55 -13.00 45.04
C PRO B 34 -36.62 -14.53 44.93
N CYS B 35 -36.95 -15.07 43.72
CA CYS B 35 -37.03 -16.51 43.52
C CYS B 35 -35.69 -17.17 43.15
N SER B 36 -34.95 -16.57 42.19
CA SER B 36 -33.66 -17.06 41.69
C SER B 36 -32.49 -16.87 42.66
N GLY B 37 -32.51 -15.76 43.40
CA GLY B 37 -31.44 -15.38 44.32
C GLY B 37 -30.27 -14.70 43.63
N GLU B 38 -30.40 -14.47 42.30
CA GLU B 38 -29.38 -13.87 41.45
C GLU B 38 -29.66 -12.39 41.18
N GLY B 39 -28.93 -11.80 40.22
CA GLY B 39 -29.08 -10.41 39.84
C GLY B 39 -30.32 -10.12 39.00
N ALA B 40 -30.88 -8.92 39.17
CA ALA B 40 -32.06 -8.44 38.45
C ALA B 40 -32.09 -6.91 38.45
N ILE B 41 -32.31 -6.31 37.28
CA ILE B 41 -32.36 -4.86 37.13
C ILE B 41 -33.75 -4.32 37.48
N TYR B 42 -33.79 -3.28 38.33
CA TYR B 42 -35.00 -2.61 38.77
C TYR B 42 -34.87 -1.12 38.52
N LEU B 43 -36.00 -0.43 38.34
CA LEU B 43 -36.05 1.01 38.13
C LEU B 43 -36.76 1.66 39.32
N PHE B 44 -35.96 2.28 40.21
CA PHE B 44 -36.45 2.94 41.41
C PHE B 44 -36.77 4.40 41.15
N ASN B 45 -37.94 4.86 41.61
CA ASN B 45 -38.40 6.24 41.52
C ASN B 45 -38.05 6.88 42.87
N MET B 46 -37.29 7.97 42.85
CA MET B 46 -36.82 8.61 44.08
C MET B 46 -37.82 9.53 44.78
N CYS B 47 -38.44 10.45 44.01
CA CYS B 47 -39.42 11.44 44.52
C CYS B 47 -40.65 10.84 45.19
N LEU B 48 -41.17 9.72 44.64
CA LEU B 48 -42.37 9.05 45.15
C LEU B 48 -42.09 7.73 45.88
N GLN B 49 -40.80 7.34 45.96
CA GLN B 49 -40.32 6.11 46.59
C GLN B 49 -41.03 4.84 46.06
N GLN B 50 -41.16 4.74 44.72
CA GLN B 50 -41.80 3.64 44.00
C GLN B 50 -40.75 2.71 43.37
N LEU B 51 -41.06 1.39 43.32
CA LEU B 51 -40.19 0.35 42.79
C LEU B 51 -40.83 -0.34 41.57
N PHE B 52 -40.02 -0.54 40.51
CA PHE B 52 -40.42 -1.17 39.24
C PHE B 52 -39.44 -2.27 38.86
N GLU B 53 -39.92 -3.29 38.16
CA GLU B 53 -39.06 -4.38 37.68
C GLU B 53 -38.85 -4.28 36.17
N VAL B 54 -37.65 -4.65 35.71
CA VAL B 54 -37.35 -4.59 34.28
C VAL B 54 -37.38 -5.99 33.67
N LYS B 55 -38.33 -6.21 32.75
CA LYS B 55 -38.49 -7.46 32.03
C LYS B 55 -38.08 -7.20 30.58
N VAL B 56 -37.47 -8.19 29.93
CA VAL B 56 -37.02 -8.05 28.55
C VAL B 56 -37.63 -9.05 27.60
N PHE B 57 -38.05 -8.54 26.43
CA PHE B 57 -38.57 -9.35 25.36
C PHE B 57 -37.43 -9.72 24.39
N LYS B 58 -37.03 -11.00 24.38
CA LYS B 58 -35.98 -11.47 23.48
C LYS B 58 -36.48 -12.68 22.72
N GLU B 59 -36.47 -12.53 21.38
CA GLU B 59 -36.87 -13.55 20.41
C GLU B 59 -35.83 -13.51 19.29
N LYS B 60 -35.47 -14.67 18.74
CA LYS B 60 -34.49 -14.76 17.66
C LYS B 60 -35.06 -14.19 16.36
N HIS B 61 -34.14 -13.66 15.52
CA HIS B 61 -34.38 -13.03 14.21
C HIS B 61 -35.29 -11.79 14.32
N HIS B 62 -34.72 -10.70 14.88
CA HIS B 62 -35.38 -9.40 15.07
C HIS B 62 -34.38 -8.27 15.15
N SER B 63 -34.81 -7.07 14.73
CA SER B 63 -34.01 -5.84 14.76
C SER B 63 -34.90 -4.60 14.82
N TRP B 64 -34.33 -3.50 15.27
CA TRP B 64 -35.03 -2.24 15.39
C TRP B 64 -34.49 -1.24 14.37
N PHE B 65 -35.39 -0.39 13.88
CA PHE B 65 -35.06 0.72 13.01
C PHE B 65 -35.60 1.93 13.79
N ILE B 66 -34.70 2.67 14.46
CA ILE B 66 -35.09 3.85 15.24
C ILE B 66 -34.66 5.07 14.45
N ASN B 67 -35.63 5.72 13.78
CA ASN B 67 -35.40 6.87 12.90
C ASN B 67 -34.36 6.52 11.82
N GLN B 68 -33.15 7.11 11.88
CA GLN B 68 -32.05 6.88 10.93
C GLN B 68 -30.98 5.96 11.50
N SER B 69 -31.39 4.93 12.26
CA SER B 69 -30.44 3.99 12.86
C SER B 69 -30.96 2.56 12.99
N VAL B 70 -30.04 1.58 13.08
CA VAL B 70 -30.39 0.16 13.24
C VAL B 70 -29.93 -0.34 14.60
N GLN B 71 -30.79 -1.09 15.30
CA GLN B 71 -30.45 -1.71 16.58
C GLN B 71 -30.56 -3.23 16.45
N SER B 72 -29.40 -3.91 16.41
CA SER B 72 -29.23 -5.36 16.25
C SER B 72 -30.10 -6.27 17.12
N GLY B 73 -30.44 -5.81 18.33
CA GLY B 73 -31.22 -6.57 19.30
C GLY B 73 -32.59 -7.06 18.90
N GLY B 74 -33.54 -6.15 18.87
CA GLY B 74 -34.94 -6.48 18.62
C GLY B 74 -35.61 -6.68 19.95
N LEU B 75 -34.92 -6.16 21.01
CA LEU B 75 -35.30 -6.24 22.40
C LEU B 75 -36.26 -5.13 22.77
N LEU B 76 -37.28 -5.50 23.55
CA LEU B 76 -38.31 -4.61 24.05
C LEU B 76 -38.31 -4.75 25.57
N HIS B 77 -38.00 -3.65 26.27
CA HIS B 77 -37.90 -3.61 27.73
C HIS B 77 -39.20 -3.09 28.30
N PHE B 78 -39.61 -3.64 29.47
CA PHE B 78 -40.83 -3.26 30.16
C PHE B 78 -40.52 -2.94 31.62
N ALA B 79 -40.91 -1.73 32.08
CA ALA B 79 -40.75 -1.30 33.48
C ALA B 79 -42.14 -1.29 34.10
N THR B 80 -42.45 -2.38 34.83
CA THR B 80 -43.76 -2.61 35.47
C THR B 80 -43.61 -2.62 37.00
N PRO B 81 -44.63 -2.14 37.78
CA PRO B 81 -44.48 -2.13 39.24
C PRO B 81 -44.37 -3.51 39.88
N VAL B 82 -43.66 -3.58 41.00
CA VAL B 82 -43.49 -4.81 41.77
C VAL B 82 -44.10 -4.64 43.14
N ASP B 83 -44.61 -5.73 43.71
CA ASP B 83 -45.11 -5.72 45.06
C ASP B 83 -43.81 -5.79 45.89
N PRO B 84 -43.49 -4.75 46.70
CA PRO B 84 -42.21 -4.77 47.43
C PRO B 84 -42.06 -5.90 48.45
N LEU B 85 -43.20 -6.47 48.92
CA LEU B 85 -43.21 -7.56 49.89
C LEU B 85 -42.45 -8.79 49.44
N PHE B 86 -42.43 -9.07 48.12
CA PHE B 86 -41.71 -10.22 47.56
C PHE B 86 -40.22 -10.15 47.88
N LEU B 87 -39.59 -8.99 47.59
CA LEU B 87 -38.17 -8.72 47.84
C LEU B 87 -37.91 -8.68 49.34
N LEU B 88 -38.85 -8.06 50.11
CA LEU B 88 -38.76 -7.95 51.57
C LEU B 88 -38.74 -9.33 52.21
N LEU B 89 -39.51 -10.29 51.64
CA LEU B 89 -39.58 -11.67 52.11
C LEU B 89 -38.26 -12.37 51.96
N HIS B 90 -37.54 -12.12 50.84
CA HIS B 90 -36.24 -12.73 50.58
C HIS B 90 -35.28 -12.53 51.76
N TYR B 91 -35.29 -11.33 52.35
CA TYR B 91 -34.44 -11.00 53.50
C TYR B 91 -35.02 -11.52 54.80
N LEU B 92 -36.37 -11.52 54.93
CA LEU B 92 -37.07 -12.01 56.12
C LEU B 92 -36.93 -13.52 56.28
N ILE B 93 -36.97 -14.25 55.17
CA ILE B 93 -36.82 -15.71 55.15
C ILE B 93 -35.36 -16.05 55.49
N LYS B 94 -34.39 -15.29 54.93
CA LYS B 94 -32.96 -15.46 55.16
C LYS B 94 -32.59 -15.34 56.65
N ALA B 95 -33.15 -14.31 57.32
CA ALA B 95 -32.94 -14.02 58.73
C ALA B 95 -33.66 -15.00 59.67
N ASP B 96 -34.83 -15.53 59.23
CA ASP B 96 -35.72 -16.45 59.97
C ASP B 96 -35.02 -17.67 60.56
N LYS B 97 -34.16 -18.31 59.76
CA LYS B 97 -33.42 -19.49 60.17
C LYS B 97 -32.32 -19.11 61.15
N GLU B 98 -31.69 -17.96 60.93
CA GLU B 98 -30.55 -17.47 61.71
C GLU B 98 -30.81 -17.45 63.23
N GLY B 99 -31.87 -16.79 63.65
CA GLY B 99 -32.23 -16.72 65.06
C GLY B 99 -33.68 -16.34 65.28
N LYS B 100 -33.89 -15.20 65.98
CA LYS B 100 -35.21 -14.63 66.32
C LYS B 100 -35.16 -13.09 66.42
N PHE B 101 -36.32 -12.42 66.20
CA PHE B 101 -36.63 -10.97 66.27
C PHE B 101 -35.49 -9.94 66.14
N GLN B 102 -35.33 -9.36 64.95
CA GLN B 102 -34.28 -8.38 64.64
C GLN B 102 -34.84 -7.07 64.07
N PRO B 103 -34.11 -5.92 64.16
CA PRO B 103 -34.61 -4.69 63.54
C PRO B 103 -34.40 -4.78 62.02
N LEU B 104 -35.18 -4.01 61.25
CA LEU B 104 -35.13 -4.01 59.79
C LEU B 104 -33.74 -3.77 59.17
N ASP B 105 -32.89 -2.95 59.81
CA ASP B 105 -31.52 -2.63 59.37
C ASP B 105 -30.53 -3.80 59.44
N GLN B 106 -30.87 -4.85 60.20
CA GLN B 106 -30.06 -6.06 60.39
C GLN B 106 -30.58 -7.24 59.54
N VAL B 107 -31.84 -7.13 59.03
CA VAL B 107 -32.50 -8.14 58.21
C VAL B 107 -32.18 -7.86 56.74
N VAL B 108 -32.52 -6.64 56.27
CA VAL B 108 -32.28 -6.21 54.89
C VAL B 108 -30.80 -5.80 54.74
N VAL B 109 -29.92 -6.83 54.72
CA VAL B 109 -28.46 -6.70 54.59
C VAL B 109 -27.99 -7.58 53.43
N ASP B 110 -27.23 -6.97 52.49
CA ASP B 110 -26.68 -7.69 51.33
C ASP B 110 -25.35 -7.09 50.87
N ASN B 111 -24.25 -7.84 51.08
CA ASN B 111 -22.90 -7.41 50.68
C ASN B 111 -22.74 -7.51 49.16
N VAL B 112 -23.51 -8.41 48.54
CA VAL B 112 -23.49 -8.65 47.10
C VAL B 112 -24.29 -7.55 46.41
N PHE B 113 -25.50 -7.25 46.92
CA PHE B 113 -26.39 -6.21 46.38
C PHE B 113 -26.59 -5.06 47.39
N PRO B 114 -25.64 -4.09 47.42
CA PRO B 114 -25.71 -3.02 48.43
C PRO B 114 -26.87 -2.03 48.30
N ASN B 115 -27.62 -2.05 47.19
CA ASN B 115 -28.77 -1.14 46.99
C ASN B 115 -30.06 -1.60 47.68
N CYS B 116 -29.97 -2.57 48.59
CA CYS B 116 -31.13 -3.05 49.35
C CYS B 116 -31.56 -2.06 50.45
N ILE B 117 -30.73 -1.02 50.72
CA ILE B 117 -31.00 0.07 51.68
C ILE B 117 -32.29 0.79 51.28
N LEU B 118 -32.56 0.88 49.96
CA LEU B 118 -33.72 1.55 49.36
C LEU B 118 -35.05 1.01 49.90
N LEU B 119 -35.08 -0.30 50.24
CA LEU B 119 -36.24 -1.01 50.77
C LEU B 119 -36.65 -0.52 52.16
N LEU B 120 -35.66 -0.09 52.97
CA LEU B 120 -35.86 0.42 54.34
C LEU B 120 -36.57 1.79 54.35
N LYS B 121 -36.41 2.57 53.27
CA LYS B 121 -36.99 3.92 53.14
C LYS B 121 -38.34 3.96 52.42
N LEU B 122 -38.93 2.80 52.10
CA LEU B 122 -40.21 2.69 51.42
C LEU B 122 -41.36 3.30 52.22
N PRO B 123 -42.35 3.97 51.56
CA PRO B 123 -43.46 4.55 52.32
C PRO B 123 -44.48 3.48 52.74
N GLY B 124 -44.80 3.49 54.03
CA GLY B 124 -45.74 2.55 54.64
C GLY B 124 -45.19 1.14 54.76
N LEU B 125 -44.00 1.00 55.38
CA LEU B 125 -43.34 -0.29 55.60
C LEU B 125 -44.06 -1.13 56.65
N GLU B 126 -44.44 -0.51 57.78
CA GLU B 126 -45.12 -1.17 58.90
C GLU B 126 -46.40 -1.89 58.44
N LYS B 127 -47.30 -1.17 57.72
CA LYS B 127 -48.57 -1.70 57.19
C LYS B 127 -48.36 -2.86 56.23
N LEU B 128 -47.27 -2.81 55.45
CA LEU B 128 -46.88 -3.81 54.46
C LEU B 128 -46.40 -5.09 55.16
N LEU B 129 -45.41 -4.95 56.07
CA LEU B 129 -44.80 -6.02 56.86
C LEU B 129 -45.80 -6.79 57.72
N HIS B 130 -46.93 -6.13 58.12
CA HIS B 130 -48.04 -6.72 58.88
C HIS B 130 -48.55 -8.01 58.24
N HIS B 131 -48.54 -8.06 56.89
CA HIS B 131 -49.00 -9.18 56.07
C HIS B 131 -48.16 -10.45 56.20
N VAL B 132 -46.84 -10.32 56.35
CA VAL B 132 -45.93 -11.49 56.38
C VAL B 132 -45.10 -11.68 57.66
N THR B 133 -45.15 -10.75 58.64
CA THR B 133 -44.32 -10.87 59.84
C THR B 133 -44.98 -10.65 61.19
N GLU B 134 -44.47 -11.39 62.19
CA GLU B 134 -44.81 -11.28 63.61
C GLU B 134 -43.83 -10.22 64.17
N GLU B 135 -44.35 -9.15 64.81
CA GLU B 135 -43.48 -8.06 65.30
C GLU B 135 -43.62 -7.73 66.79
N LYS B 136 -42.53 -7.19 67.37
CA LYS B 136 -42.44 -6.78 68.77
C LYS B 136 -41.73 -5.43 68.82
N GLY B 137 -42.21 -4.55 69.69
CA GLY B 137 -41.64 -3.22 69.86
C GLY B 137 -42.62 -2.24 70.44
N ASN B 138 -42.14 -1.38 71.35
CA ASN B 138 -42.94 -0.35 72.00
C ASN B 138 -42.72 0.99 71.31
N PRO B 139 -43.80 1.69 70.84
CA PRO B 139 -43.61 2.95 70.10
C PRO B 139 -43.16 4.15 70.92
N LYS B 144 -40.08 0.76 67.18
CA LYS B 144 -38.70 0.37 67.49
C LYS B 144 -37.83 0.06 66.24
N LYS B 145 -38.17 -0.94 65.36
CA LYS B 145 -39.23 -1.96 65.40
C LYS B 145 -38.62 -3.31 65.02
N TYR B 146 -38.90 -4.36 65.80
CA TYR B 146 -38.31 -5.67 65.57
C TYR B 146 -39.24 -6.65 64.89
N TYR B 147 -38.74 -7.29 63.81
CA TYR B 147 -39.54 -8.19 62.99
C TYR B 147 -39.00 -9.61 62.92
N LYS B 148 -39.93 -10.56 62.89
CA LYS B 148 -39.66 -11.99 62.78
C LYS B 148 -40.60 -12.57 61.73
N TYR B 149 -40.05 -13.36 60.78
CA TYR B 149 -40.80 -13.98 59.68
C TYR B 149 -41.82 -15.01 60.20
N SER B 150 -43.10 -14.82 59.83
CA SER B 150 -44.21 -15.67 60.21
C SER B 150 -44.65 -16.46 58.97
N LYS B 151 -44.69 -17.82 59.06
CA LYS B 151 -45.10 -18.66 57.92
C LYS B 151 -46.62 -18.62 57.68
N GLU B 152 -47.44 -18.70 58.77
CA GLU B 152 -48.90 -18.67 58.73
C GLU B 152 -49.46 -17.44 58.00
N LYS B 153 -48.95 -16.24 58.36
CA LYS B 153 -49.33 -14.95 57.77
C LYS B 153 -48.90 -14.89 56.30
N THR B 154 -47.69 -15.40 55.98
CA THR B 154 -47.13 -15.39 54.63
C THR B 154 -47.99 -16.19 53.64
N LEU B 155 -48.35 -17.45 53.98
CA LEU B 155 -49.18 -18.31 53.14
C LEU B 155 -50.60 -17.75 52.97
N LYS B 156 -51.11 -17.07 54.02
CA LYS B 156 -52.41 -16.38 54.02
C LYS B 156 -52.34 -15.19 53.08
N TRP B 157 -51.18 -14.51 53.05
CA TRP B 157 -50.93 -13.36 52.15
C TRP B 157 -50.76 -13.85 50.70
N LEU B 158 -50.09 -15.01 50.52
CA LEU B 158 -49.88 -15.62 49.21
C LEU B 158 -51.20 -16.14 48.63
N GLU B 159 -52.10 -16.67 49.52
CA GLU B 159 -53.46 -17.14 49.17
C GLU B 159 -54.25 -15.97 48.53
N LYS B 160 -54.11 -14.76 49.09
CA LYS B 160 -54.73 -13.54 48.59
C LYS B 160 -54.12 -13.15 47.24
N LYS B 161 -52.77 -13.30 47.09
CA LYS B 161 -52.02 -13.01 45.86
C LYS B 161 -52.46 -13.87 44.68
N VAL B 162 -52.77 -15.15 44.93
CA VAL B 162 -53.24 -16.13 43.95
C VAL B 162 -54.66 -15.76 43.50
N ASN B 163 -55.52 -15.33 44.45
CA ASN B 163 -56.90 -14.91 44.17
C ASN B 163 -56.92 -13.59 43.40
N GLN B 164 -55.97 -12.69 43.70
CA GLN B 164 -55.78 -11.38 43.07
C GLN B 164 -55.45 -11.55 41.58
N THR B 165 -54.57 -12.52 41.28
CA THR B 165 -54.12 -12.87 39.93
C THR B 165 -55.18 -13.62 39.14
N VAL B 166 -55.91 -14.56 39.79
CA VAL B 166 -57.01 -15.35 39.18
C VAL B 166 -58.11 -14.42 38.66
N ALA B 167 -58.39 -13.34 39.42
CA ALA B 167 -59.35 -12.31 39.04
C ALA B 167 -58.83 -11.55 37.80
N ALA B 168 -57.50 -11.31 37.73
CA ALA B 168 -56.82 -10.61 36.64
C ALA B 168 -56.63 -11.47 35.38
N LEU B 169 -56.53 -12.81 35.54
CA LEU B 169 -56.36 -13.75 34.43
C LEU B 169 -57.63 -13.82 33.58
N LYS B 170 -58.81 -13.88 34.25
CA LYS B 170 -60.13 -13.96 33.61
C LYS B 170 -60.43 -12.70 32.80
N THR B 171 -60.16 -11.50 33.39
CA THR B 171 -60.37 -10.19 32.77
C THR B 171 -59.54 -10.03 31.49
N ASN B 172 -58.24 -10.35 31.58
CA ASN B 172 -57.30 -10.28 30.46
C ASN B 172 -57.49 -11.43 29.45
N ASN B 173 -58.19 -12.51 29.89
CA ASN B 173 -58.49 -13.74 29.13
C ASN B 173 -57.20 -14.43 28.65
N VAL B 174 -56.39 -14.91 29.60
CA VAL B 174 -55.11 -15.56 29.32
C VAL B 174 -55.33 -17.00 28.79
N ASN B 175 -55.44 -18.01 29.67
CA ASN B 175 -55.67 -19.43 29.34
C ASN B 175 -56.06 -20.25 30.58
N GLU B 196 -62.07 -23.46 37.44
CA GLU B 196 -61.46 -22.75 38.56
C GLU B 196 -60.09 -23.33 38.94
N GLU B 197 -59.93 -24.68 38.89
CA GLU B 197 -58.68 -25.38 39.24
C GLU B 197 -57.59 -25.16 38.19
N ASP B 198 -57.97 -25.07 36.91
CA ASP B 198 -57.08 -24.87 35.76
C ASP B 198 -56.29 -23.56 35.86
N TYR B 199 -56.98 -22.43 36.12
CA TYR B 199 -56.36 -21.11 36.27
C TYR B 199 -55.65 -20.92 37.63
N ILE B 200 -56.05 -21.70 38.65
CA ILE B 200 -55.45 -21.65 39.99
C ILE B 200 -54.02 -22.20 39.98
N ARG B 201 -53.80 -23.35 39.29
CA ARG B 201 -52.50 -24.00 39.16
C ARG B 201 -51.55 -23.19 38.27
N TYR B 202 -52.12 -22.29 37.44
CA TYR B 202 -51.41 -21.36 36.54
C TYR B 202 -50.94 -20.15 37.34
N ALA B 203 -51.86 -19.58 38.18
CA ALA B 203 -51.60 -18.44 39.07
C ALA B 203 -50.53 -18.77 40.09
N HIS B 204 -50.51 -20.02 40.59
CA HIS B 204 -49.51 -20.51 41.56
C HIS B 204 -48.13 -20.53 40.91
N GLY B 205 -48.06 -20.94 39.64
CA GLY B 205 -46.83 -21.02 38.87
C GLY B 205 -46.27 -19.66 38.50
N LEU B 206 -47.16 -18.68 38.33
CA LEU B 206 -46.81 -17.29 38.01
C LEU B 206 -46.22 -16.61 39.24
N ILE B 207 -46.89 -16.75 40.40
CA ILE B 207 -46.48 -16.23 41.71
C ILE B 207 -45.19 -16.91 42.19
N SER B 208 -44.94 -18.19 41.77
CA SER B 208 -43.72 -18.93 42.13
C SER B 208 -42.45 -18.36 41.48
N ASP B 209 -42.62 -17.38 40.56
CA ASP B 209 -41.52 -16.67 39.90
C ASP B 209 -41.16 -15.38 40.69
N TYR B 210 -41.63 -15.28 41.94
CA TYR B 210 -41.38 -14.18 42.87
C TYR B 210 -41.04 -14.69 44.27
N ILE B 211 -41.30 -15.98 44.54
CA ILE B 211 -41.02 -16.62 45.82
C ILE B 211 -40.08 -17.82 45.65
N PRO B 212 -39.10 -18.07 46.56
CA PRO B 212 -38.18 -19.21 46.36
C PRO B 212 -38.87 -20.57 46.36
N LYS B 213 -38.31 -21.54 45.61
CA LYS B 213 -38.79 -22.92 45.42
C LYS B 213 -39.32 -23.57 46.70
N GLU B 214 -38.63 -23.35 47.85
CA GLU B 214 -39.00 -23.87 49.17
C GLU B 214 -40.40 -23.39 49.59
N LEU B 215 -40.70 -22.09 49.36
CA LEU B 215 -41.99 -21.50 49.68
C LEU B 215 -43.09 -21.99 48.74
N SER B 216 -42.77 -22.15 47.43
CA SER B 216 -43.70 -22.61 46.38
C SER B 216 -44.35 -23.94 46.74
N ASP B 217 -43.55 -24.91 47.25
CA ASP B 217 -44.01 -26.24 47.66
C ASP B 217 -45.02 -26.17 48.80
N ASP B 218 -44.78 -25.29 49.80
CA ASP B 218 -45.68 -25.10 50.94
C ASP B 218 -47.01 -24.48 50.49
N LEU B 219 -46.98 -23.59 49.47
CA LEU B 219 -48.14 -22.91 48.89
C LEU B 219 -49.09 -23.89 48.19
N SER B 220 -48.55 -24.87 47.45
CA SER B 220 -49.35 -25.89 46.74
C SER B 220 -50.04 -26.81 47.74
N LYS B 221 -49.31 -27.23 48.81
CA LYS B 221 -49.81 -28.06 49.91
C LYS B 221 -50.88 -27.31 50.72
N TYR B 222 -50.79 -25.97 50.74
CA TYR B 222 -51.72 -25.07 51.41
C TYR B 222 -53.00 -24.95 50.55
N ALA C 11 -19.67 4.71 46.59
CA ALA C 11 -19.52 3.34 47.08
C ALA C 11 -20.64 2.44 46.55
N ILE C 12 -21.91 2.79 46.85
CA ILE C 12 -23.11 2.04 46.41
C ILE C 12 -23.59 2.52 45.03
N GLU C 13 -22.94 3.58 44.48
CA GLU C 13 -23.23 4.16 43.17
C GLU C 13 -22.87 3.23 42.01
N ARG C 14 -21.94 2.27 42.26
CA ARG C 14 -21.46 1.28 41.28
C ARG C 14 -22.58 0.43 40.66
N HIS C 15 -23.61 0.11 41.46
CA HIS C 15 -24.76 -0.69 41.03
C HIS C 15 -25.89 0.13 40.39
N ARG C 16 -25.84 1.47 40.54
CA ARG C 16 -26.88 2.34 39.97
C ARG C 16 -26.50 3.23 38.81
N VAL C 17 -27.33 3.19 37.75
CA VAL C 17 -27.18 3.99 36.54
C VAL C 17 -28.34 5.00 36.54
N HIS C 18 -28.01 6.31 36.60
CA HIS C 18 -28.96 7.41 36.69
C HIS C 18 -29.46 7.89 35.34
N LEU C 19 -30.76 8.22 35.26
CA LEU C 19 -31.34 8.76 34.04
C LEU C 19 -31.77 10.21 34.16
N ARG C 20 -31.48 11.01 33.12
CA ARG C 20 -31.81 12.43 33.07
C ARG C 20 -33.34 12.63 32.94
N SER C 21 -33.97 13.15 34.01
CA SER C 21 -35.40 13.41 34.10
C SER C 21 -35.88 14.51 33.12
N ALA C 22 -35.01 15.50 32.85
CA ALA C 22 -35.27 16.61 31.95
C ALA C 22 -35.32 16.17 30.47
N THR C 23 -34.61 15.07 30.12
CA THR C 23 -34.56 14.52 28.76
C THR C 23 -35.82 13.73 28.38
N LEU C 24 -36.62 13.29 29.38
CA LEU C 24 -37.88 12.56 29.17
C LEU C 24 -38.94 13.50 28.58
N ARG C 25 -38.91 14.79 28.99
CA ARG C 25 -39.82 15.85 28.53
C ARG C 25 -39.44 16.34 27.13
N ASP C 26 -38.13 16.51 26.86
CA ASP C 26 -37.59 16.94 25.57
C ASP C 26 -37.40 15.71 24.67
N ALA C 27 -38.50 15.23 24.05
CA ALA C 27 -38.47 14.04 23.18
C ALA C 27 -39.52 14.06 22.05
N VAL C 28 -39.04 14.33 20.81
CA VAL C 28 -39.86 14.37 19.58
C VAL C 28 -40.14 12.90 19.15
N PRO C 29 -41.39 12.54 18.72
CA PRO C 29 -41.66 11.14 18.33
C PRO C 29 -40.72 10.57 17.28
N ALA C 30 -40.30 9.31 17.49
CA ALA C 30 -39.40 8.59 16.60
C ALA C 30 -40.11 7.43 15.91
N THR C 31 -39.82 7.21 14.61
CA THR C 31 -40.41 6.12 13.82
C THR C 31 -39.66 4.84 14.13
N LEU C 32 -40.40 3.87 14.70
CA LEU C 32 -39.88 2.58 15.15
C LEU C 32 -40.40 1.48 14.23
N HIS C 33 -39.49 0.66 13.71
CA HIS C 33 -39.86 -0.48 12.86
C HIS C 33 -39.25 -1.74 13.46
N LEU C 34 -40.07 -2.80 13.64
CA LEU C 34 -39.57 -4.07 14.14
C LEU C 34 -39.46 -5.09 13.01
N LEU C 35 -38.21 -5.37 12.58
CA LEU C 35 -37.88 -6.26 11.46
C LEU C 35 -37.87 -7.74 11.82
N PRO C 36 -38.31 -8.65 10.90
CA PRO C 36 -38.29 -10.09 11.23
C PRO C 36 -36.93 -10.76 10.96
N CYS C 37 -35.86 -9.95 10.80
CA CYS C 37 -34.49 -10.40 10.51
C CYS C 37 -33.48 -9.75 11.44
N GLU C 38 -32.38 -10.45 11.73
CA GLU C 38 -31.29 -9.98 12.58
C GLU C 38 -30.15 -9.31 11.75
N VAL C 39 -29.91 -8.00 11.98
CA VAL C 39 -28.87 -7.20 11.32
C VAL C 39 -27.73 -6.93 12.32
N ALA C 40 -26.58 -7.63 12.12
CA ALA C 40 -25.37 -7.57 12.94
C ALA C 40 -24.87 -6.17 13.37
N VAL C 41 -25.06 -5.16 12.50
CA VAL C 41 -24.63 -3.77 12.73
C VAL C 41 -25.42 -3.04 13.84
N ASP C 42 -24.83 -1.95 14.35
CA ASP C 42 -25.36 -1.05 15.36
C ASP C 42 -24.78 0.33 15.04
N GLY C 43 -25.56 1.13 14.32
CA GLY C 43 -25.15 2.47 13.91
C GLY C 43 -26.14 3.20 13.03
N PRO C 44 -25.71 4.26 12.32
CA PRO C 44 -26.66 5.01 11.46
C PRO C 44 -27.02 4.28 10.17
N ALA C 45 -28.15 4.66 9.57
CA ALA C 45 -28.66 4.08 8.33
C ALA C 45 -29.55 5.07 7.56
N PRO C 46 -29.51 5.10 6.21
CA PRO C 46 -30.39 6.01 5.47
C PRO C 46 -31.75 5.34 5.28
N VAL C 47 -32.50 5.22 6.37
CA VAL C 47 -33.84 4.61 6.40
C VAL C 47 -34.80 5.41 5.51
N GLY C 48 -34.71 6.74 5.61
CA GLY C 48 -35.50 7.66 4.81
C GLY C 48 -35.14 7.70 3.34
N ARG C 49 -34.03 7.02 2.95
CA ARG C 49 -33.57 6.96 1.56
C ARG C 49 -33.98 5.64 0.91
N PHE C 50 -33.82 4.50 1.62
CA PHE C 50 -34.15 3.18 1.10
C PHE C 50 -35.48 2.60 1.58
N PHE C 51 -35.67 2.55 2.90
CA PHE C 51 -36.84 1.95 3.52
C PHE C 51 -38.15 2.72 3.41
N THR C 52 -38.23 3.93 4.03
CA THR C 52 -39.44 4.76 4.07
C THR C 52 -40.09 5.07 2.71
N PRO C 53 -39.37 5.57 1.68
CA PRO C 53 -40.04 5.87 0.40
C PRO C 53 -40.52 4.65 -0.38
N ALA C 54 -40.15 3.44 0.05
CA ALA C 54 -40.52 2.18 -0.58
C ALA C 54 -41.76 1.52 0.07
N ILE C 55 -42.23 2.03 1.23
CA ILE C 55 -43.41 1.49 1.92
C ILE C 55 -44.66 1.75 1.09
N ARG C 56 -45.38 0.67 0.73
CA ARG C 56 -46.60 0.69 -0.08
C ARG C 56 -47.80 0.15 0.70
N GLN C 57 -49.02 0.39 0.21
CA GLN C 57 -50.26 -0.09 0.81
C GLN C 57 -50.80 -1.21 -0.05
N GLY C 58 -50.94 -2.41 0.52
CA GLY C 58 -51.42 -3.58 -0.20
C GLY C 58 -52.72 -4.18 0.30
N PRO C 59 -53.04 -5.44 -0.12
CA PRO C 59 -54.30 -6.07 0.33
C PRO C 59 -54.33 -6.41 1.81
N GLU C 60 -53.25 -7.03 2.33
CA GLU C 60 -53.11 -7.37 3.75
C GLU C 60 -52.87 -6.11 4.60
N GLY C 61 -51.68 -5.51 4.44
CA GLY C 61 -51.27 -4.30 5.13
C GLY C 61 -50.18 -3.58 4.37
N LEU C 62 -49.23 -2.97 5.11
CA LEU C 62 -48.11 -2.25 4.51
C LEU C 62 -47.15 -3.22 3.83
N GLU C 63 -46.71 -2.87 2.63
CA GLU C 63 -45.78 -3.66 1.82
C GLU C 63 -44.49 -2.91 1.61
N VAL C 64 -43.38 -3.61 1.78
CA VAL C 64 -42.01 -3.12 1.59
C VAL C 64 -41.13 -4.34 1.41
N SER C 65 -39.95 -4.17 0.82
CA SER C 65 -39.03 -5.27 0.63
C SER C 65 -37.68 -4.87 1.18
N PHE C 66 -37.07 -5.73 2.00
CA PHE C 66 -35.75 -5.52 2.59
C PHE C 66 -34.84 -6.65 2.12
N ARG C 67 -33.71 -6.28 1.49
CA ARG C 67 -32.70 -7.21 0.94
C ARG C 67 -33.25 -8.12 -0.18
N GLY C 68 -34.29 -7.62 -0.86
CA GLY C 68 -34.96 -8.36 -1.93
C GLY C 68 -35.97 -9.39 -1.43
N ARG C 69 -36.37 -9.27 -0.15
CA ARG C 69 -37.35 -10.18 0.49
C ARG C 69 -38.59 -9.36 0.86
N CYS C 70 -39.81 -9.83 0.52
CA CYS C 70 -41.03 -9.08 0.81
C CYS C 70 -41.44 -9.12 2.27
N LEU C 71 -41.62 -7.93 2.84
CA LEU C 71 -42.01 -7.69 4.23
C LEU C 71 -43.41 -7.09 4.28
N ARG C 72 -44.30 -7.68 5.08
CA ARG C 72 -45.70 -7.26 5.21
C ARG C 72 -46.05 -7.04 6.68
N GLY C 73 -46.38 -5.81 7.04
CA GLY C 73 -46.67 -5.49 8.44
C GLY C 73 -47.67 -4.40 8.76
N GLU C 74 -48.08 -4.35 10.04
CA GLU C 74 -49.04 -3.39 10.57
C GLU C 74 -48.46 -2.54 11.69
N GLU C 75 -48.95 -1.29 11.80
CA GLU C 75 -48.55 -0.36 12.85
C GLU C 75 -49.24 -0.76 14.14
N VAL C 76 -48.45 -1.16 15.13
CA VAL C 76 -48.92 -1.59 16.45
C VAL C 76 -48.82 -0.40 17.41
N ALA C 77 -49.92 -0.06 18.09
CA ALA C 77 -50.00 1.06 19.04
C ALA C 77 -49.57 0.67 20.43
N VAL C 78 -48.89 1.59 21.15
CA VAL C 78 -48.45 1.38 22.53
C VAL C 78 -49.72 1.42 23.41
N PRO C 79 -50.02 0.34 24.18
CA PRO C 79 -51.28 0.30 24.95
C PRO C 79 -51.49 1.45 25.94
N PRO C 80 -52.75 1.88 26.20
CA PRO C 80 -52.98 2.96 27.19
C PRO C 80 -52.46 2.52 28.56
N GLY C 81 -51.77 3.43 29.24
CA GLY C 81 -51.16 3.18 30.53
C GLY C 81 -49.66 3.04 30.41
N LEU C 82 -49.16 2.95 29.15
CA LEU C 82 -47.74 2.84 28.81
C LEU C 82 -47.28 4.00 27.93
N VAL C 83 -45.96 4.27 27.96
CA VAL C 83 -45.29 5.32 27.18
C VAL C 83 -43.98 4.72 26.67
N GLY C 84 -43.64 5.03 25.43
CA GLY C 84 -42.41 4.56 24.79
C GLY C 84 -41.28 5.56 24.84
N TYR C 85 -40.13 5.13 25.37
CA TYR C 85 -38.91 5.93 25.45
C TYR C 85 -37.75 5.18 24.82
N VAL C 86 -36.83 5.91 24.18
CA VAL C 86 -35.64 5.34 23.57
C VAL C 86 -34.47 5.90 24.38
N MET C 87 -33.73 5.00 25.07
CA MET C 87 -32.60 5.33 25.95
C MET C 87 -31.28 5.00 25.26
N VAL C 88 -30.22 5.82 25.51
CA VAL C 88 -28.88 5.61 24.92
C VAL C 88 -27.83 5.59 26.04
N THR C 89 -26.90 4.61 25.98
CA THR C 89 -25.80 4.46 26.93
C THR C 89 -24.41 4.40 26.24
N GLU C 90 -23.35 4.90 26.92
CA GLU C 90 -21.98 4.94 26.40
C GLU C 90 -21.34 3.53 26.26
N GLU C 91 -20.23 3.44 25.48
CA GLU C 91 -19.51 2.19 25.22
C GLU C 91 -18.80 1.65 26.46
N ASP C 120 -19.24 7.32 38.06
CA ASP C 120 -20.62 7.74 37.81
C ASP C 120 -21.13 7.22 36.46
N ARG C 121 -22.33 6.60 36.47
CA ARG C 121 -22.98 6.05 35.28
C ARG C 121 -24.25 6.81 34.97
N PHE C 122 -24.47 7.12 33.68
CA PHE C 122 -25.63 7.88 33.21
C PHE C 122 -26.27 7.32 31.94
N ILE C 123 -27.58 7.54 31.79
CA ILE C 123 -28.41 7.12 30.66
C ILE C 123 -29.48 8.20 30.39
N GLY C 124 -29.76 8.49 29.13
CA GLY C 124 -30.73 9.52 28.78
C GLY C 124 -31.72 9.17 27.71
N ALA C 125 -33.00 9.50 27.95
CA ALA C 125 -34.08 9.29 27.00
C ALA C 125 -33.91 10.29 25.85
N THR C 126 -33.47 9.80 24.68
CA THR C 126 -33.25 10.63 23.50
C THR C 126 -34.56 10.95 22.79
N ALA C 127 -35.42 9.92 22.58
CA ALA C 127 -36.69 10.09 21.87
C ALA C 127 -37.90 9.46 22.57
N ASN C 128 -39.09 9.72 22.02
CA ASN C 128 -40.40 9.25 22.46
C ASN C 128 -41.08 8.49 21.29
N PHE C 129 -42.13 7.71 21.59
CA PHE C 129 -42.94 6.98 20.61
C PHE C 129 -44.31 6.53 21.13
N SER C 130 -45.34 6.70 20.29
CA SER C 130 -46.73 6.35 20.57
C SER C 130 -47.10 5.02 19.92
N ARG C 131 -46.34 4.62 18.86
CA ARG C 131 -46.56 3.38 18.12
C ARG C 131 -45.31 2.91 17.37
N PHE C 132 -45.32 1.62 16.98
CA PHE C 132 -44.25 1.00 16.21
C PHE C 132 -44.85 0.12 15.11
N THR C 133 -44.24 0.11 13.92
CA THR C 133 -44.69 -0.74 12.82
C THR C 133 -44.05 -2.11 13.03
N LEU C 134 -44.87 -3.16 12.94
CA LEU C 134 -44.41 -4.52 13.09
C LEU C 134 -44.20 -5.12 11.68
N TRP C 135 -43.09 -5.83 11.46
CA TRP C 135 -42.82 -6.42 10.16
C TRP C 135 -42.64 -7.93 10.23
N GLY C 136 -43.25 -8.61 9.28
CA GLY C 136 -43.18 -10.05 9.13
C GLY C 136 -42.80 -10.42 7.72
N LEU C 137 -42.12 -11.57 7.55
CA LEU C 137 -41.69 -12.04 6.24
C LEU C 137 -42.91 -12.58 5.47
N GLU C 138 -43.23 -11.93 4.33
CA GLU C 138 -44.37 -12.23 3.44
C GLU C 138 -45.75 -11.92 4.04
N THR C 139 -45.99 -12.27 5.30
CA THR C 139 -47.27 -12.05 5.99
C THR C 139 -47.09 -11.35 7.33
N ILE C 140 -48.15 -10.63 7.77
CA ILE C 140 -48.20 -9.92 9.05
C ILE C 140 -48.12 -10.99 10.15
N PRO C 141 -47.21 -10.85 11.16
CA PRO C 141 -47.12 -11.86 12.23
C PRO C 141 -48.50 -12.19 12.82
N GLY C 142 -48.73 -13.48 13.08
CA GLY C 142 -49.99 -13.98 13.59
C GLY C 142 -50.43 -13.44 14.94
N PRO C 143 -51.64 -13.80 15.45
CA PRO C 143 -52.05 -13.32 16.77
C PRO C 143 -51.24 -13.97 17.90
N ASP C 144 -50.64 -15.15 17.61
CA ASP C 144 -49.83 -15.94 18.53
C ASP C 144 -48.35 -15.50 18.58
N ALA C 145 -48.01 -14.37 17.93
CA ALA C 145 -46.66 -13.80 17.91
C ALA C 145 -46.25 -13.33 19.31
N LYS C 146 -45.05 -13.75 19.75
CA LYS C 146 -44.50 -13.43 21.08
C LYS C 146 -44.44 -11.94 21.41
N VAL C 147 -44.25 -11.06 20.40
CA VAL C 147 -44.18 -9.59 20.55
C VAL C 147 -45.53 -9.05 21.03
N ARG C 148 -46.60 -9.62 20.48
CA ARG C 148 -47.99 -9.26 20.78
C ARG C 148 -48.36 -9.74 22.19
N GLY C 149 -47.81 -10.88 22.60
CA GLY C 149 -48.00 -11.47 23.92
C GLY C 149 -47.33 -10.67 25.02
N ALA C 150 -46.10 -10.20 24.75
CA ALA C 150 -45.30 -9.39 25.66
C ALA C 150 -45.97 -8.03 25.95
N LEU C 151 -46.69 -7.48 24.96
CA LEU C 151 -47.41 -6.21 25.06
C LEU C 151 -48.57 -6.26 26.06
N THR C 152 -49.14 -7.47 26.32
CA THR C 152 -50.24 -7.71 27.27
C THR C 152 -49.77 -7.95 28.72
N TRP C 153 -48.44 -7.88 28.96
CA TRP C 153 -47.85 -8.10 30.28
C TRP C 153 -48.04 -6.93 31.27
N PRO C 154 -47.66 -5.66 30.95
CA PRO C 154 -47.84 -4.58 31.93
C PRO C 154 -49.24 -4.43 32.53
N SER C 155 -50.29 -4.86 31.79
CA SER C 155 -51.69 -4.85 32.21
C SER C 155 -51.91 -5.90 33.34
N LEU C 156 -51.39 -7.13 33.14
CA LEU C 156 -51.49 -8.21 34.12
C LEU C 156 -50.57 -7.92 35.32
N ALA C 157 -49.34 -7.46 35.05
CA ALA C 157 -48.34 -7.09 36.07
C ALA C 157 -48.85 -6.01 37.04
N ALA C 158 -49.75 -5.10 36.55
CA ALA C 158 -50.35 -4.03 37.34
C ALA C 158 -51.34 -4.57 38.36
N ALA C 159 -51.91 -5.77 38.12
CA ALA C 159 -52.87 -6.45 38.99
C ALA C 159 -52.23 -7.48 39.91
N ILE C 160 -51.19 -8.19 39.43
CA ILE C 160 -50.43 -9.19 40.20
C ILE C 160 -49.80 -8.50 41.41
N HIS C 161 -49.18 -7.32 41.17
CA HIS C 161 -48.44 -6.54 42.15
C HIS C 161 -49.19 -5.48 42.93
N ALA C 162 -50.51 -5.35 42.69
CA ALA C 162 -51.36 -4.42 43.43
C ALA C 162 -51.48 -4.87 44.89
N GLN C 163 -51.63 -3.90 45.83
CA GLN C 163 -51.75 -4.18 47.26
C GLN C 163 -53.07 -4.87 47.59
N VAL C 164 -52.98 -6.01 48.31
CA VAL C 164 -54.13 -6.78 48.76
C VAL C 164 -54.92 -6.02 49.85
N PRO C 165 -56.28 -6.12 49.90
CA PRO C 165 -57.01 -5.39 50.96
C PRO C 165 -57.09 -6.17 52.27
N ASP D 5 -2.54 -10.45 -39.58
CA ASP D 5 -3.77 -11.15 -39.92
C ASP D 5 -4.63 -11.47 -38.69
N LEU D 6 -4.00 -11.97 -37.61
CA LEU D 6 -4.67 -12.36 -36.35
C LEU D 6 -4.08 -11.73 -35.07
N SER D 7 -4.51 -10.49 -34.80
CA SER D 7 -4.07 -9.63 -33.70
C SER D 7 -4.46 -10.09 -32.30
N GLU D 8 -5.56 -10.84 -32.19
CA GLU D 8 -6.13 -11.34 -30.92
C GLU D 8 -5.13 -12.11 -30.02
N LEU D 9 -3.92 -12.40 -30.53
CA LEU D 9 -2.82 -13.08 -29.82
C LEU D 9 -1.87 -12.11 -29.09
N GLU D 10 -2.02 -10.79 -29.38
CA GLU D 10 -1.25 -9.72 -28.73
C GLU D 10 -1.94 -9.29 -27.42
N ARG D 11 -3.13 -9.87 -27.12
CA ARG D 11 -3.95 -9.63 -25.92
C ARG D 11 -3.71 -10.69 -24.83
N ASP D 12 -4.28 -10.48 -23.62
CA ASP D 12 -4.13 -11.38 -22.46
C ASP D 12 -4.81 -12.75 -22.66
N ASN D 13 -4.20 -13.80 -22.08
CA ASN D 13 -4.66 -15.19 -22.15
C ASN D 13 -4.97 -15.70 -20.74
N THR D 14 -6.27 -16.01 -20.50
CA THR D 14 -6.79 -16.52 -19.24
C THR D 14 -6.31 -17.97 -19.02
N GLY D 15 -6.63 -18.83 -19.98
CA GLY D 15 -6.25 -20.24 -19.99
C GLY D 15 -6.37 -20.86 -21.35
N ARG D 16 -7.49 -20.59 -22.04
CA ARG D 16 -7.80 -21.07 -23.38
C ARG D 16 -8.29 -19.91 -24.23
N CYS D 17 -7.70 -19.73 -25.42
CA CYS D 17 -8.05 -18.66 -26.36
C CYS D 17 -8.55 -19.25 -27.69
N ARG D 18 -9.85 -19.18 -27.94
CA ARG D 18 -10.45 -19.72 -29.16
C ARG D 18 -10.50 -18.67 -30.26
N LEU D 19 -9.95 -19.01 -31.44
CA LEU D 19 -9.95 -18.16 -32.63
C LEU D 19 -10.46 -18.97 -33.81
N SER D 20 -11.54 -18.51 -34.47
CA SER D 20 -12.14 -19.22 -35.60
C SER D 20 -12.51 -18.30 -36.75
N SER D 21 -12.61 -18.87 -37.96
CA SER D 21 -13.03 -18.18 -39.18
C SER D 21 -14.57 -18.27 -39.26
N PRO D 22 -15.26 -17.44 -40.08
CA PRO D 22 -16.72 -17.60 -40.17
C PRO D 22 -17.06 -18.89 -40.92
N VAL D 23 -18.15 -19.54 -40.51
CA VAL D 23 -18.57 -20.80 -41.13
C VAL D 23 -19.16 -20.58 -42.54
N PRO D 24 -18.54 -21.19 -43.59
CA PRO D 24 -19.11 -21.06 -44.95
C PRO D 24 -20.53 -21.61 -45.00
N ALA D 25 -21.44 -20.92 -45.71
CA ALA D 25 -22.85 -21.32 -45.88
C ALA D 25 -22.95 -22.74 -46.46
N VAL D 26 -22.02 -23.09 -47.39
CA VAL D 26 -21.93 -24.40 -48.05
C VAL D 26 -21.69 -25.55 -47.05
N CYS D 27 -20.84 -25.31 -46.02
CA CYS D 27 -20.47 -26.27 -44.98
C CYS D 27 -21.63 -26.66 -44.06
N ARG D 28 -22.65 -25.79 -43.93
CA ARG D 28 -23.83 -26.05 -43.10
C ARG D 28 -24.80 -27.03 -43.79
N LYS D 29 -24.65 -27.25 -45.13
CA LYS D 29 -25.49 -28.15 -45.92
C LYS D 29 -24.78 -29.45 -46.28
N GLU D 30 -23.70 -29.36 -47.07
CA GLU D 30 -22.92 -30.50 -47.54
C GLU D 30 -22.05 -31.14 -46.46
N PRO D 31 -21.87 -32.49 -46.50
CA PRO D 31 -20.98 -33.13 -45.52
C PRO D 31 -19.52 -32.70 -45.71
N CYS D 32 -18.83 -32.39 -44.60
CA CYS D 32 -17.46 -31.91 -44.54
C CYS D 32 -16.48 -32.94 -44.02
N VAL D 33 -15.21 -32.71 -44.31
CA VAL D 33 -14.07 -33.48 -43.85
C VAL D 33 -13.26 -32.56 -42.90
N LEU D 34 -12.94 -33.05 -41.68
CA LEU D 34 -12.21 -32.26 -40.70
C LEU D 34 -10.80 -32.81 -40.43
N GLY D 35 -9.81 -31.91 -40.38
CA GLY D 35 -8.41 -32.25 -40.13
C GLY D 35 -7.91 -31.70 -38.82
N VAL D 36 -7.25 -32.53 -37.99
CA VAL D 36 -6.76 -32.12 -36.66
C VAL D 36 -5.23 -32.28 -36.51
N ASP D 37 -4.54 -31.19 -36.12
CA ASP D 37 -3.11 -31.16 -35.83
C ASP D 37 -2.81 -30.12 -34.76
N GLU D 38 -1.66 -30.27 -34.06
CA GLU D 38 -1.22 -29.37 -33.00
C GLU D 38 0.23 -28.89 -33.17
N ALA D 39 0.54 -27.71 -32.61
CA ALA D 39 1.87 -27.10 -32.61
C ALA D 39 2.14 -26.46 -31.25
N GLY D 40 3.27 -26.80 -30.66
CA GLY D 40 3.66 -26.30 -29.35
C GLY D 40 3.47 -27.28 -28.21
N ARG D 41 3.71 -28.58 -28.46
CA ARG D 41 3.58 -29.61 -27.43
C ARG D 41 4.89 -29.75 -26.64
N GLY D 42 6.01 -29.84 -27.36
CA GLY D 42 7.35 -29.98 -26.81
C GLY D 42 7.95 -28.82 -26.02
N PRO D 43 7.71 -27.51 -26.35
CA PRO D 43 8.36 -26.44 -25.58
C PRO D 43 8.04 -26.37 -24.09
N VAL D 44 8.98 -25.80 -23.32
CA VAL D 44 8.94 -25.57 -21.87
C VAL D 44 8.34 -24.17 -21.60
N LEU D 45 8.38 -23.33 -22.64
CA LEU D 45 7.87 -21.96 -22.62
C LEU D 45 6.74 -21.86 -23.63
N GLY D 46 5.97 -20.78 -23.55
CA GLY D 46 4.90 -20.49 -24.49
C GLY D 46 3.69 -21.39 -24.47
N PRO D 47 2.70 -21.09 -25.34
CA PRO D 47 1.45 -21.85 -25.34
C PRO D 47 1.41 -23.07 -26.26
N MET D 48 0.43 -23.96 -26.03
CA MET D 48 0.18 -25.10 -26.90
C MET D 48 -1.00 -24.74 -27.79
N VAL D 49 -0.86 -24.93 -29.11
CA VAL D 49 -1.92 -24.59 -30.03
C VAL D 49 -2.43 -25.84 -30.76
N TYR D 50 -3.78 -25.97 -30.81
CA TYR D 50 -4.49 -27.03 -31.51
C TYR D 50 -5.31 -26.35 -32.59
N ALA D 51 -5.34 -26.93 -33.81
CA ALA D 51 -6.10 -26.33 -34.91
C ALA D 51 -6.89 -27.35 -35.72
N ILE D 52 -8.10 -26.95 -36.15
CA ILE D 52 -8.97 -27.77 -36.98
C ILE D 52 -9.23 -27.04 -38.30
N CYS D 53 -9.40 -27.82 -39.38
CA CYS D 53 -9.70 -27.29 -40.70
C CYS D 53 -10.73 -28.16 -41.38
N TYR D 54 -11.75 -27.51 -41.97
CA TYR D 54 -12.85 -28.18 -42.65
C TYR D 54 -13.19 -27.57 -44.01
N CYS D 55 -13.73 -28.40 -44.92
CA CYS D 55 -14.20 -28.06 -46.26
C CYS D 55 -15.14 -29.18 -46.76
N PRO D 56 -16.14 -28.91 -47.64
CA PRO D 56 -17.05 -29.99 -48.06
C PRO D 56 -16.40 -31.13 -48.84
N LEU D 57 -17.01 -32.32 -48.80
CA LEU D 57 -16.55 -33.54 -49.47
C LEU D 57 -16.26 -33.41 -50.97
N PRO D 58 -17.11 -32.79 -51.83
CA PRO D 58 -16.76 -32.70 -53.26
C PRO D 58 -15.58 -31.77 -53.52
N ARG D 59 -15.45 -30.68 -52.71
CA ARG D 59 -14.40 -29.67 -52.83
C ARG D 59 -13.06 -30.12 -52.20
N LEU D 60 -12.92 -31.43 -51.88
CA LEU D 60 -11.70 -32.04 -51.33
C LEU D 60 -10.56 -31.91 -52.33
N ALA D 61 -10.87 -32.17 -53.62
CA ALA D 61 -9.97 -32.09 -54.76
C ALA D 61 -9.41 -30.68 -54.92
N ASP D 62 -10.27 -29.64 -54.70
CA ASP D 62 -9.92 -28.21 -54.78
C ASP D 62 -8.92 -27.83 -53.69
N LEU D 63 -9.11 -28.37 -52.46
CA LEU D 63 -8.26 -28.14 -51.28
C LEU D 63 -6.84 -28.68 -51.48
N GLU D 64 -6.72 -29.86 -52.12
CA GLU D 64 -5.43 -30.49 -52.43
C GLU D 64 -4.75 -29.75 -53.58
N ALA D 65 -5.56 -29.20 -54.51
CA ALA D 65 -5.11 -28.42 -55.66
C ALA D 65 -4.59 -27.04 -55.20
N LEU D 66 -5.17 -26.51 -54.11
CA LEU D 66 -4.82 -25.24 -53.47
C LEU D 66 -3.36 -25.22 -52.99
N LYS D 67 -2.74 -26.41 -52.88
CA LYS D 67 -1.36 -26.65 -52.45
C LYS D 67 -1.05 -26.01 -51.09
N VAL D 68 -1.79 -26.47 -50.07
CA VAL D 68 -1.68 -26.01 -48.68
C VAL D 68 -1.07 -27.13 -47.78
N ALA D 69 -0.05 -27.83 -48.33
CA ALA D 69 0.65 -28.91 -47.64
C ALA D 69 1.61 -28.36 -46.59
N ASP D 70 1.74 -29.07 -45.46
CA ASP D 70 2.62 -28.68 -44.36
C ASP D 70 4.07 -29.06 -44.65
N SER D 71 5.02 -28.17 -44.28
CA SER D 71 6.46 -28.40 -44.45
C SER D 71 7.16 -28.27 -43.11
N LYS D 72 7.89 -29.33 -42.70
CA LYS D 72 8.62 -29.41 -41.43
C LYS D 72 9.63 -28.27 -41.27
N THR D 73 10.52 -28.08 -42.26
CA THR D 73 11.50 -27.00 -42.28
C THR D 73 11.04 -25.92 -43.27
N LEU D 74 10.32 -24.92 -42.75
CA LEU D 74 9.77 -23.81 -43.54
C LEU D 74 9.82 -22.49 -42.78
N LEU D 75 9.96 -21.37 -43.51
CA LEU D 75 10.02 -20.03 -42.95
C LEU D 75 8.63 -19.57 -42.50
N GLU D 76 8.57 -18.82 -41.39
CA GLU D 76 7.34 -18.28 -40.79
C GLU D 76 6.49 -17.48 -41.79
N SER D 77 7.15 -16.62 -42.62
CA SER D 77 6.51 -15.78 -43.63
C SER D 77 5.82 -16.60 -44.73
N GLU D 78 6.40 -17.78 -45.08
CA GLU D 78 5.87 -18.69 -46.09
C GLU D 78 4.57 -19.36 -45.61
N ARG D 79 4.55 -19.81 -44.32
CA ARG D 79 3.40 -20.45 -43.68
C ARG D 79 2.23 -19.47 -43.54
N GLU D 80 2.53 -18.20 -43.23
CA GLU D 80 1.53 -17.13 -43.10
C GLU D 80 0.80 -16.91 -44.41
N ARG D 81 1.55 -16.91 -45.54
CA ARG D 81 1.04 -16.74 -46.91
C ARG D 81 0.06 -17.88 -47.28
N LEU D 82 0.42 -19.13 -46.95
CA LEU D 82 -0.43 -20.30 -47.22
C LEU D 82 -1.69 -20.25 -46.37
N PHE D 83 -1.58 -19.72 -45.13
CA PHE D 83 -2.71 -19.54 -44.24
C PHE D 83 -3.61 -18.40 -44.75
N ALA D 84 -3.00 -17.36 -45.37
CA ALA D 84 -3.71 -16.25 -45.99
C ALA D 84 -4.40 -16.73 -47.28
N LYS D 85 -3.82 -17.78 -47.93
CA LYS D 85 -4.36 -18.40 -49.13
C LYS D 85 -5.58 -19.24 -48.73
N MET D 86 -5.54 -19.82 -47.51
CA MET D 86 -6.62 -20.61 -46.92
C MET D 86 -7.78 -19.71 -46.47
N GLU D 87 -7.49 -18.42 -46.20
CA GLU D 87 -8.50 -17.44 -45.79
C GLU D 87 -9.25 -16.82 -46.98
N ASP D 88 -8.59 -16.78 -48.16
CA ASP D 88 -9.14 -16.24 -49.42
C ASP D 88 -10.30 -17.07 -50.00
N THR D 89 -10.34 -18.38 -49.71
CA THR D 89 -11.35 -19.31 -50.22
C THR D 89 -12.70 -19.25 -49.50
N ASP D 90 -13.79 -19.39 -50.27
CA ASP D 90 -15.18 -19.35 -49.77
C ASP D 90 -15.73 -20.73 -49.36
N PHE D 91 -14.84 -21.74 -49.21
CA PHE D 91 -15.23 -23.11 -48.84
C PHE D 91 -14.41 -23.71 -47.70
N VAL D 92 -13.20 -23.18 -47.46
CA VAL D 92 -12.28 -23.64 -46.41
C VAL D 92 -12.50 -22.83 -45.12
N GLY D 93 -12.78 -23.55 -44.04
CA GLY D 93 -12.96 -22.98 -42.71
C GLY D 93 -11.92 -23.48 -41.74
N TRP D 94 -11.78 -22.78 -40.60
CA TRP D 94 -10.86 -23.12 -39.53
C TRP D 94 -11.34 -22.64 -38.16
N ALA D 95 -10.60 -23.06 -37.11
CA ALA D 95 -10.78 -22.76 -35.69
C ALA D 95 -9.56 -23.28 -34.93
N LEU D 96 -8.99 -22.46 -34.06
CA LEU D 96 -7.84 -22.84 -33.24
C LEU D 96 -7.96 -22.46 -31.78
N ASP D 97 -7.46 -23.31 -30.88
CA ASP D 97 -7.47 -23.06 -29.43
C ASP D 97 -6.06 -22.82 -28.90
N VAL D 98 -5.83 -21.64 -28.30
CA VAL D 98 -4.54 -21.25 -27.73
C VAL D 98 -4.55 -21.50 -26.21
N LEU D 99 -3.81 -22.55 -25.80
CA LEU D 99 -3.72 -23.02 -24.42
C LEU D 99 -2.58 -22.35 -23.69
N SER D 100 -2.90 -21.50 -22.70
CA SER D 100 -1.93 -20.80 -21.88
C SER D 100 -1.01 -21.80 -21.16
N PRO D 101 0.32 -21.54 -21.11
CA PRO D 101 1.23 -22.44 -20.37
C PRO D 101 0.81 -22.60 -18.90
N ASN D 102 -0.03 -21.66 -18.40
CA ASN D 102 -0.60 -21.68 -17.06
C ASN D 102 -1.66 -22.77 -16.95
N LEU D 103 -2.52 -22.94 -17.99
CA LEU D 103 -3.53 -24.00 -17.98
C LEU D 103 -2.81 -25.35 -17.92
N ILE D 104 -1.74 -25.51 -18.73
CA ILE D 104 -0.89 -26.70 -18.79
C ILE D 104 -0.31 -27.03 -17.39
N SER D 105 0.33 -26.02 -16.73
CA SER D 105 0.93 -26.15 -15.40
C SER D 105 -0.13 -26.49 -14.35
N THR D 106 -1.24 -25.74 -14.34
CA THR D 106 -2.32 -25.92 -13.37
C THR D 106 -3.08 -27.22 -13.52
N SER D 107 -3.22 -27.72 -14.76
CA SER D 107 -3.92 -28.96 -15.07
C SER D 107 -3.11 -30.16 -14.60
N MET D 108 -1.81 -30.20 -14.99
CA MET D 108 -0.88 -31.29 -14.67
C MET D 108 -0.52 -31.32 -13.19
N LEU D 109 -0.24 -30.17 -12.57
CA LEU D 109 0.15 -30.09 -11.17
C LEU D 109 -1.01 -29.97 -10.17
N GLY D 110 -2.22 -30.33 -10.59
CA GLY D 110 -3.39 -30.27 -9.73
C GLY D 110 -3.39 -31.30 -8.60
N ARG D 111 -4.45 -31.28 -7.76
CA ARG D 111 -4.66 -32.23 -6.64
C ARG D 111 -4.81 -33.65 -7.24
N VAL D 112 -5.53 -33.73 -8.36
CA VAL D 112 -5.75 -34.93 -9.16
C VAL D 112 -5.01 -34.77 -10.51
N LYS D 113 -4.12 -35.73 -10.82
CA LYS D 113 -3.29 -35.77 -12.04
C LYS D 113 -4.09 -35.73 -13.33
N TYR D 114 -3.63 -34.90 -14.27
CA TYR D 114 -4.24 -34.69 -15.58
C TYR D 114 -3.10 -34.48 -16.57
N ASN D 115 -2.58 -35.60 -17.11
CA ASN D 115 -1.44 -35.65 -18.03
C ASN D 115 -1.67 -34.95 -19.36
N LEU D 116 -0.56 -34.61 -20.05
CA LEU D 116 -0.54 -33.92 -21.35
C LEU D 116 -1.39 -34.60 -22.43
N ASN D 117 -1.38 -35.94 -22.48
CA ASN D 117 -2.12 -36.69 -23.49
C ASN D 117 -3.61 -36.51 -23.37
N SER D 118 -4.16 -36.69 -22.16
CA SER D 118 -5.58 -36.50 -21.87
C SER D 118 -5.98 -35.05 -22.14
N LEU D 119 -5.13 -34.09 -21.70
CA LEU D 119 -5.29 -32.65 -21.90
C LEU D 119 -5.40 -32.30 -23.39
N SER D 120 -4.50 -32.87 -24.23
CA SER D 120 -4.44 -32.65 -25.67
C SER D 120 -5.71 -33.19 -26.34
N HIS D 121 -6.01 -34.47 -26.08
CA HIS D 121 -7.17 -35.19 -26.58
C HIS D 121 -8.48 -34.48 -26.23
N ASP D 122 -8.57 -33.90 -25.02
CA ASP D 122 -9.72 -33.13 -24.57
C ASP D 122 -9.81 -31.77 -25.29
N THR D 123 -8.66 -31.18 -25.64
CA THR D 123 -8.62 -29.92 -26.37
C THR D 123 -9.05 -30.19 -27.81
N ALA D 124 -8.58 -31.31 -28.40
CA ALA D 124 -8.93 -31.72 -29.76
C ALA D 124 -10.44 -31.99 -29.87
N THR D 125 -11.07 -32.64 -28.84
CA THR D 125 -12.51 -32.90 -28.84
C THR D 125 -13.32 -31.61 -28.72
N GLY D 126 -12.84 -30.70 -27.87
CA GLY D 126 -13.44 -29.38 -27.65
C GLY D 126 -13.64 -28.59 -28.94
N LEU D 127 -12.59 -28.59 -29.79
CA LEU D 127 -12.57 -27.93 -31.09
C LEU D 127 -13.52 -28.60 -32.08
N ILE D 128 -13.49 -29.96 -32.18
CA ILE D 128 -14.38 -30.74 -33.05
C ILE D 128 -15.84 -30.47 -32.62
N GLN D 129 -16.09 -30.39 -31.30
CA GLN D 129 -17.40 -30.07 -30.75
C GLN D 129 -17.82 -28.65 -31.13
N TYR D 130 -16.88 -27.67 -31.05
CA TYR D 130 -17.10 -26.26 -31.42
C TYR D 130 -17.59 -26.15 -32.87
N ALA D 131 -16.97 -26.92 -33.81
CA ALA D 131 -17.34 -26.94 -35.22
C ALA D 131 -18.80 -27.41 -35.39
N LEU D 132 -19.19 -28.49 -34.66
CA LEU D 132 -20.56 -29.02 -34.69
C LEU D 132 -21.54 -27.98 -34.13
N ASP D 133 -21.15 -27.30 -33.03
CA ASP D 133 -21.92 -26.23 -32.38
C ASP D 133 -22.08 -25.01 -33.29
N GLN D 134 -21.17 -24.81 -34.25
CA GLN D 134 -21.23 -23.70 -35.20
C GLN D 134 -22.03 -24.06 -36.48
N GLY D 135 -22.61 -25.25 -36.51
CA GLY D 135 -23.43 -25.71 -37.62
C GLY D 135 -22.72 -26.44 -38.74
N VAL D 136 -21.40 -26.70 -38.59
CA VAL D 136 -20.62 -27.44 -39.58
C VAL D 136 -21.09 -28.89 -39.61
N ASN D 137 -21.44 -29.37 -40.80
CA ASN D 137 -21.90 -30.73 -41.00
C ASN D 137 -20.67 -31.63 -41.19
N VAL D 138 -20.17 -32.20 -40.08
CA VAL D 138 -18.97 -33.05 -40.08
C VAL D 138 -19.36 -34.54 -40.19
N THR D 139 -18.76 -35.25 -41.16
CA THR D 139 -18.99 -36.68 -41.35
C THR D 139 -17.69 -37.49 -41.30
N GLN D 140 -16.56 -36.86 -41.64
CA GLN D 140 -15.25 -37.50 -41.64
C GLN D 140 -14.24 -36.68 -40.84
N VAL D 141 -13.43 -37.35 -39.99
CA VAL D 141 -12.40 -36.71 -39.15
C VAL D 141 -11.03 -37.39 -39.33
N PHE D 142 -9.98 -36.60 -39.58
CA PHE D 142 -8.62 -37.08 -39.73
C PHE D 142 -7.68 -36.35 -38.79
N VAL D 143 -7.12 -37.09 -37.81
CA VAL D 143 -6.23 -36.54 -36.78
C VAL D 143 -4.79 -37.03 -36.96
N ASP D 144 -3.83 -36.17 -36.59
CA ASP D 144 -2.39 -36.45 -36.57
C ASP D 144 -2.00 -36.74 -35.13
N THR D 145 -1.30 -37.86 -34.89
CA THR D 145 -0.85 -38.23 -33.55
C THR D 145 0.67 -38.44 -33.46
N VAL D 146 1.19 -38.43 -32.22
CA VAL D 146 2.60 -38.67 -31.95
C VAL D 146 2.90 -40.16 -31.79
N GLY D 147 2.09 -40.87 -30.98
CA GLY D 147 2.26 -42.29 -30.69
C GLY D 147 1.32 -43.24 -31.39
N MET D 148 0.62 -44.09 -30.59
CA MET D 148 -0.34 -45.08 -31.08
C MET D 148 -1.74 -44.48 -31.26
N PRO D 149 -2.29 -44.55 -32.50
CA PRO D 149 -3.62 -43.96 -32.73
C PRO D 149 -4.79 -44.86 -32.35
N GLU D 150 -4.51 -46.15 -32.00
CA GLU D 150 -5.53 -47.13 -31.65
C GLU D 150 -6.34 -46.74 -30.41
N THR D 151 -5.64 -46.32 -29.33
CA THR D 151 -6.29 -45.91 -28.09
C THR D 151 -6.99 -44.55 -28.25
N TYR D 152 -6.36 -43.64 -29.01
CA TYR D 152 -6.85 -42.29 -29.33
C TYR D 152 -8.13 -42.35 -30.16
N GLN D 153 -8.20 -43.27 -31.15
CA GLN D 153 -9.40 -43.43 -31.99
C GLN D 153 -10.57 -43.94 -31.15
N ALA D 154 -10.29 -44.90 -30.23
CA ALA D 154 -11.26 -45.49 -29.32
C ALA D 154 -12.04 -44.42 -28.51
N ARG D 155 -11.31 -43.42 -27.98
CA ARG D 155 -11.88 -42.30 -27.20
C ARG D 155 -12.60 -41.30 -28.11
N LEU D 156 -11.97 -40.94 -29.23
CA LEU D 156 -12.48 -39.97 -30.21
C LEU D 156 -13.77 -40.44 -30.86
N GLN D 157 -13.86 -41.76 -31.15
CA GLN D 157 -15.06 -42.37 -31.74
C GLN D 157 -16.16 -42.47 -30.66
N GLN D 158 -15.76 -42.60 -29.37
CA GLN D 158 -16.68 -42.65 -28.24
C GLN D 158 -17.29 -41.24 -28.03
N SER D 159 -16.47 -40.19 -28.20
CA SER D 159 -16.90 -38.79 -28.06
C SER D 159 -17.74 -38.34 -29.24
N PHE D 160 -17.49 -38.95 -30.44
CA PHE D 160 -18.17 -38.63 -31.70
C PHE D 160 -18.65 -39.90 -32.43
N PRO D 161 -19.74 -40.55 -31.91
CA PRO D 161 -20.23 -41.79 -32.52
C PRO D 161 -20.86 -41.69 -33.91
N GLY D 162 -21.25 -40.49 -34.31
CA GLY D 162 -21.89 -40.25 -35.60
C GLY D 162 -20.89 -39.98 -36.72
N ILE D 163 -19.69 -39.51 -36.35
CA ILE D 163 -18.60 -39.14 -37.27
C ILE D 163 -17.63 -40.32 -37.50
N GLU D 164 -17.07 -40.42 -38.73
CA GLU D 164 -16.07 -41.44 -39.09
C GLU D 164 -14.70 -40.89 -38.66
N VAL D 165 -14.21 -41.33 -37.50
CA VAL D 165 -12.95 -40.90 -36.89
C VAL D 165 -11.75 -41.73 -37.36
N THR D 166 -10.76 -41.06 -38.00
CA THR D 166 -9.57 -41.71 -38.53
C THR D 166 -8.26 -41.02 -38.11
N VAL D 167 -7.66 -41.51 -37.01
CA VAL D 167 -6.39 -40.97 -36.52
C VAL D 167 -5.22 -41.85 -37.00
N LYS D 168 -4.19 -41.20 -37.57
CA LYS D 168 -2.99 -41.84 -38.11
C LYS D 168 -1.71 -41.10 -37.70
N ALA D 169 -0.60 -41.85 -37.61
CA ALA D 169 0.71 -41.29 -37.31
C ALA D 169 1.20 -40.67 -38.62
N LYS D 170 1.68 -39.40 -38.56
CA LYS D 170 2.12 -38.60 -39.71
C LYS D 170 0.99 -38.45 -40.74
N ALA D 171 -0.21 -38.08 -40.24
CA ALA D 171 -1.43 -37.90 -41.02
C ALA D 171 -1.39 -36.68 -41.91
N ASP D 172 -0.70 -35.60 -41.47
CA ASP D 172 -0.55 -34.35 -42.22
C ASP D 172 0.05 -34.59 -43.62
N ALA D 173 0.93 -35.60 -43.74
CA ALA D 173 1.60 -36.02 -44.97
C ALA D 173 0.67 -36.84 -45.89
N LEU D 174 -0.42 -37.39 -45.34
CA LEU D 174 -1.37 -38.23 -46.08
C LEU D 174 -2.65 -37.49 -46.48
N TYR D 175 -3.16 -36.60 -45.61
CA TYR D 175 -4.40 -35.86 -45.86
C TYR D 175 -4.19 -34.34 -45.92
N PRO D 176 -4.71 -33.68 -46.98
CA PRO D 176 -4.51 -32.22 -47.10
C PRO D 176 -5.24 -31.33 -46.08
N VAL D 177 -6.27 -31.87 -45.37
CA VAL D 177 -7.00 -31.14 -44.31
C VAL D 177 -6.19 -31.07 -43.00
N VAL D 178 -5.42 -32.13 -42.72
CA VAL D 178 -4.56 -32.25 -41.53
C VAL D 178 -3.34 -31.35 -41.75
N SER D 179 -2.86 -31.25 -43.02
CA SER D 179 -1.72 -30.44 -43.43
C SER D 179 -2.05 -28.97 -43.25
N ALA D 180 -3.27 -28.56 -43.64
CA ALA D 180 -3.79 -27.19 -43.52
C ALA D 180 -3.98 -26.82 -42.04
N ALA D 181 -4.35 -27.81 -41.21
CA ALA D 181 -4.53 -27.66 -39.77
C ALA D 181 -3.17 -27.47 -39.09
N SER D 182 -2.11 -28.11 -39.64
CA SER D 182 -0.74 -28.01 -39.13
C SER D 182 -0.15 -26.62 -39.36
N ILE D 183 -0.44 -26.02 -40.52
CA ILE D 183 0.01 -24.66 -40.89
C ILE D 183 -0.71 -23.66 -39.99
N CYS D 184 -2.04 -23.79 -39.89
CA CYS D 184 -2.94 -22.97 -39.08
C CYS D 184 -2.45 -22.92 -37.62
N ALA D 185 -2.01 -24.08 -37.08
CA ALA D 185 -1.49 -24.21 -35.72
C ALA D 185 -0.11 -23.57 -35.57
N LYS D 186 0.87 -23.91 -36.46
CA LYS D 186 2.25 -23.38 -36.45
C LYS D 186 2.30 -21.86 -36.58
N VAL D 187 1.42 -21.28 -37.41
CA VAL D 187 1.31 -19.82 -37.64
C VAL D 187 0.84 -19.17 -36.33
N ALA D 188 -0.22 -19.73 -35.72
CA ALA D 188 -0.80 -19.26 -34.45
C ALA D 188 0.16 -19.45 -33.26
N ARG D 189 0.89 -20.58 -33.20
CA ARG D 189 1.81 -20.88 -32.10
C ARG D 189 2.99 -19.89 -32.01
N ASP D 190 3.72 -19.68 -33.12
CA ASP D 190 4.88 -18.78 -33.13
C ASP D 190 4.51 -17.31 -32.99
N GLN D 191 3.27 -16.94 -33.38
CA GLN D 191 2.76 -15.57 -33.25
C GLN D 191 2.41 -15.31 -31.78
N ALA D 192 1.67 -16.24 -31.14
CA ALA D 192 1.24 -16.19 -29.73
C ALA D 192 2.41 -16.10 -28.76
N VAL D 193 3.53 -16.80 -29.06
CA VAL D 193 4.73 -16.78 -28.22
C VAL D 193 5.51 -15.46 -28.37
N LYS D 194 5.51 -14.87 -29.58
CA LYS D 194 6.18 -13.60 -29.86
C LYS D 194 5.42 -12.45 -29.21
N LYS D 195 4.12 -12.30 -29.53
CA LYS D 195 3.26 -11.23 -29.02
C LYS D 195 2.62 -11.51 -27.62
N TRP D 196 3.20 -12.46 -26.84
CA TRP D 196 2.71 -12.85 -25.50
C TRP D 196 2.62 -11.70 -24.50
N GLN D 197 1.46 -11.59 -23.83
CA GLN D 197 1.16 -10.58 -22.82
C GLN D 197 1.40 -11.17 -21.43
N PHE D 198 2.52 -10.77 -20.80
CA PHE D 198 2.95 -11.20 -19.47
C PHE D 198 2.06 -10.60 -18.42
N VAL D 199 1.36 -11.45 -17.66
CA VAL D 199 0.44 -11.05 -16.59
C VAL D 199 1.17 -10.30 -15.46
N GLU D 200 2.48 -10.63 -15.26
CA GLU D 200 3.38 -10.04 -14.28
C GLU D 200 3.88 -8.66 -14.69
N LYS D 201 3.98 -7.73 -13.71
CA LYS D 201 4.47 -6.36 -13.90
C LYS D 201 5.99 -6.29 -13.60
N LEU D 202 6.74 -7.28 -14.12
CA LEU D 202 8.20 -7.42 -13.92
C LEU D 202 9.02 -6.41 -14.74
N GLN D 203 10.16 -5.97 -14.17
CA GLN D 203 11.08 -5.01 -14.77
C GLN D 203 11.98 -5.65 -15.85
N ASP D 204 12.12 -4.95 -17.00
CA ASP D 204 12.93 -5.32 -18.16
C ASP D 204 12.62 -6.72 -18.72
N LEU D 205 11.57 -6.79 -19.57
CA LEU D 205 11.17 -8.04 -20.20
C LEU D 205 12.12 -8.29 -21.37
N ASP D 206 12.87 -9.43 -21.32
CA ASP D 206 13.86 -9.79 -22.33
C ASP D 206 13.31 -10.01 -23.74
N THR D 207 12.15 -10.70 -23.87
CA THR D 207 11.46 -11.04 -25.13
C THR D 207 12.29 -11.87 -26.13
N ASP D 208 13.55 -12.17 -25.76
CA ASP D 208 14.50 -12.96 -26.55
C ASP D 208 14.64 -14.38 -25.98
N TYR D 209 13.49 -15.05 -25.81
CA TYR D 209 13.41 -16.43 -25.31
C TYR D 209 13.69 -17.43 -26.44
N GLY D 210 13.43 -17.00 -27.67
CA GLY D 210 13.64 -17.79 -28.87
C GLY D 210 12.47 -18.69 -29.22
N SER D 211 12.77 -19.97 -29.50
CA SER D 211 11.78 -20.99 -29.87
C SER D 211 10.86 -21.35 -28.71
N GLY D 212 11.44 -21.41 -27.51
CA GLY D 212 10.74 -21.79 -26.29
C GLY D 212 10.95 -23.25 -25.94
N TYR D 213 11.60 -24.00 -26.86
CA TYR D 213 11.90 -25.42 -26.71
C TYR D 213 12.97 -25.67 -25.64
N PRO D 214 12.95 -26.85 -24.95
CA PRO D 214 13.94 -27.09 -23.88
C PRO D 214 15.42 -26.97 -24.25
N ASN D 215 15.85 -27.62 -25.35
CA ASN D 215 17.24 -27.64 -25.82
C ASN D 215 17.84 -26.29 -26.25
N ASP D 216 16.99 -25.34 -26.71
CA ASP D 216 17.36 -24.00 -27.20
C ASP D 216 18.29 -23.21 -26.24
N PRO D 217 19.39 -22.59 -26.75
CA PRO D 217 20.30 -21.83 -25.86
C PRO D 217 19.69 -20.54 -25.33
N LYS D 218 18.93 -19.80 -26.18
CA LYS D 218 18.24 -18.55 -25.84
C LYS D 218 17.22 -18.76 -24.71
N THR D 219 16.56 -19.94 -24.71
CA THR D 219 15.55 -20.37 -23.74
C THR D 219 16.20 -20.64 -22.37
N LYS D 220 17.27 -21.48 -22.33
CA LYS D 220 18.04 -21.83 -21.12
C LYS D 220 18.68 -20.58 -20.50
N ALA D 221 18.92 -19.55 -21.33
CA ALA D 221 19.46 -18.26 -20.92
C ALA D 221 18.35 -17.49 -20.22
N TRP D 222 17.15 -17.42 -20.84
CA TRP D 222 15.97 -16.74 -20.30
C TRP D 222 15.46 -17.40 -19.03
N LEU D 223 15.59 -18.75 -18.94
CA LEU D 223 15.18 -19.54 -17.78
C LEU D 223 16.05 -19.23 -16.58
N LYS D 224 17.39 -19.19 -16.76
CA LYS D 224 18.36 -18.89 -15.69
C LYS D 224 18.30 -17.43 -15.24
N GLU D 225 18.03 -16.51 -16.18
CA GLU D 225 17.93 -15.06 -15.92
C GLU D 225 16.68 -14.70 -15.10
N HIS D 226 15.51 -15.29 -15.45
CA HIS D 226 14.23 -15.00 -14.80
C HIS D 226 13.77 -16.03 -13.77
N VAL D 227 14.53 -16.12 -12.65
CA VAL D 227 14.22 -17.01 -11.52
C VAL D 227 14.06 -16.12 -10.28
N GLU D 228 12.99 -16.33 -9.51
CA GLU D 228 12.79 -15.60 -8.26
C GLU D 228 12.83 -16.64 -7.15
N PRO D 229 13.57 -16.40 -6.03
CA PRO D 229 13.64 -17.41 -4.96
C PRO D 229 12.28 -17.87 -4.42
N VAL D 230 11.32 -16.92 -4.28
CA VAL D 230 9.97 -17.18 -3.77
C VAL D 230 9.00 -17.70 -4.84
N PHE D 231 8.64 -16.84 -5.81
CA PHE D 231 7.67 -17.15 -6.87
C PHE D 231 8.11 -18.17 -7.91
N GLY D 232 9.42 -18.38 -8.03
CA GLY D 232 9.98 -19.33 -8.97
C GLY D 232 10.15 -18.77 -10.37
N PHE D 233 9.05 -18.69 -11.11
CA PHE D 233 9.04 -18.21 -12.50
C PHE D 233 7.77 -17.42 -12.82
N PRO D 234 7.74 -16.62 -13.94
CA PRO D 234 6.47 -16.00 -14.34
C PRO D 234 5.51 -17.07 -14.94
N GLN D 235 4.18 -16.79 -14.98
CA GLN D 235 3.13 -17.71 -15.48
C GLN D 235 3.42 -18.32 -16.88
N PHE D 236 4.15 -17.58 -17.74
CA PHE D 236 4.55 -17.94 -19.11
C PHE D 236 5.40 -19.23 -19.18
N VAL D 237 5.95 -19.66 -18.03
CA VAL D 237 6.81 -20.85 -17.89
C VAL D 237 5.96 -22.08 -17.57
N ARG D 238 6.18 -23.21 -18.29
CA ARG D 238 5.47 -24.47 -18.00
C ARG D 238 6.08 -25.14 -16.77
N PHE D 239 5.41 -25.00 -15.62
CA PHE D 239 5.85 -25.54 -14.33
C PHE D 239 5.85 -27.08 -14.23
N SER D 240 5.14 -27.76 -15.15
CA SER D 240 5.05 -29.22 -15.18
C SER D 240 6.32 -29.86 -15.73
N TRP D 241 6.96 -29.18 -16.70
CA TRP D 241 8.17 -29.64 -17.37
C TRP D 241 9.29 -29.94 -16.40
N ARG D 242 10.04 -31.02 -16.67
CA ARG D 242 11.17 -31.45 -15.83
C ARG D 242 12.32 -30.44 -15.87
N THR D 243 12.48 -29.70 -16.98
CA THR D 243 13.52 -28.68 -17.08
C THR D 243 13.26 -27.51 -16.11
N ALA D 244 11.99 -27.14 -15.92
CA ALA D 244 11.58 -26.07 -15.01
C ALA D 244 11.53 -26.56 -13.55
N GLN D 245 10.92 -27.74 -13.32
CA GLN D 245 10.77 -28.36 -11.99
C GLN D 245 12.11 -28.67 -11.30
N THR D 246 13.10 -29.20 -12.08
CA THR D 246 14.43 -29.57 -11.59
C THR D 246 15.15 -28.36 -11.01
N ILE D 247 15.12 -27.21 -11.71
CA ILE D 247 15.81 -26.03 -11.22
C ILE D 247 15.19 -25.36 -10.00
N LEU D 248 13.84 -25.37 -9.90
CA LEU D 248 13.09 -24.81 -8.76
C LEU D 248 13.37 -25.55 -7.46
N GLU D 249 13.50 -26.89 -7.53
CA GLU D 249 13.77 -27.79 -6.40
C GLU D 249 15.16 -27.54 -5.78
N LYS D 250 16.14 -27.12 -6.61
CA LYS D 250 17.50 -26.85 -6.18
C LYS D 250 17.79 -25.35 -5.97
N GLU D 251 17.59 -24.52 -7.02
CA GLU D 251 17.86 -23.07 -6.98
C GLU D 251 16.92 -22.26 -6.09
N ALA D 252 15.60 -22.25 -6.40
CA ALA D 252 14.58 -21.49 -5.65
C ALA D 252 14.27 -22.12 -4.28
N GLU D 253 13.67 -21.31 -3.37
CA GLU D 253 13.29 -21.68 -1.99
C GLU D 253 12.38 -22.90 -1.95
N ASP D 254 12.50 -23.67 -0.87
CA ASP D 254 11.72 -24.89 -0.64
C ASP D 254 10.25 -24.56 -0.36
N VAL D 255 9.30 -25.33 -0.97
CA VAL D 255 7.85 -25.17 -0.79
C VAL D 255 7.15 -26.53 -0.53
N ILE D 256 6.38 -26.64 0.58
CA ILE D 256 5.66 -27.86 0.93
C ILE D 256 4.12 -27.70 0.92
N TRP D 257 3.42 -28.58 0.17
CA TRP D 257 1.96 -28.60 0.02
C TRP D 257 1.33 -29.78 0.80
N GLU D 258 -0.02 -29.81 0.93
CA GLU D 258 -0.78 -30.86 1.63
C GLU D 258 -0.66 -32.24 0.97
N ASP D 259 -0.25 -32.28 -0.32
CA ASP D 259 -0.07 -33.52 -1.08
C ASP D 259 1.37 -33.70 -1.59
N SER D 260 2.31 -32.84 -1.11
CA SER D 260 3.71 -32.86 -1.51
C SER D 260 4.45 -34.16 -1.18
N ALA D 261 4.10 -34.80 -0.05
CA ALA D 261 4.71 -36.03 0.48
C ALA D 261 6.25 -35.93 0.56
N SER D 262 6.75 -35.39 1.71
CA SER D 262 8.15 -35.13 2.04
C SER D 262 8.81 -34.11 1.10
N SER D 287 -4.91 -31.51 24.64
CA SER D 287 -5.87 -30.43 24.38
C SER D 287 -7.27 -30.97 24.10
N HIS D 288 -8.32 -30.18 24.43
CA HIS D 288 -9.72 -30.55 24.23
C HIS D 288 -10.12 -30.59 22.75
N ARG D 289 -11.28 -31.21 22.45
CA ARG D 289 -11.84 -31.34 21.11
C ARG D 289 -11.97 -30.00 20.39
N TYR D 290 -12.50 -28.96 21.09
CA TYR D 290 -12.70 -27.61 20.57
C TYR D 290 -11.41 -27.00 20.04
N PHE D 291 -10.33 -27.04 20.85
CA PHE D 291 -9.04 -26.47 20.49
C PHE D 291 -8.35 -27.22 19.36
N LEU D 292 -8.35 -28.58 19.39
CA LEU D 292 -7.73 -29.43 18.38
C LEU D 292 -8.36 -29.25 16.99
N GLU D 293 -9.70 -29.16 16.94
CA GLU D 293 -10.44 -28.97 15.70
C GLU D 293 -10.20 -27.60 15.05
N ARG D 294 -9.79 -26.59 15.84
CA ARG D 294 -9.54 -25.24 15.33
C ARG D 294 -8.04 -24.87 15.25
N GLY D 295 -7.18 -25.86 15.50
CA GLY D 295 -5.72 -25.74 15.46
C GLY D 295 -5.18 -24.72 16.43
N LEU D 296 -5.79 -24.62 17.63
CA LEU D 296 -5.43 -23.66 18.67
C LEU D 296 -4.66 -24.26 19.83
N GLU D 297 -3.55 -23.60 20.18
CA GLU D 297 -2.67 -23.95 21.29
C GLU D 297 -2.31 -22.63 21.99
N SER D 298 -1.83 -22.71 23.24
CA SER D 298 -1.41 -21.50 23.94
C SER D 298 0.02 -21.16 23.52
N ALA D 299 0.31 -19.87 23.29
CA ALA D 299 1.63 -19.39 22.89
C ALA D 299 2.63 -19.61 24.03
N THR D 300 3.89 -19.95 23.68
CA THR D 300 4.94 -20.23 24.66
C THR D 300 6.28 -19.51 24.39
N SER D 301 6.51 -19.05 23.14
CA SER D 301 7.75 -18.37 22.77
C SER D 301 7.57 -16.92 22.33
N LEU D 302 6.63 -16.67 21.39
CA LEU D 302 6.31 -15.36 20.78
C LEU D 302 7.48 -14.79 19.96
N MET E 4 14.51 -13.86 10.58
CA MET E 4 13.40 -12.90 10.56
C MET E 4 12.06 -13.59 10.91
N ARG E 5 11.17 -12.86 11.62
CA ARG E 5 9.84 -13.32 12.03
C ARG E 5 8.88 -12.14 12.25
N GLN E 6 7.66 -12.23 11.68
CA GLN E 6 6.56 -11.26 11.81
C GLN E 6 5.38 -11.93 12.51
N HIS E 7 4.74 -11.22 13.44
CA HIS E 7 3.62 -11.78 14.20
C HIS E 7 2.30 -11.19 13.78
N VAL E 8 1.37 -12.06 13.38
CA VAL E 8 0.02 -11.67 12.99
C VAL E 8 -0.86 -11.85 14.22
N PHE E 9 -1.40 -10.73 14.74
CA PHE E 9 -2.19 -10.69 15.97
C PHE E 9 -3.62 -10.23 15.79
N LEU E 10 -4.57 -10.84 16.54
CA LEU E 10 -5.98 -10.43 16.57
C LEU E 10 -6.32 -9.96 17.98
N VAL E 11 -6.07 -8.66 18.21
CA VAL E 11 -6.25 -7.92 19.46
C VAL E 11 -7.64 -7.26 19.41
N SER E 12 -8.14 -6.73 20.55
CA SER E 12 -9.41 -6.01 20.59
C SER E 12 -9.22 -4.62 19.94
N GLU E 13 -10.32 -4.01 19.45
CA GLU E 13 -10.32 -2.70 18.80
C GLU E 13 -9.84 -1.59 19.75
N TYR E 14 -10.43 -1.54 20.96
CA TYR E 14 -10.19 -0.55 22.01
C TYR E 14 -8.77 -0.50 22.59
N LEU E 15 -8.02 -1.62 22.52
CA LEU E 15 -6.64 -1.71 23.03
C LEU E 15 -5.64 -0.71 22.43
N LYS E 16 -5.94 -0.17 21.23
CA LYS E 16 -5.11 0.80 20.50
C LYS E 16 -4.83 2.10 21.27
N ASP E 17 -5.74 2.50 22.18
CA ASP E 17 -5.63 3.73 22.99
C ASP E 17 -5.36 3.44 24.46
N MET E 22 -0.96 6.75 29.48
CA MET E 22 0.34 6.36 30.00
C MET E 22 1.24 5.75 28.93
N LYS E 23 2.56 6.03 29.03
CA LYS E 23 3.59 5.53 28.11
C LYS E 23 3.84 4.05 28.31
N ASN E 24 3.68 3.25 27.23
CA ASN E 24 3.87 1.80 27.17
C ASN E 24 3.11 1.04 28.28
N GLY E 25 1.78 1.16 28.25
CA GLY E 25 0.88 0.53 29.22
C GLY E 25 0.72 -0.96 29.03
N LEU E 26 0.99 -1.46 27.81
CA LEU E 26 0.89 -2.87 27.44
C LEU E 26 2.24 -3.57 27.45
N MET E 27 2.25 -4.86 27.84
CA MET E 27 3.43 -5.73 27.88
C MET E 27 3.05 -7.20 27.81
N PHE E 28 3.84 -7.99 27.05
CA PHE E 28 3.63 -9.43 26.96
C PHE E 28 4.43 -10.02 28.10
N VAL E 29 3.80 -10.88 28.91
CA VAL E 29 4.47 -11.47 30.07
C VAL E 29 4.39 -13.01 30.12
N LYS E 30 5.46 -13.67 30.60
CA LYS E 30 5.49 -15.12 30.72
C LYS E 30 5.07 -15.59 32.12
N LEU E 31 3.98 -16.35 32.18
CA LEU E 31 3.40 -16.91 33.40
C LEU E 31 3.10 -18.41 33.24
N VAL E 32 2.77 -19.09 34.36
CA VAL E 32 2.45 -20.52 34.37
C VAL E 32 1.12 -20.85 33.70
N ASN E 33 1.04 -22.02 33.07
CA ASN E 33 -0.19 -22.52 32.47
C ASN E 33 -0.92 -23.28 33.60
N PRO E 34 -2.12 -22.83 34.01
CA PRO E 34 -2.81 -23.48 35.14
C PRO E 34 -3.27 -24.92 34.88
N CYS E 35 -3.47 -25.26 33.59
CA CYS E 35 -3.88 -26.58 33.12
C CYS E 35 -2.76 -27.61 33.35
N SER E 36 -1.51 -27.24 33.00
CA SER E 36 -0.34 -28.10 33.14
C SER E 36 0.61 -27.60 34.26
N GLY E 37 1.40 -26.58 33.95
CA GLY E 37 2.37 -25.99 34.87
C GLY E 37 3.63 -25.56 34.15
N GLU E 38 3.52 -25.38 32.83
CA GLU E 38 4.62 -24.95 31.97
C GLU E 38 4.46 -23.47 31.57
N GLY E 39 5.43 -22.95 30.82
CA GLY E 39 5.43 -21.57 30.34
C GLY E 39 4.33 -21.26 29.36
N ALA E 40 3.71 -20.07 29.52
CA ALA E 40 2.64 -19.57 28.64
C ALA E 40 2.69 -18.06 28.58
N ILE E 41 2.55 -17.51 27.37
CA ILE E 41 2.57 -16.07 27.14
C ILE E 41 1.19 -15.45 27.44
N TYR E 42 1.20 -14.30 28.13
CA TYR E 42 0.01 -13.54 28.48
C TYR E 42 0.25 -12.07 28.14
N LEU E 43 -0.82 -11.30 27.96
CA LEU E 43 -0.75 -9.88 27.68
C LEU E 43 -1.41 -9.12 28.84
N PHE E 44 -0.62 -8.34 29.60
CA PHE E 44 -1.10 -7.57 30.73
C PHE E 44 -1.21 -6.07 30.40
N ASN E 45 -2.36 -5.45 30.68
CA ASN E 45 -2.58 -4.02 30.49
C ASN E 45 -2.48 -3.34 31.84
N MET E 46 -1.38 -2.61 32.08
CA MET E 46 -1.13 -1.89 33.35
C MET E 46 -2.09 -0.74 33.61
N CYS E 47 -2.43 0.05 32.58
CA CYS E 47 -3.32 1.23 32.62
C CYS E 47 -4.71 0.99 33.25
N LEU E 48 -5.28 -0.23 33.10
CA LEU E 48 -6.59 -0.57 33.64
C LEU E 48 -6.58 -1.88 34.45
N GLN E 49 -5.38 -2.49 34.61
CA GLN E 49 -5.13 -3.75 35.32
C GLN E 49 -5.98 -4.90 34.74
N GLN E 50 -5.63 -5.32 33.51
CA GLN E 50 -6.31 -6.37 32.74
C GLN E 50 -5.37 -7.51 32.44
N LEU E 51 -5.93 -8.72 32.33
CA LEU E 51 -5.19 -9.93 31.99
C LEU E 51 -5.82 -10.59 30.76
N PHE E 52 -4.97 -10.97 29.81
CA PHE E 52 -5.37 -11.62 28.56
C PHE E 52 -4.49 -12.83 28.32
N GLU E 53 -5.00 -13.84 27.60
CA GLU E 53 -4.22 -15.02 27.26
C GLU E 53 -3.93 -15.07 25.77
N VAL E 54 -2.69 -15.46 25.42
CA VAL E 54 -2.29 -15.55 24.02
C VAL E 54 -2.39 -17.01 23.54
N LYS E 55 -3.28 -17.21 22.56
CA LYS E 55 -3.55 -18.49 21.90
C LYS E 55 -3.14 -18.34 20.43
N VAL E 56 -2.51 -19.39 19.87
CA VAL E 56 -2.02 -19.39 18.48
C VAL E 56 -2.69 -20.40 17.56
N PHE E 57 -2.97 -19.97 16.33
CA PHE E 57 -3.49 -20.85 15.31
C PHE E 57 -2.26 -21.46 14.61
N LYS E 58 -2.12 -22.80 14.69
CA LYS E 58 -1.01 -23.53 14.07
C LYS E 58 -1.56 -24.75 13.36
N GLU E 59 -1.28 -24.85 12.05
CA GLU E 59 -1.70 -25.93 11.17
C GLU E 59 -0.61 -26.15 10.14
N LYS E 60 -0.36 -27.42 9.77
CA LYS E 60 0.62 -27.76 8.76
C LYS E 60 0.25 -27.19 7.39
N HIS E 61 1.27 -26.87 6.57
CA HIS E 61 1.18 -26.32 5.20
C HIS E 61 0.43 -25.01 5.14
N HIS E 62 1.09 -23.91 5.58
CA HIS E 62 0.54 -22.54 5.61
C HIS E 62 1.63 -21.48 5.57
N SER E 63 1.34 -20.33 4.92
CA SER E 63 2.26 -19.20 4.81
C SER E 63 1.53 -17.90 4.60
N TRP E 64 2.08 -16.80 5.14
CA TRP E 64 1.54 -15.47 4.97
C TRP E 64 2.31 -14.72 3.89
N PHE E 65 1.63 -13.77 3.24
CA PHE E 65 2.23 -12.79 2.32
C PHE E 65 1.83 -11.48 3.00
N ILE E 66 2.81 -10.78 3.58
CA ILE E 66 2.54 -9.49 4.23
C ILE E 66 3.07 -8.44 3.26
N ASN E 67 2.16 -7.67 2.65
CA ASN E 67 2.47 -6.67 1.63
C ASN E 67 3.48 -7.25 0.63
N GLN E 68 4.75 -6.83 0.73
CA GLN E 68 5.83 -7.27 -0.15
C GLN E 68 6.87 -8.15 0.56
N SER E 69 6.38 -9.06 1.42
CA SER E 69 7.21 -10.01 2.17
C SER E 69 6.53 -11.39 2.25
N VAL E 70 7.21 -12.37 2.88
CA VAL E 70 6.70 -13.72 3.05
C VAL E 70 6.96 -14.14 4.48
N GLN E 71 5.94 -14.72 5.14
CA GLN E 71 6.10 -15.24 6.48
C GLN E 71 5.95 -16.75 6.45
N SER E 72 7.05 -17.48 6.74
CA SER E 72 7.08 -18.94 6.78
C SER E 72 6.00 -19.47 7.73
N GLY E 73 5.82 -18.77 8.86
CA GLY E 73 4.84 -19.09 9.88
C GLY E 73 3.46 -19.49 9.37
N GLY E 74 2.63 -18.50 9.13
CA GLY E 74 1.24 -18.76 8.71
C GLY E 74 0.36 -18.77 9.94
N LEU E 75 1.01 -18.73 11.14
CA LEU E 75 0.39 -18.72 12.46
C LEU E 75 -0.35 -17.42 12.70
N LEU E 76 -1.47 -17.53 13.41
CA LEU E 76 -2.32 -16.40 13.75
C LEU E 76 -2.52 -16.39 15.27
N HIS E 77 -2.05 -15.32 15.92
CA HIS E 77 -2.12 -15.13 17.36
C HIS E 77 -3.43 -14.43 17.75
N PHE E 78 -3.94 -14.75 18.97
CA PHE E 78 -5.18 -14.20 19.51
C PHE E 78 -5.01 -13.65 20.92
N ALA E 79 -5.19 -12.32 21.10
CA ALA E 79 -5.11 -11.63 22.40
C ALA E 79 -6.52 -11.62 23.01
N THR E 80 -6.87 -12.76 23.63
CA THR E 80 -8.19 -13.03 24.21
C THR E 80 -8.24 -12.96 25.74
N PRO E 81 -9.33 -12.41 26.36
CA PRO E 81 -9.37 -12.32 27.84
C PRO E 81 -9.47 -13.64 28.58
N VAL E 82 -8.86 -13.68 29.77
CA VAL E 82 -8.84 -14.84 30.65
C VAL E 82 -9.29 -14.43 32.07
N ASP E 83 -10.04 -15.30 32.76
CA ASP E 83 -10.50 -15.04 34.11
C ASP E 83 -9.31 -15.28 35.04
N PRO E 84 -8.88 -14.26 35.83
CA PRO E 84 -7.69 -14.41 36.69
C PRO E 84 -7.76 -15.51 37.75
N LEU E 85 -8.97 -16.01 38.06
CA LEU E 85 -9.18 -17.06 39.07
C LEU E 85 -8.33 -18.28 38.80
N PHE E 86 -8.38 -18.83 37.57
CA PHE E 86 -7.61 -19.99 37.12
C PHE E 86 -6.12 -19.83 37.42
N LEU E 87 -5.60 -18.61 37.25
CA LEU E 87 -4.21 -18.27 37.53
C LEU E 87 -3.97 -18.24 39.04
N LEU E 88 -4.91 -17.64 39.81
CA LEU E 88 -4.82 -17.55 41.28
C LEU E 88 -4.88 -18.95 41.89
N LEU E 89 -5.84 -19.78 41.42
CA LEU E 89 -6.10 -21.16 41.83
C LEU E 89 -4.82 -21.98 41.93
N HIS E 90 -3.96 -21.91 40.88
CA HIS E 90 -2.69 -22.63 40.79
C HIS E 90 -1.80 -22.41 42.02
N TYR E 91 -1.57 -21.13 42.39
CA TYR E 91 -0.74 -20.78 43.54
C TYR E 91 -1.41 -21.05 44.88
N LEU E 92 -2.75 -21.16 44.90
CA LEU E 92 -3.51 -21.45 46.11
C LEU E 92 -3.36 -22.91 46.53
N ILE E 93 -3.35 -23.85 45.55
CA ILE E 93 -3.15 -25.28 45.77
C ILE E 93 -1.71 -25.53 46.24
N LYS E 94 -0.73 -24.81 45.63
CA LYS E 94 0.69 -24.88 45.96
C LYS E 94 0.95 -24.48 47.43
N ALA E 95 0.15 -23.53 47.95
CA ALA E 95 0.24 -23.03 49.32
C ALA E 95 -0.61 -23.85 50.31
N ASP E 96 -1.65 -24.55 49.79
CA ASP E 96 -2.59 -25.39 50.56
C ASP E 96 -1.90 -26.53 51.33
N LYS E 97 -0.84 -27.12 50.73
CA LYS E 97 -0.08 -28.23 51.32
C LYS E 97 0.67 -27.81 52.59
N GLU E 98 1.70 -26.94 52.46
CA GLU E 98 2.50 -26.45 53.58
C GLU E 98 1.69 -25.47 54.43
N GLY E 99 1.19 -25.97 55.57
CA GLY E 99 0.37 -25.21 56.51
C GLY E 99 -0.95 -24.73 55.94
N LYS E 100 -1.53 -23.68 56.56
CA LYS E 100 -2.80 -23.06 56.15
C LYS E 100 -2.89 -21.58 56.57
N PHE E 101 -3.89 -20.84 55.99
CA PHE E 101 -4.20 -19.42 56.22
C PHE E 101 -2.97 -18.49 56.05
N GLN E 102 -2.64 -18.16 54.79
CA GLN E 102 -1.50 -17.32 54.41
C GLN E 102 -1.94 -16.09 53.61
N PRO E 103 -1.36 -14.88 53.83
CA PRO E 103 -1.75 -13.72 53.01
C PRO E 103 -1.23 -13.83 51.58
N LEU E 104 -1.82 -13.05 50.64
CA LEU E 104 -1.47 -13.05 49.22
C LEU E 104 0.03 -12.93 48.93
N ASP E 105 0.74 -12.10 49.73
CA ASP E 105 2.18 -11.83 49.63
C ASP E 105 3.06 -13.08 49.54
N GLN E 106 2.80 -14.09 50.41
CA GLN E 106 3.58 -15.34 50.46
C GLN E 106 2.90 -16.48 49.72
N VAL E 107 1.59 -16.38 49.47
CA VAL E 107 0.81 -17.40 48.76
C VAL E 107 1.06 -17.39 47.26
N VAL E 108 1.27 -16.19 46.66
CA VAL E 108 1.53 -16.02 45.22
C VAL E 108 3.03 -15.77 44.99
N VAL E 109 3.82 -16.85 45.03
CA VAL E 109 5.28 -16.81 44.81
C VAL E 109 5.73 -17.88 43.81
N ASP E 110 6.71 -17.53 42.95
CA ASP E 110 7.29 -18.42 41.96
C ASP E 110 8.69 -17.96 41.58
N ASN E 111 9.69 -18.83 41.80
CA ASN E 111 11.09 -18.58 41.50
C ASN E 111 11.32 -18.63 39.98
N VAL E 112 10.62 -19.56 39.29
CA VAL E 112 10.71 -19.78 37.85
C VAL E 112 10.01 -18.66 37.06
N PHE E 113 8.84 -18.20 37.55
CA PHE E 113 8.04 -17.14 36.94
C PHE E 113 7.80 -16.01 37.97
N PRO E 114 8.78 -15.10 38.18
CA PRO E 114 8.59 -14.04 39.20
C PRO E 114 7.56 -12.96 38.87
N ASN E 115 6.98 -13.00 37.65
CA ASN E 115 5.99 -12.02 37.19
C ASN E 115 4.57 -12.29 37.69
N CYS E 116 4.43 -13.28 38.59
CA CYS E 116 3.18 -13.67 39.23
C CYS E 116 2.68 -12.57 40.20
N ILE E 117 3.53 -11.56 40.48
CA ILE E 117 3.22 -10.43 41.38
C ILE E 117 2.13 -9.55 40.77
N LEU E 118 2.06 -9.48 39.43
CA LEU E 118 1.07 -8.72 38.66
C LEU E 118 -0.37 -9.14 38.98
N LEU E 119 -0.55 -10.39 39.46
CA LEU E 119 -1.84 -10.95 39.86
C LEU E 119 -2.40 -10.22 41.07
N LEU E 120 -1.51 -9.85 42.02
CA LEU E 120 -1.86 -9.11 43.24
C LEU E 120 -2.36 -7.70 42.91
N LYS E 121 -1.87 -7.12 41.81
CA LYS E 121 -2.21 -5.80 41.30
C LYS E 121 -3.59 -5.71 40.61
N LEU E 122 -4.28 -6.86 40.40
CA LEU E 122 -5.61 -6.90 39.76
C LEU E 122 -6.69 -6.19 40.61
N PRO E 123 -7.69 -5.50 39.99
CA PRO E 123 -8.71 -4.81 40.81
C PRO E 123 -9.76 -5.72 41.40
N GLY E 124 -10.22 -5.37 42.61
CA GLY E 124 -11.24 -6.09 43.36
C GLY E 124 -10.86 -7.52 43.69
N LEU E 125 -9.58 -7.74 44.08
CA LEU E 125 -9.00 -9.04 44.40
C LEU E 125 -9.77 -9.82 45.47
N GLU E 126 -10.21 -9.13 46.55
CA GLU E 126 -10.99 -9.72 47.65
C GLU E 126 -12.30 -10.37 47.15
N LYS E 127 -13.04 -9.65 46.28
CA LYS E 127 -14.30 -10.11 45.68
C LYS E 127 -14.09 -11.40 44.88
N LEU E 128 -12.99 -11.47 44.10
CA LEU E 128 -12.64 -12.65 43.31
C LEU E 128 -12.27 -13.87 44.18
N LEU E 129 -11.41 -13.64 45.20
CA LEU E 129 -10.95 -14.67 46.14
C LEU E 129 -12.07 -15.37 46.91
N HIS E 130 -13.22 -14.68 47.12
CA HIS E 130 -14.42 -15.17 47.81
C HIS E 130 -14.93 -16.51 47.27
N HIS E 131 -14.94 -16.66 45.93
CA HIS E 131 -15.42 -17.85 45.21
C HIS E 131 -14.58 -19.09 45.50
N VAL E 132 -13.28 -18.91 45.78
CA VAL E 132 -12.32 -20.01 46.01
C VAL E 132 -11.87 -20.17 47.47
N THR E 133 -11.66 -19.07 48.21
CA THR E 133 -11.26 -19.12 49.62
C THR E 133 -12.45 -19.18 50.57
N LYS E 145 -3.83 -9.80 55.18
CA LYS E 145 -5.02 -10.61 55.43
C LYS E 145 -4.77 -12.05 55.00
N TYR E 146 -4.82 -13.00 55.95
CA TYR E 146 -4.58 -14.42 55.69
C TYR E 146 -5.71 -15.06 54.88
N TYR E 147 -5.33 -15.93 53.93
CA TYR E 147 -6.24 -16.63 53.02
C TYR E 147 -5.90 -18.11 52.95
N LYS E 148 -6.93 -18.97 52.82
CA LYS E 148 -6.73 -20.42 52.72
C LYS E 148 -7.63 -21.05 51.67
N TYR E 149 -7.06 -21.98 50.87
CA TYR E 149 -7.77 -22.69 49.82
C TYR E 149 -8.78 -23.69 50.37
N SER E 150 -9.99 -23.66 49.80
CA SER E 150 -11.10 -24.55 50.17
C SER E 150 -11.63 -25.23 48.90
N LYS E 151 -11.41 -26.56 48.80
CA LYS E 151 -11.83 -27.40 47.68
C LYS E 151 -13.34 -27.35 47.41
N GLU E 152 -14.17 -27.25 48.48
CA GLU E 152 -15.64 -27.21 48.41
C GLU E 152 -16.20 -25.99 47.65
N LYS E 153 -15.68 -24.79 47.97
CA LYS E 153 -16.10 -23.51 47.36
C LYS E 153 -15.74 -23.47 45.87
N THR E 154 -14.52 -23.92 45.54
CA THR E 154 -13.95 -23.98 44.18
C THR E 154 -14.84 -24.77 43.24
N LEU E 155 -15.33 -25.96 43.68
CA LEU E 155 -16.21 -26.83 42.90
C LEU E 155 -17.52 -26.13 42.56
N LYS E 156 -18.08 -25.35 43.51
CA LYS E 156 -19.32 -24.60 43.34
C LYS E 156 -19.15 -23.48 42.30
N TRP E 157 -17.95 -22.85 42.26
CA TRP E 157 -17.62 -21.80 41.30
C TRP E 157 -17.40 -22.39 39.89
N LEU E 158 -16.66 -23.52 39.79
CA LEU E 158 -16.39 -24.23 38.53
C LEU E 158 -17.70 -24.72 37.91
N GLU E 159 -18.64 -25.20 38.75
CA GLU E 159 -19.97 -25.65 38.33
C GLU E 159 -20.69 -24.48 37.66
N LYS E 160 -20.57 -23.27 38.24
CA LYS E 160 -21.15 -22.03 37.71
C LYS E 160 -20.47 -21.63 36.40
N LYS E 161 -19.15 -21.90 36.29
CA LYS E 161 -18.35 -21.63 35.09
C LYS E 161 -18.79 -22.50 33.91
N VAL E 162 -19.04 -23.81 34.16
CA VAL E 162 -19.53 -24.79 33.16
C VAL E 162 -20.91 -24.32 32.63
N ASN E 163 -21.79 -23.88 33.56
CA ASN E 163 -23.13 -23.37 33.25
C ASN E 163 -23.05 -22.08 32.42
N GLN E 164 -21.97 -21.30 32.60
CA GLN E 164 -21.73 -20.05 31.88
C GLN E 164 -21.29 -20.33 30.42
N THR E 165 -20.34 -21.28 30.24
CA THR E 165 -19.79 -21.67 28.93
C THR E 165 -20.82 -22.36 28.05
N VAL E 166 -21.68 -23.22 28.68
CA VAL E 166 -22.73 -23.98 28.02
C VAL E 166 -23.77 -23.11 27.28
N ALA E 167 -23.98 -21.86 27.76
CA ALA E 167 -24.89 -20.89 27.16
C ALA E 167 -24.25 -20.22 25.93
N ALA E 168 -22.91 -20.04 25.97
CA ALA E 168 -22.10 -19.45 24.89
C ALA E 168 -21.99 -20.41 23.71
N LEU E 169 -21.85 -21.73 24.00
CA LEU E 169 -21.76 -22.81 23.01
C LEU E 169 -23.09 -22.95 22.25
N LYS E 170 -24.21 -22.64 22.94
CA LYS E 170 -25.57 -22.66 22.38
C LYS E 170 -25.73 -21.53 21.37
N THR E 171 -25.14 -20.34 21.66
CA THR E 171 -25.16 -19.16 20.80
C THR E 171 -24.21 -19.37 19.59
N ASN E 172 -23.22 -20.25 19.76
CA ASN E 172 -22.25 -20.60 18.72
C ASN E 172 -22.50 -22.02 18.16
N ASN E 173 -21.48 -22.62 17.52
CA ASN E 173 -21.55 -23.96 16.94
C ASN E 173 -21.06 -25.01 17.94
N VAL E 174 -21.63 -26.22 17.88
CA VAL E 174 -21.30 -27.35 18.74
C VAL E 174 -21.25 -28.64 17.93
N LYS E 195 -27.97 -32.91 22.33
CA LYS E 195 -28.36 -33.40 23.65
C LYS E 195 -27.80 -32.52 24.77
N GLU E 196 -28.64 -32.25 25.78
CA GLU E 196 -28.30 -31.42 26.94
C GLU E 196 -27.24 -32.05 27.86
N GLU E 197 -27.19 -33.40 27.92
CA GLU E 197 -26.21 -34.14 28.73
C GLU E 197 -24.81 -34.05 28.12
N ASP E 198 -24.70 -34.13 26.77
CA ASP E 198 -23.46 -34.04 26.00
C ASP E 198 -22.88 -32.62 26.06
N TYR E 199 -23.78 -31.61 26.20
CA TYR E 199 -23.47 -30.20 26.33
C TYR E 199 -22.66 -29.90 27.61
N ILE E 200 -22.88 -30.71 28.67
CA ILE E 200 -22.19 -30.60 29.96
C ILE E 200 -20.73 -31.09 29.83
N ARG E 201 -20.54 -32.26 29.17
CA ARG E 201 -19.22 -32.86 28.98
C ARG E 201 -18.29 -32.08 28.06
N TYR E 202 -18.83 -31.44 27.00
CA TYR E 202 -18.06 -30.62 26.07
C TYR E 202 -17.57 -29.36 26.81
N ALA E 203 -18.43 -28.81 27.69
CA ALA E 203 -18.13 -27.66 28.53
C ALA E 203 -17.12 -28.02 29.64
N HIS E 204 -17.19 -29.27 30.14
CA HIS E 204 -16.27 -29.79 31.17
C HIS E 204 -14.86 -29.96 30.62
N GLY E 205 -14.76 -30.46 29.38
CA GLY E 205 -13.49 -30.66 28.68
C GLY E 205 -12.74 -29.37 28.41
N LEU E 206 -13.50 -28.31 28.06
CA LEU E 206 -12.98 -26.97 27.80
C LEU E 206 -12.43 -26.33 29.08
N ILE E 207 -13.15 -26.49 30.20
CA ILE E 207 -12.75 -25.96 31.51
C ILE E 207 -11.53 -26.69 32.06
N SER E 208 -11.45 -28.04 31.85
CA SER E 208 -10.33 -28.88 32.31
C SER E 208 -9.00 -28.47 31.66
N ASP E 209 -9.07 -27.60 30.62
CA ASP E 209 -7.92 -27.00 29.92
C ASP E 209 -7.48 -25.69 30.60
N TYR E 210 -7.97 -25.44 31.83
CA TYR E 210 -7.65 -24.28 32.66
C TYR E 210 -7.40 -24.66 34.14
N ILE E 211 -7.63 -25.95 34.50
CA ILE E 211 -7.44 -26.48 35.86
C ILE E 211 -6.51 -27.70 35.91
N PRO E 212 -5.76 -27.92 37.04
CA PRO E 212 -4.84 -29.08 37.10
C PRO E 212 -5.52 -30.44 37.08
N LYS E 213 -4.76 -31.49 36.68
CA LYS E 213 -5.20 -32.90 36.54
C LYS E 213 -5.93 -33.47 37.75
N GLU E 214 -5.46 -33.16 38.98
CA GLU E 214 -6.07 -33.64 40.22
C GLU E 214 -7.39 -32.93 40.59
N LEU E 215 -7.70 -31.81 39.90
CA LEU E 215 -8.93 -31.05 40.08
C LEU E 215 -9.85 -31.27 38.88
N SER E 216 -9.25 -31.54 37.70
CA SER E 216 -9.94 -31.79 36.43
C SER E 216 -10.72 -33.11 36.48
N ASP E 217 -10.22 -34.09 37.27
CA ASP E 217 -10.87 -35.40 37.44
C ASP E 217 -12.19 -35.29 38.22
N ASP E 218 -12.33 -34.23 39.04
CA ASP E 218 -13.54 -33.97 39.82
C ASP E 218 -14.59 -33.29 38.94
N LEU E 219 -15.75 -33.94 38.77
CA LEU E 219 -16.86 -33.43 37.95
C LEU E 219 -18.16 -33.30 38.75
N ALA F 11 15.67 -10.42 36.25
CA ALA F 11 15.03 -11.74 36.16
C ALA F 11 13.55 -11.61 35.76
N ILE F 12 12.83 -10.65 36.39
CA ILE F 12 11.43 -10.36 36.08
C ILE F 12 11.30 -9.71 34.70
N GLU F 13 12.30 -8.90 34.31
CA GLU F 13 12.37 -8.21 33.01
C GLU F 13 12.64 -9.18 31.84
N ARG F 14 13.21 -10.36 32.16
CA ARG F 14 13.53 -11.41 31.18
C ARG F 14 12.25 -12.09 30.65
N HIS F 15 11.20 -12.17 31.48
CA HIS F 15 9.91 -12.79 31.14
C HIS F 15 8.90 -11.80 30.54
N ARG F 16 9.24 -10.49 30.48
CA ARG F 16 8.36 -9.46 29.93
C ARG F 16 8.89 -8.68 28.71
N VAL F 17 8.05 -8.55 27.66
CA VAL F 17 8.35 -7.83 26.42
C VAL F 17 7.35 -6.68 26.28
N HIS F 18 7.83 -5.44 26.41
CA HIS F 18 6.99 -4.24 26.36
C HIS F 18 6.46 -3.92 24.97
N LEU F 19 5.16 -3.62 24.90
CA LEU F 19 4.44 -3.32 23.66
C LEU F 19 4.23 -1.82 23.47
N ARG F 20 4.92 -1.24 22.47
CA ARG F 20 4.87 0.17 22.11
C ARG F 20 3.46 0.57 21.64
N SER F 21 2.79 1.40 22.45
CA SER F 21 1.41 1.86 22.23
C SER F 21 1.22 2.72 20.98
N ALA F 22 2.17 3.63 20.70
CA ALA F 22 2.14 4.56 19.56
C ALA F 22 2.19 3.86 18.22
N THR F 23 2.87 2.68 18.15
CA THR F 23 2.98 1.87 16.93
C THR F 23 1.60 1.39 16.45
N LEU F 24 0.67 1.15 17.40
CA LEU F 24 -0.68 0.73 17.08
C LEU F 24 -1.73 1.85 17.07
N ARG F 25 -1.26 3.09 16.81
CA ARG F 25 -2.13 4.26 16.67
C ARG F 25 -1.94 4.81 15.28
N ASP F 26 -3.03 4.84 14.48
CA ASP F 26 -3.05 5.31 13.08
C ASP F 26 -1.96 4.71 12.18
N ALA F 27 -1.79 3.37 12.26
CA ALA F 27 -0.82 2.60 11.48
C ALA F 27 -1.26 2.49 10.01
N VAL F 28 -0.31 2.21 9.09
CA VAL F 28 -0.55 2.09 7.66
C VAL F 28 -1.21 0.73 7.31
N PRO F 29 -2.31 0.69 6.49
CA PRO F 29 -2.96 -0.59 6.19
C PRO F 29 -2.09 -1.56 5.39
N ALA F 30 -2.08 -2.86 5.82
CA ALA F 30 -1.31 -3.94 5.20
C ALA F 30 -2.19 -4.96 4.45
N THR F 31 -1.66 -5.56 3.36
CA THR F 31 -2.34 -6.57 2.54
C THR F 31 -1.84 -7.97 2.91
N LEU F 32 -2.72 -8.77 3.53
CA LEU F 32 -2.42 -10.13 3.99
C LEU F 32 -3.09 -11.26 3.17
N HIS F 33 -2.26 -12.25 2.77
CA HIS F 33 -2.71 -13.43 2.03
C HIS F 33 -2.26 -14.68 2.78
N LEU F 34 -3.21 -15.58 3.13
CA LEU F 34 -2.89 -16.85 3.79
C LEU F 34 -2.89 -17.93 2.72
N LEU F 35 -1.71 -18.52 2.47
CA LEU F 35 -1.46 -19.51 1.43
C LEU F 35 -1.61 -20.95 1.94
N PRO F 36 -2.12 -21.88 1.10
CA PRO F 36 -2.26 -23.28 1.55
C PRO F 36 -0.94 -24.08 1.57
N CYS F 37 0.19 -23.42 1.24
CA CYS F 37 1.50 -24.07 1.19
C CYS F 37 2.49 -23.44 2.16
N GLU F 38 3.48 -24.23 2.58
CA GLU F 38 4.53 -23.79 3.48
C GLU F 38 5.76 -23.35 2.67
N VAL F 39 6.15 -22.08 2.82
CA VAL F 39 7.29 -21.46 2.13
C VAL F 39 8.43 -21.34 3.17
N ALA F 40 9.47 -22.20 3.02
CA ALA F 40 10.64 -22.30 3.91
C ALA F 40 11.52 -21.04 4.07
N VAL F 41 11.00 -19.86 3.68
CA VAL F 41 11.74 -18.61 3.81
C VAL F 41 10.90 -17.49 4.47
N ASP F 42 11.61 -16.54 5.13
CA ASP F 42 11.05 -15.33 5.74
C ASP F 42 11.89 -14.19 5.20
N GLY F 43 11.24 -13.16 4.70
CA GLY F 43 11.91 -12.00 4.14
C GLY F 43 11.10 -11.36 3.04
N PRO F 44 11.69 -10.50 2.19
CA PRO F 44 10.89 -9.85 1.14
C PRO F 44 10.66 -10.69 -0.12
N ALA F 45 9.62 -10.34 -0.90
CA ALA F 45 9.24 -10.99 -2.17
C ALA F 45 8.42 -10.05 -3.06
N PRO F 46 8.63 -10.07 -4.41
CA PRO F 46 7.88 -9.17 -5.30
C PRO F 46 6.42 -9.61 -5.56
N VAL F 47 5.60 -9.52 -4.51
CA VAL F 47 4.18 -9.87 -4.49
C VAL F 47 3.40 -8.99 -5.50
N GLY F 48 3.68 -7.69 -5.52
CA GLY F 48 3.06 -6.74 -6.45
C GLY F 48 3.49 -6.89 -7.89
N ARG F 49 4.47 -7.77 -8.15
CA ARG F 49 5.02 -8.07 -9.46
C ARG F 49 4.47 -9.39 -9.99
N PHE F 50 4.64 -10.49 -9.21
CA PHE F 50 4.22 -11.85 -9.59
C PHE F 50 2.83 -12.25 -9.12
N PHE F 51 2.46 -11.92 -7.87
CA PHE F 51 1.18 -12.32 -7.31
C PHE F 51 0.02 -11.41 -7.70
N THR F 52 -0.05 -10.17 -7.14
CA THR F 52 -1.12 -9.17 -7.34
C THR F 52 -1.70 -8.99 -8.76
N PRO F 53 -0.91 -8.85 -9.86
CA PRO F 53 -1.55 -8.69 -11.17
C PRO F 53 -2.08 -9.99 -11.78
N ALA F 54 -1.61 -11.15 -11.26
CA ALA F 54 -2.03 -12.48 -11.72
C ALA F 54 -3.37 -12.92 -11.09
N ILE F 55 -3.84 -12.20 -10.05
CA ILE F 55 -5.10 -12.48 -9.37
C ILE F 55 -6.24 -12.14 -10.33
N ARG F 56 -7.15 -13.09 -10.54
CA ARG F 56 -8.28 -12.94 -11.44
C ARG F 56 -9.57 -13.02 -10.68
N GLN F 57 -10.46 -12.04 -10.88
CA GLN F 57 -11.77 -12.02 -10.24
C GLN F 57 -12.70 -12.79 -11.16
N GLY F 58 -12.85 -14.08 -10.87
CA GLY F 58 -13.69 -14.97 -11.65
C GLY F 58 -14.61 -15.78 -10.78
N PRO F 59 -15.86 -15.29 -10.52
CA PRO F 59 -16.79 -16.05 -9.67
C PRO F 59 -17.03 -17.49 -10.13
N GLU F 60 -17.08 -18.48 -9.22
CA GLU F 60 -17.01 -18.31 -7.77
C GLU F 60 -15.59 -18.10 -7.21
N GLY F 61 -15.42 -16.98 -6.50
CA GLY F 61 -14.19 -16.59 -5.83
C GLY F 61 -13.01 -16.19 -6.70
N LEU F 62 -11.99 -15.60 -6.06
CA LEU F 62 -10.75 -15.15 -6.70
C LEU F 62 -9.91 -16.36 -7.11
N GLU F 63 -9.14 -16.21 -8.20
CA GLU F 63 -8.29 -17.28 -8.71
C GLU F 63 -6.91 -16.76 -9.10
N VAL F 64 -5.87 -17.39 -8.56
CA VAL F 64 -4.46 -17.08 -8.86
C VAL F 64 -3.63 -18.38 -8.87
N SER F 65 -2.52 -18.39 -9.59
CA SER F 65 -1.64 -19.56 -9.63
C SER F 65 -0.37 -19.29 -8.85
N PHE F 66 0.08 -20.27 -8.05
CA PHE F 66 1.31 -20.18 -7.28
C PHE F 66 2.15 -21.41 -7.52
N ARG F 67 3.40 -21.19 -8.00
CA ARG F 67 4.39 -22.22 -8.36
C ARG F 67 3.83 -23.26 -9.35
N GLY F 68 2.95 -22.79 -10.24
CA GLY F 68 2.28 -23.57 -11.26
C GLY F 68 1.07 -24.36 -10.78
N ARG F 69 0.59 -24.06 -9.55
CA ARG F 69 -0.56 -24.74 -8.96
C ARG F 69 -1.69 -23.73 -8.74
N CYS F 70 -2.92 -24.14 -9.08
CA CYS F 70 -4.12 -23.31 -8.99
C CYS F 70 -4.58 -23.06 -7.56
N LEU F 71 -4.78 -21.78 -7.21
CA LEU F 71 -5.28 -21.35 -5.91
C LEU F 71 -6.60 -20.63 -6.10
N ARG F 72 -7.53 -20.84 -5.15
CA ARG F 72 -8.85 -20.21 -5.16
C ARG F 72 -9.16 -19.71 -3.78
N GLY F 73 -9.51 -18.42 -3.68
CA GLY F 73 -9.75 -17.80 -2.39
C GLY F 73 -10.80 -16.71 -2.32
N GLU F 74 -11.01 -16.20 -1.08
CA GLU F 74 -11.97 -15.14 -0.77
C GLU F 74 -11.50 -14.22 0.34
N GLU F 75 -12.06 -13.00 0.38
CA GLU F 75 -11.77 -11.97 1.38
C GLU F 75 -12.44 -12.30 2.72
N VAL F 76 -11.67 -12.82 3.68
CA VAL F 76 -12.17 -13.18 5.01
C VAL F 76 -11.99 -11.96 5.94
N ALA F 77 -13.07 -11.51 6.59
CA ALA F 77 -13.05 -10.33 7.45
C ALA F 77 -12.84 -10.63 8.92
N VAL F 78 -12.06 -9.75 9.61
CA VAL F 78 -11.74 -9.84 11.04
C VAL F 78 -13.06 -9.63 11.85
N PRO F 79 -13.43 -10.61 12.71
CA PRO F 79 -14.70 -10.50 13.47
C PRO F 79 -14.94 -9.19 14.20
N PRO F 80 -16.22 -8.71 14.29
CA PRO F 80 -16.49 -7.44 14.98
C PRO F 80 -16.11 -7.47 16.47
N GLY F 81 -15.26 -6.52 16.85
CA GLY F 81 -14.72 -6.39 18.20
C GLY F 81 -13.22 -6.60 18.26
N LEU F 82 -12.63 -7.03 17.12
CA LEU F 82 -11.20 -7.32 16.98
C LEU F 82 -10.52 -6.51 15.85
N VAL F 83 -9.21 -6.29 15.98
CA VAL F 83 -8.37 -5.59 14.99
C VAL F 83 -7.03 -6.35 14.81
N GLY F 84 -6.59 -6.45 13.56
CA GLY F 84 -5.36 -7.12 13.21
C GLY F 84 -4.13 -6.25 13.16
N TYR F 85 -2.98 -6.77 13.61
CA TYR F 85 -1.70 -6.06 13.59
C TYR F 85 -0.59 -6.97 13.10
N VAL F 86 0.44 -6.38 12.47
CA VAL F 86 1.63 -7.08 12.02
C VAL F 86 2.73 -6.50 12.92
N MET F 87 3.07 -7.24 13.98
CA MET F 87 4.02 -6.82 15.00
C MET F 87 5.35 -7.51 14.85
N VAL F 88 6.43 -6.81 15.20
CA VAL F 88 7.78 -7.34 15.11
C VAL F 88 8.58 -7.15 16.43
N THR F 89 9.32 -8.19 16.85
CA THR F 89 10.11 -8.16 18.08
C THR F 89 11.58 -7.79 17.84
N GLU F 90 12.10 -6.89 18.67
CA GLU F 90 13.47 -6.37 18.59
C GLU F 90 14.56 -7.31 19.13
N GLU F 91 14.24 -8.07 20.20
CA GLU F 91 15.17 -9.02 20.83
C GLU F 91 14.47 -10.34 21.13
N PHE F 119 18.56 -2.78 27.83
CA PHE F 119 18.38 -4.15 28.32
C PHE F 119 16.89 -4.62 28.35
N ASP F 120 15.95 -3.71 28.01
CA ASP F 120 14.50 -3.98 27.98
C ASP F 120 14.08 -4.43 26.59
N ARG F 121 13.33 -5.55 26.51
CA ARG F 121 12.80 -6.09 25.25
C ARG F 121 11.59 -5.28 24.79
N PHE F 122 11.49 -5.06 23.47
CA PHE F 122 10.40 -4.30 22.88
C PHE F 122 9.76 -4.94 21.66
N ILE F 123 8.48 -4.61 21.45
CA ILE F 123 7.64 -5.09 20.35
C ILE F 123 6.68 -3.94 19.94
N GLY F 124 6.41 -3.83 18.64
CA GLY F 124 5.53 -2.81 18.12
C GLY F 124 4.86 -3.19 16.82
N ALA F 125 3.65 -2.68 16.60
CA ALA F 125 2.88 -2.94 15.39
C ALA F 125 3.42 -2.11 14.23
N THR F 126 3.86 -2.78 13.15
CA THR F 126 4.39 -2.11 11.96
C THR F 126 3.23 -1.68 11.04
N ALA F 127 2.23 -2.55 10.91
CA ALA F 127 1.04 -2.33 10.08
C ALA F 127 -0.20 -2.99 10.70
N ASN F 128 -1.38 -2.67 10.16
CA ASN F 128 -2.67 -3.20 10.60
C ASN F 128 -3.53 -3.69 9.42
N PHE F 129 -4.61 -4.43 9.71
CA PHE F 129 -5.54 -4.94 8.70
C PHE F 129 -6.92 -5.20 9.30
N SER F 130 -7.97 -5.05 8.47
CA SER F 130 -9.37 -5.27 8.85
C SER F 130 -9.90 -6.58 8.24
N ARG F 131 -9.20 -7.10 7.20
CA ARG F 131 -9.53 -8.33 6.45
C ARG F 131 -8.30 -8.90 5.73
N PHE F 132 -8.31 -10.22 5.50
CA PHE F 132 -7.23 -10.93 4.81
C PHE F 132 -7.80 -11.93 3.79
N THR F 133 -7.09 -12.13 2.67
CA THR F 133 -7.49 -13.09 1.65
C THR F 133 -7.06 -14.50 2.09
N LEU F 134 -7.97 -15.48 2.00
CA LEU F 134 -7.70 -16.87 2.36
C LEU F 134 -7.63 -17.75 1.10
N TRP F 135 -6.50 -18.45 0.89
CA TRP F 135 -6.30 -19.30 -0.29
C TRP F 135 -6.29 -20.79 -0.01
N GLY F 136 -6.78 -21.54 -0.99
CA GLY F 136 -6.85 -23.00 -1.00
C GLY F 136 -6.49 -23.54 -2.36
N LEU F 137 -5.81 -24.71 -2.38
CA LEU F 137 -5.38 -25.42 -3.57
C LEU F 137 -6.62 -25.92 -4.30
N GLU F 138 -6.77 -25.50 -5.56
CA GLU F 138 -7.89 -25.83 -6.47
C GLU F 138 -9.24 -25.23 -6.06
N THR F 139 -9.57 -25.23 -4.76
CA THR F 139 -10.86 -24.74 -4.22
C THR F 139 -10.70 -23.80 -3.02
N ILE F 140 -11.71 -22.94 -2.78
CA ILE F 140 -11.77 -22.03 -1.64
C ILE F 140 -11.98 -22.89 -0.36
N PRO F 141 -11.13 -22.75 0.69
CA PRO F 141 -11.31 -23.57 1.91
C PRO F 141 -12.72 -23.53 2.49
N GLY F 142 -13.28 -24.70 2.73
CA GLY F 142 -14.63 -24.88 3.25
C GLY F 142 -14.82 -24.45 4.70
N PRO F 143 -16.07 -24.55 5.23
CA PRO F 143 -16.31 -24.11 6.62
C PRO F 143 -15.69 -24.97 7.72
N ASP F 144 -15.32 -26.23 7.41
CA ASP F 144 -14.70 -27.16 8.36
C ASP F 144 -13.21 -26.88 8.61
N ALA F 145 -12.64 -25.89 7.86
CA ALA F 145 -11.25 -25.44 7.93
C ALA F 145 -10.96 -24.82 9.30
N LYS F 146 -9.80 -25.19 9.88
CA LYS F 146 -9.35 -24.75 11.20
C LYS F 146 -9.29 -23.23 11.39
N VAL F 147 -8.88 -22.48 10.33
CA VAL F 147 -8.79 -21.01 10.35
C VAL F 147 -10.14 -20.37 10.61
N ARG F 148 -11.17 -20.77 9.83
CA ARG F 148 -12.55 -20.28 9.89
C ARG F 148 -13.12 -20.45 11.31
N GLY F 149 -12.76 -21.55 11.95
CA GLY F 149 -13.17 -21.87 13.32
C GLY F 149 -12.33 -21.13 14.35
N ALA F 150 -11.04 -20.88 14.02
CA ALA F 150 -10.11 -20.16 14.91
C ALA F 150 -10.51 -18.69 15.02
N LEU F 151 -11.12 -18.16 13.94
CA LEU F 151 -11.58 -16.77 13.87
C LEU F 151 -12.83 -16.54 14.74
N THR F 152 -13.54 -17.60 15.11
CA THR F 152 -14.73 -17.51 15.93
C THR F 152 -14.41 -17.61 17.41
N TRP F 153 -13.21 -18.13 17.76
CA TRP F 153 -12.75 -18.29 19.15
C TRP F 153 -12.85 -17.03 20.06
N PRO F 154 -12.36 -15.82 19.67
CA PRO F 154 -12.49 -14.65 20.56
C PRO F 154 -13.92 -14.27 20.96
N SER F 155 -14.91 -14.57 20.09
CA SER F 155 -16.34 -14.32 20.32
C SER F 155 -16.84 -15.26 21.42
N LEU F 156 -16.35 -16.52 21.40
CA LEU F 156 -16.68 -17.57 22.36
C LEU F 156 -16.01 -17.28 23.70
N ALA F 157 -14.67 -17.09 23.69
CA ALA F 157 -13.81 -16.85 24.85
C ALA F 157 -14.25 -15.71 25.77
N ALA F 158 -14.71 -14.58 25.20
CA ALA F 158 -15.17 -13.41 25.94
C ALA F 158 -16.31 -13.73 26.90
N ALA F 159 -17.28 -14.55 26.45
CA ALA F 159 -18.43 -14.97 27.27
C ALA F 159 -18.04 -15.98 28.35
N ILE F 160 -17.17 -16.95 28.00
CA ILE F 160 -16.73 -18.01 28.90
C ILE F 160 -15.73 -17.58 29.99
N HIS F 161 -15.08 -16.41 29.83
CA HIS F 161 -14.08 -15.92 30.78
C HIS F 161 -14.49 -14.74 31.66
N ALA F 162 -15.74 -14.29 31.56
CA ALA F 162 -16.24 -13.20 32.41
C ALA F 162 -16.74 -13.74 33.78
N GLN F 163 -16.98 -12.84 34.75
CA GLN F 163 -17.44 -13.20 36.10
C GLN F 163 -18.94 -13.45 36.15
N VAL F 164 -19.37 -14.25 37.15
CA VAL F 164 -20.76 -14.63 37.39
C VAL F 164 -21.36 -13.81 38.57
N PRO F 165 -22.57 -13.21 38.43
CA PRO F 165 -23.13 -12.40 39.55
C PRO F 165 -23.66 -13.24 40.72
N ASP G 12 10.23 11.42 19.41
CA ASP G 12 9.55 12.39 20.26
C ASP G 12 9.02 13.61 19.47
N ASN G 13 8.94 14.79 20.12
CA ASN G 13 8.42 16.05 19.55
C ASN G 13 9.21 16.59 18.36
N THR G 14 8.49 17.27 17.46
CA THR G 14 8.98 17.86 16.21
C THR G 14 9.63 19.26 16.38
N GLY G 15 9.60 19.80 17.60
CA GLY G 15 10.18 21.11 17.94
C GLY G 15 10.79 21.19 19.33
N ARG G 16 10.93 22.42 19.86
CA ARG G 16 11.47 22.70 21.20
C ARG G 16 10.45 22.45 22.33
N CYS G 17 10.82 21.61 23.31
CA CYS G 17 10.01 21.24 24.47
C CYS G 17 10.65 21.75 25.76
N ARG G 18 9.83 22.06 26.78
CA ARG G 18 10.34 22.57 28.06
C ARG G 18 9.88 21.79 29.28
N LEU G 19 10.84 21.38 30.11
CA LEU G 19 10.58 20.70 31.37
C LEU G 19 10.96 21.66 32.49
N SER G 20 10.35 21.48 33.66
CA SER G 20 10.59 22.38 34.79
C SER G 20 10.32 21.69 36.12
N SER G 21 11.23 21.88 37.08
CA SER G 21 11.06 21.39 38.45
C SER G 21 10.14 22.39 39.16
N PRO G 22 9.42 22.02 40.24
CA PRO G 22 8.59 23.02 40.94
C PRO G 22 9.50 24.10 41.52
N VAL G 23 9.06 25.37 41.48
CA VAL G 23 9.85 26.50 41.97
C VAL G 23 9.82 26.58 43.51
N PRO G 24 10.98 26.41 44.20
CA PRO G 24 10.98 26.50 45.66
C PRO G 24 10.65 27.93 46.11
N ALA G 25 9.84 28.05 47.19
CA ALA G 25 9.39 29.32 47.78
C ALA G 25 10.53 30.29 48.08
N VAL G 26 11.70 29.74 48.48
CA VAL G 26 12.91 30.52 48.77
C VAL G 26 13.50 31.19 47.51
N CYS G 27 13.32 30.54 46.34
CA CYS G 27 13.80 31.02 45.03
C CYS G 27 12.95 32.15 44.43
N ARG G 28 11.83 32.48 45.09
CA ARG G 28 10.91 33.56 44.71
C ARG G 28 11.24 34.84 45.49
N LYS G 29 11.65 34.69 46.78
CA LYS G 29 11.97 35.78 47.71
C LYS G 29 13.45 36.20 47.74
N GLU G 30 14.37 35.22 47.87
CA GLU G 30 15.81 35.46 47.94
C GLU G 30 16.46 35.58 46.55
N PRO G 31 17.42 36.52 46.34
CA PRO G 31 18.08 36.64 45.02
C PRO G 31 18.80 35.35 44.63
N CYS G 32 18.62 34.92 43.37
CA CYS G 32 19.16 33.66 42.86
C CYS G 32 20.38 33.77 41.97
N VAL G 33 21.10 32.64 41.87
CA VAL G 33 22.26 32.41 41.04
C VAL G 33 21.81 31.37 40.02
N LEU G 34 22.08 31.62 38.72
CA LEU G 34 21.69 30.73 37.64
C LEU G 34 22.89 30.18 36.87
N GLY G 35 22.83 28.88 36.57
CA GLY G 35 23.86 28.18 35.81
C GLY G 35 23.32 27.68 34.49
N VAL G 36 24.04 27.91 33.39
CA VAL G 36 23.64 27.51 32.03
C VAL G 36 24.65 26.53 31.41
N ASP G 37 24.17 25.37 30.92
CA ASP G 37 24.97 24.37 30.21
C ASP G 37 24.14 23.46 29.30
N GLU G 38 24.74 23.07 28.15
CA GLU G 38 24.11 22.21 27.15
C GLU G 38 24.78 20.83 26.97
N ALA G 39 24.05 19.91 26.33
CA ALA G 39 24.47 18.56 25.94
C ALA G 39 23.83 18.21 24.60
N GLY G 40 24.42 17.27 23.87
CA GLY G 40 23.91 16.85 22.57
C GLY G 40 24.08 17.84 21.43
N ARG G 41 25.22 18.54 21.38
CA ARG G 41 25.54 19.50 20.32
C ARG G 41 26.12 18.83 19.07
N GLY G 42 26.97 17.83 19.28
CA GLY G 42 27.65 17.10 18.20
C GLY G 42 27.09 15.77 17.70
N PRO G 43 26.10 15.09 18.36
CA PRO G 43 25.61 13.83 17.79
C PRO G 43 24.73 14.05 16.56
N VAL G 44 24.67 13.03 15.69
CA VAL G 44 23.85 13.04 14.47
C VAL G 44 22.42 12.57 14.80
N LEU G 45 22.24 11.95 15.98
CA LEU G 45 20.95 11.43 16.42
C LEU G 45 20.43 12.10 17.69
N GLY G 46 19.11 12.25 17.76
CA GLY G 46 18.42 12.77 18.92
C GLY G 46 18.49 14.27 19.14
N PRO G 47 18.12 14.73 20.35
CA PRO G 47 18.07 16.17 20.60
C PRO G 47 19.28 16.82 21.27
N MET G 48 19.35 18.15 21.13
CA MET G 48 20.34 19.03 21.74
C MET G 48 19.60 19.60 22.93
N VAL G 49 20.02 19.21 24.11
CA VAL G 49 19.38 19.63 25.35
C VAL G 49 20.14 20.78 26.04
N TYR G 50 19.39 21.84 26.42
CA TYR G 50 19.87 22.97 27.18
C TYR G 50 19.25 22.89 28.57
N ALA G 51 20.05 23.13 29.62
CA ALA G 51 19.59 23.07 30.99
C ALA G 51 20.07 24.22 31.83
N ILE G 52 19.27 24.60 32.82
CA ILE G 52 19.56 25.65 33.79
C ILE G 52 19.23 25.14 35.20
N CYS G 53 20.11 25.43 36.18
CA CYS G 53 19.93 25.07 37.59
C CYS G 53 20.06 26.35 38.43
N TYR G 54 19.21 26.52 39.45
CA TYR G 54 19.23 27.72 40.27
C TYR G 54 19.03 27.44 41.77
N CYS G 55 19.60 28.33 42.60
CA CYS G 55 19.51 28.30 44.07
C CYS G 55 19.75 29.71 44.63
N PRO G 56 19.21 30.06 45.84
CA PRO G 56 19.45 31.42 46.38
C PRO G 56 20.92 31.68 46.65
N LEU G 57 21.34 32.95 46.55
CA LEU G 57 22.73 33.36 46.81
C LEU G 57 23.30 32.83 48.16
N PRO G 58 22.58 32.92 49.32
CA PRO G 58 23.16 32.41 50.58
C PRO G 58 23.50 30.91 50.56
N ARG G 59 22.59 30.09 49.99
CA ARG G 59 22.72 28.64 49.93
C ARG G 59 23.71 28.13 48.87
N LEU G 60 24.52 29.03 48.27
CA LEU G 60 25.53 28.69 47.26
C LEU G 60 26.57 27.68 47.78
N ALA G 61 27.09 27.90 49.01
CA ALA G 61 28.06 27.04 49.68
C ALA G 61 27.45 25.66 49.98
N ASP G 62 26.14 25.64 50.32
CA ASP G 62 25.35 24.43 50.60
C ASP G 62 25.30 23.53 49.36
N LEU G 63 25.26 24.16 48.15
CA LEU G 63 25.26 23.46 46.87
C LEU G 63 26.66 22.90 46.58
N GLU G 64 27.73 23.65 46.92
CA GLU G 64 29.12 23.24 46.76
C GLU G 64 29.46 22.04 47.65
N ALA G 65 28.73 21.90 48.79
CA ALA G 65 28.85 20.81 49.77
C ALA G 65 28.40 19.47 49.16
N LEU G 66 27.50 19.53 48.16
CA LEU G 66 27.04 18.39 47.38
C LEU G 66 28.11 18.21 46.29
N LYS G 67 28.51 16.97 46.00
CA LYS G 67 29.53 16.71 44.98
C LYS G 67 28.97 16.64 43.56
N VAL G 68 27.85 17.37 43.30
CA VAL G 68 27.18 17.43 42.00
C VAL G 68 28.05 18.22 41.01
N ALA G 69 29.13 17.59 40.55
CA ALA G 69 30.09 18.17 39.61
C ALA G 69 30.32 17.21 38.44
N ASP G 70 30.17 17.72 37.21
CA ASP G 70 30.32 16.96 35.98
C ASP G 70 31.65 17.20 35.30
N SER G 71 32.48 16.15 35.28
CA SER G 71 33.78 16.09 34.62
C SER G 71 33.63 15.07 33.48
N LYS G 72 34.70 14.86 32.68
CA LYS G 72 34.74 13.82 31.65
C LYS G 72 34.51 12.50 32.41
N THR G 73 33.86 11.51 31.78
CA THR G 73 33.43 10.25 32.39
C THR G 73 32.23 10.46 33.37
N LEU G 74 31.94 9.46 34.23
CA LEU G 74 30.83 9.35 35.19
C LEU G 74 29.75 8.56 34.50
N LEU G 75 29.47 7.33 34.96
CA LEU G 75 28.43 6.48 34.39
C LEU G 75 27.07 7.17 34.46
N GLU G 76 26.17 6.75 33.56
CA GLU G 76 24.80 7.23 33.40
C GLU G 76 24.06 7.24 34.75
N SER G 77 24.32 6.20 35.58
CA SER G 77 23.76 6.00 36.91
C SER G 77 24.33 6.99 37.92
N GLU G 78 25.66 7.28 37.85
CA GLU G 78 26.35 8.21 38.75
C GLU G 78 25.78 9.62 38.60
N ARG G 79 25.54 10.05 37.34
CA ARG G 79 24.94 11.36 37.03
C ARG G 79 23.47 11.39 37.44
N GLU G 80 22.76 10.23 37.37
CA GLU G 80 21.36 10.06 37.79
C GLU G 80 21.26 10.10 39.33
N ARG G 81 22.31 9.63 40.02
CA ARG G 81 22.46 9.61 41.47
C ARG G 81 22.66 11.05 41.98
N LEU G 82 23.56 11.81 41.30
CA LEU G 82 23.84 13.21 41.63
C LEU G 82 22.65 14.12 41.31
N PHE G 83 21.90 13.82 40.22
CA PHE G 83 20.70 14.58 39.85
C PHE G 83 19.60 14.40 40.91
N ALA G 84 19.46 13.17 41.45
CA ALA G 84 18.50 12.83 42.49
C ALA G 84 18.88 13.51 43.81
N LYS G 85 20.20 13.67 44.07
CA LYS G 85 20.72 14.32 45.27
C LYS G 85 20.26 15.78 45.34
N MET G 86 20.25 16.48 44.19
CA MET G 86 19.82 17.88 44.13
C MET G 86 18.30 18.06 44.02
N GLU G 87 17.59 17.04 43.53
CA GLU G 87 16.13 17.07 43.43
C GLU G 87 15.48 17.05 44.82
N ASP G 88 16.07 16.31 45.79
CA ASP G 88 15.52 16.22 47.15
C ASP G 88 15.69 17.53 47.95
N THR G 89 16.74 18.32 47.66
CA THR G 89 16.99 19.60 48.35
C THR G 89 15.90 20.61 48.01
N ASP G 90 15.29 21.22 49.06
CA ASP G 90 14.21 22.19 48.90
C ASP G 90 14.68 23.60 48.48
N PHE G 91 15.97 23.77 48.13
CA PHE G 91 16.53 25.06 47.73
C PHE G 91 17.03 25.15 46.26
N VAL G 92 17.20 24.00 45.59
CA VAL G 92 17.68 23.91 44.20
C VAL G 92 16.51 23.60 43.25
N GLY G 93 16.51 24.31 42.12
CA GLY G 93 15.52 24.16 41.05
C GLY G 93 16.19 24.04 39.69
N TRP G 94 15.49 23.47 38.71
CA TRP G 94 16.02 23.29 37.36
C TRP G 94 14.96 23.46 36.26
N ALA G 95 15.41 23.67 35.01
CA ALA G 95 14.56 23.80 33.82
C ALA G 95 15.26 23.26 32.58
N LEU G 96 14.50 22.62 31.69
CA LEU G 96 14.99 22.04 30.45
C LEU G 96 14.47 22.73 29.21
N ASP G 97 15.18 22.55 28.10
CA ASP G 97 14.80 22.98 26.76
C ASP G 97 15.34 21.91 25.80
N VAL G 98 14.45 20.95 25.46
CA VAL G 98 14.77 19.84 24.57
C VAL G 98 14.53 20.27 23.12
N LEU G 99 15.61 20.62 22.41
CA LEU G 99 15.59 21.06 21.03
C LEU G 99 15.74 19.86 20.09
N SER G 100 14.64 19.48 19.43
CA SER G 100 14.52 18.34 18.54
C SER G 100 15.50 18.32 17.35
N PRO G 101 15.94 17.12 16.88
CA PRO G 101 16.80 17.06 15.68
C PRO G 101 16.12 17.69 14.47
N ASN G 102 14.76 17.56 14.40
CA ASN G 102 13.90 18.12 13.35
C ASN G 102 14.01 19.64 13.32
N LEU G 103 13.95 20.30 14.50
CA LEU G 103 14.09 21.75 14.62
C LEU G 103 15.51 22.18 14.27
N ILE G 104 16.53 21.34 14.60
CA ILE G 104 17.94 21.59 14.28
C ILE G 104 18.12 21.52 12.75
N SER G 105 17.55 20.48 12.09
CA SER G 105 17.64 20.27 10.65
C SER G 105 16.97 21.38 9.84
N THR G 106 15.69 21.66 10.12
CA THR G 106 14.91 22.67 9.42
C THR G 106 15.56 24.06 9.45
N SER G 107 16.05 24.48 10.63
CA SER G 107 16.72 25.76 10.86
C SER G 107 17.98 25.87 10.00
N MET G 108 18.85 24.87 10.08
CA MET G 108 20.11 24.81 9.35
C MET G 108 19.92 24.63 7.84
N LEU G 109 18.83 23.97 7.42
CA LEU G 109 18.57 23.74 5.99
C LEU G 109 17.50 24.70 5.43
N GLY G 110 17.20 25.77 6.17
CA GLY G 110 16.20 26.75 5.75
C GLY G 110 16.63 27.64 4.59
N ARG G 111 15.70 28.49 4.09
CA ARG G 111 15.96 29.48 3.01
C ARG G 111 17.21 30.32 3.32
N VAL G 112 17.37 30.68 4.61
CA VAL G 112 18.53 31.34 5.19
C VAL G 112 19.00 30.46 6.35
N LYS G 113 20.25 29.98 6.30
CA LYS G 113 20.81 29.09 7.33
C LYS G 113 20.86 29.76 8.70
N TYR G 114 20.12 29.18 9.63
CA TYR G 114 20.09 29.60 11.01
C TYR G 114 21.07 28.62 11.65
N ASN G 115 22.36 29.03 11.77
CA ASN G 115 23.44 28.18 12.25
C ASN G 115 23.26 27.57 13.65
N LEU G 116 24.04 26.51 13.94
CA LEU G 116 24.01 25.81 15.21
C LEU G 116 24.31 26.71 16.41
N ASN G 117 25.32 27.59 16.28
CA ASN G 117 25.71 28.50 17.35
C ASN G 117 24.60 29.51 17.71
N SER G 118 23.96 30.16 16.69
CA SER G 118 22.85 31.10 16.85
C SER G 118 21.67 30.40 17.52
N LEU G 119 21.35 29.19 17.06
CA LEU G 119 20.30 28.33 17.57
C LEU G 119 20.53 28.00 19.06
N SER G 120 21.79 27.69 19.44
CA SER G 120 22.20 27.38 20.81
C SER G 120 22.05 28.61 21.74
N HIS G 121 22.63 29.75 21.31
CA HIS G 121 22.62 31.04 21.98
C HIS G 121 21.19 31.54 22.17
N ASP G 122 20.32 31.33 21.15
CA ASP G 122 18.93 31.76 21.22
C ASP G 122 18.07 30.87 22.11
N THR G 123 18.57 29.66 22.46
CA THR G 123 17.92 28.70 23.34
C THR G 123 18.28 29.04 24.77
N ALA G 124 19.59 29.35 25.03
CA ALA G 124 20.12 29.74 26.34
C ALA G 124 19.34 30.94 26.86
N THR G 125 19.15 31.97 25.99
CA THR G 125 18.41 33.19 26.28
C THR G 125 16.95 32.88 26.66
N GLY G 126 16.35 31.95 25.93
CA GLY G 126 15.00 31.47 26.15
C GLY G 126 14.83 30.79 27.50
N LEU G 127 15.87 30.08 27.96
CA LEU G 127 15.84 29.40 29.25
C LEU G 127 15.89 30.36 30.43
N ILE G 128 16.78 31.39 30.37
CA ILE G 128 16.94 32.43 31.38
C ILE G 128 15.63 33.22 31.48
N GLN G 129 14.99 33.53 30.32
CA GLN G 129 13.69 34.21 30.30
C GLN G 129 12.61 33.34 30.94
N TYR G 130 12.52 32.05 30.53
CA TYR G 130 11.58 31.09 31.08
C TYR G 130 11.72 30.97 32.61
N ALA G 131 12.96 30.94 33.14
CA ALA G 131 13.22 30.88 34.58
C ALA G 131 12.60 32.09 35.29
N LEU G 132 12.75 33.30 34.69
CA LEU G 132 12.17 34.54 35.20
C LEU G 132 10.64 34.47 35.12
N ASP G 133 10.09 33.83 34.06
CA ASP G 133 8.65 33.65 33.86
C ASP G 133 8.01 32.73 34.93
N GLN G 134 8.83 31.82 35.52
CA GLN G 134 8.41 30.88 36.56
C GLN G 134 8.38 31.55 37.95
N GLY G 135 8.86 32.81 38.02
CA GLY G 135 8.86 33.61 39.24
C GLY G 135 10.15 33.60 40.04
N VAL G 136 11.27 33.19 39.40
CA VAL G 136 12.60 33.11 40.01
C VAL G 136 13.26 34.50 40.04
N ASN G 137 13.82 34.89 41.21
CA ASN G 137 14.49 36.18 41.41
C ASN G 137 15.93 36.10 40.92
N VAL G 138 16.12 36.03 39.58
CA VAL G 138 17.46 35.93 38.98
C VAL G 138 18.22 37.27 39.05
N THR G 139 19.42 37.24 39.67
CA THR G 139 20.31 38.40 39.83
C THR G 139 21.70 38.15 39.21
N GLN G 140 22.19 36.89 39.23
CA GLN G 140 23.48 36.48 38.68
C GLN G 140 23.33 35.28 37.77
N VAL G 141 23.92 35.37 36.56
CA VAL G 141 23.88 34.34 35.53
C VAL G 141 25.30 33.90 35.14
N PHE G 142 25.51 32.58 35.11
CA PHE G 142 26.79 31.94 34.76
C PHE G 142 26.56 30.96 33.62
N VAL G 143 27.22 31.21 32.47
CA VAL G 143 27.07 30.42 31.25
C VAL G 143 28.38 29.75 30.84
N ASP G 144 28.31 28.43 30.57
CA ASP G 144 29.45 27.65 30.08
C ASP G 144 29.44 27.76 28.58
N THR G 145 30.58 28.09 28.00
CA THR G 145 30.73 28.20 26.55
C THR G 145 31.87 27.32 26.05
N VAL G 146 31.63 26.65 24.91
CA VAL G 146 32.60 25.80 24.18
C VAL G 146 33.77 26.64 23.66
N GLY G 147 33.57 27.95 23.61
CA GLY G 147 34.54 28.93 23.16
C GLY G 147 33.85 30.23 22.83
N MET G 148 34.64 31.31 22.65
CA MET G 148 34.16 32.67 22.31
C MET G 148 33.31 33.34 23.43
N PRO G 149 33.80 33.45 24.70
CA PRO G 149 32.98 34.13 25.73
C PRO G 149 32.68 35.60 25.39
N GLU G 150 33.73 36.37 25.05
CA GLU G 150 33.70 37.81 24.73
C GLU G 150 32.44 38.42 24.08
N THR G 151 32.14 38.06 22.82
CA THR G 151 30.98 38.60 22.09
C THR G 151 29.65 38.06 22.57
N TYR G 152 29.65 36.80 23.02
CA TYR G 152 28.48 36.08 23.54
C TYR G 152 27.87 36.79 24.77
N GLN G 153 28.72 37.25 25.71
CA GLN G 153 28.31 37.96 26.93
C GLN G 153 27.60 39.28 26.63
N ALA G 154 28.18 40.10 25.72
CA ALA G 154 27.64 41.39 25.29
C ALA G 154 26.18 41.27 24.80
N ARG G 155 25.86 40.16 24.10
CA ARG G 155 24.53 39.85 23.60
C ARG G 155 23.58 39.54 24.75
N LEU G 156 24.04 38.71 25.72
CA LEU G 156 23.29 38.29 26.91
C LEU G 156 23.10 39.42 27.90
N GLN G 157 24.00 40.41 27.89
CA GLN G 157 23.86 41.60 28.72
C GLN G 157 22.88 42.57 28.05
N GLN G 158 22.85 42.60 26.70
CA GLN G 158 21.90 43.42 25.93
C GLN G 158 20.49 42.86 26.13
N SER G 159 20.38 41.50 26.20
CA SER G 159 19.12 40.77 26.39
C SER G 159 18.59 41.01 27.79
N PHE G 160 19.46 40.93 28.81
CA PHE G 160 19.09 41.11 30.21
C PHE G 160 19.87 42.28 30.85
N PRO G 161 19.47 43.55 30.55
CA PRO G 161 20.19 44.70 31.10
C PRO G 161 20.31 44.79 32.61
N GLY G 162 19.34 44.19 33.32
CA GLY G 162 19.30 44.17 34.79
C GLY G 162 20.07 43.04 35.46
N ILE G 163 20.14 41.86 34.83
CA ILE G 163 20.81 40.69 35.39
C ILE G 163 22.36 40.73 35.22
N GLU G 164 23.10 40.17 36.21
CA GLU G 164 24.56 40.08 36.19
C GLU G 164 24.96 38.85 35.36
N VAL G 165 25.45 39.08 34.13
CA VAL G 165 25.84 38.03 33.18
C VAL G 165 27.35 37.73 33.21
N THR G 166 27.71 36.43 33.26
CA THR G 166 29.10 35.97 33.29
C THR G 166 29.25 34.73 32.41
N VAL G 167 29.85 34.90 31.21
CA VAL G 167 30.08 33.76 30.33
C VAL G 167 31.57 33.41 30.32
N LYS G 168 31.92 32.20 30.77
CA LYS G 168 33.31 31.77 30.82
C LYS G 168 33.46 30.39 30.20
N ALA G 169 34.56 30.18 29.47
CA ALA G 169 34.89 28.89 28.86
C ALA G 169 35.32 27.94 29.98
N LYS G 170 34.82 26.69 29.94
CA LYS G 170 35.09 25.64 30.94
C LYS G 170 34.52 26.04 32.31
N ALA G 171 33.35 26.75 32.31
CA ALA G 171 32.64 27.22 33.50
C ALA G 171 32.06 26.06 34.31
N ASP G 172 31.83 24.90 33.66
CA ASP G 172 31.31 23.68 34.29
C ASP G 172 32.25 23.12 35.36
N ALA G 173 33.56 23.39 35.22
CA ALA G 173 34.62 22.98 36.16
C ALA G 173 35.04 24.15 37.07
N LEU G 174 34.32 25.30 36.97
CA LEU G 174 34.58 26.53 37.72
C LEU G 174 33.50 26.86 38.75
N TYR G 175 32.23 26.87 38.31
CA TYR G 175 31.10 27.23 39.15
C TYR G 175 30.12 26.08 39.40
N PRO G 176 29.86 25.74 40.69
CA PRO G 176 28.91 24.66 41.01
C PRO G 176 27.54 24.70 40.33
N VAL G 177 26.92 25.90 40.16
CA VAL G 177 25.60 26.04 39.48
C VAL G 177 25.62 25.55 38.03
N VAL G 178 26.73 25.78 37.33
CA VAL G 178 26.94 25.38 35.94
C VAL G 178 27.08 23.84 35.86
N SER G 179 27.86 23.22 36.77
CA SER G 179 28.06 21.78 36.85
C SER G 179 26.74 21.03 37.09
N ALA G 180 25.89 21.58 37.97
CA ALA G 180 24.56 21.07 38.30
C ALA G 180 23.67 21.19 37.05
N ALA G 181 23.82 22.30 36.29
CA ALA G 181 23.09 22.54 35.03
C ALA G 181 23.50 21.49 34.00
N SER G 182 24.82 21.26 33.87
CA SER G 182 25.44 20.29 32.96
C SER G 182 24.94 18.85 33.23
N ILE G 183 24.71 18.50 34.51
CA ILE G 183 24.22 17.19 34.91
C ILE G 183 22.79 16.93 34.40
N CYS G 184 21.88 17.93 34.52
CA CYS G 184 20.52 17.83 34.01
C CYS G 184 20.57 17.62 32.49
N ALA G 185 21.37 18.45 31.79
CA ALA G 185 21.52 18.40 30.34
C ALA G 185 21.96 17.03 29.88
N LYS G 186 23.01 16.46 30.49
CA LYS G 186 23.54 15.13 30.17
C LYS G 186 22.53 14.02 30.48
N VAL G 187 21.82 14.10 31.63
CA VAL G 187 20.82 13.09 31.99
C VAL G 187 19.60 13.08 31.07
N ALA G 188 19.00 14.25 30.83
CA ALA G 188 17.83 14.42 29.99
C ALA G 188 18.11 14.10 28.52
N ARG G 189 19.37 14.27 28.05
CA ARG G 189 19.73 13.95 26.67
C ARG G 189 19.81 12.44 26.45
N ASP G 190 20.40 11.69 27.40
CA ASP G 190 20.51 10.24 27.31
C ASP G 190 19.18 9.52 27.47
N GLN G 191 18.31 10.05 28.34
CA GLN G 191 16.97 9.50 28.60
C GLN G 191 16.03 9.75 27.42
N ALA G 192 16.27 10.83 26.64
CA ALA G 192 15.46 11.16 25.46
C ALA G 192 15.83 10.29 24.26
N VAL G 193 17.13 9.96 24.13
CA VAL G 193 17.69 9.11 23.08
C VAL G 193 17.30 7.64 23.28
N LYS G 194 17.50 7.11 24.51
CA LYS G 194 17.17 5.72 24.86
C LYS G 194 15.65 5.45 24.74
N LYS G 195 14.82 6.39 25.22
CA LYS G 195 13.36 6.25 25.20
C LYS G 195 12.69 7.11 24.09
N TRP G 196 13.34 7.20 22.91
CA TRP G 196 12.84 7.97 21.76
C TRP G 196 11.57 7.34 21.16
N GLN G 197 10.57 8.18 20.88
CA GLN G 197 9.28 7.76 20.31
C GLN G 197 9.11 8.30 18.88
N PHE G 198 9.59 7.51 17.88
CA PHE G 198 9.54 7.83 16.45
C PHE G 198 8.15 8.23 15.98
N VAL G 199 8.06 9.39 15.30
CA VAL G 199 6.82 9.96 14.73
C VAL G 199 6.36 9.00 13.61
N GLU G 200 7.35 8.52 12.83
CA GLU G 200 7.25 7.61 11.69
C GLU G 200 6.83 6.18 12.06
N LYS G 201 6.03 5.54 11.18
CA LYS G 201 5.53 4.17 11.31
C LYS G 201 6.47 3.27 10.51
N LEU G 202 7.68 3.07 11.05
CA LEU G 202 8.77 2.31 10.44
C LEU G 202 8.50 0.79 10.27
N GLN G 203 9.25 0.14 9.36
CA GLN G 203 9.17 -1.30 9.09
C GLN G 203 10.12 -2.09 9.99
N ASP G 204 11.43 -1.74 9.99
CA ASP G 204 12.46 -2.36 10.83
C ASP G 204 12.59 -1.46 12.07
N LEU G 205 12.16 -1.96 13.23
CA LEU G 205 12.16 -1.17 14.46
C LEU G 205 13.42 -1.37 15.33
N ASP G 206 14.62 -1.18 14.74
CA ASP G 206 15.91 -1.30 15.45
C ASP G 206 16.15 -0.08 16.38
N THR G 207 16.57 -0.34 17.63
CA THR G 207 16.84 0.68 18.65
C THR G 207 18.34 0.71 19.04
N ASP G 208 19.16 -0.16 18.41
CA ASP G 208 20.60 -0.24 18.69
C ASP G 208 21.40 0.79 17.87
N TYR G 209 21.22 2.07 18.22
CA TYR G 209 21.85 3.20 17.54
C TYR G 209 23.01 3.87 18.27
N GLY G 210 23.40 3.32 19.42
CA GLY G 210 24.52 3.81 20.22
C GLY G 210 24.30 5.18 20.82
N SER G 211 25.41 5.95 20.97
CA SER G 211 25.39 7.28 21.56
C SER G 211 24.77 8.37 20.67
N GLY G 212 24.75 8.12 19.37
CA GLY G 212 24.26 9.06 18.38
C GLY G 212 25.39 9.88 17.79
N TYR G 213 26.59 9.79 18.38
CA TYR G 213 27.77 10.49 17.90
C TYR G 213 28.28 9.87 16.61
N PRO G 214 28.62 10.70 15.59
CA PRO G 214 29.04 10.16 14.29
C PRO G 214 30.22 9.17 14.28
N ASN G 215 31.07 9.18 15.33
CA ASN G 215 32.24 8.30 15.46
C ASN G 215 31.90 6.88 16.01
N ASP G 216 30.79 6.77 16.79
CA ASP G 216 30.27 5.53 17.40
C ASP G 216 30.06 4.44 16.33
N PRO G 217 30.40 3.14 16.59
CA PRO G 217 30.21 2.10 15.55
C PRO G 217 28.74 1.74 15.27
N LYS G 218 27.90 1.73 16.32
CA LYS G 218 26.47 1.41 16.24
C LYS G 218 25.75 2.46 15.40
N THR G 219 26.02 3.75 15.68
CA THR G 219 25.45 4.92 15.01
C THR G 219 25.74 4.88 13.51
N LYS G 220 27.01 4.67 13.12
CA LYS G 220 27.45 4.57 11.73
C LYS G 220 26.69 3.46 10.99
N ALA G 221 26.52 2.30 11.65
CA ALA G 221 25.85 1.12 11.09
C ALA G 221 24.34 1.31 10.96
N TRP G 222 23.68 1.84 12.01
CA TRP G 222 22.22 2.08 12.06
C TRP G 222 21.80 2.99 10.91
N LEU G 223 22.57 4.06 10.65
CA LEU G 223 22.30 5.02 9.59
C LEU G 223 22.29 4.35 8.23
N LYS G 224 23.38 3.64 7.86
CA LYS G 224 23.57 2.91 6.60
C LYS G 224 22.53 1.80 6.36
N GLU G 225 21.90 1.28 7.44
CA GLU G 225 20.88 0.22 7.40
C GLU G 225 19.49 0.80 7.20
N HIS G 226 19.20 1.95 7.85
CA HIS G 226 17.90 2.62 7.81
C HIS G 226 17.85 3.79 6.82
N VAL G 227 18.31 3.57 5.57
CA VAL G 227 18.26 4.59 4.53
C VAL G 227 17.04 4.28 3.65
N GLU G 228 16.18 5.28 3.46
CA GLU G 228 15.01 5.17 2.60
C GLU G 228 15.26 6.02 1.34
N PRO G 229 15.21 5.43 0.12
CA PRO G 229 15.51 6.20 -1.10
C PRO G 229 14.73 7.49 -1.36
N VAL G 230 13.50 7.64 -0.81
CA VAL G 230 12.67 8.82 -1.05
C VAL G 230 12.80 9.81 0.11
N PHE G 231 12.49 9.35 1.33
CA PHE G 231 12.45 10.18 2.53
C PHE G 231 13.80 10.37 3.21
N GLY G 232 14.75 9.50 2.89
CA GLY G 232 16.10 9.57 3.42
C GLY G 232 16.27 8.84 4.72
N PHE G 233 15.76 9.45 5.81
CA PHE G 233 15.84 8.96 7.19
C PHE G 233 14.64 9.39 8.03
N PRO G 234 14.37 8.74 9.19
CA PRO G 234 13.33 9.28 10.09
C PRO G 234 13.76 10.65 10.66
N GLN G 235 12.83 11.43 11.25
CA GLN G 235 13.11 12.76 11.82
C GLN G 235 14.22 12.79 12.89
N PHE G 236 14.43 11.66 13.58
CA PHE G 236 15.45 11.42 14.63
C PHE G 236 16.87 11.81 14.18
N VAL G 237 17.11 11.71 12.87
CA VAL G 237 18.38 12.01 12.23
C VAL G 237 18.47 13.48 11.87
N ARG G 238 19.63 14.10 12.17
CA ARG G 238 19.94 15.50 11.86
C ARG G 238 20.38 15.60 10.39
N PHE G 239 19.43 15.87 9.48
CA PHE G 239 19.67 16.01 8.04
C PHE G 239 20.73 17.07 7.67
N SER G 240 20.92 18.09 8.54
CA SER G 240 21.90 19.17 8.33
C SER G 240 23.36 18.68 8.45
N TRP G 241 23.58 17.60 9.23
CA TRP G 241 24.90 16.99 9.47
C TRP G 241 25.45 16.39 8.17
N ARG G 242 26.78 16.59 7.94
CA ARG G 242 27.47 16.07 6.76
C ARG G 242 27.58 14.56 6.76
N THR G 243 27.67 13.93 7.95
CA THR G 243 27.75 12.46 8.10
C THR G 243 26.47 11.82 7.55
N ALA G 244 25.32 12.48 7.77
CA ALA G 244 24.01 12.06 7.25
C ALA G 244 23.91 12.41 5.76
N GLN G 245 24.24 13.66 5.38
CA GLN G 245 24.21 14.18 4.01
C GLN G 245 25.02 13.37 3.03
N THR G 246 26.16 12.81 3.48
CA THR G 246 27.05 11.94 2.67
C THR G 246 26.29 10.67 2.28
N ILE G 247 25.74 9.94 3.28
CA ILE G 247 24.96 8.71 3.11
C ILE G 247 23.77 8.96 2.16
N LEU G 248 23.08 10.11 2.33
CA LEU G 248 21.95 10.52 1.51
C LEU G 248 22.34 10.69 0.03
N GLU G 249 23.49 11.33 -0.24
CA GLU G 249 24.01 11.55 -1.59
C GLU G 249 24.44 10.24 -2.25
N LYS G 250 24.72 9.21 -1.44
CA LYS G 250 25.13 7.89 -1.92
C LYS G 250 23.95 6.91 -2.15
N GLU G 251 23.10 6.69 -1.12
CA GLU G 251 22.01 5.70 -1.14
C GLU G 251 20.57 6.18 -1.46
N ALA G 252 20.26 7.47 -1.33
CA ALA G 252 18.92 7.99 -1.58
C ALA G 252 18.79 8.84 -2.85
N GLU G 253 17.61 8.77 -3.50
CA GLU G 253 17.30 9.51 -4.73
C GLU G 253 17.45 11.01 -4.55
N ASP G 254 17.95 11.68 -5.60
CA ASP G 254 18.18 13.13 -5.62
C ASP G 254 16.89 13.93 -5.59
N VAL G 255 16.89 15.01 -4.80
CA VAL G 255 15.77 15.94 -4.67
C VAL G 255 16.26 17.37 -4.98
N ILE G 256 15.58 18.07 -5.92
CA ILE G 256 15.99 19.41 -6.36
C ILE G 256 15.03 20.52 -5.88
N TRP G 257 15.54 21.36 -4.96
CA TRP G 257 14.84 22.49 -4.37
C TRP G 257 15.07 23.76 -5.19
N GLU G 258 14.17 24.76 -5.05
CA GLU G 258 14.23 26.05 -5.76
C GLU G 258 15.46 26.88 -5.38
N ASP G 259 16.17 26.51 -4.30
CA ASP G 259 17.38 27.20 -3.85
C ASP G 259 18.64 26.34 -4.00
N SER G 260 18.54 25.20 -4.73
CA SER G 260 19.66 24.29 -4.97
C SER G 260 20.72 24.85 -5.93
N ALA G 261 21.93 24.25 -5.90
CA ALA G 261 23.09 24.62 -6.73
C ALA G 261 22.86 24.33 -8.21
N SER G 287 3.25 32.20 -27.13
CA SER G 287 2.13 31.97 -26.23
C SER G 287 1.66 33.26 -25.54
N HIS G 288 0.38 33.31 -25.11
CA HIS G 288 -0.19 34.50 -24.44
C HIS G 288 0.19 34.61 -22.97
N ARG G 289 0.18 35.85 -22.44
CA ARG G 289 0.48 36.24 -21.07
C ARG G 289 -0.32 35.44 -20.05
N TYR G 290 -1.66 35.33 -20.25
CA TYR G 290 -2.57 34.61 -19.35
C TYR G 290 -2.09 33.19 -19.03
N PHE G 291 -1.71 32.42 -20.07
CA PHE G 291 -1.22 31.07 -19.89
C PHE G 291 0.21 31.07 -19.35
N LEU G 292 1.05 32.02 -19.80
CA LEU G 292 2.43 32.15 -19.33
C LEU G 292 2.54 32.42 -17.83
N GLU G 293 1.62 33.25 -17.30
CA GLU G 293 1.54 33.61 -15.88
C GLU G 293 1.11 32.41 -15.03
N ARG G 294 0.16 31.59 -15.54
CA ARG G 294 -0.39 30.42 -14.85
C ARG G 294 0.38 29.12 -15.09
N GLY G 295 1.42 29.18 -15.92
CA GLY G 295 2.26 28.04 -16.27
C GLY G 295 1.54 27.00 -17.10
N LEU G 296 0.58 27.45 -17.92
CA LEU G 296 -0.24 26.59 -18.78
C LEU G 296 0.33 26.51 -20.17
N GLU G 297 0.39 25.28 -20.71
CA GLU G 297 0.87 25.01 -22.05
C GLU G 297 -0.06 23.98 -22.68
N SER G 298 -0.17 23.98 -24.02
CA SER G 298 -0.98 23.00 -24.73
C SER G 298 -0.24 21.64 -24.68
N ALA G 299 -0.99 20.55 -24.45
CA ALA G 299 -0.43 19.22 -24.34
C ALA G 299 -0.10 18.64 -25.70
N THR G 300 1.09 18.05 -25.85
CA THR G 300 1.55 17.44 -27.10
C THR G 300 1.79 15.93 -26.90
N SER G 301 2.14 15.53 -25.67
CA SER G 301 2.43 14.15 -25.26
C SER G 301 1.51 13.72 -24.08
N LEU G 302 1.54 12.41 -23.75
CA LEU G 302 0.73 11.82 -22.69
C LEU G 302 1.43 10.58 -22.10
N HIS H 3 8.92 0.98 -15.50
CA HIS H 3 8.56 2.37 -15.29
C HIS H 3 7.15 2.71 -15.82
N MET H 4 6.21 3.01 -14.91
CA MET H 4 4.83 3.35 -15.24
C MET H 4 4.45 4.74 -14.75
N ARG H 5 4.38 5.71 -15.67
CA ARG H 5 4.06 7.11 -15.40
C ARG H 5 2.55 7.33 -15.18
N GLN H 6 2.19 7.96 -14.06
CA GLN H 6 0.80 8.29 -13.74
C GLN H 6 0.51 9.77 -13.94
N HIS H 7 -0.56 10.06 -14.68
CA HIS H 7 -1.01 11.40 -15.03
C HIS H 7 -2.14 11.84 -14.11
N VAL H 8 -2.12 13.11 -13.73
CA VAL H 8 -3.13 13.70 -12.86
C VAL H 8 -3.93 14.75 -13.65
N PHE H 9 -5.23 14.44 -13.86
CA PHE H 9 -6.17 15.19 -14.67
C PHE H 9 -7.31 15.82 -13.90
N LEU H 10 -7.77 16.99 -14.39
CA LEU H 10 -8.93 17.73 -13.86
C LEU H 10 -9.96 17.87 -14.97
N VAL H 11 -10.84 16.87 -15.05
CA VAL H 11 -11.89 16.75 -16.04
C VAL H 11 -13.29 17.14 -15.45
N SER H 12 -14.34 17.22 -16.30
CA SER H 12 -15.71 17.58 -15.90
C SER H 12 -16.30 16.54 -14.95
N GLU H 13 -17.08 17.00 -13.96
CA GLU H 13 -17.72 16.20 -12.92
C GLU H 13 -18.52 14.98 -13.43
N TYR H 14 -19.34 15.17 -14.48
CA TYR H 14 -20.21 14.12 -15.05
C TYR H 14 -19.66 13.40 -16.30
N LEU H 15 -18.32 13.22 -16.37
CA LEU H 15 -17.65 12.54 -17.49
C LEU H 15 -17.85 11.02 -17.43
N LYS H 16 -18.06 10.47 -16.22
CA LYS H 16 -18.30 9.04 -16.02
C LYS H 16 -19.66 8.60 -16.62
N ASP H 17 -20.58 9.56 -16.80
CA ASP H 17 -21.93 9.36 -17.34
C ASP H 17 -22.06 9.75 -18.82
N ALA H 18 -21.03 10.41 -19.38
CA ALA H 18 -20.94 10.89 -20.77
C ALA H 18 -21.11 9.84 -21.87
N SER H 19 -20.33 8.74 -21.85
CA SER H 19 -20.43 7.69 -22.88
C SER H 19 -21.56 6.69 -22.60
N LYS H 20 -22.81 7.17 -22.66
CA LYS H 20 -24.03 6.40 -22.43
C LYS H 20 -24.36 5.50 -23.63
N LYS H 21 -24.19 6.02 -24.86
CA LYS H 21 -24.51 5.31 -26.09
C LYS H 21 -23.57 4.15 -26.48
N MET H 22 -22.28 4.18 -26.06
CA MET H 22 -21.34 3.11 -26.42
C MET H 22 -20.32 2.69 -25.34
N LYS H 23 -19.71 1.49 -25.51
CA LYS H 23 -18.67 0.93 -24.63
C LYS H 23 -17.37 1.72 -24.91
N ASN H 24 -17.02 2.66 -24.00
CA ASN H 24 -15.84 3.54 -24.09
C ASN H 24 -15.92 4.50 -25.32
N GLY H 25 -16.64 5.60 -25.17
CA GLY H 25 -16.80 6.62 -26.21
C GLY H 25 -15.83 7.78 -26.08
N LEU H 26 -15.15 7.88 -24.92
CA LEU H 26 -14.17 8.92 -24.58
C LEU H 26 -12.76 8.54 -25.04
N MET H 27 -12.05 9.47 -25.70
CA MET H 27 -10.70 9.23 -26.21
C MET H 27 -9.84 10.49 -26.30
N PHE H 28 -8.51 10.29 -26.21
CA PHE H 28 -7.52 11.36 -26.40
C PHE H 28 -7.07 11.24 -27.84
N VAL H 29 -7.17 12.34 -28.59
CA VAL H 29 -6.85 12.41 -30.01
C VAL H 29 -5.79 13.46 -30.32
N LYS H 30 -4.96 13.20 -31.33
CA LYS H 30 -3.96 14.15 -31.76
C LYS H 30 -4.54 14.91 -32.96
N LEU H 31 -4.86 16.19 -32.74
CA LEU H 31 -5.40 17.08 -33.77
C LEU H 31 -4.44 18.28 -33.92
N VAL H 32 -4.75 19.17 -34.86
CA VAL H 32 -3.94 20.35 -35.12
C VAL H 32 -4.29 21.47 -34.13
N ASN H 33 -3.34 22.39 -33.91
CA ASN H 33 -3.55 23.59 -33.10
C ASN H 33 -3.83 24.68 -34.15
N PRO H 34 -4.99 25.38 -34.10
CA PRO H 34 -5.31 26.35 -35.17
C PRO H 34 -4.34 27.49 -35.41
N CYS H 35 -3.66 27.99 -34.36
CA CYS H 35 -2.71 29.09 -34.50
C CYS H 35 -1.29 28.66 -34.93
N SER H 36 -0.70 27.67 -34.23
CA SER H 36 0.65 27.18 -34.49
C SER H 36 0.78 26.16 -35.62
N GLY H 37 -0.32 25.45 -35.92
CA GLY H 37 -0.34 24.43 -36.96
C GLY H 37 0.35 23.14 -36.58
N GLU H 38 0.80 23.04 -35.30
CA GLU H 38 1.47 21.86 -34.75
C GLU H 38 0.50 20.95 -33.96
N GLY H 39 0.93 19.72 -33.70
CA GLY H 39 0.15 18.72 -32.98
C GLY H 39 -0.20 19.10 -31.55
N ALA H 40 -1.47 18.90 -31.17
CA ALA H 40 -1.99 19.20 -29.84
C ALA H 40 -2.98 18.12 -29.43
N ILE H 41 -2.93 17.70 -28.15
CA ILE H 41 -3.81 16.65 -27.62
C ILE H 41 -5.18 17.20 -27.23
N TYR H 42 -6.24 16.46 -27.60
CA TYR H 42 -7.64 16.82 -27.32
C TYR H 42 -8.40 15.63 -26.76
N LEU H 43 -9.42 15.89 -25.94
CA LEU H 43 -10.28 14.84 -25.41
C LEU H 43 -11.59 14.92 -26.19
N PHE H 44 -11.94 13.84 -26.92
CA PHE H 44 -13.17 13.82 -27.72
C PHE H 44 -14.15 12.71 -27.28
N ASN H 45 -15.43 13.07 -27.20
CA ASN H 45 -16.52 12.18 -26.82
C ASN H 45 -17.26 11.79 -28.10
N MET H 46 -17.06 10.55 -28.59
CA MET H 46 -17.72 10.06 -29.81
C MET H 46 -19.25 9.98 -29.70
N CYS H 47 -19.78 9.92 -28.46
CA CYS H 47 -21.23 9.86 -28.20
C CYS H 47 -21.93 11.20 -28.33
N LEU H 48 -21.44 12.24 -27.61
CA LEU H 48 -22.04 13.57 -27.60
C LEU H 48 -21.40 14.56 -28.58
N GLN H 49 -20.30 14.16 -29.26
CA GLN H 49 -19.53 14.98 -30.20
C GLN H 49 -19.03 16.29 -29.56
N GLN H 50 -18.41 16.16 -28.36
CA GLN H 50 -17.88 17.27 -27.59
C GLN H 50 -16.36 17.22 -27.59
N LEU H 51 -15.74 18.26 -28.16
CA LEU H 51 -14.30 18.42 -28.27
C LEU H 51 -13.76 19.25 -27.11
N PHE H 52 -12.72 18.75 -26.44
CA PHE H 52 -12.08 19.42 -25.31
C PHE H 52 -10.60 19.58 -25.58
N GLU H 53 -10.01 20.73 -25.22
CA GLU H 53 -8.57 20.93 -25.40
C GLU H 53 -7.87 20.52 -24.12
N VAL H 54 -6.69 19.92 -24.25
CA VAL H 54 -5.90 19.48 -23.11
C VAL H 54 -4.74 20.43 -22.90
N LYS H 55 -4.73 21.08 -21.74
CA LYS H 55 -3.65 21.98 -21.32
C LYS H 55 -2.99 21.44 -20.06
N VAL H 56 -1.67 21.52 -20.00
CA VAL H 56 -0.90 21.00 -18.88
C VAL H 56 -0.15 22.08 -18.11
N PHE H 57 -0.49 22.21 -16.81
CA PHE H 57 0.20 23.13 -15.91
C PHE H 57 1.56 22.52 -15.60
N LYS H 58 2.63 23.27 -15.87
CA LYS H 58 3.99 22.82 -15.63
C LYS H 58 4.80 24.01 -15.15
N GLU H 59 5.38 23.89 -13.95
CA GLU H 59 6.20 24.88 -13.25
C GLU H 59 7.37 24.11 -12.66
N LYS H 60 8.57 24.71 -12.67
CA LYS H 60 9.77 24.07 -12.13
C LYS H 60 9.67 23.84 -10.62
N HIS H 61 10.33 22.77 -10.14
CA HIS H 61 10.44 22.36 -8.74
C HIS H 61 9.11 21.94 -8.13
N HIS H 62 8.56 20.82 -8.62
CA HIS H 62 7.32 20.22 -8.14
C HIS H 62 7.36 18.68 -8.29
N SER H 63 6.52 17.95 -7.52
CA SER H 63 6.39 16.49 -7.53
C SER H 63 5.07 16.08 -6.86
N TRP H 64 4.51 14.93 -7.24
CA TRP H 64 3.26 14.45 -6.65
C TRP H 64 3.47 13.32 -5.67
N PHE H 65 2.54 13.18 -4.73
CA PHE H 65 2.47 12.10 -3.76
C PHE H 65 1.06 11.54 -3.91
N ILE H 66 0.86 10.60 -4.87
CA ILE H 66 -0.43 9.97 -5.12
C ILE H 66 -0.45 8.73 -4.23
N ASN H 67 -1.11 8.83 -3.05
CA ASN H 67 -1.18 7.75 -2.06
C ASN H 67 0.23 7.34 -1.68
N GLN H 68 0.62 6.06 -1.89
CA GLN H 68 1.94 5.55 -1.53
C GLN H 68 2.92 5.48 -2.71
N SER H 69 2.91 6.54 -3.54
CA SER H 69 3.75 6.64 -4.72
C SER H 69 4.21 8.08 -4.93
N VAL H 70 5.29 8.25 -5.70
CA VAL H 70 5.86 9.56 -6.00
C VAL H 70 5.97 9.79 -7.51
N GLN H 71 5.35 10.87 -8.00
CA GLN H 71 5.38 11.23 -9.42
C GLN H 71 6.35 12.38 -9.65
N SER H 72 7.42 12.07 -10.40
CA SER H 72 8.54 12.91 -10.81
C SER H 72 8.21 14.36 -11.19
N GLY H 73 7.25 14.53 -12.08
CA GLY H 73 6.88 15.81 -12.65
C GLY H 73 6.32 16.92 -11.77
N GLY H 74 5.10 16.71 -11.29
CA GLY H 74 4.35 17.70 -10.53
C GLY H 74 3.37 18.42 -11.45
N LEU H 75 3.38 18.04 -12.74
CA LEU H 75 2.49 18.60 -13.76
C LEU H 75 1.03 18.16 -13.63
N LEU H 76 0.12 19.16 -13.71
CA LEU H 76 -1.32 19.02 -13.57
C LEU H 76 -2.06 19.28 -14.89
N HIS H 77 -2.75 18.26 -15.42
CA HIS H 77 -3.49 18.32 -16.68
C HIS H 77 -4.91 18.87 -16.52
N PHE H 78 -5.41 19.54 -17.58
CA PHE H 78 -6.75 20.14 -17.65
C PHE H 78 -7.43 19.78 -18.98
N ALA H 79 -8.69 19.29 -18.94
CA ALA H 79 -9.47 18.97 -20.14
C ALA H 79 -10.71 19.87 -20.16
N THR H 80 -10.59 21.04 -20.82
CA THR H 80 -11.60 22.12 -20.88
C THR H 80 -12.37 22.12 -22.22
N PRO H 81 -13.61 22.67 -22.30
CA PRO H 81 -14.31 22.71 -23.60
C PRO H 81 -13.65 23.66 -24.59
N VAL H 82 -13.72 23.32 -25.89
CA VAL H 82 -13.14 24.13 -26.95
C VAL H 82 -14.17 24.37 -28.06
N ASP H 83 -14.26 25.62 -28.54
CA ASP H 83 -15.17 26.01 -29.62
C ASP H 83 -14.64 25.32 -30.89
N PRO H 84 -15.43 24.38 -31.48
CA PRO H 84 -14.94 23.64 -32.66
C PRO H 84 -14.83 24.47 -33.94
N LEU H 85 -15.40 25.69 -33.93
CA LEU H 85 -15.36 26.60 -35.08
C LEU H 85 -13.93 27.05 -35.38
N PHE H 86 -13.09 27.13 -34.33
CA PHE H 86 -11.68 27.51 -34.42
C PHE H 86 -10.89 26.52 -35.29
N LEU H 87 -11.10 25.20 -35.08
CA LEU H 87 -10.44 24.13 -35.81
C LEU H 87 -10.89 24.06 -37.26
N LEU H 88 -12.18 24.35 -37.53
CA LEU H 88 -12.74 24.37 -38.88
C LEU H 88 -12.09 25.47 -39.69
N LEU H 89 -11.88 26.65 -39.04
CA LEU H 89 -11.22 27.83 -39.60
C LEU H 89 -9.81 27.56 -40.10
N HIS H 90 -9.03 26.72 -39.37
CA HIS H 90 -7.68 26.32 -39.77
C HIS H 90 -7.75 25.69 -41.17
N TYR H 91 -8.70 24.76 -41.36
CA TYR H 91 -8.94 24.03 -42.60
C TYR H 91 -9.58 24.88 -43.71
N LEU H 92 -10.46 25.84 -43.35
CA LEU H 92 -11.13 26.74 -44.30
C LEU H 92 -10.20 27.80 -44.87
N ILE H 93 -9.24 28.30 -44.06
CA ILE H 93 -8.22 29.25 -44.51
C ILE H 93 -7.22 28.49 -45.38
N LYS H 94 -6.89 27.24 -44.99
CA LYS H 94 -5.99 26.33 -45.73
C LYS H 94 -6.58 26.01 -47.12
N ALA H 95 -7.92 25.90 -47.22
CA ALA H 95 -8.67 25.60 -48.44
C ALA H 95 -8.92 26.82 -49.34
N ASP H 96 -8.60 28.03 -48.85
CA ASP H 96 -8.80 29.26 -49.61
C ASP H 96 -7.80 29.47 -50.75
N LYS H 97 -6.69 28.69 -50.79
CA LYS H 97 -5.67 28.76 -51.85
C LYS H 97 -6.21 28.30 -53.22
N GLU H 98 -7.47 27.81 -53.23
CA GLU H 98 -8.23 27.37 -54.42
C GLU H 98 -9.55 28.16 -54.39
N GLY H 99 -9.83 28.86 -55.48
CA GLY H 99 -11.01 29.72 -55.61
C GLY H 99 -12.35 29.02 -55.49
N LYS H 100 -12.45 27.78 -56.02
CA LYS H 100 -13.66 26.94 -56.05
C LYS H 100 -14.37 26.74 -54.71
N PHE H 101 -15.71 26.64 -54.75
CA PHE H 101 -16.56 26.36 -53.59
C PHE H 101 -16.54 24.83 -53.43
N GLN H 102 -15.79 24.35 -52.42
CA GLN H 102 -15.56 22.92 -52.17
C GLN H 102 -16.45 22.35 -51.07
N PRO H 103 -16.79 21.03 -51.12
CA PRO H 103 -17.57 20.46 -50.01
C PRO H 103 -16.68 20.16 -48.80
N LEU H 104 -17.30 19.96 -47.61
CA LEU H 104 -16.61 19.69 -46.34
C LEU H 104 -15.64 18.51 -46.40
N ASP H 105 -15.98 17.44 -47.16
CA ASP H 105 -15.14 16.26 -47.36
C ASP H 105 -13.84 16.56 -48.13
N GLN H 106 -13.80 17.68 -48.87
CA GLN H 106 -12.63 18.13 -49.63
C GLN H 106 -11.82 19.16 -48.84
N VAL H 107 -12.49 19.89 -47.91
CA VAL H 107 -11.89 20.92 -47.06
C VAL H 107 -11.16 20.27 -45.87
N VAL H 108 -11.91 19.53 -45.02
CA VAL H 108 -11.37 18.86 -43.83
C VAL H 108 -10.57 17.61 -44.25
N VAL H 109 -9.32 17.86 -44.68
CA VAL H 109 -8.36 16.87 -45.15
C VAL H 109 -7.01 17.19 -44.49
N ASP H 110 -6.36 16.19 -43.86
CA ASP H 110 -5.07 16.33 -43.21
C ASP H 110 -4.32 14.98 -43.25
N ASN H 111 -3.11 14.99 -43.84
CA ASN H 111 -2.25 13.81 -44.03
C ASN H 111 -1.48 13.46 -42.78
N VAL H 112 -1.08 14.48 -42.00
CA VAL H 112 -0.30 14.33 -40.77
C VAL H 112 -1.25 13.99 -39.60
N PHE H 113 -2.43 14.65 -39.55
CA PHE H 113 -3.44 14.46 -38.51
C PHE H 113 -4.75 13.90 -39.13
N PRO H 114 -4.84 12.56 -39.31
CA PRO H 114 -6.04 11.98 -39.97
C PRO H 114 -7.32 11.97 -39.14
N ASN H 115 -7.26 12.45 -37.89
CA ASN H 115 -8.41 12.50 -36.99
C ASN H 115 -9.27 13.74 -37.13
N CYS H 116 -8.95 14.61 -38.11
CA CYS H 116 -9.69 15.85 -38.40
C CYS H 116 -11.13 15.54 -38.82
N ILE H 117 -11.34 14.34 -39.41
CA ILE H 117 -12.62 13.79 -39.87
C ILE H 117 -13.71 13.92 -38.80
N LEU H 118 -13.31 13.85 -37.50
CA LEU H 118 -14.19 13.98 -36.33
C LEU H 118 -15.05 15.25 -36.38
N LEU H 119 -14.52 16.32 -37.00
CA LEU H 119 -15.17 17.62 -37.17
C LEU H 119 -16.39 17.57 -38.09
N LEU H 120 -16.43 16.61 -39.03
CA LEU H 120 -17.55 16.46 -39.96
C LEU H 120 -18.80 15.87 -39.28
N LYS H 121 -18.61 15.10 -38.19
CA LYS H 121 -19.71 14.47 -37.46
C LYS H 121 -20.40 15.37 -36.42
N LEU H 122 -19.90 16.61 -36.21
CA LEU H 122 -20.41 17.57 -35.23
C LEU H 122 -21.90 17.93 -35.32
N PRO H 123 -22.62 18.06 -34.17
CA PRO H 123 -24.07 18.37 -34.25
C PRO H 123 -24.33 19.83 -34.53
N GLY H 124 -25.18 20.07 -35.54
CA GLY H 124 -25.56 21.39 -36.02
C GLY H 124 -24.39 22.12 -36.68
N LEU H 125 -23.50 21.34 -37.34
CA LEU H 125 -22.28 21.78 -38.02
C LEU H 125 -22.58 22.85 -39.08
N GLU H 126 -23.59 22.60 -39.93
CA GLU H 126 -24.00 23.51 -40.99
C GLU H 126 -24.48 24.86 -40.44
N LYS H 127 -25.18 24.84 -39.29
CA LYS H 127 -25.66 26.03 -38.58
C LYS H 127 -24.47 26.83 -38.05
N LEU H 128 -23.40 26.13 -37.62
CA LEU H 128 -22.16 26.70 -37.10
C LEU H 128 -21.37 27.38 -38.22
N LEU H 129 -21.30 26.72 -39.40
CA LEU H 129 -20.63 27.19 -40.60
C LEU H 129 -21.22 28.49 -41.18
N HIS H 130 -22.49 28.82 -40.83
CA HIS H 130 -23.17 30.05 -41.25
C HIS H 130 -22.42 31.32 -40.75
N HIS H 131 -21.60 31.17 -39.67
CA HIS H 131 -20.81 32.23 -39.04
C HIS H 131 -19.53 32.57 -39.81
N VAL H 132 -18.92 31.57 -40.48
CA VAL H 132 -17.62 31.75 -41.15
C VAL H 132 -17.58 31.50 -42.67
N THR H 133 -18.56 30.78 -43.25
CA THR H 133 -18.53 30.46 -44.67
C THR H 133 -19.72 30.91 -45.51
N GLU H 134 -19.49 30.98 -46.83
CA GLU H 134 -20.49 31.29 -47.86
C GLU H 134 -20.91 29.94 -48.46
N GLU H 135 -22.24 29.71 -48.59
CA GLU H 135 -22.79 28.45 -49.10
C GLU H 135 -23.22 28.51 -50.57
N LYS H 136 -23.19 27.34 -51.25
CA LYS H 136 -23.58 27.19 -52.65
C LYS H 136 -24.27 25.84 -52.87
N GLY H 137 -25.36 25.86 -53.64
CA GLY H 137 -26.16 24.68 -53.95
C GLY H 137 -25.72 23.98 -55.21
N ASN H 143 -28.14 17.96 -53.80
CA ASN H 143 -28.18 17.41 -52.44
C ASN H 143 -26.93 17.73 -51.60
N LYS H 144 -25.78 17.97 -52.26
CA LYS H 144 -24.51 18.28 -51.60
C LYS H 144 -24.21 19.79 -51.60
N LYS H 145 -23.89 20.35 -50.42
CA LYS H 145 -23.57 21.77 -50.23
C LYS H 145 -22.07 22.06 -50.45
N TYR H 146 -21.75 23.27 -50.93
CA TYR H 146 -20.38 23.70 -51.20
C TYR H 146 -20.05 24.95 -50.38
N TYR H 147 -18.89 24.93 -49.71
CA TYR H 147 -18.43 25.96 -48.78
C TYR H 147 -17.13 26.66 -49.17
N LYS H 148 -17.02 27.95 -48.82
CA LYS H 148 -15.83 28.79 -49.06
C LYS H 148 -15.70 29.79 -47.92
N TYR H 149 -14.47 29.97 -47.42
CA TYR H 149 -14.13 30.86 -46.32
C TYR H 149 -14.48 32.34 -46.62
N SER H 150 -15.09 33.01 -45.64
CA SER H 150 -15.46 34.42 -45.74
C SER H 150 -14.75 35.20 -44.63
N LYS H 151 -13.98 36.23 -45.00
CA LYS H 151 -13.27 37.08 -44.03
C LYS H 151 -14.25 38.03 -43.34
N GLU H 152 -15.23 38.58 -44.10
CA GLU H 152 -16.27 39.50 -43.61
C GLU H 152 -17.12 38.85 -42.54
N LYS H 153 -17.59 37.60 -42.80
CA LYS H 153 -18.41 36.81 -41.89
C LYS H 153 -17.63 36.41 -40.63
N THR H 154 -16.38 35.90 -40.81
CA THR H 154 -15.48 35.47 -39.74
C THR H 154 -15.21 36.60 -38.74
N LEU H 155 -14.86 37.81 -39.24
CA LEU H 155 -14.58 38.99 -38.42
C LEU H 155 -15.77 39.43 -37.58
N LYS H 156 -17.00 39.20 -38.10
CA LYS H 156 -18.24 39.51 -37.39
C LYS H 156 -18.41 38.51 -36.24
N TRP H 157 -18.10 37.22 -36.48
CA TRP H 157 -18.14 36.15 -35.47
C TRP H 157 -17.07 36.40 -34.41
N LEU H 158 -15.82 36.65 -34.87
CA LEU H 158 -14.67 36.94 -34.01
C LEU H 158 -14.88 38.16 -33.13
N GLU H 159 -15.66 39.15 -33.62
CA GLU H 159 -16.02 40.36 -32.88
C GLU H 159 -16.87 40.00 -31.66
N LYS H 160 -17.82 39.04 -31.84
CA LYS H 160 -18.69 38.54 -30.76
C LYS H 160 -17.86 37.73 -29.75
N LYS H 161 -16.88 36.94 -30.24
CA LYS H 161 -15.98 36.12 -29.42
C LYS H 161 -15.17 36.99 -28.45
N VAL H 162 -14.70 38.16 -28.92
CA VAL H 162 -13.93 39.14 -28.14
C VAL H 162 -14.83 39.75 -27.05
N ASN H 163 -16.12 39.98 -27.38
CA ASN H 163 -17.12 40.51 -26.42
C ASN H 163 -17.41 39.45 -25.36
N GLN H 164 -17.53 38.17 -25.77
CA GLN H 164 -17.76 37.00 -24.93
C GLN H 164 -16.65 36.85 -23.89
N THR H 165 -15.38 37.06 -24.30
CA THR H 165 -14.20 36.98 -23.43
C THR H 165 -14.08 38.19 -22.49
N VAL H 166 -14.49 39.40 -22.95
CA VAL H 166 -14.45 40.63 -22.13
C VAL H 166 -15.37 40.46 -20.92
N ALA H 167 -16.59 39.96 -21.14
CA ALA H 167 -17.57 39.68 -20.10
C ALA H 167 -17.08 38.56 -19.16
N ALA H 168 -16.29 37.60 -19.71
CA ALA H 168 -15.69 36.48 -19.01
C ALA H 168 -14.61 36.92 -18.01
N LEU H 169 -13.75 37.88 -18.39
CA LEU H 169 -12.67 38.40 -17.54
C LEU H 169 -13.20 39.21 -16.36
N LYS H 170 -14.37 39.87 -16.55
CA LYS H 170 -15.04 40.69 -15.53
C LYS H 170 -15.62 39.81 -14.40
N THR H 171 -16.37 38.75 -14.76
CA THR H 171 -16.97 37.80 -13.82
C THR H 171 -15.93 36.96 -13.08
N ASN H 172 -14.83 36.60 -13.76
CA ASN H 172 -13.74 35.79 -13.20
C ASN H 172 -12.67 36.63 -12.50
N ASN H 173 -12.90 37.97 -12.37
CA ASN H 173 -12.01 38.95 -11.72
C ASN H 173 -10.54 38.86 -12.13
N VAL H 174 -10.30 38.54 -13.41
CA VAL H 174 -8.97 38.40 -14.00
C VAL H 174 -8.30 39.76 -14.13
N ASN H 175 -7.08 39.90 -13.57
CA ASN H 175 -6.31 41.14 -13.60
C ASN H 175 -5.82 41.44 -15.01
N VAL H 176 -6.49 42.40 -15.67
CA VAL H 176 -6.18 42.84 -17.04
C VAL H 176 -5.21 44.03 -17.04
N SER H 177 -4.55 44.31 -15.88
CA SER H 177 -3.59 45.38 -15.68
C SER H 177 -2.31 45.15 -16.47
N SER H 178 -1.60 46.24 -16.83
CA SER H 178 -0.35 46.18 -17.60
C SER H 178 0.83 45.57 -16.81
N ARG H 179 1.01 45.97 -15.52
CA ARG H 179 2.08 45.46 -14.66
C ARG H 179 1.70 45.47 -13.17
N VAL H 180 1.86 44.31 -12.49
CA VAL H 180 1.57 44.12 -11.08
C VAL H 180 2.77 43.52 -10.33
N LYS H 195 -9.07 51.34 -19.27
CA LYS H 195 -10.34 50.97 -18.67
C LYS H 195 -10.96 49.75 -19.37
N GLU H 196 -11.17 49.84 -20.70
CA GLU H 196 -11.73 48.77 -21.53
C GLU H 196 -10.86 48.48 -22.77
N GLU H 197 -9.92 49.41 -23.09
CA GLU H 197 -8.98 49.26 -24.20
C GLU H 197 -7.89 48.23 -23.88
N ASP H 198 -7.60 48.05 -22.57
CA ASP H 198 -6.66 47.06 -22.05
C ASP H 198 -7.40 45.71 -21.97
N TYR H 199 -8.72 45.77 -21.64
CA TYR H 199 -9.63 44.63 -21.54
C TYR H 199 -9.86 43.98 -22.91
N ILE H 200 -9.97 44.81 -23.96
CA ILE H 200 -10.15 44.36 -25.35
C ILE H 200 -8.83 43.84 -25.93
N ARG H 201 -7.68 44.41 -25.49
CA ARG H 201 -6.35 44.00 -25.94
C ARG H 201 -5.96 42.63 -25.35
N TYR H 202 -6.50 42.32 -24.14
CA TYR H 202 -6.32 41.05 -23.42
C TYR H 202 -7.17 39.97 -24.10
N ALA H 203 -8.42 40.32 -24.43
CA ALA H 203 -9.41 39.47 -25.11
C ALA H 203 -8.92 39.09 -26.50
N HIS H 204 -8.29 40.03 -27.23
CA HIS H 204 -7.71 39.81 -28.56
C HIS H 204 -6.51 38.87 -28.41
N GLY H 205 -5.73 39.08 -27.35
CA GLY H 205 -4.55 38.28 -27.02
C GLY H 205 -4.87 36.83 -26.71
N LEU H 206 -5.99 36.59 -25.98
CA LEU H 206 -6.45 35.23 -25.64
C LEU H 206 -6.84 34.47 -26.89
N ILE H 207 -7.68 35.09 -27.75
CA ILE H 207 -8.17 34.53 -29.02
C ILE H 207 -7.05 34.31 -30.07
N SER H 208 -5.95 35.12 -29.99
CA SER H 208 -4.80 35.02 -30.90
C SER H 208 -4.05 33.67 -30.79
N ASP H 209 -4.33 32.90 -29.72
CA ASP H 209 -3.77 31.57 -29.44
C ASP H 209 -4.66 30.45 -30.02
N TYR H 210 -5.83 30.83 -30.58
CA TYR H 210 -6.80 29.93 -31.20
C TYR H 210 -7.01 30.31 -32.67
N ILE H 211 -6.41 31.43 -33.09
CA ILE H 211 -6.52 32.00 -34.43
C ILE H 211 -5.13 32.21 -35.09
N PRO H 212 -4.97 32.00 -36.43
CA PRO H 212 -3.66 32.21 -37.06
C PRO H 212 -3.23 33.68 -37.07
N LYS H 213 -1.91 33.94 -37.13
CA LYS H 213 -1.28 35.28 -37.14
C LYS H 213 -1.88 36.26 -38.17
N GLU H 214 -2.39 35.73 -39.30
CA GLU H 214 -3.02 36.46 -40.39
C GLU H 214 -4.35 37.07 -39.93
N LEU H 215 -5.22 36.26 -39.27
CA LEU H 215 -6.51 36.71 -38.77
C LEU H 215 -6.42 37.72 -37.62
N SER H 216 -5.50 37.47 -36.66
CA SER H 216 -5.26 38.34 -35.51
C SER H 216 -4.95 39.79 -35.93
N ASP H 217 -4.20 39.95 -37.03
CA ASP H 217 -3.86 41.26 -37.62
C ASP H 217 -5.13 41.97 -38.08
N ASP H 218 -6.02 41.23 -38.78
CA ASP H 218 -7.29 41.75 -39.28
C ASP H 218 -8.29 42.00 -38.14
N LEU H 219 -8.16 41.25 -37.03
CA LEU H 219 -9.01 41.39 -35.85
C LEU H 219 -8.68 42.67 -35.07
N SER H 220 -7.37 43.04 -34.99
CA SER H 220 -6.92 44.25 -34.30
C SER H 220 -7.48 45.51 -34.99
N LYS H 221 -7.43 45.53 -36.34
CA LYS H 221 -7.93 46.61 -37.19
C LYS H 221 -9.46 46.76 -37.12
N TYR H 222 -10.17 45.64 -36.88
CA TYR H 222 -11.62 45.59 -36.75
C TYR H 222 -11.99 46.13 -35.36
N LEU H 223 -12.60 47.32 -35.30
CA LEU H 223 -12.99 47.98 -34.05
C LEU H 223 -14.48 48.33 -34.01
N ALA I 10 -5.59 1.30 -39.30
CA ALA I 10 -5.63 2.58 -39.99
C ALA I 10 -4.69 3.61 -39.33
N ALA I 11 -4.38 4.72 -40.06
CA ALA I 11 -3.51 5.82 -39.59
C ALA I 11 -4.18 6.61 -38.45
N ILE I 12 -5.51 6.54 -38.37
CA ILE I 12 -6.36 7.19 -37.37
C ILE I 12 -6.09 6.61 -35.96
N GLU I 13 -6.10 5.27 -35.82
CA GLU I 13 -5.91 4.58 -34.52
C GLU I 13 -4.62 4.90 -33.77
N ARG I 14 -3.50 5.03 -34.49
CA ARG I 14 -2.17 5.33 -33.94
C ARG I 14 -2.14 6.71 -33.25
N HIS I 15 -3.10 7.59 -33.59
CA HIS I 15 -3.26 8.93 -33.03
C HIS I 15 -4.30 8.97 -31.88
N ARG I 16 -4.95 7.84 -31.58
CA ARG I 16 -5.96 7.74 -30.53
C ARG I 16 -5.50 6.90 -29.33
N VAL I 17 -5.94 7.30 -28.12
CA VAL I 17 -5.72 6.61 -26.85
C VAL I 17 -7.08 6.63 -26.18
N HIS I 18 -7.69 5.44 -26.00
CA HIS I 18 -9.04 5.31 -25.47
C HIS I 18 -9.15 5.22 -23.96
N LEU I 19 -10.15 5.93 -23.41
CA LEU I 19 -10.44 5.99 -21.98
C LEU I 19 -11.41 4.88 -21.58
N ARG I 20 -11.12 4.16 -20.49
CA ARG I 20 -12.00 3.11 -20.00
C ARG I 20 -13.08 3.78 -19.16
N SER I 21 -14.33 3.77 -19.66
CA SER I 21 -15.47 4.39 -18.99
C SER I 21 -15.79 3.73 -17.63
N ALA I 22 -15.58 2.40 -17.54
CA ALA I 22 -15.83 1.63 -16.32
C ALA I 22 -14.88 2.06 -15.19
N THR I 23 -13.62 2.46 -15.53
CA THR I 23 -12.62 2.89 -14.55
C THR I 23 -12.95 4.24 -13.92
N LEU I 24 -13.73 5.08 -14.61
CA LEU I 24 -14.17 6.38 -14.08
C LEU I 24 -15.22 6.13 -12.98
N ARG I 25 -15.97 5.02 -13.09
CA ARG I 25 -16.98 4.61 -12.14
C ARG I 25 -16.33 3.79 -11.02
N ALA I 27 -13.60 5.00 -9.17
CA ALA I 27 -12.19 4.84 -8.81
C ALA I 27 -11.96 5.07 -7.32
N VAL I 28 -10.93 4.39 -6.76
CA VAL I 28 -10.51 4.46 -5.36
C VAL I 28 -10.15 5.92 -5.00
N PRO I 29 -10.64 6.51 -3.87
CA PRO I 29 -10.25 7.88 -3.55
C PRO I 29 -8.78 7.93 -3.15
N ALA I 30 -8.11 9.04 -3.48
CA ALA I 30 -6.68 9.14 -3.21
C ALA I 30 -6.26 10.45 -2.58
N THR I 31 -5.25 10.38 -1.71
CA THR I 31 -4.67 11.57 -1.08
C THR I 31 -3.49 12.03 -1.91
N LEU I 32 -3.58 13.28 -2.39
CA LEU I 32 -2.61 13.93 -3.28
C LEU I 32 -1.90 15.08 -2.56
N HIS I 33 -0.57 15.19 -2.75
CA HIS I 33 0.26 16.25 -2.17
C HIS I 33 1.17 16.81 -3.27
N LEU I 34 1.19 18.14 -3.47
CA LEU I 34 2.06 18.79 -4.44
C LEU I 34 3.21 19.42 -3.66
N LEU I 35 4.42 18.92 -3.91
CA LEU I 35 5.67 19.28 -3.21
C LEU I 35 6.44 20.39 -3.92
N PRO I 36 7.19 21.26 -3.20
CA PRO I 36 7.93 22.33 -3.90
C PRO I 36 9.33 21.91 -4.36
N CYS I 37 9.55 20.60 -4.56
CA CYS I 37 10.82 20.01 -4.96
C CYS I 37 10.69 18.99 -6.08
N GLU I 38 11.81 18.69 -6.77
CA GLU I 38 11.86 17.72 -7.86
C GLU I 38 12.49 16.39 -7.41
N VAL I 39 11.64 15.36 -7.24
CA VAL I 39 12.07 14.02 -6.83
C VAL I 39 12.33 13.23 -8.12
N ALA I 40 13.59 12.86 -8.35
CA ALA I 40 14.08 12.13 -9.52
C ALA I 40 13.45 10.76 -9.75
N VAL I 41 12.97 10.12 -8.68
CA VAL I 41 12.33 8.80 -8.72
C VAL I 41 10.87 8.85 -9.19
N ASP I 42 10.41 7.73 -9.75
CA ASP I 42 9.05 7.51 -10.23
C ASP I 42 8.68 6.08 -9.80
N GLY I 43 7.81 5.97 -8.80
CA GLY I 43 7.41 4.67 -8.27
C GLY I 43 6.85 4.72 -6.87
N PRO I 44 6.90 3.59 -6.11
CA PRO I 44 6.31 3.60 -4.76
C PRO I 44 7.14 4.30 -3.70
N ALA I 45 6.45 4.89 -2.71
CA ALA I 45 7.05 5.61 -1.58
C ALA I 45 6.28 5.40 -0.27
N PRO I 46 6.95 5.19 0.90
CA PRO I 46 6.20 5.00 2.16
C PRO I 46 5.68 6.32 2.74
N VAL I 47 4.68 6.90 2.06
CA VAL I 47 4.06 8.18 2.43
C VAL I 47 3.37 8.09 3.80
N GLY I 48 2.59 7.04 4.02
CA GLY I 48 1.88 6.80 5.27
C GLY I 48 2.78 6.48 6.45
N ARG I 49 4.02 6.04 6.18
CA ARG I 49 5.01 5.69 7.22
C ARG I 49 5.86 6.90 7.58
N PHE I 50 6.32 7.69 6.59
CA PHE I 50 7.20 8.84 6.78
C PHE I 50 6.58 10.23 6.77
N PHE I 51 5.78 10.55 5.74
CA PHE I 51 5.17 11.86 5.52
C PHE I 51 3.92 12.14 6.31
N THR I 52 2.89 11.30 6.15
CA THR I 52 1.57 11.43 6.80
C THR I 52 1.59 11.60 8.35
N PRO I 53 2.30 10.76 9.16
CA PRO I 53 2.27 10.97 10.61
C PRO I 53 2.99 12.24 11.07
N ALA I 54 3.98 12.67 10.27
CA ALA I 54 4.80 13.85 10.54
C ALA I 54 4.06 15.18 10.31
N ILE I 55 2.87 15.13 9.62
CA ILE I 55 2.08 16.34 9.35
C ILE I 55 1.52 16.87 10.67
N ARG I 56 1.64 18.19 10.91
CA ARG I 56 1.21 18.87 12.12
C ARG I 56 0.19 19.98 11.82
N GLN I 57 -0.93 20.01 12.57
CA GLN I 57 -1.97 21.04 12.42
C GLN I 57 -1.60 22.22 13.29
N GLY I 58 -1.69 23.41 12.72
CA GLY I 58 -1.39 24.66 13.41
C GLY I 58 -2.53 25.66 13.26
N PRO I 59 -2.48 26.78 14.02
CA PRO I 59 -3.56 27.79 13.90
C PRO I 59 -3.59 28.52 12.56
N GLU I 60 -2.47 28.48 11.82
CA GLU I 60 -2.27 29.16 10.53
C GLU I 60 -2.23 28.23 9.27
N GLY I 61 -2.02 26.94 9.49
CA GLY I 61 -1.95 25.95 8.42
C GLY I 61 -1.28 24.66 8.84
N LEU I 62 -0.86 23.86 7.85
CA LEU I 62 -0.20 22.55 8.06
C LEU I 62 1.32 22.69 8.05
N GLU I 63 2.02 21.73 8.70
CA GLU I 63 3.49 21.72 8.79
C GLU I 63 4.03 20.31 8.78
N VAL I 64 5.01 20.07 7.90
CA VAL I 64 5.68 18.78 7.75
C VAL I 64 7.09 19.01 7.21
N SER I 65 8.01 18.09 7.51
CA SER I 65 9.37 18.20 7.03
C SER I 65 9.65 17.09 6.03
N PHE I 66 10.17 17.47 4.86
CA PHE I 66 10.59 16.52 3.83
C PHE I 66 12.07 16.73 3.59
N ARG I 67 12.86 15.66 3.79
CA ARG I 67 14.32 15.65 3.63
C ARG I 67 15.00 16.71 4.51
N GLY I 68 14.46 16.87 5.72
CA GLY I 68 14.96 17.83 6.70
C GLY I 68 14.63 19.28 6.39
N ARG I 69 13.71 19.52 5.46
CA ARG I 69 13.30 20.88 5.13
C ARG I 69 11.84 21.13 5.48
N CYS I 70 11.60 22.22 6.24
CA CYS I 70 10.28 22.63 6.70
C CYS I 70 9.35 23.08 5.59
N LEU I 71 8.28 22.31 5.41
CA LEU I 71 7.24 22.64 4.45
C LEU I 71 6.00 23.11 5.20
N ARG I 72 5.34 24.12 4.66
CA ARG I 72 4.12 24.66 5.21
C ARG I 72 3.11 24.68 4.10
N GLY I 73 1.94 24.12 4.36
CA GLY I 73 0.89 24.02 3.36
C GLY I 73 -0.54 24.14 3.82
N GLU I 74 -1.45 24.00 2.84
CA GLU I 74 -2.90 24.09 3.01
C GLU I 74 -3.60 23.23 1.99
N GLU I 75 -4.82 22.80 2.31
CA GLU I 75 -5.65 22.02 1.39
C GLU I 75 -6.26 22.94 0.32
N VAL I 76 -6.24 22.49 -0.94
CA VAL I 76 -6.80 23.18 -2.11
C VAL I 76 -7.89 22.27 -2.66
N ALA I 77 -9.11 22.80 -2.80
CA ALA I 77 -10.24 22.02 -3.33
C ALA I 77 -10.34 22.11 -4.84
N VAL I 78 -10.75 21.00 -5.50
CA VAL I 78 -10.95 20.94 -6.94
C VAL I 78 -12.17 21.82 -7.24
N PRO I 79 -12.03 22.82 -8.15
CA PRO I 79 -13.13 23.76 -8.43
C PRO I 79 -14.51 23.16 -8.76
N PRO I 80 -15.62 23.90 -8.54
CA PRO I 80 -16.95 23.35 -8.84
C PRO I 80 -17.13 22.93 -10.30
N GLY I 81 -17.88 21.84 -10.48
CA GLY I 81 -18.18 21.25 -11.79
C GLY I 81 -17.03 20.47 -12.39
N LEU I 82 -16.00 20.18 -11.58
CA LEU I 82 -14.81 19.43 -11.99
C LEU I 82 -14.58 18.28 -11.04
N VAL I 83 -13.76 17.31 -11.49
CA VAL I 83 -13.36 16.13 -10.72
C VAL I 83 -11.95 15.72 -11.12
N GLY I 84 -11.14 15.39 -10.14
CA GLY I 84 -9.78 14.95 -10.38
C GLY I 84 -9.69 13.45 -10.53
N TYR I 85 -8.85 13.00 -11.48
CA TYR I 85 -8.59 11.58 -11.74
C TYR I 85 -7.10 11.31 -11.91
N VAL I 86 -6.66 10.09 -11.55
CA VAL I 86 -5.27 9.67 -11.72
C VAL I 86 -5.29 8.63 -12.83
N MET I 87 -4.96 9.06 -14.05
CA MET I 87 -4.92 8.26 -15.29
C MET I 87 -3.60 7.54 -15.41
N VAL I 88 -3.64 6.28 -15.90
CA VAL I 88 -2.45 5.45 -16.14
C VAL I 88 -2.66 4.69 -17.46
N THR I 89 -1.70 4.84 -18.41
CA THR I 89 -1.73 4.18 -19.73
C THR I 89 -1.58 2.68 -19.54
N GLU I 90 -2.65 1.91 -19.81
CA GLU I 90 -2.58 0.45 -19.65
C GLU I 90 -1.73 -0.22 -20.73
N GLU I 91 -0.58 -0.79 -20.30
CA GLU I 91 0.41 -1.49 -21.14
C GLU I 91 -0.12 -2.81 -21.67
N LYS I 92 -0.84 -3.57 -20.82
CA LYS I 92 -1.40 -4.87 -21.16
C LYS I 92 -2.81 -4.79 -21.73
N LYS I 93 -3.06 -5.52 -22.83
CA LYS I 93 -4.36 -5.61 -23.51
C LYS I 93 -5.29 -6.58 -22.77
N VAL I 94 -6.60 -6.25 -22.72
CA VAL I 94 -7.61 -7.04 -22.00
C VAL I 94 -7.94 -8.36 -22.73
N SER I 95 -8.06 -9.47 -21.97
CA SER I 95 -8.41 -10.80 -22.47
C SER I 95 -9.86 -10.84 -22.95
N GLU I 111 -28.13 -3.37 -27.82
CA GLU I 111 -28.14 -1.98 -27.37
C GLU I 111 -27.09 -1.11 -28.10
N GLU I 112 -25.80 -1.54 -28.10
CA GLU I 112 -24.69 -0.82 -28.75
C GLU I 112 -24.37 -1.38 -30.12
N GLU I 113 -24.39 -0.50 -31.15
CA GLU I 113 -24.08 -0.89 -32.52
C GLU I 113 -22.57 -1.21 -32.71
N PRO I 114 -21.59 -0.28 -32.44
CA PRO I 114 -20.17 -0.64 -32.63
C PRO I 114 -19.65 -1.85 -31.83
N LEU I 115 -18.79 -2.74 -32.40
CA LEU I 115 -18.17 -2.73 -33.74
C LEU I 115 -16.92 -1.82 -33.84
N GLU I 116 -16.31 -1.53 -32.67
CA GLU I 116 -15.08 -0.77 -32.51
C GLU I 116 -14.04 -1.68 -31.85
N ARG I 117 -13.83 -2.85 -32.47
CA ARG I 117 -12.88 -3.88 -32.07
C ARG I 117 -11.47 -3.51 -32.55
N ASP I 118 -11.37 -2.42 -33.33
CA ASP I 118 -10.12 -1.89 -33.85
C ASP I 118 -9.40 -0.96 -32.86
N PHE I 119 -10.10 -0.60 -31.74
CA PHE I 119 -9.59 0.24 -30.64
C PHE I 119 -8.43 -0.49 -29.95
N ASP I 120 -7.21 0.07 -30.07
CA ASP I 120 -5.98 -0.53 -29.53
C ASP I 120 -5.48 0.05 -28.20
N ARG I 121 -4.89 1.26 -28.22
CA ARG I 121 -4.31 1.91 -27.03
C ARG I 121 -5.36 2.41 -26.06
N PHE I 122 -5.20 2.05 -24.78
CA PHE I 122 -6.12 2.44 -23.71
C PHE I 122 -5.44 3.09 -22.48
N ILE I 123 -6.23 3.84 -21.72
CA ILE I 123 -5.87 4.55 -20.49
C ILE I 123 -7.08 4.44 -19.55
N GLY I 124 -6.82 4.47 -18.25
CA GLY I 124 -7.88 4.36 -17.25
C GLY I 124 -7.51 4.96 -15.91
N ALA I 125 -8.54 5.48 -15.21
CA ALA I 125 -8.38 6.09 -13.90
C ALA I 125 -8.14 5.03 -12.82
N THR I 126 -6.99 5.11 -12.16
CA THR I 126 -6.59 4.20 -11.07
C THR I 126 -7.07 4.75 -9.72
N ALA I 127 -7.33 6.07 -9.67
CA ALA I 127 -7.81 6.78 -8.49
C ALA I 127 -8.54 8.07 -8.85
N ASN I 128 -9.20 8.68 -7.86
CA ASN I 128 -9.89 9.96 -8.01
C ASN I 128 -9.67 10.85 -6.79
N PHE I 129 -9.85 12.16 -6.96
CA PHE I 129 -9.66 13.14 -5.89
C PHE I 129 -10.54 14.37 -6.07
N SER I 130 -11.01 14.92 -4.95
CA SER I 130 -11.85 16.12 -4.89
C SER I 130 -11.05 17.32 -4.38
N ARG I 131 -9.84 17.08 -3.84
CA ARG I 131 -8.92 18.10 -3.27
C ARG I 131 -7.50 17.59 -3.15
N PHE I 132 -6.55 18.51 -2.85
CA PHE I 132 -5.12 18.20 -2.64
C PHE I 132 -4.44 19.24 -1.76
N THR I 133 -3.42 18.83 -1.00
CA THR I 133 -2.66 19.73 -0.14
C THR I 133 -1.51 20.34 -0.96
N LEU I 134 -1.37 21.66 -0.88
CA LEU I 134 -0.35 22.44 -1.59
C LEU I 134 0.79 22.81 -0.63
N TRP I 135 1.94 22.15 -0.77
CA TRP I 135 3.12 22.39 0.08
C TRP I 135 4.10 23.40 -0.54
N GLY I 136 4.68 24.22 0.33
CA GLY I 136 5.67 25.23 -0.03
C GLY I 136 6.86 25.23 0.90
N LEU I 137 8.05 25.58 0.37
CA LEU I 137 9.28 25.64 1.17
C LEU I 137 9.19 26.77 2.22
N GLU I 138 9.19 26.39 3.51
CA GLU I 138 9.08 27.28 4.69
C GLU I 138 7.73 27.97 4.86
N THR I 139 7.17 28.53 3.78
CA THR I 139 5.91 29.27 3.81
C THR I 139 4.88 28.67 2.84
N ILE I 140 3.57 28.89 3.11
CA ILE I 140 2.47 28.43 2.26
C ILE I 140 2.52 29.27 0.97
N PRO I 141 2.46 28.65 -0.25
CA PRO I 141 2.49 29.47 -1.49
C PRO I 141 1.45 30.60 -1.50
N GLY I 142 1.83 31.74 -2.06
CA GLY I 142 0.96 32.91 -2.11
C GLY I 142 -0.24 32.76 -3.04
N PRO I 143 -1.20 33.72 -3.05
CA PRO I 143 -2.34 33.60 -3.97
C PRO I 143 -1.91 33.88 -5.41
N ASP I 144 -0.65 34.35 -5.53
CA ASP I 144 0.08 34.69 -6.74
C ASP I 144 0.66 33.46 -7.43
N ALA I 145 0.63 32.29 -6.76
CA ALA I 145 1.13 30.98 -7.23
C ALA I 145 0.54 30.57 -8.59
N LYS I 146 1.35 29.94 -9.46
CA LYS I 146 0.92 29.51 -10.79
C LYS I 146 -0.22 28.48 -10.75
N VAL I 147 -0.12 27.47 -9.85
CA VAL I 147 -1.12 26.40 -9.63
C VAL I 147 -2.49 26.99 -9.30
N ARG I 148 -2.50 27.98 -8.39
CA ARG I 148 -3.68 28.69 -7.91
C ARG I 148 -4.40 29.41 -9.06
N GLY I 149 -3.62 29.93 -10.00
CA GLY I 149 -4.13 30.60 -11.18
C GLY I 149 -4.58 29.62 -12.24
N ALA I 150 -3.82 28.50 -12.40
CA ALA I 150 -4.12 27.44 -13.37
C ALA I 150 -5.47 26.80 -13.04
N LEU I 151 -5.80 26.70 -11.74
CA LEU I 151 -7.06 26.15 -11.25
C LEU I 151 -8.26 27.03 -11.58
N THR I 152 -8.03 28.33 -11.85
CA THR I 152 -9.07 29.29 -12.21
C THR I 152 -9.32 29.42 -13.74
N TRP I 153 -8.56 28.63 -14.55
CA TRP I 153 -8.66 28.58 -16.01
C TRP I 153 -9.89 27.84 -16.51
N PRO I 154 -10.26 26.64 -15.99
CA PRO I 154 -11.47 25.96 -16.51
C PRO I 154 -12.73 26.81 -16.49
N SER I 155 -12.86 27.72 -15.50
CA SER I 155 -14.02 28.60 -15.38
C SER I 155 -14.06 29.68 -16.46
N LEU I 156 -12.88 30.17 -16.90
CA LEU I 156 -12.80 31.17 -17.96
C LEU I 156 -13.07 30.50 -19.31
N ALA I 157 -12.48 29.31 -19.53
CA ALA I 157 -12.60 28.47 -20.72
C ALA I 157 -14.06 28.15 -21.06
N ALA I 158 -14.90 27.96 -20.02
CA ALA I 158 -16.33 27.66 -20.12
C ALA I 158 -17.08 28.82 -20.79
N ALA I 159 -16.69 30.07 -20.43
CA ALA I 159 -17.27 31.30 -20.95
C ALA I 159 -16.74 31.65 -22.34
N ILE I 160 -15.40 31.57 -22.54
CA ILE I 160 -14.70 31.87 -23.81
C ILE I 160 -15.19 30.94 -24.94
N HIS I 161 -15.23 29.62 -24.68
CA HIS I 161 -15.56 28.61 -25.67
C HIS I 161 -17.03 28.21 -25.85
N ALA I 162 -17.94 28.95 -25.16
CA ALA I 162 -19.37 28.76 -25.29
C ALA I 162 -19.81 29.33 -26.65
N GLN I 163 -20.86 28.75 -27.27
CA GLN I 163 -21.39 29.16 -28.57
C GLN I 163 -22.04 30.55 -28.58
N VAL I 164 -21.80 31.32 -29.67
CA VAL I 164 -22.34 32.65 -29.90
C VAL I 164 -23.86 32.53 -30.24
N PRO I 165 -24.77 33.26 -29.55
CA PRO I 165 -26.22 33.11 -29.85
C PRO I 165 -26.66 33.95 -31.04
N LEU J 6 -20.86 18.88 42.63
CA LEU J 6 -20.43 19.16 41.25
C LEU J 6 -21.19 18.30 40.22
N SER J 7 -22.37 17.77 40.62
CA SER J 7 -23.26 16.93 39.81
C SER J 7 -23.87 17.69 38.63
N GLU J 8 -24.10 19.02 38.80
CA GLU J 8 -24.70 19.89 37.78
C GLU J 8 -23.84 20.07 36.52
N LEU J 9 -22.56 19.62 36.56
CA LEU J 9 -21.61 19.69 35.45
C LEU J 9 -21.99 18.72 34.31
N GLU J 10 -22.68 17.61 34.66
CA GLU J 10 -23.14 16.59 33.72
C GLU J 10 -24.34 17.09 32.87
N ARG J 11 -25.09 18.10 33.38
CA ARG J 11 -26.24 18.71 32.72
C ARG J 11 -25.81 19.58 31.53
N ASP J 12 -26.66 19.64 30.47
CA ASP J 12 -26.41 20.40 29.25
C ASP J 12 -26.27 21.89 29.52
N ASN J 13 -25.18 22.50 28.99
CA ASN J 13 -24.88 23.91 29.14
C ASN J 13 -25.29 24.69 27.88
N THR J 14 -26.20 25.65 28.06
CA THR J 14 -26.73 26.52 27.01
C THR J 14 -25.64 27.53 26.60
N GLY J 15 -25.26 28.38 27.55
CA GLY J 15 -24.24 29.40 27.42
C GLY J 15 -23.38 29.44 28.65
N ARG J 16 -23.95 29.95 29.76
CA ARG J 16 -23.30 30.06 31.07
C ARG J 16 -23.87 29.02 32.03
N CYS J 17 -23.09 28.67 33.07
CA CYS J 17 -23.51 27.72 34.10
C CYS J 17 -22.83 28.07 35.43
N ARG J 18 -23.64 28.47 36.41
CA ARG J 18 -23.18 28.84 37.73
C ARG J 18 -23.21 27.67 38.70
N LEU J 19 -22.14 27.54 39.49
CA LEU J 19 -21.98 26.55 40.53
C LEU J 19 -21.42 27.28 41.73
N SER J 20 -22.21 27.39 42.79
CA SER J 20 -21.83 28.14 43.99
C SER J 20 -21.80 27.28 45.24
N SER J 21 -20.99 27.69 46.22
CA SER J 21 -20.89 27.05 47.53
C SER J 21 -21.78 27.84 48.50
N PRO J 22 -22.49 27.18 49.46
CA PRO J 22 -23.31 27.95 50.42
C PRO J 22 -22.45 28.95 51.18
N VAL J 23 -22.94 30.20 51.28
CA VAL J 23 -22.22 31.29 51.95
C VAL J 23 -22.08 31.03 53.47
N PRO J 24 -20.82 30.90 53.98
CA PRO J 24 -20.64 30.69 55.43
C PRO J 24 -21.11 31.90 56.24
N ALA J 25 -21.62 31.66 57.47
CA ALA J 25 -22.11 32.72 58.37
C ALA J 25 -21.02 33.74 58.67
N VAL J 26 -19.74 33.28 58.75
CA VAL J 26 -18.56 34.11 58.99
C VAL J 26 -18.29 35.08 57.81
N CYS J 27 -18.65 34.67 56.59
CA CYS J 27 -18.48 35.47 55.38
C CYS J 27 -19.50 36.58 55.26
N ARG J 28 -20.71 36.35 55.81
CA ARG J 28 -21.78 37.35 55.83
C ARG J 28 -21.51 38.40 56.93
N LYS J 29 -20.72 38.02 57.96
CA LYS J 29 -20.37 38.85 59.10
C LYS J 29 -19.13 39.74 58.88
N GLU J 30 -17.91 39.19 59.10
CA GLU J 30 -16.62 39.86 58.98
C GLU J 30 -16.29 40.32 57.54
N PRO J 31 -15.39 41.31 57.32
CA PRO J 31 -15.08 41.72 55.93
C PRO J 31 -14.23 40.68 55.20
N CYS J 32 -14.63 40.35 53.96
CA CYS J 32 -13.99 39.32 53.13
C CYS J 32 -13.05 39.84 52.08
N VAL J 33 -12.09 38.97 51.69
CA VAL J 33 -11.11 39.17 50.62
C VAL J 33 -11.52 38.23 49.46
N LEU J 34 -11.38 38.68 48.19
CA LEU J 34 -11.79 37.88 47.01
C LEU J 34 -10.65 37.61 46.01
N GLY J 35 -10.65 36.40 45.44
CA GLY J 35 -9.67 35.97 44.45
C GLY J 35 -10.31 35.54 43.14
N VAL J 36 -9.79 36.01 41.99
CA VAL J 36 -10.34 35.69 40.65
C VAL J 36 -9.28 35.07 39.73
N ASP J 37 -9.62 33.96 39.04
CA ASP J 37 -8.75 33.27 38.09
C ASP J 37 -9.58 32.48 37.05
N GLU J 38 -8.99 32.25 35.86
CA GLU J 38 -9.62 31.50 34.77
C GLU J 38 -8.91 30.21 34.36
N ALA J 39 -9.65 29.30 33.72
CA ALA J 39 -9.16 28.01 33.23
C ALA J 39 -9.80 27.69 31.87
N GLY J 40 -9.00 27.08 31.00
CA GLY J 40 -9.43 26.68 29.67
C GLY J 40 -9.48 27.81 28.67
N ARG J 41 -8.46 28.67 28.69
CA ARG J 41 -8.38 29.82 27.78
C ARG J 41 -7.71 29.48 26.45
N GLY J 42 -6.75 28.57 26.49
CA GLY J 42 -5.97 28.17 25.33
C GLY J 42 -6.55 27.16 24.36
N PRO J 43 -7.24 26.07 24.81
CA PRO J 43 -7.72 25.06 23.84
C PRO J 43 -8.76 25.51 22.81
N VAL J 44 -8.79 24.81 21.67
CA VAL J 44 -9.70 25.03 20.54
C VAL J 44 -11.07 24.39 20.82
N LEU J 45 -11.13 23.45 21.77
CA LEU J 45 -12.38 22.78 22.12
C LEU J 45 -12.65 22.69 23.62
N GLY J 46 -13.92 22.82 24.01
CA GLY J 46 -14.33 22.74 25.41
C GLY J 46 -14.72 24.04 26.07
N PRO J 47 -15.24 23.97 27.33
CA PRO J 47 -15.66 25.21 28.01
C PRO J 47 -14.53 26.04 28.62
N MET J 48 -14.87 27.27 29.07
CA MET J 48 -13.95 28.19 29.76
C MET J 48 -14.55 28.47 31.13
N VAL J 49 -13.75 28.31 32.19
CA VAL J 49 -14.21 28.48 33.56
C VAL J 49 -13.56 29.66 34.26
N TYR J 50 -14.39 30.51 34.89
CA TYR J 50 -13.97 31.66 35.70
C TYR J 50 -14.45 31.37 37.11
N ALA J 51 -13.54 31.32 38.07
CA ALA J 51 -13.90 31.03 39.45
C ALA J 51 -13.46 32.09 40.42
N ILE J 52 -14.26 32.30 41.47
CA ILE J 52 -14.00 33.23 42.56
C ILE J 52 -13.89 32.48 43.89
N CYS J 53 -13.12 33.05 44.83
CA CYS J 53 -12.92 32.48 46.15
C CYS J 53 -12.93 33.56 47.22
N TYR J 54 -13.83 33.43 48.19
CA TYR J 54 -13.97 34.36 49.31
C TYR J 54 -13.60 33.75 50.65
N CYS J 55 -13.01 34.58 51.53
CA CYS J 55 -12.54 34.23 52.86
C CYS J 55 -12.46 35.52 53.70
N PRO J 56 -12.88 35.51 55.00
CA PRO J 56 -12.80 36.75 55.80
C PRO J 56 -11.37 37.19 56.12
N LEU J 57 -11.17 38.52 56.26
CA LEU J 57 -9.89 39.15 56.61
C LEU J 57 -9.35 38.70 57.98
N PRO J 58 -10.15 38.58 59.09
CA PRO J 58 -9.57 38.14 60.37
C PRO J 58 -9.03 36.70 60.36
N ARG J 59 -9.68 35.80 59.60
CA ARG J 59 -9.29 34.39 59.48
C ARG J 59 -8.43 34.12 58.22
N LEU J 60 -7.68 35.16 57.77
CA LEU J 60 -6.80 35.11 56.60
C LEU J 60 -5.58 34.22 56.81
N ALA J 61 -4.94 34.31 58.00
CA ALA J 61 -3.76 33.52 58.37
C ALA J 61 -4.03 32.01 58.34
N ASP J 62 -5.28 31.61 58.61
CA ASP J 62 -5.74 30.21 58.59
C ASP J 62 -5.78 29.63 57.16
N LEU J 63 -5.85 30.50 56.12
CA LEU J 63 -5.84 30.09 54.71
C LEU J 63 -4.43 29.67 54.27
N GLU J 64 -3.40 30.24 54.93
CA GLU J 64 -2.00 29.91 54.66
C GLU J 64 -1.63 28.57 55.28
N ALA J 65 -2.25 28.23 56.44
CA ALA J 65 -2.05 26.98 57.19
C ALA J 65 -2.38 25.75 56.34
N LEU J 66 -3.58 25.72 55.74
CA LEU J 66 -3.97 24.61 54.87
C LEU J 66 -3.31 24.83 53.52
N LYS J 67 -2.72 23.77 52.94
CA LYS J 67 -2.07 23.86 51.64
C LYS J 67 -3.15 23.93 50.56
N VAL J 68 -3.28 25.09 49.91
CA VAL J 68 -4.25 25.36 48.86
C VAL J 68 -3.67 26.33 47.78
N ALA J 69 -2.37 26.18 47.53
CA ALA J 69 -1.64 26.97 46.54
C ALA J 69 -1.61 26.22 45.22
N ASP J 70 -2.01 26.89 44.12
CA ASP J 70 -2.04 26.32 42.79
C ASP J 70 -0.68 26.52 42.12
N SER J 71 -0.05 25.41 41.73
CA SER J 71 1.26 25.42 41.07
C SER J 71 1.09 25.24 39.56
N LYS J 72 1.85 26.03 38.76
CA LYS J 72 1.85 25.98 37.29
C LYS J 72 2.21 24.60 36.76
N THR J 73 3.02 23.84 37.52
CA THR J 73 3.41 22.47 37.24
C THR J 73 2.75 21.58 38.32
N LEU J 74 1.55 21.05 38.00
CA LEU J 74 0.77 20.21 38.93
C LEU J 74 0.11 18.99 38.25
N LEU J 75 -0.49 18.10 39.06
CA LEU J 75 -1.16 16.87 38.60
C LEU J 75 -2.69 17.00 38.64
N GLU J 76 -3.38 16.14 37.83
CA GLU J 76 -4.84 16.09 37.69
C GLU J 76 -5.56 15.71 39.00
N SER J 77 -5.13 14.60 39.64
CA SER J 77 -5.69 14.12 40.92
C SER J 77 -5.28 15.02 42.08
N GLU J 78 -4.12 15.70 41.96
CA GLU J 78 -3.58 16.63 42.96
C GLU J 78 -4.52 17.82 43.16
N ARG J 79 -5.05 18.40 42.06
CA ARG J 79 -5.98 19.52 42.08
C ARG J 79 -7.32 19.15 42.73
N GLU J 80 -7.78 17.90 42.51
CA GLU J 80 -9.03 17.35 43.07
C GLU J 80 -8.94 17.23 44.60
N ARG J 81 -7.75 16.82 45.12
CA ARG J 81 -7.49 16.68 46.56
C ARG J 81 -7.35 18.05 47.23
N LEU J 82 -6.82 19.06 46.50
CA LEU J 82 -6.66 20.44 46.97
C LEU J 82 -8.03 21.10 47.19
N PHE J 83 -9.00 20.81 46.28
CA PHE J 83 -10.38 21.31 46.36
C PHE J 83 -11.15 20.58 47.45
N ALA J 84 -10.85 19.28 47.65
CA ALA J 84 -11.48 18.41 48.64
C ALA J 84 -11.31 18.96 50.06
N LYS J 85 -10.10 19.47 50.39
CA LYS J 85 -9.82 20.04 51.72
C LYS J 85 -10.39 21.46 51.92
N MET J 86 -10.76 22.15 50.82
CA MET J 86 -11.37 23.49 50.84
C MET J 86 -12.78 23.43 51.39
N GLU J 87 -13.59 22.47 50.91
CA GLU J 87 -14.98 22.27 51.35
C GLU J 87 -15.07 21.13 52.36
N ASP J 90 -14.76 25.49 56.08
CA ASP J 90 -15.52 26.07 57.17
C ASP J 90 -15.68 27.59 57.04
N PHE J 91 -14.62 28.27 56.53
CA PHE J 91 -14.57 29.71 56.35
C PHE J 91 -14.31 30.15 54.88
N VAL J 92 -13.91 29.19 54.02
CA VAL J 92 -13.62 29.40 52.59
C VAL J 92 -14.84 29.06 51.73
N GLY J 93 -15.36 30.07 51.04
CA GLY J 93 -16.50 29.97 50.14
C GLY J 93 -16.11 30.24 48.69
N TRP J 94 -16.76 29.54 47.73
CA TRP J 94 -16.47 29.65 46.30
C TRP J 94 -17.71 29.80 45.41
N ALA J 95 -17.47 30.19 44.14
CA ALA J 95 -18.44 30.34 43.05
C ALA J 95 -17.71 30.31 41.71
N LEU J 96 -18.28 29.64 40.71
CA LEU J 96 -17.68 29.54 39.38
C LEU J 96 -18.68 29.71 38.23
N ASP J 97 -18.16 30.03 37.03
CA ASP J 97 -18.93 30.25 35.83
C ASP J 97 -18.38 29.45 34.65
N VAL J 98 -19.14 28.46 34.18
CA VAL J 98 -18.78 27.57 33.08
C VAL J 98 -19.35 28.11 31.76
N LEU J 99 -18.47 28.64 30.89
CA LEU J 99 -18.87 29.19 29.59
C LEU J 99 -18.66 28.13 28.51
N SER J 100 -19.76 27.64 27.93
CA SER J 100 -19.76 26.62 26.88
C SER J 100 -19.11 27.16 25.60
N PRO J 101 -18.35 26.30 24.85
CA PRO J 101 -17.74 26.76 23.58
C PRO J 101 -18.72 27.38 22.60
N ASN J 102 -20.04 27.18 22.83
CA ASN J 102 -21.12 27.74 22.03
C ASN J 102 -21.24 29.25 22.31
N LEU J 103 -21.30 29.64 23.61
CA LEU J 103 -21.37 31.04 24.04
C LEU J 103 -20.13 31.82 23.57
N ILE J 104 -18.92 31.23 23.81
CA ILE J 104 -17.63 31.80 23.44
C ILE J 104 -17.65 32.21 21.95
N SER J 105 -18.04 31.26 21.06
CA SER J 105 -18.12 31.44 19.61
C SER J 105 -19.17 32.49 19.23
N THR J 106 -20.44 32.28 19.65
CA THR J 106 -21.58 33.18 19.37
C THR J 106 -21.36 34.63 19.84
N SER J 107 -20.40 34.84 20.77
CA SER J 107 -20.05 36.15 21.31
C SER J 107 -19.01 36.81 20.43
N MET J 108 -17.89 36.12 20.15
CA MET J 108 -16.81 36.61 19.30
C MET J 108 -17.21 36.66 17.81
N LEU J 109 -18.23 35.89 17.39
CA LEU J 109 -18.69 35.80 16.00
C LEU J 109 -20.00 36.57 15.66
N GLY J 110 -20.49 37.39 16.58
CA GLY J 110 -21.72 38.14 16.35
C GLY J 110 -21.63 39.30 15.37
N ARG J 111 -22.79 39.99 15.15
CA ARG J 111 -22.92 41.18 14.28
C ARG J 111 -21.92 42.25 14.75
N VAL J 112 -21.91 42.52 16.08
CA VAL J 112 -20.97 43.43 16.73
C VAL J 112 -19.95 42.59 17.55
N LYS J 113 -18.66 42.74 17.20
CA LYS J 113 -17.53 42.02 17.81
C LYS J 113 -17.43 42.18 19.33
N TYR J 114 -17.47 41.03 20.02
CA TYR J 114 -17.39 40.96 21.48
C TYR J 114 -16.23 40.02 21.80
N ASN J 115 -15.01 40.61 21.87
CA ASN J 115 -13.76 39.89 22.09
C ASN J 115 -13.64 39.18 23.43
N LEU J 116 -13.00 38.00 23.43
CA LEU J 116 -12.76 37.13 24.58
C LEU J 116 -12.37 37.89 25.86
N ASN J 117 -11.44 38.86 25.76
CA ASN J 117 -10.95 39.67 26.87
C ASN J 117 -12.04 40.53 27.50
N SER J 118 -13.04 40.98 26.70
CA SER J 118 -14.15 41.77 27.22
C SER J 118 -15.16 40.85 27.92
N LEU J 119 -15.33 39.61 27.40
CA LEU J 119 -16.20 38.58 27.97
C LEU J 119 -15.60 38.06 29.29
N SER J 120 -14.25 38.04 29.38
CA SER J 120 -13.49 37.65 30.58
C SER J 120 -13.76 38.64 31.70
N HIS J 121 -13.69 39.96 31.41
CA HIS J 121 -13.93 41.04 32.36
C HIS J 121 -15.39 41.05 32.84
N ASP J 122 -16.34 40.89 31.89
CA ASP J 122 -17.78 40.86 32.16
C ASP J 122 -18.17 39.70 33.06
N THR J 123 -17.71 38.48 32.74
CA THR J 123 -18.00 37.29 33.54
C THR J 123 -17.37 37.38 34.93
N ALA J 124 -16.19 38.04 35.04
CA ALA J 124 -15.51 38.26 36.32
C ALA J 124 -16.35 39.22 37.19
N THR J 125 -16.85 40.32 36.59
CA THR J 125 -17.70 41.30 37.28
C THR J 125 -19.05 40.70 37.64
N GLY J 126 -19.44 39.66 36.92
CA GLY J 126 -20.69 38.93 37.15
C GLY J 126 -20.65 38.10 38.43
N LEU J 127 -19.48 37.48 38.69
CA LEU J 127 -19.25 36.66 39.89
C LEU J 127 -19.02 37.53 41.13
N ILE J 128 -18.30 38.66 40.99
CA ILE J 128 -18.04 39.63 42.06
C ILE J 128 -19.38 40.20 42.57
N GLN J 129 -20.33 40.44 41.64
CA GLN J 129 -21.67 40.92 41.95
C GLN J 129 -22.49 39.81 42.61
N TYR J 130 -22.38 38.56 42.11
CA TYR J 130 -23.07 37.39 42.66
C TYR J 130 -22.76 37.22 44.13
N ALA J 131 -21.48 37.40 44.51
CA ALA J 131 -20.98 37.34 45.88
C ALA J 131 -21.71 38.39 46.73
N LEU J 132 -21.85 39.63 46.20
CA LEU J 132 -22.53 40.74 46.85
C LEU J 132 -24.03 40.49 47.04
N ASP J 133 -24.70 39.96 46.00
CA ASP J 133 -26.13 39.66 46.03
C ASP J 133 -26.47 38.52 47.00
N GLN J 134 -25.54 37.55 47.17
CA GLN J 134 -25.71 36.41 48.08
C GLN J 134 -25.44 36.74 49.56
N GLY J 135 -24.86 37.91 49.83
CA GLY J 135 -24.59 38.39 51.18
C GLY J 135 -23.15 38.48 51.66
N VAL J 136 -22.17 38.31 50.75
CA VAL J 136 -20.76 38.39 51.13
C VAL J 136 -20.35 39.87 51.32
N ASN J 137 -19.79 40.20 52.50
CA ASN J 137 -19.32 41.54 52.83
C ASN J 137 -17.91 41.76 52.25
N VAL J 138 -17.86 42.08 50.94
CA VAL J 138 -16.60 42.29 50.24
C VAL J 138 -16.04 43.71 50.36
N THR J 139 -14.75 43.81 50.69
CA THR J 139 -14.03 45.07 50.85
C THR J 139 -12.84 45.18 49.90
N GLN J 140 -12.15 44.06 49.63
CA GLN J 140 -10.99 44.01 48.74
C GLN J 140 -11.00 42.81 47.78
N VAL J 141 -10.84 43.09 46.47
CA VAL J 141 -10.85 42.09 45.40
C VAL J 141 -9.47 42.03 44.71
N PHE J 142 -8.94 40.80 44.52
CA PHE J 142 -7.66 40.54 43.84
C PHE J 142 -7.89 39.59 42.66
N VAL J 143 -7.41 39.97 41.45
CA VAL J 143 -7.61 39.17 40.22
C VAL J 143 -6.32 38.75 39.50
N ASP J 144 -6.33 37.55 38.87
CA ASP J 144 -5.23 37.03 38.07
C ASP J 144 -5.51 37.39 36.62
N THR J 145 -4.58 38.12 35.99
CA THR J 145 -4.68 38.58 34.60
C THR J 145 -3.63 37.92 33.70
N VAL J 146 -3.89 37.93 32.39
CA VAL J 146 -3.02 37.37 31.37
C VAL J 146 -2.29 38.47 30.56
N GLY J 147 -3.04 39.49 30.13
CA GLY J 147 -2.52 40.61 29.38
C GLY J 147 -1.97 41.70 30.28
N MET J 148 -2.49 42.93 30.11
CA MET J 148 -2.06 44.10 30.89
C MET J 148 -3.02 44.38 32.07
N PRO J 149 -2.50 44.53 33.32
CA PRO J 149 -3.39 44.76 34.48
C PRO J 149 -3.85 46.21 34.68
N GLU J 150 -3.21 47.19 34.01
CA GLU J 150 -3.52 48.63 34.15
C GLU J 150 -4.97 49.00 33.81
N THR J 151 -5.44 48.63 32.60
CA THR J 151 -6.80 48.93 32.13
C THR J 151 -7.85 48.03 32.78
N TYR J 152 -7.48 46.76 33.07
CA TYR J 152 -8.33 45.75 33.73
C TYR J 152 -8.80 46.30 35.09
N GLN J 153 -7.87 46.91 35.86
CA GLN J 153 -8.12 47.51 37.17
C GLN J 153 -9.10 48.69 37.09
N ALA J 154 -8.97 49.54 36.05
CA ALA J 154 -9.82 50.73 35.83
C ALA J 154 -11.28 50.41 35.52
N ARG J 155 -11.53 49.34 34.74
CA ARG J 155 -12.87 48.89 34.36
C ARG J 155 -13.64 48.26 35.53
N LEU J 156 -12.96 47.40 36.32
CA LEU J 156 -13.54 46.70 37.48
C LEU J 156 -13.80 47.62 38.69
N GLN J 157 -12.94 48.65 38.89
CA GLN J 157 -13.07 49.63 39.97
C GLN J 157 -14.30 50.52 39.72
N GLN J 158 -14.58 50.83 38.45
CA GLN J 158 -15.74 51.63 38.04
C GLN J 158 -17.03 50.85 38.27
N SER J 159 -16.99 49.52 38.05
CA SER J 159 -18.10 48.59 38.20
C SER J 159 -18.41 48.29 39.67
N PHE J 160 -17.40 48.41 40.56
CA PHE J 160 -17.53 48.17 42.01
C PHE J 160 -16.83 49.30 42.80
N PRO J 161 -17.50 50.46 43.00
CA PRO J 161 -16.85 51.57 43.70
C PRO J 161 -16.77 51.42 45.22
N GLY J 162 -17.48 50.44 45.77
CA GLY J 162 -17.47 50.17 47.20
C GLY J 162 -16.23 49.43 47.66
N ILE J 163 -15.81 48.41 46.89
CA ILE J 163 -14.66 47.57 47.17
C ILE J 163 -13.38 48.03 46.46
N GLU J 164 -12.21 47.75 47.08
CA GLU J 164 -10.88 48.09 46.54
C GLU J 164 -10.38 46.97 45.62
N VAL J 165 -10.39 47.22 44.30
CA VAL J 165 -9.98 46.25 43.27
C VAL J 165 -8.49 46.39 42.96
N THR J 166 -7.77 45.25 42.99
CA THR J 166 -6.33 45.18 42.72
C THR J 166 -6.00 44.07 41.71
N VAL J 167 -5.80 44.44 40.43
CA VAL J 167 -5.49 43.50 39.35
C VAL J 167 -3.97 43.42 39.15
N LYS J 168 -3.40 42.20 39.24
CA LYS J 168 -1.97 41.95 39.07
C LYS J 168 -1.70 40.64 38.35
N ALA J 169 -0.67 40.64 37.49
CA ALA J 169 -0.24 39.47 36.72
C ALA J 169 0.51 38.49 37.62
N LYS J 170 0.39 37.17 37.31
CA LYS J 170 0.99 36.04 38.04
C LYS J 170 0.62 36.03 39.53
N ALA J 171 -0.69 36.20 39.82
CA ALA J 171 -1.27 36.25 41.16
C ALA J 171 -1.40 34.88 41.86
N ASP J 172 -1.02 33.79 41.16
CA ASP J 172 -1.04 32.42 41.68
C ASP J 172 -0.04 32.19 42.81
N ALA J 173 1.02 33.03 42.88
CA ALA J 173 2.06 32.97 43.91
C ALA J 173 1.97 34.17 44.88
N LEU J 174 1.31 35.25 44.44
CA LEU J 174 1.12 36.47 45.22
C LEU J 174 0.16 36.30 46.39
N TYR J 175 -1.05 35.76 46.12
CA TYR J 175 -2.09 35.56 47.15
C TYR J 175 -2.60 34.11 47.14
N PRO J 176 -2.85 33.49 48.32
CA PRO J 176 -3.37 32.11 48.30
C PRO J 176 -4.85 32.02 47.91
N VAL J 177 -5.63 33.11 48.12
CA VAL J 177 -7.06 33.19 47.80
C VAL J 177 -7.30 33.12 46.27
N VAL J 178 -6.38 33.73 45.50
CA VAL J 178 -6.40 33.73 44.03
C VAL J 178 -5.98 32.34 43.54
N SER J 179 -5.06 31.69 44.28
CA SER J 179 -4.58 30.33 43.99
C SER J 179 -5.69 29.33 44.28
N ALA J 180 -6.54 29.61 45.29
CA ALA J 180 -7.69 28.78 45.66
C ALA J 180 -8.76 28.89 44.56
N ALA J 181 -8.93 30.09 43.98
CA ALA J 181 -9.87 30.36 42.88
C ALA J 181 -9.42 29.63 41.60
N SER J 182 -8.08 29.55 41.39
CA SER J 182 -7.45 28.86 40.25
C SER J 182 -7.71 27.36 40.31
N ILE J 183 -7.63 26.76 41.52
CA ILE J 183 -7.88 25.32 41.76
C ILE J 183 -9.33 24.99 41.39
N CYS J 184 -10.30 25.77 41.94
CA CYS J 184 -11.74 25.64 41.70
C CYS J 184 -12.05 25.69 40.21
N ALA J 185 -11.43 26.66 39.48
CA ALA J 185 -11.57 26.84 38.03
C ALA J 185 -11.05 25.64 37.26
N LYS J 186 -9.77 25.27 37.47
CA LYS J 186 -9.09 24.16 36.80
C LYS J 186 -9.72 22.80 37.04
N VAL J 187 -10.24 22.55 38.25
CA VAL J 187 -10.88 21.29 38.57
C VAL J 187 -12.27 21.19 37.90
N ALA J 188 -12.99 22.32 37.79
CA ALA J 188 -14.31 22.39 37.19
C ALA J 188 -14.26 22.16 35.69
N ARG J 189 -13.25 22.71 34.99
CA ARG J 189 -13.09 22.54 33.54
C ARG J 189 -12.70 21.11 33.18
N ASP J 190 -11.92 20.42 34.05
CA ASP J 190 -11.49 19.04 33.82
C ASP J 190 -12.64 18.06 34.05
N GLN J 191 -13.57 18.41 34.96
CA GLN J 191 -14.78 17.63 35.23
C GLN J 191 -15.82 17.91 34.13
N ALA J 192 -15.84 19.15 33.61
CA ALA J 192 -16.75 19.59 32.54
C ALA J 192 -16.43 18.94 31.21
N VAL J 193 -15.12 18.77 30.87
CA VAL J 193 -14.68 18.14 29.61
C VAL J 193 -14.95 16.63 29.59
N LYS J 194 -14.64 15.94 30.70
CA LYS J 194 -14.82 14.49 30.86
C LYS J 194 -16.31 14.10 30.87
N LYS J 195 -17.14 14.91 31.52
CA LYS J 195 -18.58 14.67 31.59
C LYS J 195 -19.35 15.77 30.84
N TRP J 196 -19.07 15.91 29.53
CA TRP J 196 -19.72 16.89 28.67
C TRP J 196 -20.89 16.28 27.90
N GLN J 197 -22.09 16.88 28.07
CA GLN J 197 -23.33 16.44 27.42
C GLN J 197 -23.46 17.14 26.07
N PHE J 198 -23.06 16.42 25.00
CA PHE J 198 -23.06 16.88 23.60
C PHE J 198 -24.47 17.09 23.07
N VAL J 199 -24.72 18.26 22.46
CA VAL J 199 -26.02 18.60 21.87
C VAL J 199 -26.29 17.83 20.56
N GLU J 200 -25.23 17.37 19.88
CA GLU J 200 -25.32 16.60 18.64
C GLU J 200 -25.77 15.16 18.93
N LYS J 201 -26.34 14.47 17.92
CA LYS J 201 -26.83 13.10 18.03
C LYS J 201 -25.69 12.08 18.06
N LEU J 202 -24.86 12.03 17.00
CA LEU J 202 -23.69 11.15 16.84
C LEU J 202 -23.90 9.67 17.22
N ASP J 204 -21.09 8.74 15.81
CA ASP J 204 -20.25 7.94 16.70
C ASP J 204 -19.38 8.82 17.58
N LEU J 205 -19.44 8.62 18.91
CA LEU J 205 -18.67 9.38 19.89
C LEU J 205 -17.20 8.94 19.96
N ASP J 206 -16.27 9.91 20.05
CA ASP J 206 -14.83 9.65 20.10
C ASP J 206 -14.21 9.86 21.48
N THR J 207 -14.63 10.93 22.19
CA THR J 207 -14.18 11.33 23.54
C THR J 207 -12.64 11.40 23.78
N ASP J 208 -11.84 11.26 22.71
CA ASP J 208 -10.39 11.31 22.80
C ASP J 208 -9.86 12.58 22.13
N TYR J 209 -9.63 13.62 22.95
CA TYR J 209 -9.11 14.92 22.52
C TYR J 209 -7.77 15.22 23.21
N GLY J 210 -7.78 15.18 24.54
CA GLY J 210 -6.60 15.43 25.36
C GLY J 210 -6.52 16.86 25.84
N SER J 211 -5.46 17.57 25.42
CA SER J 211 -5.21 18.95 25.81
C SER J 211 -6.19 19.96 25.20
N GLY J 212 -6.56 19.74 23.95
CA GLY J 212 -7.47 20.61 23.21
C GLY J 212 -6.76 21.59 22.30
N TYR J 213 -5.42 21.46 22.19
CA TYR J 213 -4.56 22.29 21.34
C TYR J 213 -4.29 21.52 20.03
N PRO J 214 -4.14 22.20 18.86
CA PRO J 214 -3.89 21.45 17.60
C PRO J 214 -2.60 20.63 17.56
N ASN J 215 -1.53 21.11 18.25
CA ASN J 215 -0.22 20.49 18.35
C ASN J 215 -0.28 19.04 18.88
N ASP J 216 -1.31 18.75 19.70
CA ASP J 216 -1.56 17.44 20.28
C ASP J 216 -1.92 16.45 19.16
N PRO J 217 -1.25 15.28 19.08
CA PRO J 217 -1.57 14.31 18.00
C PRO J 217 -3.00 13.78 18.11
N LYS J 218 -3.52 13.61 19.35
CA LYS J 218 -4.86 13.14 19.63
C LYS J 218 -5.94 14.18 19.27
N THR J 219 -5.67 15.49 19.52
CA THR J 219 -6.60 16.59 19.20
C THR J 219 -6.72 16.80 17.69
N LYS J 220 -5.57 16.90 16.98
CA LYS J 220 -5.51 17.08 15.52
C LYS J 220 -6.21 15.92 14.82
N ALA J 221 -6.15 14.71 15.43
CA ALA J 221 -6.81 13.49 14.93
C ALA J 221 -8.32 13.60 15.14
N TRP J 222 -8.78 14.22 16.27
CA TRP J 222 -10.20 14.41 16.58
C TRP J 222 -10.80 15.45 15.63
N LEU J 223 -10.04 16.51 15.32
CA LEU J 223 -10.44 17.58 14.40
C LEU J 223 -10.66 17.02 13.01
N LYS J 224 -9.73 16.15 12.52
CA LYS J 224 -9.82 15.49 11.22
C LYS J 224 -11.06 14.59 11.13
N GLU J 225 -11.29 13.77 12.18
CA GLU J 225 -12.40 12.83 12.31
C GLU J 225 -13.76 13.54 12.42
N HIS J 226 -13.79 14.74 13.04
CA HIS J 226 -15.02 15.50 13.24
C HIS J 226 -15.31 16.69 12.31
N VAL J 227 -14.82 16.61 11.05
CA VAL J 227 -15.07 17.64 10.04
C VAL J 227 -16.28 17.23 9.20
N GLU J 228 -17.22 18.17 9.03
CA GLU J 228 -18.43 18.00 8.25
C GLU J 228 -18.48 19.09 7.16
N PRO J 229 -18.68 18.76 5.86
CA PRO J 229 -18.68 19.82 4.83
C PRO J 229 -19.70 20.95 5.00
N VAL J 230 -20.92 20.62 5.47
CA VAL J 230 -22.00 21.59 5.65
C VAL J 230 -21.92 22.30 7.00
N PHE J 231 -22.02 21.55 8.10
CA PHE J 231 -22.03 22.07 9.47
C PHE J 231 -20.68 22.49 10.02
N GLY J 232 -19.62 21.89 9.51
CA GLY J 232 -18.27 22.18 9.94
C GLY J 232 -17.80 21.30 11.08
N PHE J 233 -18.07 21.74 12.31
CA PHE J 233 -17.69 21.04 13.52
C PHE J 233 -18.88 20.97 14.49
N PRO J 234 -18.87 20.05 15.50
CA PRO J 234 -19.93 20.09 16.53
C PRO J 234 -19.80 21.37 17.36
N GLN J 235 -20.77 21.64 18.24
CA GLN J 235 -20.76 22.85 19.08
C GLN J 235 -19.60 22.93 20.09
N PHE J 236 -19.03 21.76 20.47
CA PHE J 236 -17.93 21.57 21.41
C PHE J 236 -16.62 22.28 20.96
N VAL J 237 -16.52 22.64 19.67
CA VAL J 237 -15.37 23.34 19.10
C VAL J 237 -15.61 24.85 19.21
N ARG J 238 -14.53 25.62 19.50
CA ARG J 238 -14.58 27.08 19.56
C ARG J 238 -14.30 27.56 18.14
N PHE J 239 -15.38 27.84 17.38
CA PHE J 239 -15.35 28.30 15.99
C PHE J 239 -14.53 29.57 15.77
N SER J 240 -14.55 30.51 16.74
CA SER J 240 -13.83 31.78 16.70
C SER J 240 -12.31 31.67 16.75
N TRP J 241 -11.77 30.52 17.21
CA TRP J 241 -10.34 30.23 17.29
C TRP J 241 -9.73 30.14 15.89
N ARG J 242 -8.51 30.70 15.71
CA ARG J 242 -7.79 30.71 14.42
C ARG J 242 -7.57 29.33 13.80
N THR J 243 -7.37 28.29 14.64
CA THR J 243 -7.17 26.92 14.17
C THR J 243 -8.42 26.39 13.47
N ALA J 244 -9.59 26.51 14.13
CA ALA J 244 -10.88 26.06 13.61
C ALA J 244 -11.26 26.79 12.31
N GLN J 245 -11.03 28.12 12.27
CA GLN J 245 -11.31 28.94 11.08
C GLN J 245 -10.52 28.45 9.87
N THR J 246 -9.22 28.20 10.07
CA THR J 246 -8.25 27.67 9.10
C THR J 246 -8.75 26.34 8.52
N ILE J 247 -9.09 25.37 9.40
CA ILE J 247 -9.59 24.05 9.00
C ILE J 247 -10.85 24.17 8.13
N LEU J 248 -11.90 24.85 8.66
CA LEU J 248 -13.18 25.05 7.97
C LEU J 248 -13.10 25.78 6.63
N GLU J 249 -12.20 26.79 6.51
CA GLU J 249 -12.02 27.56 5.27
C GLU J 249 -11.40 26.74 4.13
N LYS J 250 -10.66 25.65 4.48
CA LYS J 250 -9.98 24.80 3.51
C LYS J 250 -10.45 23.33 3.47
N GLU J 251 -11.16 22.86 4.52
CA GLU J 251 -11.65 21.47 4.60
C GLU J 251 -13.18 21.32 4.52
N ALA J 252 -13.94 22.39 4.79
CA ALA J 252 -15.40 22.37 4.71
C ALA J 252 -15.88 23.25 3.55
N GLU J 253 -17.20 23.25 3.27
CA GLU J 253 -17.78 24.04 2.18
C GLU J 253 -17.80 25.54 2.47
N ASP J 254 -18.04 26.35 1.43
CA ASP J 254 -18.09 27.81 1.54
C ASP J 254 -19.41 28.32 2.06
N VAL J 255 -19.35 29.19 3.08
CA VAL J 255 -20.53 29.82 3.67
C VAL J 255 -20.37 31.33 3.57
N ILE J 256 -21.36 32.02 2.98
CA ILE J 256 -21.30 33.46 2.80
C ILE J 256 -22.43 34.14 3.58
N TRP J 257 -22.04 34.89 4.61
CA TRP J 257 -22.93 35.65 5.47
C TRP J 257 -23.12 37.05 4.90
N GLU J 258 -24.15 37.77 5.37
CA GLU J 258 -24.48 39.14 4.96
C GLU J 258 -23.35 40.13 5.21
N ASP J 259 -22.54 39.90 6.25
CA ASP J 259 -21.41 40.78 6.61
C ASP J 259 -20.01 40.16 6.34
N SER J 260 -19.96 39.06 5.58
CA SER J 260 -18.73 38.34 5.21
C SER J 260 -17.82 39.12 4.26
N ALA J 261 -16.54 38.72 4.19
CA ALA J 261 -15.50 39.29 3.32
C ALA J 261 -15.87 38.99 1.85
N SER J 262 -16.11 40.08 1.07
CA SER J 262 -16.53 40.05 -0.35
C SER J 262 -17.82 39.26 -0.58
N SER J 287 -40.70 43.99 -14.39
CA SER J 287 -40.69 44.12 -12.94
C SER J 287 -40.61 45.59 -12.50
N HIS J 288 -41.47 46.01 -11.55
CA HIS J 288 -41.50 47.38 -11.06
C HIS J 288 -41.49 47.46 -9.52
N ARG J 289 -41.83 48.65 -8.94
CA ARG J 289 -41.89 48.95 -7.51
C ARG J 289 -42.51 47.86 -6.62
N TYR J 290 -43.48 47.09 -7.14
CA TYR J 290 -44.11 46.02 -6.36
C TYR J 290 -43.16 44.82 -6.22
N PHE J 291 -42.76 44.22 -7.36
CA PHE J 291 -41.89 43.05 -7.42
C PHE J 291 -40.47 43.30 -6.92
N LEU J 292 -39.92 44.52 -7.18
CA LEU J 292 -38.59 44.94 -6.74
C LEU J 292 -38.45 44.89 -5.21
N GLU J 293 -39.43 45.48 -4.51
CA GLU J 293 -39.51 45.54 -3.04
C GLU J 293 -39.82 44.18 -2.39
N ARG J 294 -40.13 43.16 -3.20
CA ARG J 294 -40.45 41.82 -2.70
C ARG J 294 -39.45 40.73 -3.12
N GLY J 295 -38.48 41.12 -3.95
CA GLY J 295 -37.42 40.24 -4.45
C GLY J 295 -37.91 39.18 -5.42
N LEU J 296 -39.03 39.45 -6.12
CA LEU J 296 -39.63 38.54 -7.09
C LEU J 296 -39.26 38.89 -8.52
N GLU J 297 -38.98 37.85 -9.32
CA GLU J 297 -38.62 37.95 -10.74
C GLU J 297 -39.23 36.75 -11.48
N SER J 298 -39.58 36.93 -12.77
CA SER J 298 -40.16 35.85 -13.57
C SER J 298 -39.12 34.77 -13.92
N ALA J 299 -39.52 33.50 -13.74
CA ALA J 299 -38.68 32.33 -13.99
C ALA J 299 -38.35 32.16 -15.47
N THR J 300 -37.05 32.17 -15.79
CA THR J 300 -36.54 32.03 -17.15
C THR J 300 -35.63 30.80 -17.27
N SER J 301 -35.13 30.28 -16.12
CA SER J 301 -34.21 29.15 -16.05
C SER J 301 -34.80 27.83 -15.49
N LEU J 302 -35.81 27.92 -14.60
CA LEU J 302 -36.50 26.78 -13.94
C LEU J 302 -35.56 25.74 -13.29
N HIS K 3 -25.18 15.42 -9.76
CA HIS K 3 -25.97 15.80 -8.60
C HIS K 3 -27.40 16.21 -8.98
N MET K 4 -28.38 15.95 -8.08
CA MET K 4 -29.80 16.27 -8.26
C MET K 4 -30.20 17.43 -7.33
N ARG K 5 -30.69 18.54 -7.92
CA ARG K 5 -31.10 19.75 -7.19
C ARG K 5 -32.61 19.84 -6.92
N GLN K 6 -32.96 20.28 -5.71
CA GLN K 6 -34.34 20.41 -5.24
C GLN K 6 -34.94 21.79 -5.49
N HIS K 7 -36.24 21.81 -5.83
CA HIS K 7 -37.02 23.01 -6.09
C HIS K 7 -38.16 23.12 -5.11
N VAL K 8 -38.26 24.28 -4.45
CA VAL K 8 -39.30 24.57 -3.47
C VAL K 8 -40.34 25.50 -4.09
N PHE K 9 -41.56 24.97 -4.27
CA PHE K 9 -42.69 25.63 -4.93
C PHE K 9 -43.88 25.91 -4.04
N LEU K 10 -44.57 27.04 -4.32
CA LEU K 10 -45.80 27.45 -3.67
C LEU K 10 -46.89 27.39 -4.76
N VAL K 11 -47.58 26.24 -4.87
CA VAL K 11 -48.62 25.95 -5.86
C VAL K 11 -50.04 26.11 -5.25
N SER K 12 -51.03 26.53 -6.06
CA SER K 12 -52.44 26.72 -5.67
C SER K 12 -53.09 25.47 -5.01
N GLU K 13 -54.11 25.71 -4.15
CA GLU K 13 -54.85 24.71 -3.36
C GLU K 13 -55.38 23.48 -4.10
N TYR K 14 -55.76 23.62 -5.39
CA TYR K 14 -56.28 22.52 -6.21
C TYR K 14 -55.21 21.78 -7.00
N LEU K 15 -54.81 20.58 -6.52
CA LEU K 15 -53.80 19.71 -7.12
C LEU K 15 -54.02 18.26 -6.69
N LEU K 26 -50.37 18.54 -14.41
CA LEU K 26 -49.24 19.47 -14.34
C LEU K 26 -48.26 19.26 -15.48
N MET K 27 -47.61 20.37 -15.92
CA MET K 27 -46.64 20.36 -17.03
C MET K 27 -45.85 21.67 -17.03
N PHE K 28 -44.51 21.58 -16.91
CA PHE K 28 -43.64 22.76 -16.97
C PHE K 28 -43.32 23.03 -18.42
N VAL K 29 -43.57 24.26 -18.88
CA VAL K 29 -43.36 24.65 -20.27
C VAL K 29 -42.97 26.14 -20.47
N LYS K 30 -42.24 26.43 -21.58
CA LYS K 30 -41.77 27.78 -21.91
C LYS K 30 -42.68 28.44 -22.95
N LEU K 31 -43.21 29.62 -22.61
CA LEU K 31 -44.09 30.42 -23.47
C LEU K 31 -43.57 31.86 -23.59
N VAL K 32 -44.04 32.59 -24.62
CA VAL K 32 -43.61 33.97 -24.86
C VAL K 32 -44.10 34.96 -23.77
N ASN K 33 -43.19 35.85 -23.33
CA ASN K 33 -43.50 36.86 -22.31
C ASN K 33 -44.34 37.95 -22.98
N PRO K 34 -45.55 38.26 -22.43
CA PRO K 34 -46.44 39.23 -23.09
C PRO K 34 -45.94 40.66 -23.29
N CYS K 35 -45.09 41.19 -22.39
CA CYS K 35 -44.58 42.55 -22.54
C CYS K 35 -43.22 42.63 -23.23
N SER K 36 -42.24 41.84 -22.74
CA SER K 36 -40.86 41.82 -23.27
C SER K 36 -40.68 41.00 -24.54
N GLY K 37 -41.35 39.84 -24.61
CA GLY K 37 -41.26 38.94 -25.75
C GLY K 37 -40.24 37.84 -25.56
N GLU K 38 -39.66 37.76 -24.35
CA GLU K 38 -38.65 36.77 -24.00
C GLU K 38 -39.29 35.45 -23.52
N GLY K 39 -38.45 34.50 -23.12
CA GLY K 39 -38.91 33.22 -22.61
C GLY K 39 -39.32 33.30 -21.16
N ALA K 40 -40.39 32.58 -20.80
CA ALA K 40 -40.90 32.54 -19.44
C ALA K 40 -41.49 31.19 -19.14
N ILE K 41 -41.15 30.62 -17.98
CA ILE K 41 -41.65 29.32 -17.58
C ILE K 41 -43.07 29.44 -17.00
N TYR K 42 -43.98 28.64 -17.57
CA TYR K 42 -45.37 28.55 -17.17
C TYR K 42 -45.69 27.11 -16.79
N LEU K 43 -46.62 26.93 -15.85
CA LEU K 43 -47.07 25.61 -15.42
C LEU K 43 -48.48 25.37 -15.95
N PHE K 44 -48.61 24.47 -16.92
CA PHE K 44 -49.88 24.12 -17.52
C PHE K 44 -50.51 22.91 -16.82
N ASN K 45 -51.73 23.10 -16.30
CA ASN K 45 -52.48 22.06 -15.62
C ASN K 45 -53.30 21.30 -16.65
N MET K 46 -52.81 20.12 -17.07
CA MET K 46 -53.48 19.26 -18.06
C MET K 46 -54.75 18.66 -17.43
N CYS K 47 -55.76 18.29 -18.27
CA CYS K 47 -57.06 17.73 -17.85
C CYS K 47 -57.96 18.77 -17.18
N LEU K 48 -57.36 19.67 -16.36
CA LEU K 48 -58.01 20.77 -15.63
C LEU K 48 -58.01 22.04 -16.51
N GLN K 49 -57.03 22.13 -17.43
CA GLN K 49 -56.82 23.19 -18.42
C GLN K 49 -56.51 24.60 -17.88
N GLN K 50 -55.85 24.68 -16.71
CA GLN K 50 -55.48 25.97 -16.14
C GLN K 50 -54.02 26.32 -16.52
N LEU K 51 -53.71 27.63 -16.65
CA LEU K 51 -52.38 28.12 -16.99
C LEU K 51 -51.83 28.95 -15.83
N PHE K 52 -50.73 28.47 -15.22
CA PHE K 52 -50.07 29.11 -14.09
C PHE K 52 -48.78 29.75 -14.53
N GLU K 53 -48.49 30.93 -13.99
CA GLU K 53 -47.29 31.72 -14.24
C GLU K 53 -46.27 31.46 -13.13
N VAL K 54 -45.02 31.21 -13.50
CA VAL K 54 -43.98 30.95 -12.51
C VAL K 54 -43.11 32.18 -12.22
N LYS K 55 -43.21 32.69 -10.98
CA LYS K 55 -42.45 33.82 -10.46
C LYS K 55 -41.55 33.27 -9.36
N VAL K 56 -40.28 33.68 -9.36
CA VAL K 56 -39.30 33.22 -8.38
C VAL K 56 -38.77 34.34 -7.46
N PHE K 57 -38.64 34.01 -6.16
CA PHE K 57 -38.09 34.87 -5.12
C PHE K 57 -36.58 34.67 -5.07
N LYS K 58 -35.81 35.71 -5.35
CA LYS K 58 -34.35 35.67 -5.34
C LYS K 58 -33.81 36.80 -4.48
N GLU K 59 -33.08 36.44 -3.43
CA GLU K 59 -32.45 37.36 -2.51
C GLU K 59 -31.08 36.79 -2.16
N LYS K 60 -30.08 37.66 -2.04
CA LYS K 60 -28.72 37.22 -1.71
C LYS K 60 -28.63 36.73 -0.26
N HIS K 61 -27.67 35.80 -0.01
CA HIS K 61 -27.35 35.20 1.30
C HIS K 61 -28.50 34.36 1.88
N HIS K 62 -28.85 33.26 1.18
CA HIS K 62 -29.90 32.32 1.57
C HIS K 62 -29.54 30.86 1.25
N SER K 63 -30.19 29.91 1.97
CA SER K 63 -30.02 28.46 1.80
C SER K 63 -31.17 27.69 2.41
N TRP K 64 -31.51 26.53 1.83
CA TRP K 64 -32.57 25.68 2.32
C TRP K 64 -32.05 24.46 3.06
N PHE K 65 -32.86 23.93 3.97
CA PHE K 65 -32.59 22.72 4.71
C PHE K 65 -33.83 21.86 4.52
N ILE K 66 -33.83 21.02 3.47
CA ILE K 66 -34.94 20.15 3.10
C ILE K 66 -34.76 18.75 3.73
N ASN K 67 -35.42 18.54 4.88
CA ASN K 67 -35.38 17.32 5.70
C ASN K 67 -33.98 16.91 6.11
N GLN K 68 -33.26 16.17 5.25
CA GLN K 68 -31.88 15.73 5.52
C GLN K 68 -30.97 16.12 4.36
N SER K 69 -31.21 17.30 3.77
CA SER K 69 -30.44 17.81 2.64
C SER K 69 -30.27 19.33 2.68
N VAL K 70 -29.49 19.87 1.72
CA VAL K 70 -29.22 21.30 1.63
C VAL K 70 -29.34 21.83 0.19
N GLN K 71 -30.00 22.99 0.03
CA GLN K 71 -30.14 23.66 -1.26
C GLN K 71 -29.46 25.01 -1.28
N SER K 72 -28.50 25.18 -2.21
CA SER K 72 -27.68 26.36 -2.40
C SER K 72 -28.43 27.68 -2.45
N GLY K 73 -29.41 27.77 -3.35
CA GLY K 73 -30.18 28.97 -3.63
C GLY K 73 -30.81 29.75 -2.51
N GLY K 74 -31.90 29.21 -1.96
CA GLY K 74 -32.73 29.87 -0.97
C GLY K 74 -33.92 30.49 -1.67
N LEU K 75 -34.07 30.15 -2.97
CA LEU K 75 -35.12 30.58 -3.89
C LEU K 75 -36.46 29.98 -3.50
N LEU K 76 -37.54 30.68 -3.83
CA LEU K 76 -38.91 30.24 -3.58
C LEU K 76 -39.69 30.53 -4.83
N HIS K 77 -40.23 29.47 -5.42
CA HIS K 77 -41.00 29.54 -6.65
C HIS K 77 -42.49 29.61 -6.35
N PHE K 78 -43.23 30.34 -7.19
CA PHE K 78 -44.66 30.54 -7.04
C PHE K 78 -45.41 30.16 -8.31
N ALA K 79 -46.34 29.19 -8.19
CA ALA K 79 -47.19 28.75 -9.30
C ALA K 79 -48.52 29.48 -9.18
N THR K 80 -48.54 30.76 -9.59
CA THR K 80 -49.71 31.64 -9.52
C THR K 80 -50.54 31.60 -10.81
N PRO K 81 -51.89 31.54 -10.73
CA PRO K 81 -52.69 31.51 -11.97
C PRO K 81 -52.62 32.82 -12.78
N VAL K 82 -52.52 32.68 -14.11
CA VAL K 82 -52.45 33.81 -15.03
C VAL K 82 -53.71 33.88 -15.91
N ASP K 83 -54.18 35.11 -16.21
CA ASP K 83 -55.34 35.35 -17.05
C ASP K 83 -54.90 35.01 -18.51
N PRO K 84 -55.62 34.10 -19.21
CA PRO K 84 -55.16 33.69 -20.54
C PRO K 84 -55.34 34.71 -21.65
N LEU K 85 -56.06 35.84 -21.38
CA LEU K 85 -56.26 36.88 -22.37
C LEU K 85 -54.97 37.61 -22.68
N PHE K 86 -54.15 37.90 -21.64
CA PHE K 86 -52.87 38.58 -21.78
C PHE K 86 -51.96 37.88 -22.80
N LEU K 87 -51.85 36.54 -22.71
CA LEU K 87 -51.05 35.71 -23.60
C LEU K 87 -51.60 35.73 -25.03
N LEU K 88 -52.93 35.52 -25.19
CA LEU K 88 -53.61 35.54 -26.49
C LEU K 88 -53.42 36.89 -27.20
N LEU K 89 -53.44 38.00 -26.43
CA LEU K 89 -53.25 39.36 -26.91
C LEU K 89 -51.99 39.55 -27.73
N HIS K 90 -50.85 38.94 -27.30
CA HIS K 90 -49.57 39.02 -28.02
C HIS K 90 -49.73 38.56 -29.47
N TYR K 91 -50.33 37.37 -29.68
CA TYR K 91 -50.56 36.80 -31.01
C TYR K 91 -51.64 37.53 -31.83
N LEU K 92 -52.64 38.15 -31.13
CA LEU K 92 -53.75 38.89 -31.74
C LEU K 92 -53.34 40.25 -32.29
N ILE K 93 -52.40 40.93 -31.62
CA ILE K 93 -51.87 42.24 -32.04
C ILE K 93 -50.96 42.07 -33.27
N LYS K 94 -50.06 41.04 -33.24
CA LYS K 94 -49.15 40.70 -34.33
C LYS K 94 -49.93 40.32 -35.59
N ALA K 95 -51.10 39.67 -35.40
CA ALA K 95 -51.99 39.24 -36.48
C ALA K 95 -52.78 40.41 -37.08
N ASP K 96 -52.93 41.52 -36.33
CA ASP K 96 -53.64 42.71 -36.80
C ASP K 96 -52.86 43.46 -37.87
N LYS K 97 -51.51 43.25 -37.92
CA LYS K 97 -50.59 43.82 -38.92
C LYS K 97 -51.19 43.62 -40.32
N GLU K 98 -51.73 42.40 -40.57
CA GLU K 98 -52.48 42.05 -41.77
C GLU K 98 -53.95 42.25 -41.42
N GLY K 99 -54.55 43.31 -41.97
CA GLY K 99 -55.92 43.76 -41.73
C GLY K 99 -57.00 42.74 -41.44
N LYS K 100 -57.35 41.91 -42.44
CA LYS K 100 -58.39 40.88 -42.46
C LYS K 100 -58.55 39.92 -41.25
N PHE K 101 -59.75 39.31 -41.14
CA PHE K 101 -60.13 38.32 -40.12
C PHE K 101 -59.37 37.02 -40.39
N GLN K 102 -58.83 36.41 -39.34
CA GLN K 102 -58.07 35.16 -39.41
C GLN K 102 -58.63 34.12 -38.43
N PRO K 103 -58.61 32.80 -38.75
CA PRO K 103 -59.09 31.82 -37.76
C PRO K 103 -58.06 31.65 -36.65
N LEU K 104 -58.51 31.32 -35.42
CA LEU K 104 -57.65 31.15 -34.24
C LEU K 104 -56.44 30.25 -34.51
N ASP K 105 -56.65 29.20 -35.33
CA ASP K 105 -55.63 28.22 -35.76
C ASP K 105 -54.48 28.88 -36.54
N GLN K 106 -54.74 30.02 -37.22
CA GLN K 106 -53.76 30.75 -38.02
C GLN K 106 -53.25 32.04 -37.36
N VAL K 107 -53.81 32.38 -36.18
CA VAL K 107 -53.45 33.57 -35.38
C VAL K 107 -52.33 33.20 -34.39
N VAL K 108 -52.60 32.23 -33.51
CA VAL K 108 -51.65 31.79 -32.50
C VAL K 108 -50.64 30.76 -33.05
N VAL K 109 -49.56 31.31 -33.65
CA VAL K 109 -48.45 30.57 -34.26
C VAL K 109 -47.10 31.18 -33.86
N ASP K 110 -46.17 30.36 -33.33
CA ASP K 110 -44.83 30.78 -32.90
C ASP K 110 -43.81 29.66 -33.07
N ASN K 111 -42.80 29.88 -33.92
CA ASN K 111 -41.73 28.93 -34.23
C ASN K 111 -40.78 28.71 -33.05
N VAL K 112 -40.38 29.81 -32.37
CA VAL K 112 -39.48 29.79 -31.21
C VAL K 112 -40.15 29.13 -29.99
N PHE K 113 -41.45 29.41 -29.80
CA PHE K 113 -42.25 28.85 -28.71
C PHE K 113 -43.40 28.02 -29.31
N PRO K 114 -43.13 26.73 -29.66
CA PRO K 114 -44.17 25.90 -30.29
C PRO K 114 -45.35 25.53 -29.39
N ASN K 115 -45.19 25.70 -28.06
CA ASN K 115 -46.23 25.37 -27.08
C ASN K 115 -47.36 26.39 -26.97
N CYS K 116 -47.48 27.25 -28.00
CA CYS K 116 -48.55 28.24 -28.11
C CYS K 116 -49.87 27.52 -28.48
N ILE K 117 -49.76 26.26 -28.96
CA ILE K 117 -50.87 25.38 -29.32
C ILE K 117 -51.70 24.97 -28.09
N LEU K 118 -51.18 25.19 -26.87
CA LEU K 118 -51.88 24.88 -25.62
C LEU K 118 -52.96 25.92 -25.31
N LEU K 119 -52.76 27.16 -25.81
CA LEU K 119 -53.71 28.28 -25.66
C LEU K 119 -54.92 28.05 -26.58
N LEU K 120 -54.65 27.41 -27.73
CA LEU K 120 -55.62 27.05 -28.77
C LEU K 120 -56.67 26.04 -28.24
N LYS K 121 -56.27 25.18 -27.28
CA LYS K 121 -57.18 24.19 -26.68
C LYS K 121 -57.59 24.56 -25.25
N LEU K 122 -58.04 25.82 -25.08
CA LEU K 122 -58.53 26.34 -23.81
C LEU K 122 -60.06 26.24 -23.79
N PRO K 123 -60.69 25.85 -22.65
CA PRO K 123 -62.16 25.77 -22.63
C PRO K 123 -62.79 27.15 -22.44
N GLY K 124 -63.94 27.36 -23.08
CA GLY K 124 -64.68 28.61 -23.04
C GLY K 124 -63.91 29.76 -23.65
N LEU K 125 -63.21 29.49 -24.76
CA LEU K 125 -62.38 30.45 -25.49
C LEU K 125 -63.17 31.59 -26.09
N GLU K 126 -64.22 31.28 -26.88
CA GLU K 126 -65.08 32.27 -27.53
C GLU K 126 -65.73 33.23 -26.51
N LYS K 127 -66.01 32.72 -25.29
CA LYS K 127 -66.60 33.48 -24.18
C LYS K 127 -65.65 34.57 -23.69
N LEU K 128 -64.35 34.25 -23.52
CA LEU K 128 -63.34 35.22 -23.08
C LEU K 128 -62.80 36.08 -24.23
N LEU K 129 -62.91 35.58 -25.48
CA LEU K 129 -62.48 36.29 -26.69
C LEU K 129 -63.37 37.49 -27.00
N HIS K 130 -64.60 37.53 -26.46
CA HIS K 130 -65.55 38.63 -26.64
C HIS K 130 -64.98 39.92 -26.04
N HIS K 131 -64.17 39.79 -24.97
CA HIS K 131 -63.54 40.90 -24.26
C HIS K 131 -62.47 41.58 -25.07
N VAL K 132 -61.80 40.83 -25.95
CA VAL K 132 -60.64 41.29 -26.70
C VAL K 132 -60.84 41.40 -28.23
N THR K 133 -61.67 40.51 -28.83
CA THR K 133 -61.87 40.48 -30.28
C THR K 133 -63.33 40.50 -30.76
N GLU K 134 -63.50 40.63 -32.09
CA GLU K 134 -64.77 40.59 -32.81
C GLU K 134 -64.78 39.35 -33.71
N GLU K 135 -65.87 38.55 -33.68
CA GLU K 135 -66.02 37.32 -34.45
C GLU K 135 -66.98 37.43 -35.65
N LYS K 136 -66.67 36.68 -36.73
CA LYS K 136 -67.45 36.63 -37.97
C LYS K 136 -67.84 35.20 -38.31
N LYS K 144 -65.31 26.61 -38.88
CA LYS K 144 -64.17 27.35 -38.32
C LYS K 144 -64.52 28.83 -38.11
N LYS K 145 -64.39 29.31 -36.86
CA LYS K 145 -64.67 30.71 -36.50
C LYS K 145 -63.49 31.62 -36.82
N TYR K 146 -63.78 32.87 -37.23
CA TYR K 146 -62.79 33.88 -37.61
C TYR K 146 -62.73 35.03 -36.62
N TYR K 147 -61.51 35.47 -36.27
CA TYR K 147 -61.30 36.52 -35.27
C TYR K 147 -60.41 37.68 -35.74
N LYS K 148 -60.76 38.91 -35.32
CA LYS K 148 -60.00 40.14 -35.59
C LYS K 148 -59.84 40.96 -34.30
N TYR K 149 -58.61 41.43 -34.03
CA TYR K 149 -58.26 42.23 -32.85
C TYR K 149 -59.01 43.55 -32.81
N SER K 150 -59.53 43.91 -31.63
CA SER K 150 -60.25 45.17 -31.43
C SER K 150 -59.69 45.95 -30.23
N LYS K 151 -58.84 46.93 -30.53
CA LYS K 151 -58.16 47.83 -29.59
C LYS K 151 -59.12 48.54 -28.63
N GLU K 152 -60.27 49.01 -29.15
CA GLU K 152 -61.27 49.73 -28.35
C GLU K 152 -62.09 48.81 -27.44
N LYS K 153 -62.08 47.49 -27.73
CA LYS K 153 -62.74 46.48 -26.92
C LYS K 153 -61.77 46.01 -25.82
N THR K 154 -60.46 46.01 -26.12
CA THR K 154 -59.40 45.62 -25.18
C THR K 154 -59.17 46.67 -24.11
N LEU K 155 -59.10 47.97 -24.50
CA LEU K 155 -58.91 49.09 -23.57
C LEU K 155 -60.03 49.15 -22.55
N LYS K 156 -61.24 48.76 -22.95
CA LYS K 156 -62.41 48.67 -22.06
C LYS K 156 -62.18 47.54 -21.05
N TRP K 157 -61.70 46.38 -21.54
CA TRP K 157 -61.39 45.21 -20.72
C TRP K 157 -60.15 45.48 -19.81
N LEU K 158 -59.16 46.26 -20.31
CA LEU K 158 -57.95 46.63 -19.57
C LEU K 158 -58.26 47.58 -18.40
N GLU K 159 -59.24 48.51 -18.62
CA GLU K 159 -59.69 49.47 -17.61
C GLU K 159 -60.39 48.71 -16.49
N LYS K 160 -61.11 47.61 -16.85
CA LYS K 160 -61.81 46.72 -15.91
C LYS K 160 -60.77 45.92 -15.10
N LYS K 161 -59.62 45.56 -15.74
CA LYS K 161 -58.52 44.85 -15.09
C LYS K 161 -57.80 45.79 -14.14
N VAL K 162 -57.67 47.09 -14.54
CA VAL K 162 -57.04 48.14 -13.74
C VAL K 162 -57.82 48.39 -12.45
N ASN K 163 -59.18 48.27 -12.50
CA ASN K 163 -60.09 48.44 -11.35
C ASN K 163 -59.94 47.30 -10.37
N GLN K 164 -59.74 46.06 -10.87
CA GLN K 164 -59.55 44.84 -10.08
C GLN K 164 -58.31 44.95 -9.17
N THR K 165 -57.19 45.49 -9.72
CA THR K 165 -55.94 45.68 -8.98
C THR K 165 -56.12 46.71 -7.87
N VAL K 166 -56.90 47.78 -8.15
CA VAL K 166 -57.22 48.86 -7.21
C VAL K 166 -58.06 48.30 -6.05
N ALA K 167 -59.00 47.38 -6.35
CA ALA K 167 -59.85 46.71 -5.35
C ALA K 167 -59.00 45.77 -4.47
N ALA K 168 -57.91 45.22 -5.04
CA ALA K 168 -56.98 44.30 -4.38
C ALA K 168 -55.95 45.06 -3.53
N LEU K 169 -55.65 46.31 -3.92
CA LEU K 169 -54.76 47.22 -3.18
C LEU K 169 -55.55 48.00 -2.11
N LYS K 170 -56.89 47.78 -2.04
CA LYS K 170 -57.80 48.39 -1.09
C LYS K 170 -57.93 47.51 0.16
N THR K 171 -57.90 46.17 -0.04
CA THR K 171 -58.01 45.19 1.04
C THR K 171 -56.65 44.87 1.65
N ASN K 172 -55.71 44.37 0.83
CA ASN K 172 -54.36 43.98 1.26
C ASN K 172 -53.50 45.18 1.62
N ASN K 173 -53.51 46.23 0.77
CA ASN K 173 -52.76 47.49 0.88
C ASN K 173 -51.24 47.34 0.75
N VAL K 174 -50.61 48.24 -0.01
CA VAL K 174 -49.17 48.24 -0.26
C VAL K 174 -48.64 49.67 -0.33
N ASN K 175 -48.91 50.37 -1.46
CA ASN K 175 -48.49 51.75 -1.70
C ASN K 175 -49.38 52.41 -2.74
N ASP K 198 -54.69 58.11 -7.76
CA ASP K 198 -53.42 57.79 -7.10
C ASP K 198 -53.14 56.28 -7.12
N TYR K 199 -54.15 55.45 -6.76
CA TYR K 199 -54.04 53.99 -6.76
C TYR K 199 -54.10 53.44 -8.19
N ILE K 200 -54.74 54.18 -9.13
CA ILE K 200 -54.85 53.81 -10.54
C ILE K 200 -53.50 53.93 -11.25
N ARG K 201 -52.62 54.84 -10.77
CA ARG K 201 -51.28 55.06 -11.30
C ARG K 201 -50.35 53.88 -10.98
N TYR K 202 -50.45 53.34 -9.74
CA TYR K 202 -49.66 52.20 -9.25
C TYR K 202 -50.12 50.88 -9.89
N ALA K 203 -51.45 50.69 -10.02
CA ALA K 203 -52.10 49.53 -10.64
C ALA K 203 -51.75 49.41 -12.13
N HIS K 204 -51.51 50.57 -12.78
CA HIS K 204 -51.10 50.67 -14.18
C HIS K 204 -49.73 50.02 -14.38
N GLY K 205 -48.87 50.13 -13.35
CA GLY K 205 -47.52 49.56 -13.35
C GLY K 205 -47.50 48.04 -13.36
N LEU K 206 -48.46 47.41 -12.64
CA LEU K 206 -48.63 45.96 -12.55
C LEU K 206 -49.06 45.38 -13.90
N ILE K 207 -50.18 45.90 -14.44
CA ILE K 207 -50.78 45.50 -15.71
C ILE K 207 -49.82 45.68 -16.90
N SER K 208 -48.95 46.72 -16.85
CA SER K 208 -47.94 47.00 -17.88
C SER K 208 -46.92 45.85 -18.07
N ASP K 209 -46.71 45.03 -17.01
CA ASP K 209 -45.80 43.88 -17.03
C ASP K 209 -46.46 42.65 -17.68
N TYR K 210 -47.68 42.81 -18.21
CA TYR K 210 -48.49 41.77 -18.86
C TYR K 210 -49.00 42.22 -20.24
N ILE K 211 -48.76 43.51 -20.60
CA ILE K 211 -49.19 44.10 -21.87
C ILE K 211 -48.02 44.81 -22.57
N PRO K 212 -47.94 44.81 -23.92
CA PRO K 212 -46.81 45.51 -24.59
C PRO K 212 -46.76 47.03 -24.35
N LYS K 213 -45.61 47.66 -24.64
CA LYS K 213 -45.36 49.10 -24.48
C LYS K 213 -46.33 50.00 -25.24
N GLU K 214 -46.81 49.53 -26.42
CA GLU K 214 -47.77 50.24 -27.28
C GLU K 214 -49.11 50.41 -26.55
N LEU K 215 -49.61 49.34 -25.88
CA LEU K 215 -50.86 49.35 -25.11
C LEU K 215 -50.79 50.25 -23.88
N SER K 216 -49.67 50.19 -23.12
CA SER K 216 -49.44 50.98 -21.91
C SER K 216 -49.51 52.49 -22.18
N ASP K 217 -49.03 52.91 -23.37
CA ASP K 217 -49.06 54.30 -23.82
C ASP K 217 -50.51 54.73 -24.07
N ASP K 218 -51.35 53.81 -24.60
CA ASP K 218 -52.76 54.04 -24.89
C ASP K 218 -53.62 53.94 -23.63
N LEU K 219 -53.22 53.09 -22.66
CA LEU K 219 -53.91 52.90 -21.37
C LEU K 219 -53.80 54.16 -20.51
N SER K 220 -52.63 54.84 -20.56
CA SER K 220 -52.37 56.08 -19.83
C SER K 220 -53.23 57.21 -20.39
N LYS K 221 -53.46 57.22 -21.72
CA LYS K 221 -54.30 58.18 -22.44
C LYS K 221 -55.77 57.99 -22.05
N TYR K 222 -56.18 56.72 -21.81
CA TYR K 222 -57.53 56.32 -21.42
C TYR K 222 -57.89 56.86 -20.02
N LEU K 223 -56.98 56.69 -19.03
CA LEU K 223 -57.08 57.15 -17.63
C LEU K 223 -58.47 57.02 -16.96
N GLU L 13 -39.87 15.82 -27.40
CA GLU L 13 -39.68 17.27 -27.40
C GLU L 13 -38.90 17.77 -26.18
N ARG L 14 -37.92 18.66 -26.42
CA ARG L 14 -37.06 19.23 -25.39
C ARG L 14 -37.70 20.45 -24.69
N HIS L 15 -38.85 20.93 -25.22
CA HIS L 15 -39.58 22.08 -24.69
C HIS L 15 -40.65 21.79 -23.62
N ARG L 16 -41.07 20.51 -23.49
CA ARG L 16 -42.08 20.08 -22.49
C ARG L 16 -41.46 19.26 -21.36
N VAL L 17 -41.72 19.65 -20.10
CA VAL L 17 -41.24 18.96 -18.90
C VAL L 17 -42.47 18.50 -18.10
N HIS L 18 -42.72 17.18 -18.08
CA HIS L 18 -43.88 16.58 -17.42
C HIS L 18 -43.85 16.51 -15.89
N LEU L 19 -45.02 16.18 -15.30
CA LEU L 19 -45.28 16.05 -13.86
C LEU L 19 -44.54 14.89 -13.17
N ARG L 20 -44.83 14.64 -11.87
CA ARG L 20 -44.23 13.58 -11.05
C ARG L 20 -44.57 12.19 -11.57
N ARG L 25 -47.73 7.95 -2.74
CA ARG L 25 -47.30 9.36 -2.78
C ARG L 25 -47.53 10.11 -1.46
N ASP L 26 -48.51 9.66 -0.64
CA ASP L 26 -48.83 10.28 0.65
C ASP L 26 -47.74 10.00 1.70
N ALA L 27 -47.07 11.08 2.15
CA ALA L 27 -45.98 11.03 3.13
C ALA L 27 -46.08 12.12 4.22
N VAL L 28 -45.17 12.08 5.21
CA VAL L 28 -45.05 13.01 6.33
C VAL L 28 -44.62 14.43 5.84
N PRO L 29 -45.23 15.54 6.34
CA PRO L 29 -44.83 16.88 5.85
C PRO L 29 -43.36 17.21 6.05
N ALA L 30 -42.72 17.70 4.97
CA ALA L 30 -41.31 18.09 4.92
C ALA L 30 -40.99 19.22 5.89
N THR L 31 -39.81 19.15 6.52
CA THR L 31 -39.34 20.16 7.47
C THR L 31 -38.29 21.07 6.81
N LEU L 32 -38.67 22.32 6.55
CA LEU L 32 -37.81 23.30 5.86
C LEU L 32 -37.28 24.41 6.77
N HIS L 33 -36.06 24.88 6.45
CA HIS L 33 -35.40 25.99 7.13
C HIS L 33 -34.81 26.92 6.08
N LEU L 34 -35.04 28.24 6.22
CA LEU L 34 -34.49 29.26 5.32
C LEU L 34 -33.42 30.02 6.11
N LEU L 35 -32.14 29.64 5.88
CA LEU L 35 -30.96 30.19 6.56
C LEU L 35 -30.54 31.57 6.01
N PRO L 36 -30.02 32.49 6.87
CA PRO L 36 -29.60 33.81 6.36
C PRO L 36 -28.18 33.85 5.76
N CYS L 37 -27.69 32.70 5.30
CA CYS L 37 -26.36 32.53 4.73
C CYS L 37 -26.40 31.59 3.54
N GLU L 38 -25.45 31.77 2.61
CA GLU L 38 -25.30 30.94 1.42
C GLU L 38 -24.44 29.71 1.76
N VAL L 39 -24.88 28.52 1.33
CA VAL L 39 -24.17 27.26 1.54
C VAL L 39 -23.94 26.68 0.13
N ALA L 40 -22.69 26.71 -0.36
CA ALA L 40 -22.28 26.28 -1.70
C ALA L 40 -22.79 24.89 -2.13
N VAL L 41 -22.65 23.89 -1.26
CA VAL L 41 -23.04 22.49 -1.49
C VAL L 41 -24.56 22.26 -1.75
N ASP L 42 -24.87 21.27 -2.59
CA ASP L 42 -26.21 20.79 -2.94
C ASP L 42 -26.19 19.27 -2.81
N GLY L 43 -26.93 18.75 -1.85
CA GLY L 43 -27.00 17.33 -1.59
C GLY L 43 -27.39 17.02 -0.15
N PRO L 44 -27.26 15.75 0.29
CA PRO L 44 -27.63 15.41 1.68
C PRO L 44 -26.75 16.06 2.74
N ALA L 45 -27.29 16.17 3.98
CA ALA L 45 -26.63 16.75 5.15
C ALA L 45 -27.27 16.21 6.43
N PRO L 46 -26.47 15.90 7.47
CA PRO L 46 -27.07 15.38 8.73
C PRO L 46 -27.70 16.47 9.59
N VAL L 47 -28.79 17.07 9.06
CA VAL L 47 -29.59 18.13 9.68
C VAL L 47 -30.15 17.64 11.04
N GLY L 48 -30.66 16.41 11.05
CA GLY L 48 -31.21 15.76 12.24
C GLY L 48 -30.18 15.42 13.30
N ARG L 49 -28.88 15.40 12.92
CA ARG L 49 -27.78 15.10 13.83
C ARG L 49 -27.14 16.37 14.41
N PHE L 50 -26.94 17.40 13.57
CA PHE L 50 -26.35 18.66 13.97
C PHE L 50 -27.36 19.76 14.31
N PHE L 51 -28.14 20.20 13.31
CA PHE L 51 -29.12 21.28 13.44
C PHE L 51 -30.29 20.97 14.39
N THR L 52 -31.22 20.05 14.00
CA THR L 52 -32.42 19.66 14.76
C THR L 52 -32.27 19.50 16.30
N PRO L 53 -31.27 18.73 16.86
CA PRO L 53 -31.18 18.63 18.33
C PRO L 53 -30.64 19.87 19.05
N ALA L 54 -30.07 20.82 18.31
CA ALA L 54 -29.49 22.05 18.88
C ALA L 54 -30.47 23.24 18.92
N ILE L 55 -31.68 23.08 18.35
CA ILE L 55 -32.69 24.13 18.34
C ILE L 55 -33.33 24.29 19.73
N ARG L 56 -33.18 25.48 20.33
CA ARG L 56 -33.71 25.82 21.66
C ARG L 56 -35.06 26.53 21.50
N GLN L 57 -36.10 26.04 22.21
CA GLN L 57 -37.47 26.55 22.14
C GLN L 57 -37.76 27.83 22.95
N GLY L 58 -36.73 28.43 23.53
CA GLY L 58 -36.81 29.63 24.37
C GLY L 58 -37.54 30.84 23.80
N PRO L 59 -37.99 31.81 24.66
CA PRO L 59 -38.65 33.02 24.13
C PRO L 59 -37.65 33.95 23.45
N GLU L 60 -38.18 34.94 22.69
CA GLU L 60 -37.44 35.90 21.84
C GLU L 60 -37.04 35.19 20.52
N GLY L 61 -37.75 34.10 20.21
CA GLY L 61 -37.58 33.27 19.04
C GLY L 61 -36.80 31.98 19.31
N LEU L 62 -36.89 31.02 18.36
CA LEU L 62 -36.13 29.76 18.40
C LEU L 62 -34.65 30.09 18.23
N GLU L 63 -33.74 29.27 18.78
CA GLU L 63 -32.31 29.55 18.67
C GLU L 63 -31.41 28.37 18.39
N VAL L 64 -30.57 28.50 17.35
CA VAL L 64 -29.55 27.54 16.93
C VAL L 64 -28.31 28.31 16.54
N SER L 65 -27.20 27.58 16.35
CA SER L 65 -25.93 28.09 15.89
C SER L 65 -25.57 27.36 14.60
N PHE L 66 -25.08 28.09 13.61
CA PHE L 66 -24.59 27.52 12.37
C PHE L 66 -23.25 28.16 12.07
N ARG L 67 -22.20 27.32 12.07
CA ARG L 67 -20.81 27.72 11.87
C ARG L 67 -20.34 28.70 12.97
N GLY L 68 -20.83 28.45 14.18
CA GLY L 68 -20.53 29.23 15.38
C GLY L 68 -21.26 30.55 15.51
N ARG L 69 -22.04 30.92 14.48
CA ARG L 69 -22.84 32.14 14.45
C ARG L 69 -24.20 31.88 15.04
N CYS L 70 -24.77 32.89 15.73
CA CYS L 70 -26.08 32.79 16.39
C CYS L 70 -27.26 33.10 15.48
N LEU L 71 -28.17 32.13 15.31
CA LEU L 71 -29.39 32.30 14.52
C LEU L 71 -30.62 32.31 15.43
N ARG L 72 -31.57 33.19 15.13
CA ARG L 72 -32.85 33.33 15.84
C ARG L 72 -33.98 33.47 14.83
N GLY L 73 -34.97 32.59 14.92
CA GLY L 73 -36.11 32.58 14.01
C GLY L 73 -37.45 32.09 14.53
N GLU L 74 -38.49 32.29 13.71
CA GLU L 74 -39.86 31.90 14.00
C GLU L 74 -40.43 31.02 12.88
N GLU L 75 -41.41 30.16 13.23
CA GLU L 75 -42.07 29.27 12.27
C GLU L 75 -42.98 30.08 11.36
N VAL L 76 -42.90 29.84 10.05
CA VAL L 76 -43.73 30.53 9.05
C VAL L 76 -44.60 29.51 8.32
N ALA L 77 -45.92 29.62 8.51
CA ALA L 77 -46.92 28.74 7.89
C ALA L 77 -47.25 29.19 6.46
N VAL L 78 -47.54 28.23 5.58
CA VAL L 78 -47.89 28.47 4.17
C VAL L 78 -49.29 29.16 4.11
N PRO L 79 -49.40 30.34 3.43
CA PRO L 79 -50.71 31.04 3.37
C PRO L 79 -51.84 30.18 2.80
N PRO L 80 -53.11 30.35 3.26
CA PRO L 80 -54.20 29.51 2.72
C PRO L 80 -54.44 29.72 1.23
N GLY L 81 -54.95 28.68 0.58
CA GLY L 81 -55.19 28.67 -0.85
C GLY L 81 -53.94 28.35 -1.64
N LEU L 82 -52.87 27.92 -0.91
CA LEU L 82 -51.56 27.56 -1.41
C LEU L 82 -51.07 26.27 -0.77
N VAL L 83 -50.36 25.45 -1.55
CA VAL L 83 -49.78 24.18 -1.11
C VAL L 83 -48.30 24.22 -1.45
N GLY L 84 -47.47 23.91 -0.45
CA GLY L 84 -46.03 23.88 -0.57
C GLY L 84 -45.55 22.54 -1.10
N TYR L 85 -44.80 22.57 -2.20
CA TYR L 85 -44.26 21.37 -2.86
C TYR L 85 -42.73 21.39 -2.95
N VAL L 86 -42.13 20.19 -2.91
CA VAL L 86 -40.69 19.97 -3.05
C VAL L 86 -40.53 19.07 -4.28
N MET L 87 -39.79 19.54 -5.32
CA MET L 87 -39.60 18.76 -6.55
C MET L 87 -38.15 18.66 -7.02
N VAL L 88 -37.74 17.43 -7.41
CA VAL L 88 -36.38 17.14 -7.88
C VAL L 88 -36.22 17.16 -9.39
N THR L 89 -35.00 17.45 -9.87
CA THR L 89 -34.62 17.49 -11.29
C THR L 89 -33.23 16.89 -11.50
N GLU L 90 -32.93 16.45 -12.74
CA GLU L 90 -31.66 15.84 -13.13
C GLU L 90 -30.51 16.87 -13.20
N ILE L 123 -39.03 16.45 -13.95
CA ILE L 123 -39.45 17.01 -12.67
C ILE L 123 -40.45 16.08 -11.97
N GLY L 124 -40.09 15.65 -10.76
CA GLY L 124 -40.89 14.77 -9.93
C GLY L 124 -40.95 15.26 -8.50
N ALA L 125 -42.17 15.54 -7.99
CA ALA L 125 -42.36 16.05 -6.62
C ALA L 125 -42.08 14.99 -5.55
N THR L 126 -41.04 15.23 -4.73
CA THR L 126 -40.61 14.31 -3.66
C THR L 126 -41.48 14.34 -2.40
N ALA L 127 -41.84 15.55 -1.91
CA ALA L 127 -42.66 15.72 -0.71
C ALA L 127 -43.40 17.06 -0.68
N ASN L 128 -44.33 17.21 0.29
CA ASN L 128 -45.13 18.41 0.49
C ASN L 128 -44.91 18.99 1.89
N PHE L 129 -44.97 20.32 2.01
CA PHE L 129 -44.81 21.00 3.30
C PHE L 129 -45.90 22.06 3.52
N SER L 130 -46.32 22.24 4.78
CA SER L 130 -47.34 23.22 5.16
C SER L 130 -46.78 24.42 5.94
N ARG L 131 -45.47 24.37 6.25
CA ARG L 131 -44.72 25.40 6.99
C ARG L 131 -43.19 25.22 6.85
N PHE L 132 -42.45 26.32 7.09
CA PHE L 132 -40.99 26.38 7.05
C PHE L 132 -40.50 27.36 8.13
N THR L 133 -39.31 27.09 8.70
CA THR L 133 -38.76 27.98 9.72
C THR L 133 -37.84 29.03 9.06
N LEU L 134 -38.15 30.32 9.26
CA LEU L 134 -37.37 31.43 8.70
C LEU L 134 -36.30 31.77 9.71
N TRP L 135 -35.02 31.84 9.27
CA TRP L 135 -33.90 32.15 10.15
C TRP L 135 -33.23 33.48 9.88
N GLY L 136 -32.80 34.14 10.94
CA GLY L 136 -32.10 35.41 10.88
C GLY L 136 -30.86 35.42 11.75
N LEU L 137 -29.79 36.09 11.27
CA LEU L 137 -28.53 36.21 12.00
C LEU L 137 -28.71 37.15 13.18
N GLU L 138 -28.58 36.60 14.40
CA GLU L 138 -28.74 37.25 15.71
C GLU L 138 -30.21 37.51 16.08
N THR L 139 -30.99 38.08 15.15
CA THR L 139 -32.41 38.39 15.36
C THR L 139 -33.27 37.98 14.18
N ILE L 140 -34.53 37.59 14.46
CA ILE L 140 -35.56 37.21 13.48
C ILE L 140 -35.82 38.39 12.54
N PRO L 141 -35.83 38.21 11.19
CA PRO L 141 -36.06 39.35 10.30
C PRO L 141 -37.49 39.87 10.38
N GLY L 142 -37.62 41.17 10.66
CA GLY L 142 -38.91 41.84 10.84
C GLY L 142 -39.73 42.02 9.57
N PRO L 143 -40.59 43.06 9.50
CA PRO L 143 -41.40 43.27 8.28
C PRO L 143 -40.59 43.77 7.09
N ASP L 144 -39.30 44.09 7.31
CA ASP L 144 -38.37 44.58 6.30
C ASP L 144 -37.95 43.47 5.31
N ALA L 145 -38.06 42.18 5.73
CA ALA L 145 -37.69 41.00 4.94
C ALA L 145 -38.48 40.88 3.64
N LYS L 146 -37.77 40.69 2.50
CA LYS L 146 -38.37 40.57 1.17
C LYS L 146 -39.26 39.33 1.07
N VAL L 147 -38.83 38.20 1.65
CA VAL L 147 -39.54 36.91 1.69
C VAL L 147 -40.95 37.05 2.29
N ARG L 148 -41.11 37.95 3.30
CA ARG L 148 -42.38 38.24 3.97
C ARG L 148 -43.41 38.84 3.01
N GLY L 149 -42.96 39.73 2.13
CA GLY L 149 -43.78 40.39 1.11
C GLY L 149 -43.98 39.55 -0.13
N ALA L 150 -43.10 38.56 -0.34
CA ALA L 150 -43.17 37.65 -1.47
C ALA L 150 -44.31 36.64 -1.23
N LEU L 151 -44.48 36.18 0.02
CA LEU L 151 -45.53 35.23 0.41
C LEU L 151 -46.94 35.81 0.28
N THR L 152 -47.06 37.16 0.27
CA THR L 152 -48.33 37.87 0.14
C THR L 152 -48.87 37.89 -1.29
N TRP L 153 -47.97 38.08 -2.28
CA TRP L 153 -48.24 38.15 -3.73
C TRP L 153 -49.32 37.20 -4.31
N PRO L 154 -49.26 35.85 -4.09
CA PRO L 154 -50.30 34.96 -4.66
C PRO L 154 -51.77 35.34 -4.45
N SER L 155 -52.06 36.12 -3.40
CA SER L 155 -53.40 36.62 -3.08
C SER L 155 -53.76 37.76 -4.05
N LEU L 156 -52.80 38.68 -4.31
CA LEU L 156 -52.91 39.82 -5.24
C LEU L 156 -52.87 39.30 -6.71
N ALA L 157 -52.37 38.06 -6.91
CA ALA L 157 -52.27 37.39 -8.21
C ALA L 157 -53.63 36.83 -8.63
N ALA L 158 -54.34 36.16 -7.69
CA ALA L 158 -55.67 35.56 -7.91
C ALA L 158 -56.76 36.62 -8.13
N ALA L 159 -56.53 37.85 -7.65
CA ALA L 159 -57.44 38.99 -7.78
C ALA L 159 -57.24 39.68 -9.14
N ILE L 160 -55.99 39.92 -9.54
CA ILE L 160 -55.65 40.54 -10.83
C ILE L 160 -56.02 39.61 -11.99
N HIS L 161 -55.76 38.30 -11.81
CA HIS L 161 -55.98 37.31 -12.86
C HIS L 161 -57.34 36.61 -12.90
N ALA L 162 -58.33 37.13 -12.14
CA ALA L 162 -59.70 36.61 -12.15
C ALA L 162 -60.45 37.23 -13.33
N GLN L 163 -61.35 36.44 -13.97
CA GLN L 163 -62.13 36.88 -15.13
C GLN L 163 -63.10 38.04 -14.81
N VAL L 164 -63.27 38.97 -15.77
CA VAL L 164 -64.13 40.15 -15.62
C VAL L 164 -65.61 39.75 -15.72
N ASP M 5 48.87 -9.09 26.07
CA ASP M 5 48.84 -8.13 27.18
C ASP M 5 48.20 -6.80 26.79
N LEU M 6 48.32 -6.39 25.51
CA LEU M 6 47.74 -5.14 24.98
C LEU M 6 46.56 -5.42 24.04
N SER M 7 45.36 -4.97 24.44
CA SER M 7 44.08 -5.16 23.76
C SER M 7 43.96 -4.56 22.35
N GLU M 8 44.14 -3.23 22.21
CA GLU M 8 44.01 -2.50 20.94
C GLU M 8 44.91 -3.00 19.80
N LEU M 9 46.07 -3.61 20.13
CA LEU M 9 47.04 -4.11 19.15
C LEU M 9 46.57 -5.32 18.35
N GLU M 10 45.69 -6.17 18.93
CA GLU M 10 45.14 -7.36 18.27
C GLU M 10 44.13 -6.99 17.18
N ARG M 11 43.54 -5.77 17.28
CA ARG M 11 42.57 -5.22 16.34
C ARG M 11 43.30 -4.66 15.11
N ASP M 12 42.58 -4.48 14.00
CA ASP M 12 43.09 -3.98 12.71
C ASP M 12 43.70 -2.58 12.81
N ASN M 13 44.83 -2.38 12.11
CA ASN M 13 45.56 -1.11 12.03
C ASN M 13 45.94 -0.86 10.58
N THR M 14 45.47 0.28 10.05
CA THR M 14 45.68 0.74 8.67
C THR M 14 46.17 2.19 8.64
N GLY M 15 46.21 2.82 9.82
CA GLY M 15 46.64 4.19 10.01
C GLY M 15 47.36 4.37 11.34
N ARG M 16 46.76 5.15 12.26
CA ARG M 16 47.32 5.42 13.59
C ARG M 16 46.54 4.65 14.65
N CYS M 17 47.25 4.06 15.62
CA CYS M 17 46.66 3.32 16.73
C CYS M 17 47.28 3.77 18.05
N ARG M 18 46.58 4.64 18.79
CA ARG M 18 47.10 5.12 20.06
C ARG M 18 46.49 4.39 21.27
N LEU M 19 47.27 4.28 22.35
CA LEU M 19 46.90 3.64 23.61
C LEU M 19 47.43 4.49 24.76
N SER M 20 46.65 4.64 25.84
CA SER M 20 47.08 5.45 26.99
C SER M 20 46.53 4.93 28.32
N SER M 21 47.31 5.14 29.40
CA SER M 21 46.94 4.76 30.77
C SER M 21 45.99 5.84 31.31
N PRO M 22 45.06 5.52 32.25
CA PRO M 22 44.21 6.58 32.82
C PRO M 22 45.06 7.64 33.53
N VAL M 23 44.69 8.92 33.36
CA VAL M 23 45.42 10.04 33.94
C VAL M 23 45.29 10.06 35.47
N PRO M 24 46.42 10.00 36.21
CA PRO M 24 46.35 10.05 37.68
C PRO M 24 45.92 11.43 38.19
N ALA M 25 45.36 11.47 39.41
CA ALA M 25 44.92 12.70 40.05
C ALA M 25 46.10 13.63 40.37
N VAL M 26 47.22 13.04 40.83
CA VAL M 26 48.48 13.71 41.21
C VAL M 26 49.08 14.46 40.01
N CYS M 27 49.03 13.86 38.80
CA CYS M 27 49.58 14.41 37.56
C CYS M 27 48.89 15.66 37.02
N ARG M 28 47.57 15.80 37.30
CA ARG M 28 46.78 16.95 36.86
C ARG M 28 47.00 18.21 37.74
N LYS M 29 47.61 18.04 38.93
CA LYS M 29 47.82 19.13 39.88
C LYS M 29 49.29 19.61 39.94
N GLU M 30 50.21 18.72 40.36
CA GLU M 30 51.64 19.00 40.50
C GLU M 30 52.39 19.13 39.15
N PRO M 31 53.52 19.88 39.08
CA PRO M 31 54.27 19.96 37.81
C PRO M 31 54.84 18.59 37.44
N CYS M 32 54.72 18.21 36.16
CA CYS M 32 55.18 16.91 35.66
C CYS M 32 56.32 16.99 34.68
N VAL M 33 57.11 15.90 34.65
CA VAL M 33 58.24 15.69 33.74
C VAL M 33 57.79 14.63 32.71
N LEU M 34 58.04 14.90 31.41
CA LEU M 34 57.61 14.05 30.31
C LEU M 34 58.79 13.50 29.50
N GLY M 35 58.77 12.20 29.23
CA GLY M 35 59.80 11.50 28.48
C GLY M 35 59.29 10.97 27.17
N VAL M 36 60.04 11.19 26.06
CA VAL M 36 59.67 10.72 24.71
C VAL M 36 60.73 9.75 24.15
N ASP M 37 60.26 8.65 23.51
CA ASP M 37 61.12 7.66 22.87
C ASP M 37 60.39 6.91 21.75
N GLU M 38 61.15 6.48 20.73
CA GLU M 38 60.64 5.74 19.58
C GLU M 38 61.14 4.29 19.55
N ALA M 39 60.48 3.44 18.74
CA ALA M 39 60.82 2.03 18.52
C ALA M 39 60.30 1.59 17.15
N GLY M 40 61.18 1.02 16.34
CA GLY M 40 60.84 0.56 15.00
C GLY M 40 60.89 1.66 13.96
N ARG M 41 61.89 2.58 14.08
CA ARG M 41 62.09 3.72 13.18
C ARG M 41 62.78 3.30 11.86
N GLY M 42 63.83 2.49 11.98
CA GLY M 42 64.66 2.05 10.88
C GLY M 42 64.22 0.88 10.01
N PRO M 43 63.48 -0.14 10.53
CA PRO M 43 63.13 -1.29 9.68
C PRO M 43 62.22 -1.01 8.47
N VAL M 44 62.25 -1.90 7.46
CA VAL M 44 61.41 -1.83 6.25
C VAL M 44 60.04 -2.44 6.58
N LEU M 45 60.00 -3.42 7.50
CA LEU M 45 58.80 -4.16 7.88
C LEU M 45 58.25 -3.76 9.25
N GLY M 46 56.93 -3.86 9.40
CA GLY M 46 56.25 -3.59 10.66
C GLY M 46 56.01 -2.14 10.99
N PRO M 47 55.35 -1.88 12.15
CA PRO M 47 55.05 -0.48 12.53
C PRO M 47 56.15 0.25 13.31
N MET M 48 55.99 1.57 13.42
CA MET M 48 56.87 2.46 14.17
C MET M 48 56.07 2.97 15.34
N VAL M 49 56.62 2.81 16.54
CA VAL M 49 55.94 3.17 17.78
C VAL M 49 56.61 4.35 18.47
N TYR M 50 55.81 5.34 18.89
CA TYR M 50 56.27 6.48 19.68
C TYR M 50 55.59 6.38 21.03
N ALA M 51 56.31 6.68 22.11
CA ALA M 51 55.74 6.58 23.46
C ALA M 51 56.18 7.69 24.38
N ILE M 52 55.28 8.06 25.31
CA ILE M 52 55.51 9.09 26.33
C ILE M 52 55.15 8.55 27.71
N CYS M 53 55.90 9.00 28.75
CA CYS M 53 55.72 8.63 30.14
C CYS M 53 55.87 9.87 31.01
N TYR M 54 54.95 10.07 31.96
CA TYR M 54 54.91 11.24 32.86
C TYR M 54 54.66 10.89 34.32
N CYS M 55 55.31 11.66 35.22
CA CYS M 55 55.21 11.56 36.69
C CYS M 55 55.54 12.93 37.31
N PRO M 56 55.01 13.29 38.51
CA PRO M 56 55.31 14.62 39.08
C PRO M 56 56.78 14.79 39.49
N LEU M 57 57.26 16.05 39.50
CA LEU M 57 58.63 16.41 39.87
C LEU M 57 59.09 15.87 41.25
N PRO M 58 58.33 15.99 42.37
CA PRO M 58 58.82 15.41 43.64
C PRO M 58 58.82 13.87 43.66
N ARG M 59 58.11 13.26 42.70
CA ARG M 59 57.98 11.82 42.54
C ARG M 59 58.99 11.22 41.55
N LEU M 60 59.94 12.04 41.06
CA LEU M 60 60.98 11.63 40.11
C LEU M 60 61.94 10.59 40.72
N ALA M 61 62.26 10.74 42.03
CA ALA M 61 63.13 9.83 42.78
C ALA M 61 62.49 8.45 42.94
N ASP M 62 61.15 8.40 43.05
CA ASP M 62 60.37 7.17 43.16
C ASP M 62 60.39 6.37 41.85
N LEU M 63 60.54 7.07 40.71
CA LEU M 63 60.61 6.45 39.38
C LEU M 63 61.94 5.70 39.16
N GLU M 64 63.05 6.25 39.72
CA GLU M 64 64.39 5.66 39.65
C GLU M 64 64.43 4.39 40.53
N ALA M 65 63.63 4.41 41.63
CA ALA M 65 63.47 3.31 42.58
C ALA M 65 62.72 2.14 41.95
N LEU M 66 61.94 2.40 40.87
CA LEU M 66 61.21 1.39 40.11
C LEU M 66 62.17 0.53 39.26
N LYS M 67 63.49 0.82 39.35
CA LYS M 67 64.61 0.17 38.67
C LYS M 67 64.43 0.18 37.16
N VAL M 68 64.20 1.38 36.63
CA VAL M 68 64.01 1.64 35.21
C VAL M 68 65.38 1.91 34.59
N ALA M 69 65.82 1.02 33.68
CA ALA M 69 67.13 1.12 33.02
C ALA M 69 67.02 1.14 31.50
N ASP M 70 68.18 1.26 30.80
CA ASP M 70 68.28 1.28 29.34
C ASP M 70 67.72 0.01 28.71
N SER M 71 66.67 0.16 27.89
CA SER M 71 65.92 -0.89 27.19
C SER M 71 66.75 -2.03 26.57
N LYS M 72 67.92 -1.68 25.97
CA LYS M 72 68.84 -2.64 25.34
C LYS M 72 69.39 -3.67 26.33
N THR M 73 69.55 -3.27 27.61
CA THR M 73 70.07 -4.12 28.69
C THR M 73 69.02 -5.13 29.21
N LEU M 74 67.74 -5.00 28.79
CA LEU M 74 66.64 -5.85 29.22
C LEU M 74 66.17 -6.86 28.16
N LEU M 75 65.36 -7.84 28.59
CA LEU M 75 64.72 -8.87 27.75
C LEU M 75 63.26 -8.45 27.58
N GLU M 76 62.54 -9.10 26.63
CA GLU M 76 61.11 -8.83 26.40
C GLU M 76 60.32 -9.14 27.69
N SER M 77 60.66 -10.28 28.35
CA SER M 77 60.08 -10.76 29.61
C SER M 77 60.36 -9.77 30.74
N GLU M 78 61.60 -9.23 30.78
CA GLU M 78 62.06 -8.26 31.77
C GLU M 78 61.38 -6.90 31.58
N ARG M 79 61.18 -6.48 30.31
CA ARG M 79 60.52 -5.22 29.94
C ARG M 79 59.04 -5.23 30.28
N GLU M 80 58.35 -6.35 30.01
CA GLU M 80 56.93 -6.52 30.28
C GLU M 80 56.57 -6.35 31.76
N ARG M 81 57.37 -6.95 32.67
CA ARG M 81 57.13 -6.84 34.12
C ARG M 81 57.47 -5.45 34.68
N LEU M 82 58.47 -4.77 34.09
CA LEU M 82 58.88 -3.41 34.48
C LEU M 82 57.79 -2.42 34.06
N PHE M 83 57.17 -2.67 32.89
CA PHE M 83 56.06 -1.90 32.34
C PHE M 83 54.84 -2.12 33.22
N ALA M 84 54.62 -3.37 33.65
CA ALA M 84 53.52 -3.78 34.54
C ALA M 84 53.69 -3.19 35.94
N LYS M 85 54.96 -3.09 36.42
CA LYS M 85 55.31 -2.51 37.71
C LYS M 85 54.90 -1.05 37.77
N MET M 86 55.21 -0.27 36.71
CA MET M 86 54.84 1.14 36.62
C MET M 86 53.37 1.36 36.26
N GLU M 87 52.73 0.35 35.62
CA GLU M 87 51.30 0.39 35.30
C GLU M 87 50.49 0.06 36.56
N ASP M 88 51.16 -0.53 37.60
CA ASP M 88 50.58 -0.89 38.89
C ASP M 88 50.66 0.27 39.88
N THR M 89 51.70 1.13 39.76
CA THR M 89 51.89 2.32 40.60
C THR M 89 50.94 3.43 40.16
N ASP M 90 50.59 4.34 41.09
CA ASP M 90 49.65 5.44 40.82
C ASP M 90 50.27 6.68 40.16
N PHE M 91 51.42 7.14 40.67
CA PHE M 91 52.13 8.35 40.25
C PHE M 91 52.62 8.44 38.80
N VAL M 92 52.67 7.32 38.06
CA VAL M 92 53.17 7.33 36.68
C VAL M 92 52.17 6.92 35.58
N GLY M 93 52.03 7.80 34.59
CA GLY M 93 51.15 7.64 33.45
C GLY M 93 51.89 7.58 32.12
N TRP M 94 51.35 6.81 31.19
CA TRP M 94 51.93 6.61 29.86
C TRP M 94 50.92 6.77 28.75
N ALA M 95 51.44 6.93 27.52
CA ALA M 95 50.68 7.05 26.28
C ALA M 95 51.60 6.66 25.12
N LEU M 96 51.12 5.76 24.24
CA LEU M 96 51.88 5.31 23.06
C LEU M 96 51.11 5.41 21.74
N ASP M 97 51.82 5.46 20.60
CA ASP M 97 51.23 5.58 19.27
C ASP M 97 51.85 4.61 18.27
N VAL M 98 51.05 3.65 17.79
CA VAL M 98 51.48 2.62 16.83
C VAL M 98 51.10 3.02 15.40
N LEU M 99 52.09 3.52 14.63
CA LEU M 99 51.90 3.94 13.23
C LEU M 99 52.20 2.76 12.33
N SER M 100 51.22 2.37 11.48
CA SER M 100 51.33 1.27 10.53
C SER M 100 52.28 1.59 9.36
N PRO M 101 52.96 0.57 8.76
CA PRO M 101 53.78 0.82 7.57
C PRO M 101 52.96 1.33 6.36
N ASN M 102 51.62 1.35 6.49
CA ASN M 102 50.72 1.89 5.47
C ASN M 102 50.73 3.40 5.63
N LEU M 103 50.47 3.88 6.86
CA LEU M 103 50.47 5.30 7.20
C LEU M 103 51.86 5.88 6.95
N ILE M 104 52.92 5.10 7.28
CA ILE M 104 54.32 5.46 7.06
C ILE M 104 54.60 5.64 5.56
N SER M 105 54.07 4.74 4.69
CA SER M 105 54.25 4.80 3.24
C SER M 105 53.43 5.90 2.58
N THR M 106 52.10 5.94 2.85
CA THR M 106 51.15 6.93 2.31
C THR M 106 51.54 8.37 2.63
N SER M 107 52.01 8.61 3.88
CA SER M 107 52.43 9.93 4.33
C SER M 107 53.75 10.38 3.70
N MET M 108 54.64 9.43 3.37
CA MET M 108 55.91 9.75 2.72
C MET M 108 55.76 9.86 1.22
N LEU M 109 54.85 9.05 0.64
CA LEU M 109 54.53 9.03 -0.78
C LEU M 109 53.19 9.76 -0.98
N GLY M 110 53.13 11.02 -0.54
CA GLY M 110 51.93 11.83 -0.66
C GLY M 110 51.99 12.77 -1.85
N ARG M 111 51.13 13.81 -1.85
CA ARG M 111 51.11 14.85 -2.89
C ARG M 111 52.33 15.75 -2.66
N VAL M 112 52.74 15.86 -1.38
CA VAL M 112 53.90 16.60 -0.89
C VAL M 112 54.93 15.63 -0.27
N LYS M 113 56.22 15.98 -0.39
CA LYS M 113 57.34 15.19 0.14
C LYS M 113 57.36 15.36 1.66
N TYR M 114 57.07 14.28 2.39
CA TYR M 114 57.03 14.32 3.85
C TYR M 114 57.89 13.22 4.46
N ASN M 115 59.18 13.53 4.70
CA ASN M 115 60.18 12.62 5.24
C ASN M 115 59.88 12.00 6.62
N LEU M 116 60.66 10.98 7.01
CA LEU M 116 60.56 10.23 8.25
C LEU M 116 60.79 11.13 9.47
N ASN M 117 61.87 11.93 9.47
CA ASN M 117 62.23 12.81 10.57
C ASN M 117 61.08 13.72 10.94
N SER M 118 60.48 14.41 9.94
CA SER M 118 59.34 15.30 10.14
C SER M 118 58.12 14.54 10.66
N LEU M 119 57.83 13.36 10.08
CA LEU M 119 56.76 12.46 10.50
C LEU M 119 56.93 12.04 11.96
N SER M 120 58.15 11.65 12.35
CA SER M 120 58.49 11.22 13.71
C SER M 120 58.42 12.39 14.72
N HIS M 121 58.89 13.59 14.32
CA HIS M 121 58.87 14.79 15.16
C HIS M 121 57.44 15.23 15.42
N ASP M 122 56.57 15.14 14.39
CA ASP M 122 55.14 15.48 14.47
C ASP M 122 54.37 14.47 15.30
N THR M 123 54.71 13.17 15.20
CA THR M 123 54.11 12.07 15.99
C THR M 123 54.45 12.26 17.48
N ALA M 124 55.64 12.80 17.78
CA ALA M 124 56.12 13.09 19.13
C ALA M 124 55.34 14.24 19.75
N THR M 125 55.13 15.35 18.98
CA THR M 125 54.38 16.54 19.41
C THR M 125 52.93 16.19 19.70
N GLY M 126 52.37 15.30 18.85
CA GLY M 126 51.00 14.79 18.98
C GLY M 126 50.72 14.15 20.31
N LEU M 127 51.70 13.40 20.85
CA LEU M 127 51.60 12.74 22.15
C LEU M 127 51.72 13.74 23.30
N ILE M 128 52.68 14.70 23.22
CA ILE M 128 52.90 15.76 24.23
C ILE M 128 51.61 16.61 24.33
N GLN M 129 51.00 16.92 23.17
CA GLN M 129 49.74 17.67 23.07
C GLN M 129 48.58 16.88 23.68
N TYR M 130 48.48 15.56 23.37
CA TYR M 130 47.46 14.65 23.92
C TYR M 130 47.46 14.69 25.46
N ALA M 131 48.67 14.74 26.08
CA ALA M 131 48.85 14.80 27.53
C ALA M 131 48.38 16.16 28.05
N LEU M 132 48.74 17.26 27.34
CA LEU M 132 48.34 18.63 27.69
C LEU M 132 46.83 18.76 27.69
N ASP M 133 46.16 18.38 26.57
CA ASP M 133 44.72 18.45 26.44
C ASP M 133 43.94 17.44 27.31
N GLN M 134 44.67 16.58 28.07
CA GLN M 134 44.07 15.63 28.99
C GLN M 134 44.11 16.14 30.45
N GLY M 135 44.89 17.18 30.67
CA GLY M 135 45.01 17.82 31.98
C GLY M 135 46.39 17.76 32.62
N VAL M 136 47.31 16.95 32.05
CA VAL M 136 48.67 16.76 32.56
C VAL M 136 49.45 18.08 32.49
N ASN M 137 49.80 18.64 33.66
CA ASN M 137 50.55 19.90 33.76
C ASN M 137 52.03 19.67 33.39
N VAL M 138 52.32 19.69 32.09
CA VAL M 138 53.67 19.47 31.55
C VAL M 138 54.53 20.74 31.75
N THR M 139 55.70 20.56 32.39
CA THR M 139 56.63 21.63 32.74
C THR M 139 57.98 21.42 32.05
N GLN M 140 58.42 20.16 31.98
CA GLN M 140 59.68 19.72 31.36
C GLN M 140 59.47 18.54 30.43
N VAL M 141 60.20 18.49 29.32
CA VAL M 141 60.17 17.41 28.35
C VAL M 141 61.60 16.98 28.04
N PHE M 142 61.86 15.68 28.16
CA PHE M 142 63.14 15.05 27.84
C PHE M 142 62.89 14.03 26.74
N VAL M 143 63.58 14.20 25.61
CA VAL M 143 63.42 13.33 24.44
C VAL M 143 64.75 12.75 23.92
N ASP M 144 64.72 11.50 23.46
CA ASP M 144 65.87 10.78 22.92
C ASP M 144 65.90 10.86 21.38
N THR M 145 67.08 11.23 20.84
CA THR M 145 67.32 11.34 19.39
C THR M 145 68.51 10.50 18.93
N VAL M 146 68.61 10.30 17.60
CA VAL M 146 69.70 9.54 16.98
C VAL M 146 70.77 10.47 16.37
N GLY M 147 70.32 11.48 15.64
CA GLY M 147 71.15 12.49 14.99
C GLY M 147 70.49 13.85 14.89
N MET M 148 71.30 14.91 14.75
CA MET M 148 70.88 16.32 14.64
C MET M 148 69.90 16.80 15.75
N PRO M 149 70.35 16.92 17.04
CA PRO M 149 69.42 17.36 18.10
C PRO M 149 69.08 18.85 18.08
N GLU M 150 70.01 19.71 17.62
CA GLU M 150 69.86 21.17 17.55
C GLU M 150 68.61 21.59 16.78
N THR M 151 68.32 20.91 15.64
CA THR M 151 67.15 21.17 14.79
C THR M 151 65.87 20.68 15.48
N TYR M 152 65.92 19.48 16.10
CA TYR M 152 64.81 18.84 16.82
C TYR M 152 64.45 19.60 18.11
N GLN M 153 65.43 20.28 18.74
CA GLN M 153 65.22 21.09 19.96
C GLN M 153 64.34 22.30 19.67
N ALA M 154 64.72 23.08 18.63
CA ALA M 154 64.00 24.29 18.20
C ALA M 154 62.58 23.96 17.70
N ARG M 155 62.43 22.84 16.95
CA ARG M 155 61.15 22.40 16.40
C ARG M 155 60.16 22.01 17.51
N LEU M 156 60.63 21.22 18.51
CA LEU M 156 59.82 20.78 19.65
C LEU M 156 59.46 21.96 20.54
N GLN M 157 60.32 23.00 20.59
CA GLN M 157 60.08 24.22 21.34
C GLN M 157 59.18 25.19 20.58
N GLN M 158 59.24 25.18 19.22
CA GLN M 158 58.42 26.02 18.35
C GLN M 158 56.93 25.71 18.59
N SER M 159 56.62 24.41 18.76
CA SER M 159 55.29 23.88 19.02
C SER M 159 54.89 24.02 20.48
N PHE M 160 55.88 23.99 21.39
CA PHE M 160 55.64 24.11 22.83
C PHE M 160 56.53 25.18 23.47
N PRO M 161 56.24 26.50 23.27
CA PRO M 161 57.10 27.53 23.86
C PRO M 161 56.91 27.70 25.37
N GLY M 162 55.77 27.21 25.89
CA GLY M 162 55.48 27.25 27.31
C GLY M 162 56.31 26.24 28.08
N ILE M 163 56.27 24.98 27.62
CA ILE M 163 56.98 23.82 28.19
C ILE M 163 58.48 23.87 27.87
N GLU M 164 59.32 23.57 28.88
CA GLU M 164 60.78 23.50 28.76
C GLU M 164 61.12 22.17 28.09
N VAL M 165 61.80 22.23 26.92
CA VAL M 165 62.16 21.03 26.15
C VAL M 165 63.69 20.83 26.12
N THR M 166 64.14 19.59 26.40
CA THR M 166 65.56 19.22 26.42
C THR M 166 65.80 17.91 25.64
N VAL M 167 66.30 18.02 24.39
CA VAL M 167 66.61 16.85 23.56
C VAL M 167 68.11 16.53 23.59
N LYS M 168 68.46 15.26 23.77
CA LYS M 168 69.84 14.79 23.85
C LYS M 168 70.03 13.37 23.28
N ALA M 169 71.21 13.12 22.69
CA ALA M 169 71.57 11.81 22.14
C ALA M 169 71.83 10.83 23.30
N LYS M 170 71.19 9.64 23.23
CA LYS M 170 71.24 8.56 24.24
C LYS M 170 70.62 9.00 25.58
N ALA M 171 69.56 9.83 25.53
CA ALA M 171 68.83 10.40 26.67
C ALA M 171 68.28 9.37 27.65
N ASP M 172 67.94 8.15 27.16
CA ASP M 172 67.43 7.04 27.96
C ASP M 172 68.44 6.58 29.02
N ALA M 173 69.75 6.64 28.70
CA ALA M 173 70.86 6.27 29.57
C ALA M 173 71.06 7.23 30.75
N LEU M 174 70.69 8.51 30.58
CA LEU M 174 70.85 9.56 31.61
C LEU M 174 69.58 9.98 32.36
N TYR M 175 68.41 10.01 31.69
CA TYR M 175 67.14 10.40 32.32
C TYR M 175 66.22 9.19 32.54
N PRO M 176 65.76 8.95 33.80
CA PRO M 176 64.90 7.78 34.06
C PRO M 176 63.55 7.77 33.36
N VAL M 177 62.94 8.95 33.15
CA VAL M 177 61.63 9.11 32.50
C VAL M 177 61.66 8.75 31.00
N VAL M 178 62.81 8.96 30.33
CA VAL M 178 63.03 8.64 28.91
C VAL M 178 63.19 7.13 28.79
N SER M 179 63.94 6.49 29.73
CA SER M 179 64.13 5.04 29.74
C SER M 179 62.84 4.31 30.10
N ALA M 180 61.91 4.99 30.79
CA ALA M 180 60.59 4.47 31.15
C ALA M 180 59.69 4.55 29.91
N ALA M 181 59.92 5.58 29.06
CA ALA M 181 59.19 5.81 27.81
C ALA M 181 59.62 4.81 26.73
N SER M 182 60.90 4.36 26.74
CA SER M 182 61.42 3.41 25.75
C SER M 182 60.91 1.99 26.02
N ILE M 183 60.65 1.67 27.30
CA ILE M 183 60.12 0.36 27.71
C ILE M 183 58.68 0.21 27.19
N CYS M 184 57.92 1.33 27.12
CA CYS M 184 56.56 1.37 26.59
C CYS M 184 56.58 1.14 25.08
N ALA M 185 57.51 1.82 24.38
CA ALA M 185 57.71 1.76 22.93
C ALA M 185 58.12 0.34 22.46
N LYS M 186 59.16 -0.28 23.10
CA LYS M 186 59.64 -1.63 22.77
C LYS M 186 58.60 -2.73 23.03
N VAL M 187 57.85 -2.64 24.15
CA VAL M 187 56.79 -3.59 24.50
C VAL M 187 55.67 -3.53 23.46
N ALA M 188 55.19 -2.31 23.11
CA ALA M 188 54.14 -2.09 22.11
C ALA M 188 54.57 -2.46 20.68
N ARG M 189 55.84 -2.19 20.30
CA ARG M 189 56.40 -2.53 18.98
C ARG M 189 56.47 -4.03 18.80
N ASP M 190 56.98 -4.75 19.81
CA ASP M 190 57.10 -6.20 19.77
C ASP M 190 55.75 -6.91 19.90
N GLN M 191 54.76 -6.29 20.58
CA GLN M 191 53.41 -6.84 20.73
C GLN M 191 52.47 -6.48 19.56
N ALA M 192 52.97 -5.70 18.58
CA ALA M 192 52.22 -5.30 17.39
C ALA M 192 52.50 -6.30 16.28
N VAL M 193 53.80 -6.60 16.03
CA VAL M 193 54.27 -7.56 15.01
C VAL M 193 53.73 -8.96 15.30
N LYS M 194 53.86 -9.40 16.57
CA LYS M 194 53.30 -10.64 17.07
C LYS M 194 51.82 -10.32 17.25
N LYS M 195 50.94 -11.02 16.51
CA LYS M 195 49.49 -10.78 16.49
C LYS M 195 49.18 -9.46 15.76
N TRP M 196 49.50 -9.44 14.45
CA TRP M 196 49.29 -8.31 13.54
C TRP M 196 48.16 -8.69 12.57
N GLN M 197 47.07 -7.91 12.58
CA GLN M 197 45.92 -8.16 11.70
C GLN M 197 46.25 -7.74 10.26
N PHE M 198 46.58 -8.74 9.41
CA PHE M 198 46.91 -8.53 7.99
C PHE M 198 45.64 -8.34 7.16
N VAL M 199 45.58 -7.21 6.42
CA VAL M 199 44.44 -6.89 5.56
C VAL M 199 44.40 -7.76 4.29
N GLU M 200 45.56 -7.96 3.65
CA GLU M 200 45.71 -8.76 2.43
C GLU M 200 45.51 -10.25 2.70
N LYS M 201 44.68 -10.91 1.87
CA LYS M 201 44.39 -12.33 1.93
C LYS M 201 45.43 -13.13 1.11
N LEU M 202 46.73 -12.84 1.37
CA LEU M 202 47.87 -13.46 0.68
C LEU M 202 48.03 -14.92 1.05
N GLN M 203 48.34 -15.75 0.04
CA GLN M 203 48.55 -17.20 0.19
C GLN M 203 49.81 -17.56 1.02
N ASP M 204 50.76 -16.60 1.15
CA ASP M 204 52.01 -16.79 1.89
C ASP M 204 52.07 -15.98 3.19
N LEU M 205 52.23 -16.71 4.31
CA LEU M 205 52.37 -16.16 5.67
C LEU M 205 53.72 -16.66 6.23
N ASP M 206 54.78 -16.51 5.42
CA ASP M 206 56.16 -16.95 5.66
C ASP M 206 56.76 -16.62 7.03
N THR M 207 56.56 -15.37 7.51
CA THR M 207 57.03 -14.84 8.82
C THR M 207 58.56 -14.97 9.10
N ASP M 208 59.35 -15.43 8.10
CA ASP M 208 60.80 -15.60 8.23
C ASP M 208 61.62 -14.33 7.94
N TYR M 209 61.04 -13.13 8.23
CA TYR M 209 61.71 -11.84 8.01
C TYR M 209 62.89 -11.60 8.96
N GLY M 210 62.69 -11.87 10.24
CA GLY M 210 63.71 -11.70 11.26
C GLY M 210 63.75 -10.29 11.80
N SER M 211 64.92 -9.64 11.67
CA SER M 211 65.21 -8.28 12.16
C SER M 211 64.22 -7.22 11.68
N GLY M 212 63.89 -7.25 10.39
CA GLY M 212 63.00 -6.27 9.77
C GLY M 212 63.79 -5.16 9.11
N TYR M 213 65.09 -5.03 9.46
CA TYR M 213 66.01 -4.02 8.95
C TYR M 213 66.57 -4.40 7.57
N PRO M 214 66.88 -3.41 6.70
CA PRO M 214 67.39 -3.75 5.36
C PRO M 214 68.78 -4.40 5.32
N ASN M 215 69.61 -4.18 6.36
CA ASN M 215 70.96 -4.74 6.47
C ASN M 215 70.91 -6.27 6.56
N ASP M 216 69.86 -6.80 7.23
CA ASP M 216 69.58 -8.21 7.46
C ASP M 216 69.42 -9.01 6.14
N PRO M 217 70.09 -10.17 5.99
CA PRO M 217 69.96 -10.93 4.72
C PRO M 217 68.65 -11.69 4.55
N LYS M 218 68.00 -12.08 5.66
CA LYS M 218 66.73 -12.82 5.67
C LYS M 218 65.58 -11.98 5.11
N THR M 219 65.59 -10.65 5.37
CA THR M 219 64.58 -9.70 4.89
C THR M 219 64.65 -9.50 3.38
N LYS M 220 65.87 -9.31 2.83
CA LYS M 220 66.12 -9.15 1.39
C LYS M 220 65.58 -10.36 0.63
N ALA M 221 65.71 -11.56 1.22
CA ALA M 221 65.19 -12.82 0.69
C ALA M 221 63.65 -12.86 0.78
N TRP M 222 63.08 -12.39 1.93
CA TRP M 222 61.63 -12.33 2.18
C TRP M 222 60.90 -11.42 1.20
N LEU M 223 61.45 -10.20 0.96
CA LEU M 223 60.89 -9.21 0.05
C LEU M 223 60.90 -9.72 -1.38
N LYS M 224 62.03 -10.34 -1.82
CA LYS M 224 62.20 -10.91 -3.16
C LYS M 224 61.21 -12.06 -3.40
N GLU M 225 60.91 -12.83 -2.33
CA GLU M 225 59.97 -13.95 -2.37
C GLU M 225 58.53 -13.46 -2.38
N HIS M 226 58.24 -12.34 -1.69
CA HIS M 226 56.90 -11.79 -1.57
C HIS M 226 56.41 -10.83 -2.67
N VAL M 227 57.35 -10.16 -3.37
CA VAL M 227 57.08 -9.19 -4.44
C VAL M 227 56.05 -9.69 -5.48
N GLU M 228 54.99 -8.89 -5.70
CA GLU M 228 53.92 -9.17 -6.65
C GLU M 228 54.03 -8.20 -7.85
N PRO M 229 54.10 -8.70 -9.11
CA PRO M 229 54.29 -7.79 -10.27
C PRO M 229 53.27 -6.67 -10.50
N VAL M 230 52.02 -6.79 -10.03
CA VAL M 230 50.98 -5.77 -10.25
C VAL M 230 50.80 -4.82 -9.06
N PHE M 231 50.69 -5.38 -7.84
CA PHE M 231 50.46 -4.62 -6.60
C PHE M 231 51.73 -4.20 -5.87
N GLY M 232 52.84 -4.89 -6.13
CA GLY M 232 54.12 -4.58 -5.52
C GLY M 232 54.46 -5.42 -4.30
N PHE M 233 54.01 -4.96 -3.12
CA PHE M 233 54.24 -5.61 -1.84
C PHE M 233 52.99 -5.55 -0.96
N PRO M 234 52.86 -6.38 0.12
CA PRO M 234 51.69 -6.24 1.01
C PRO M 234 51.87 -4.96 1.86
N GLN M 235 50.78 -4.43 2.43
CA GLN M 235 50.82 -3.21 3.26
C GLN M 235 51.84 -3.23 4.41
N PHE M 236 52.23 -4.44 4.89
CA PHE M 236 53.22 -4.66 5.96
C PHE M 236 54.61 -4.10 5.61
N VAL M 237 54.87 -3.84 4.30
CA VAL M 237 56.12 -3.31 3.80
C VAL M 237 56.05 -1.77 3.69
N ARG M 238 57.11 -1.08 4.19
CA ARG M 238 57.24 0.38 4.09
C ARG M 238 57.71 0.73 2.66
N PHE M 239 56.75 0.93 1.74
CA PHE M 239 56.96 1.26 0.31
C PHE M 239 57.97 2.38 0.05
N SER M 240 57.91 3.43 0.88
CA SER M 240 58.76 4.62 0.83
C SER M 240 60.26 4.37 0.94
N TRP M 241 60.65 3.28 1.64
CA TRP M 241 62.05 2.85 1.86
C TRP M 241 62.72 2.58 0.53
N ARG M 242 63.98 3.02 0.39
CA ARG M 242 64.76 2.82 -0.84
C ARG M 242 64.98 1.35 -1.14
N THR M 243 65.12 0.52 -0.08
CA THR M 243 65.27 -0.93 -0.16
C THR M 243 64.06 -1.54 -0.90
N ALA M 244 62.83 -1.14 -0.51
CA ALA M 244 61.58 -1.60 -1.09
C ALA M 244 61.37 -1.05 -2.50
N GLN M 245 61.80 0.20 -2.76
CA GLN M 245 61.65 0.82 -4.08
C GLN M 245 62.51 0.18 -5.16
N THR M 246 63.75 -0.24 -4.80
CA THR M 246 64.72 -0.90 -5.69
C THR M 246 64.10 -2.14 -6.33
N ILE M 247 63.60 -3.08 -5.50
CA ILE M 247 62.93 -4.31 -5.92
C ILE M 247 61.75 -3.98 -6.85
N LEU M 248 60.92 -2.97 -6.47
CA LEU M 248 59.77 -2.51 -7.25
C LEU M 248 60.12 -2.01 -8.67
N GLU M 249 61.37 -1.53 -8.86
CA GLU M 249 61.84 -1.06 -10.17
C GLU M 249 62.31 -2.26 -11.01
N LYS M 250 62.82 -3.32 -10.33
CA LYS M 250 63.37 -4.54 -10.94
C LYS M 250 62.41 -5.73 -11.07
N GLU M 251 61.50 -5.90 -10.11
CA GLU M 251 60.58 -7.04 -10.08
C GLU M 251 59.10 -6.72 -10.34
N ALA M 252 58.67 -5.47 -10.15
CA ALA M 252 57.28 -5.08 -10.36
C ALA M 252 57.03 -4.26 -11.64
N GLU M 253 55.78 -4.31 -12.14
CA GLU M 253 55.32 -3.61 -13.35
C GLU M 253 55.46 -2.11 -13.25
N ASP M 254 55.55 -1.48 -14.42
CA ASP M 254 55.69 -0.04 -14.54
C ASP M 254 54.36 0.66 -14.25
N VAL M 255 54.36 1.54 -13.24
CA VAL M 255 53.20 2.32 -12.84
C VAL M 255 53.50 3.83 -13.01
N ILE M 256 52.64 4.56 -13.74
CA ILE M 256 52.85 5.99 -14.03
C ILE M 256 51.78 6.85 -13.36
N TRP M 257 52.18 7.70 -12.42
CA TRP M 257 51.27 8.60 -11.69
C TRP M 257 51.19 9.99 -12.33
N GLU M 258 50.21 10.82 -11.89
CA GLU M 258 50.01 12.19 -12.37
C GLU M 258 51.21 13.10 -12.11
N ASP M 259 51.93 12.86 -11.01
CA ASP M 259 53.11 13.61 -10.59
C ASP M 259 54.44 12.88 -10.83
N SER M 260 54.48 11.89 -11.74
CA SER M 260 55.70 11.11 -12.05
C SER M 260 56.82 11.93 -12.72
N SER M 287 39.22 18.39 -34.61
CA SER M 287 38.88 19.52 -33.74
C SER M 287 37.40 19.52 -33.34
N HIS M 288 37.14 19.59 -32.01
CA HIS M 288 35.81 19.63 -31.41
C HIS M 288 35.68 20.87 -30.51
N ARG M 289 34.68 20.91 -29.60
CA ARG M 289 34.46 22.04 -28.69
C ARG M 289 33.95 21.59 -27.32
N TYR M 290 32.78 20.91 -27.30
CA TYR M 290 32.12 20.34 -26.13
C TYR M 290 32.88 19.10 -25.65
N PHE M 291 33.29 18.23 -26.60
CA PHE M 291 34.00 16.98 -26.38
C PHE M 291 35.36 17.12 -25.70
N LEU M 292 36.11 18.18 -26.02
CA LEU M 292 37.44 18.48 -25.45
C LEU M 292 37.41 18.65 -23.93
N GLU M 293 36.34 19.30 -23.41
CA GLU M 293 36.11 19.55 -21.98
C GLU M 293 35.82 18.26 -21.19
N ARG M 294 35.55 17.15 -21.89
CA ARG M 294 35.21 15.86 -21.28
C ARG M 294 36.01 14.64 -21.77
N GLY M 295 37.16 14.91 -22.41
CA GLY M 295 38.09 13.90 -22.91
C GLY M 295 37.54 12.90 -23.91
N LEU M 296 36.49 13.29 -24.66
CA LEU M 296 35.83 12.44 -25.65
C LEU M 296 36.32 12.70 -27.05
N GLU M 297 36.44 11.62 -27.83
CA GLU M 297 36.84 11.62 -29.23
C GLU M 297 36.20 10.39 -29.93
N SER M 298 35.93 10.48 -31.23
CA SER M 298 35.34 9.33 -31.95
C SER M 298 36.39 8.23 -32.11
N ALA M 299 35.95 6.97 -32.05
CA ALA M 299 36.85 5.82 -32.19
C ALA M 299 37.14 5.52 -33.66
N THR M 300 38.40 5.12 -33.94
CA THR M 300 38.89 4.73 -35.28
C THR M 300 39.34 3.26 -35.29
N SER M 301 39.72 2.73 -34.11
CA SER M 301 40.16 1.34 -33.91
C SER M 301 39.73 0.81 -32.53
N LEU M 302 39.54 -0.52 -32.40
CA LEU M 302 39.15 -1.15 -31.14
C LEU M 302 39.84 -2.50 -30.89
N MET N 4 44.83 -11.17 -24.19
CA MET N 4 43.72 -10.54 -24.92
C MET N 4 43.27 -9.23 -24.26
N ARG N 5 43.06 -8.18 -25.08
CA ARG N 5 42.64 -6.85 -24.64
C ARG N 5 41.15 -6.84 -24.33
N GLN N 6 40.78 -6.20 -23.21
CA GLN N 6 39.40 -6.06 -22.77
C GLN N 6 38.95 -4.61 -22.98
N HIS N 7 37.69 -4.42 -23.42
CA HIS N 7 37.12 -3.11 -23.69
C HIS N 7 35.99 -2.78 -22.72
N VAL N 8 35.93 -1.52 -22.28
CA VAL N 8 34.88 -1.08 -21.36
C VAL N 8 33.89 -0.29 -22.18
N PHE N 9 32.67 -0.84 -22.32
CA PHE N 9 31.59 -0.28 -23.15
C PHE N 9 30.37 0.18 -22.39
N LEU N 10 29.83 1.34 -22.81
CA LEU N 10 28.60 1.94 -22.29
C LEU N 10 27.65 2.16 -23.46
N VAL N 11 26.76 1.19 -23.68
CA VAL N 11 25.75 1.16 -24.74
C VAL N 11 24.37 1.47 -24.14
N SER N 12 23.37 1.73 -24.99
CA SER N 12 22.00 2.01 -24.56
C SER N 12 21.29 0.78 -23.93
N GLU N 13 20.16 1.02 -23.24
CA GLU N 13 19.34 -0.01 -22.59
C GLU N 13 18.59 -0.86 -23.66
N TYR N 14 18.09 -2.06 -23.27
CA TYR N 14 17.32 -3.03 -24.07
C TYR N 14 17.98 -3.66 -25.32
N LEU N 15 19.31 -3.51 -25.48
CA LEU N 15 20.05 -4.06 -26.62
C LEU N 15 20.24 -5.58 -26.57
N LYS N 16 20.19 -6.18 -25.36
CA LYS N 16 20.34 -7.62 -25.14
C LYS N 16 19.05 -8.37 -25.48
N LEU N 26 23.71 -7.54 -33.86
CA LEU N 26 24.66 -6.51 -33.46
C LEU N 26 26.02 -6.72 -34.09
N MET N 27 26.61 -5.65 -34.65
CA MET N 27 27.91 -5.70 -35.32
C MET N 27 28.60 -4.33 -35.38
N PHE N 28 29.93 -4.34 -35.52
CA PHE N 28 30.73 -3.13 -35.64
C PHE N 28 31.11 -2.91 -37.11
N VAL N 29 30.86 -1.69 -37.63
CA VAL N 29 31.18 -1.34 -39.01
C VAL N 29 31.92 -0.02 -39.13
N LYS N 30 32.93 0.02 -40.00
CA LYS N 30 33.67 1.25 -40.25
C LYS N 30 32.95 2.01 -41.37
N LEU N 31 32.62 3.27 -41.11
CA LEU N 31 31.92 4.15 -42.06
C LEU N 31 32.56 5.53 -42.15
N VAL N 32 32.20 6.31 -43.20
CA VAL N 32 32.69 7.67 -43.42
C VAL N 32 32.08 8.60 -42.37
N ASN N 33 32.93 9.43 -41.74
CA ASN N 33 32.46 10.43 -40.79
C ASN N 33 31.92 11.59 -41.65
N PRO N 34 30.68 12.06 -41.41
CA PRO N 34 30.10 13.11 -42.27
C PRO N 34 30.82 14.46 -42.32
N CYS N 35 31.62 14.79 -41.30
CA CYS N 35 32.32 16.06 -41.26
C CYS N 35 33.66 16.03 -42.00
N SER N 36 34.61 15.15 -41.57
CA SER N 36 35.94 15.07 -42.16
C SER N 36 36.08 14.15 -43.38
N GLY N 37 35.32 13.05 -43.41
CA GLY N 37 35.37 12.10 -44.52
C GLY N 37 36.14 10.83 -44.22
N GLU N 38 36.95 10.85 -43.13
CA GLU N 38 37.74 9.70 -42.68
C GLU N 38 36.89 8.66 -41.95
N GLY N 39 37.47 7.49 -41.70
CA GLY N 39 36.80 6.38 -41.02
C GLY N 39 36.53 6.58 -39.55
N ALA N 40 35.35 6.11 -39.11
CA ALA N 40 34.88 6.15 -37.73
C ALA N 40 34.15 4.85 -37.41
N ILE N 41 34.25 4.37 -36.17
CA ILE N 41 33.62 3.14 -35.74
C ILE N 41 32.14 3.37 -35.41
N TYR N 42 31.28 2.48 -35.93
CA TYR N 42 29.83 2.49 -35.73
C TYR N 42 29.35 1.13 -35.25
N LEU N 43 28.36 1.12 -34.34
CA LEU N 43 27.75 -0.10 -33.82
C LEU N 43 26.38 -0.22 -34.50
N PHE N 44 26.20 -1.29 -35.28
CA PHE N 44 24.97 -1.51 -36.03
C PHE N 44 24.14 -2.65 -35.46
N ASN N 45 22.82 -2.41 -35.31
CA ASN N 45 21.86 -3.40 -34.85
C ASN N 45 21.08 -3.90 -36.07
N MET N 46 20.81 -5.22 -36.12
CA MET N 46 20.09 -5.82 -37.25
C MET N 46 18.56 -5.89 -37.04
N CYS N 47 18.09 -6.19 -35.81
CA CYS N 47 16.67 -6.30 -35.48
C CYS N 47 15.92 -4.96 -35.57
N LEU N 48 16.23 -4.01 -34.67
CA LEU N 48 15.60 -2.68 -34.66
C LEU N 48 16.13 -1.75 -35.77
N GLN N 49 17.23 -2.17 -36.46
CA GLN N 49 17.90 -1.47 -37.57
C GLN N 49 18.39 -0.05 -37.16
N GLN N 50 18.98 0.04 -35.95
CA GLN N 50 19.49 1.30 -35.39
C GLN N 50 21.01 1.44 -35.60
N LEU N 51 21.46 2.68 -35.85
CA LEU N 51 22.87 3.02 -36.07
C LEU N 51 23.41 3.78 -34.86
N PHE N 52 24.59 3.36 -34.38
CA PHE N 52 25.22 3.99 -33.23
C PHE N 52 26.60 4.53 -33.58
N GLU N 53 26.96 5.68 -33.00
CA GLU N 53 28.25 6.32 -33.17
C GLU N 53 29.10 5.97 -31.94
N VAL N 54 30.29 5.40 -32.16
CA VAL N 54 31.18 5.02 -31.05
C VAL N 54 32.15 6.17 -30.76
N LYS N 55 32.18 6.60 -29.49
CA LYS N 55 33.05 7.67 -28.99
C LYS N 55 33.82 7.19 -27.76
N VAL N 56 35.15 7.42 -27.75
CA VAL N 56 36.03 6.99 -26.66
C VAL N 56 36.49 8.09 -25.72
N PHE N 57 36.43 7.80 -24.41
CA PHE N 57 36.92 8.67 -23.37
C PHE N 57 38.38 8.27 -23.13
N LYS N 58 39.31 9.20 -23.41
CA LYS N 58 40.74 9.02 -23.21
C LYS N 58 41.26 10.15 -22.34
N GLU N 59 42.03 9.81 -21.31
CA GLU N 59 42.66 10.74 -20.38
C GLU N 59 43.93 10.06 -19.85
N LYS N 60 45.05 10.81 -19.83
CA LYS N 60 46.34 10.34 -19.36
C LYS N 60 46.26 9.98 -17.86
N HIS N 61 46.96 8.90 -17.45
CA HIS N 61 47.06 8.39 -16.08
C HIS N 61 45.74 7.77 -15.57
N HIS N 62 45.39 6.61 -16.16
CA HIS N 62 44.21 5.80 -15.88
C HIS N 62 44.46 4.32 -16.18
N SER N 63 43.69 3.44 -15.51
CA SER N 63 43.73 1.97 -15.67
C SER N 63 42.46 1.37 -15.10
N TRP N 64 42.09 0.15 -15.56
CA TRP N 64 40.90 -0.57 -15.08
C TRP N 64 41.28 -1.84 -14.35
N PHE N 65 40.47 -2.20 -13.35
CA PHE N 65 40.59 -3.45 -12.62
C PHE N 65 39.30 -4.18 -12.97
N ILE N 66 39.35 -5.04 -13.99
CA ILE N 66 38.18 -5.82 -14.42
C ILE N 66 38.27 -7.17 -13.74
N ASN N 67 37.51 -7.33 -12.63
CA ASN N 67 37.49 -8.51 -11.78
C ASN N 67 38.91 -8.84 -11.32
N GLN N 68 39.53 -9.92 -11.82
CA GLN N 68 40.91 -10.26 -11.44
C GLN N 68 41.88 -9.98 -12.61
N SER N 69 41.68 -8.83 -13.28
CA SER N 69 42.49 -8.43 -14.44
C SER N 69 42.80 -6.92 -14.49
N VAL N 70 43.76 -6.54 -15.36
CA VAL N 70 44.23 -5.16 -15.54
C VAL N 70 44.12 -4.66 -16.98
N GLN N 71 43.74 -3.37 -17.15
CA GLN N 71 43.64 -2.73 -18.44
C GLN N 71 44.37 -1.40 -18.43
N SER N 72 45.59 -1.38 -19.01
CA SER N 72 46.53 -0.25 -19.08
C SER N 72 45.97 1.10 -19.58
N GLY N 73 44.94 1.06 -20.41
CA GLY N 73 44.35 2.24 -21.01
C GLY N 73 43.60 3.17 -20.08
N GLY N 74 42.41 2.73 -19.68
CA GLY N 74 41.48 3.50 -18.86
C GLY N 74 40.45 4.11 -19.79
N LEU N 75 40.24 3.45 -20.94
CA LEU N 75 39.35 3.84 -22.02
C LEU N 75 37.92 3.39 -21.80
N LEU N 76 36.98 4.34 -21.89
CA LEU N 76 35.55 4.14 -21.72
C LEU N 76 34.86 4.48 -23.04
N HIS N 77 34.19 3.47 -23.64
CA HIS N 77 33.51 3.57 -24.94
C HIS N 77 32.03 3.91 -24.81
N PHE N 78 31.53 4.81 -25.69
CA PHE N 78 30.14 5.29 -25.72
C PHE N 78 29.42 5.01 -27.04
N ALA N 79 28.52 4.00 -27.05
CA ALA N 79 27.71 3.63 -28.20
C ALA N 79 26.38 4.40 -28.17
N THR N 80 26.45 5.68 -28.58
CA THR N 80 25.33 6.62 -28.58
C THR N 80 24.52 6.53 -29.89
N PRO N 81 23.16 6.70 -29.88
CA PRO N 81 22.41 6.62 -31.15
C PRO N 81 22.71 7.79 -32.06
N VAL N 82 22.87 7.51 -33.36
CA VAL N 82 23.21 8.51 -34.37
C VAL N 82 22.13 8.65 -35.45
N ASP N 83 21.82 9.90 -35.81
CA ASP N 83 20.85 10.29 -36.83
C ASP N 83 21.40 9.89 -38.22
N PRO N 84 20.68 9.00 -38.96
CA PRO N 84 21.19 8.54 -40.27
C PRO N 84 21.23 9.59 -41.36
N LEU N 85 20.51 10.71 -41.20
CA LEU N 85 20.47 11.79 -42.19
C LEU N 85 21.84 12.45 -42.35
N PHE N 86 22.61 12.60 -41.25
CA PHE N 86 23.97 13.18 -41.28
C PHE N 86 24.89 12.33 -42.14
N LEU N 87 24.80 10.98 -42.00
CA LEU N 87 25.58 10.02 -42.78
C LEU N 87 25.13 9.99 -44.26
N LEU N 88 23.80 9.99 -44.49
CA LEU N 88 23.19 10.00 -45.82
C LEU N 88 23.49 11.30 -46.58
N LEU N 89 23.52 12.43 -45.85
CA LEU N 89 23.78 13.77 -46.39
C LEU N 89 25.12 13.82 -47.12
N HIS N 90 26.17 13.20 -46.52
CA HIS N 90 27.52 13.12 -47.09
C HIS N 90 27.49 12.58 -48.53
N TYR N 91 26.76 11.47 -48.75
CA TYR N 91 26.64 10.82 -50.06
C TYR N 91 25.80 11.62 -51.06
N LEU N 92 24.76 12.32 -50.58
CA LEU N 92 23.88 13.14 -51.42
C LEU N 92 24.60 14.35 -52.01
N ILE N 93 25.48 14.98 -51.20
CA ILE N 93 26.30 16.12 -51.60
C ILE N 93 27.29 15.65 -52.69
N LYS N 94 27.88 14.45 -52.49
CA LYS N 94 28.81 13.81 -53.43
C LYS N 94 28.13 13.49 -54.80
N ALA N 95 26.79 13.30 -54.80
CA ALA N 95 25.98 12.99 -55.98
C ALA N 95 25.46 14.24 -56.69
N ASP N 96 25.47 15.40 -55.99
CA ASP N 96 25.01 16.69 -56.50
C ASP N 96 25.95 17.22 -57.60
N LYS N 97 27.21 16.73 -57.61
CA LYS N 97 28.25 17.09 -58.57
C LYS N 97 27.91 16.56 -59.98
N GLU N 98 27.15 15.44 -60.06
CA GLU N 98 26.70 14.82 -61.31
C GLU N 98 25.63 15.64 -62.03
N GLY N 99 24.72 16.23 -61.24
CA GLY N 99 23.64 17.09 -61.74
C GLY N 99 22.49 16.35 -62.39
N LYS N 100 21.97 15.31 -61.70
CA LYS N 100 20.84 14.50 -62.14
C LYS N 100 20.16 13.79 -60.96
N PHE N 101 18.89 13.39 -61.13
CA PHE N 101 18.13 12.66 -60.12
C PHE N 101 18.54 11.20 -60.19
N GLN N 102 19.08 10.66 -59.09
CA GLN N 102 19.56 9.28 -59.05
C GLN N 102 18.84 8.44 -57.99
N PRO N 103 18.66 7.10 -58.19
CA PRO N 103 18.02 6.30 -57.14
C PRO N 103 18.99 6.04 -55.99
N LEU N 104 18.46 5.66 -54.82
CA LEU N 104 19.27 5.38 -53.63
C LEU N 104 20.44 4.44 -53.86
N ASP N 105 20.27 3.44 -54.76
CA ASP N 105 21.29 2.46 -55.12
C ASP N 105 22.48 3.09 -55.88
N GLN N 106 22.27 4.25 -56.52
CA GLN N 106 23.30 4.96 -57.27
C GLN N 106 24.06 5.96 -56.41
N VAL N 107 23.33 6.75 -55.60
CA VAL N 107 23.90 7.77 -54.70
C VAL N 107 24.77 7.19 -53.56
N VAL N 108 24.20 6.32 -52.71
CA VAL N 108 24.87 5.69 -51.57
C VAL N 108 25.76 4.54 -52.06
N VAL N 109 27.01 4.88 -52.46
CA VAL N 109 28.02 3.94 -52.96
C VAL N 109 29.39 4.41 -52.46
N ASP N 110 30.13 3.50 -51.81
CA ASP N 110 31.48 3.79 -51.33
C ASP N 110 32.37 2.58 -51.55
N ASN N 111 33.43 2.78 -52.34
CA ASN N 111 34.41 1.75 -52.70
C ASN N 111 35.28 1.36 -51.50
N VAL N 112 35.80 2.38 -50.78
CA VAL N 112 36.65 2.23 -49.59
C VAL N 112 35.86 1.66 -48.41
N PHE N 113 34.61 2.13 -48.22
CA PHE N 113 33.71 1.73 -47.14
C PHE N 113 32.50 1.00 -47.74
N PRO N 114 32.58 -0.33 -47.96
CA PRO N 114 31.45 -1.04 -48.58
C PRO N 114 30.28 -1.35 -47.63
N ASN N 115 30.29 -0.79 -46.42
CA ASN N 115 29.23 -1.00 -45.43
C ASN N 115 28.15 0.09 -45.46
N CYS N 116 28.25 1.02 -46.43
CA CYS N 116 27.27 2.11 -46.61
C CYS N 116 25.93 1.57 -47.13
N ILE N 117 25.96 0.39 -47.79
CA ILE N 117 24.78 -0.30 -48.33
C ILE N 117 23.76 -0.59 -47.21
N LEU N 118 24.23 -0.57 -45.94
CA LEU N 118 23.41 -0.79 -44.74
C LEU N 118 22.44 0.39 -44.52
N LEU N 119 22.83 1.62 -44.94
CA LEU N 119 22.03 2.84 -44.83
C LEU N 119 20.74 2.74 -45.62
N LEU N 120 20.79 2.04 -46.79
CA LEU N 120 19.65 1.79 -47.68
C LEU N 120 18.60 0.94 -46.97
N LYS N 121 19.03 -0.18 -46.34
CA LYS N 121 18.17 -1.08 -45.60
C LYS N 121 17.85 -0.45 -44.23
N LEU N 122 16.88 0.47 -44.23
CA LEU N 122 16.42 1.18 -43.03
C LEU N 122 14.91 1.39 -43.02
N PRO N 123 14.24 1.26 -41.86
CA PRO N 123 12.77 1.45 -41.84
C PRO N 123 12.41 2.93 -41.90
N GLY N 124 11.49 3.25 -42.81
CA GLY N 124 11.03 4.61 -43.05
C GLY N 124 12.06 5.47 -43.73
N LEU N 125 12.93 4.85 -44.57
CA LEU N 125 14.00 5.52 -45.32
C LEU N 125 13.49 6.59 -46.28
N GLU N 126 12.37 6.33 -46.97
CA GLU N 126 11.75 7.26 -47.92
C GLU N 126 11.20 8.49 -47.21
N LYS N 127 10.55 8.29 -46.04
CA LYS N 127 9.96 9.34 -45.21
C LYS N 127 10.98 10.35 -44.68
N LEU N 128 12.14 9.88 -44.19
CA LEU N 128 13.19 10.75 -43.68
C LEU N 128 13.91 11.57 -44.74
N LEU N 129 13.90 11.09 -46.00
CA LEU N 129 14.54 11.78 -47.13
C LEU N 129 13.75 13.00 -47.63
N HIS N 130 12.47 13.14 -47.20
CA HIS N 130 11.61 14.27 -47.53
C HIS N 130 12.05 15.54 -46.76
N HIS N 131 12.90 15.36 -45.73
CA HIS N 131 13.45 16.43 -44.88
C HIS N 131 14.69 17.11 -45.49
N VAL N 132 15.40 16.42 -46.41
CA VAL N 132 16.65 16.94 -47.00
C VAL N 132 16.74 17.00 -48.53
N THR N 133 16.00 16.13 -49.24
CA THR N 133 16.07 16.06 -50.70
C THR N 133 14.73 16.08 -51.42
N GLU N 134 14.77 16.39 -52.74
CA GLU N 134 13.60 16.42 -53.63
C GLU N 134 13.51 15.12 -54.46
N GLU N 135 12.30 14.53 -54.48
CA GLU N 135 12.01 13.28 -55.19
C GLU N 135 11.43 13.49 -56.59
N LYS N 136 11.71 12.55 -57.51
CA LYS N 136 11.21 12.56 -58.89
C LYS N 136 11.05 11.14 -59.41
N ASP N 142 5.71 2.61 -61.09
CA ASP N 142 6.46 2.43 -62.33
C ASP N 142 7.91 1.96 -62.07
N ASN N 143 8.68 2.72 -61.26
CA ASN N 143 10.07 2.41 -60.91
C ASN N 143 10.45 2.96 -59.52
N LYS N 144 11.66 2.64 -59.03
CA LYS N 144 12.17 3.12 -57.74
C LYS N 144 12.47 4.62 -57.83
N LYS N 145 11.92 5.41 -56.88
CA LYS N 145 12.06 6.88 -56.82
C LYS N 145 13.48 7.43 -56.89
N TYR N 146 13.64 8.56 -57.61
CA TYR N 146 14.91 9.25 -57.87
C TYR N 146 15.06 10.49 -57.01
N TYR N 147 16.25 10.66 -56.41
CA TYR N 147 16.54 11.77 -55.52
C TYR N 147 17.68 12.68 -55.99
N LYS N 148 17.66 13.95 -55.54
CA LYS N 148 18.69 14.97 -55.82
C LYS N 148 18.83 15.90 -54.63
N TYR N 149 20.09 16.21 -54.26
CA TYR N 149 20.44 17.07 -53.13
C TYR N 149 20.04 18.53 -53.32
N SER N 150 19.23 19.05 -52.37
CA SER N 150 18.77 20.44 -52.36
C SER N 150 19.19 21.08 -51.04
N LYS N 151 20.22 21.96 -51.09
CA LYS N 151 20.80 22.66 -49.94
C LYS N 151 19.77 23.43 -49.12
N GLU N 152 18.74 23.99 -49.77
CA GLU N 152 17.69 24.75 -49.08
C GLU N 152 16.87 23.88 -48.13
N LYS N 153 16.42 22.69 -48.60
CA LYS N 153 15.62 21.76 -47.79
C LYS N 153 16.39 21.21 -46.57
N THR N 154 17.73 21.00 -46.70
CA THR N 154 18.57 20.51 -45.60
C THR N 154 18.72 21.60 -44.54
N LEU N 155 18.94 22.85 -45.00
CA LEU N 155 19.13 24.06 -44.20
C LEU N 155 17.98 24.31 -43.24
N LYS N 156 16.74 24.02 -43.66
CA LYS N 156 15.53 24.16 -42.84
C LYS N 156 15.50 23.05 -41.77
N TRP N 157 15.94 21.83 -42.13
CA TRP N 157 16.03 20.67 -41.23
C TRP N 157 17.17 20.90 -40.21
N LEU N 158 18.33 21.41 -40.66
CA LEU N 158 19.48 21.72 -39.82
C LEU N 158 19.12 22.78 -38.78
N GLU N 159 18.30 23.77 -39.18
CA GLU N 159 17.77 24.84 -38.32
C GLU N 159 16.88 24.27 -37.21
N LYS N 160 16.10 23.22 -37.53
CA LYS N 160 15.22 22.52 -36.59
C LYS N 160 16.07 21.64 -35.65
N LYS N 161 17.23 21.16 -36.15
CA LYS N 161 18.17 20.34 -35.39
C LYS N 161 18.96 21.17 -34.37
N VAL N 162 19.25 22.46 -34.69
CA VAL N 162 19.95 23.40 -33.79
C VAL N 162 19.00 23.75 -32.62
N ASN N 163 17.70 23.85 -32.93
CA ASN N 163 16.64 24.12 -31.95
C ASN N 163 16.44 22.91 -31.02
N GLN N 164 16.73 21.70 -31.52
CA GLN N 164 16.66 20.44 -30.76
C GLN N 164 17.82 20.35 -29.76
N THR N 165 18.98 20.94 -30.13
CA THR N 165 20.19 20.97 -29.32
C THR N 165 20.21 22.07 -28.26
N VAL N 166 19.62 23.26 -28.55
CA VAL N 166 19.57 24.38 -27.59
C VAL N 166 18.69 24.09 -26.39
N ALA N 167 17.54 23.39 -26.62
CA ALA N 167 16.58 22.99 -25.59
C ALA N 167 17.18 21.89 -24.73
N ALA N 168 18.03 21.05 -25.33
CA ALA N 168 18.76 19.95 -24.67
C ALA N 168 19.97 20.50 -23.91
N LEU N 169 20.57 21.61 -24.41
CA LEU N 169 21.71 22.26 -23.77
C LEU N 169 21.28 22.96 -22.49
N LYS N 170 19.98 23.34 -22.40
CA LYS N 170 19.33 23.97 -21.24
C LYS N 170 19.39 23.06 -20.02
N THR N 171 19.57 21.75 -20.25
CA THR N 171 19.71 20.68 -19.26
C THR N 171 21.16 20.68 -18.70
N ASN N 172 21.87 21.85 -18.84
CA ASN N 172 23.25 22.14 -18.39
C ASN N 172 24.33 21.52 -19.32
N ASN N 173 25.58 22.05 -19.39
CA ASN N 173 26.17 23.13 -18.60
C ASN N 173 27.00 24.10 -19.46
N VAL N 174 27.36 25.25 -18.85
CA VAL N 174 28.12 26.38 -19.40
C VAL N 174 27.58 27.01 -20.73
N ASN N 175 28.36 26.96 -21.84
CA ASN N 175 28.12 27.60 -23.15
C ASN N 175 28.50 29.10 -23.12
N VAL N 176 28.75 29.63 -21.91
CA VAL N 176 29.11 31.02 -21.60
C VAL N 176 30.47 31.47 -22.14
N SER N 177 31.42 30.52 -22.35
CA SER N 177 32.80 30.75 -22.85
C SER N 177 33.83 31.14 -21.76
N SER N 178 33.39 31.39 -20.51
CA SER N 178 34.25 31.74 -19.37
C SER N 178 33.83 31.02 -18.09
N GLU N 197 20.49 33.26 -27.39
CA GLU N 197 21.52 33.83 -28.26
C GLU N 197 22.87 33.15 -28.05
N ASP N 198 23.30 33.05 -26.77
CA ASP N 198 24.55 32.43 -26.32
C ASP N 198 24.52 30.90 -26.50
N TYR N 199 23.35 30.27 -26.24
CA TYR N 199 23.09 28.84 -26.37
C TYR N 199 23.16 28.36 -27.84
N ILE N 200 22.73 29.22 -28.78
CA ILE N 200 22.71 28.96 -30.22
C ILE N 200 24.12 28.74 -30.79
N ARG N 201 25.11 29.55 -30.34
CA ARG N 201 26.51 29.46 -30.76
C ARG N 201 27.15 28.14 -30.34
N TYR N 202 26.71 27.58 -29.18
CA TYR N 202 27.20 26.31 -28.63
C TYR N 202 26.62 25.11 -29.37
N ALA N 203 25.32 25.18 -29.74
CA ALA N 203 24.61 24.13 -30.47
C ALA N 203 25.07 24.03 -31.93
N HIS N 204 25.48 25.16 -32.52
CA HIS N 204 25.97 25.23 -33.90
C HIS N 204 27.26 24.42 -34.09
N GLY N 205 28.15 24.47 -33.11
CA GLY N 205 29.41 23.73 -33.11
C GLY N 205 29.23 22.23 -32.92
N LEU N 206 28.21 21.83 -32.14
CA LEU N 206 27.86 20.44 -31.86
C LEU N 206 27.33 19.75 -33.12
N ILE N 207 26.52 20.47 -33.92
CA ILE N 207 25.95 19.99 -35.17
C ILE N 207 26.96 20.12 -36.33
N SER N 208 27.98 21.00 -36.17
CA SER N 208 29.04 21.21 -37.16
C SER N 208 29.97 19.99 -37.25
N ASP N 209 30.00 19.15 -36.21
CA ASP N 209 30.82 17.92 -36.15
C ASP N 209 30.18 16.74 -36.91
N TYR N 210 28.99 16.96 -37.50
CA TYR N 210 28.23 15.97 -38.27
C TYR N 210 27.90 16.49 -39.69
N ILE N 211 28.44 17.67 -40.05
CA ILE N 211 28.20 18.33 -41.35
C ILE N 211 29.51 18.85 -41.99
N PRO N 212 29.64 18.89 -43.34
CA PRO N 212 30.90 19.38 -43.96
C PRO N 212 31.18 20.88 -43.78
N LYS N 213 32.44 21.29 -44.09
CA LYS N 213 32.96 22.66 -43.97
C LYS N 213 32.13 23.76 -44.64
N GLU N 214 31.65 23.51 -45.87
CA GLU N 214 30.84 24.46 -46.64
C GLU N 214 29.47 24.69 -45.97
N LEU N 215 28.85 23.61 -45.48
CA LEU N 215 27.55 23.62 -44.80
C LEU N 215 27.66 24.24 -43.41
N SER N 216 28.87 24.19 -42.82
CA SER N 216 29.17 24.71 -41.48
C SER N 216 29.10 26.24 -41.43
N ASP N 217 29.71 26.94 -42.41
CA ASP N 217 29.69 28.40 -42.48
C ASP N 217 28.35 28.96 -42.97
N ASP N 218 27.65 28.19 -43.82
CA ASP N 218 26.33 28.55 -44.37
C ASP N 218 25.22 28.46 -43.32
N LEU N 219 25.38 27.60 -42.30
CA LEU N 219 24.40 27.37 -41.24
C LEU N 219 24.22 28.54 -40.27
N SER N 220 25.25 29.42 -40.15
CA SER N 220 25.25 30.60 -39.27
C SER N 220 24.22 31.67 -39.66
N LYS N 221 23.83 31.68 -40.94
CA LYS N 221 22.86 32.61 -41.53
C LYS N 221 21.56 31.91 -41.90
N ILE O 12 33.09 -6.38 -47.66
CA ILE O 12 32.00 -6.43 -46.69
C ILE O 12 32.38 -7.22 -45.43
N GLU O 13 33.01 -8.40 -45.60
CA GLU O 13 33.44 -9.28 -44.50
C GLU O 13 34.63 -8.73 -43.71
N ARG O 14 35.54 -7.99 -44.37
CA ARG O 14 36.75 -7.42 -43.76
C ARG O 14 36.47 -6.31 -42.73
N HIS O 15 35.58 -5.36 -43.08
CA HIS O 15 35.23 -4.22 -42.22
C HIS O 15 34.01 -4.48 -41.31
N ARG O 16 33.75 -5.75 -40.99
CA ARG O 16 32.65 -6.17 -40.12
C ARG O 16 33.14 -7.09 -38.99
N VAL O 17 32.88 -6.68 -37.73
CA VAL O 17 33.21 -7.41 -36.50
C VAL O 17 31.89 -7.75 -35.80
N HIS O 18 31.55 -9.05 -35.76
CA HIS O 18 30.29 -9.53 -35.20
C HIS O 18 30.28 -9.75 -33.69
N LEU O 19 29.07 -9.73 -33.09
CA LEU O 19 28.83 -9.93 -31.67
C LEU O 19 28.10 -11.25 -31.43
N VAL O 28 26.10 -12.61 -14.92
CA VAL O 28 27.55 -12.40 -14.87
C VAL O 28 27.95 -10.95 -14.45
N PRO O 29 27.84 -10.57 -13.16
CA PRO O 29 28.23 -9.21 -12.77
C PRO O 29 29.76 -9.05 -12.70
N ALA O 30 30.25 -7.83 -12.95
CA ALA O 30 31.68 -7.51 -12.92
C ALA O 30 31.95 -6.27 -12.09
N THR O 31 33.00 -6.34 -11.27
CA THR O 31 33.42 -5.23 -10.41
C THR O 31 34.60 -4.53 -11.03
N LEU O 32 34.40 -3.26 -11.38
CA LEU O 32 35.39 -2.42 -12.03
C LEU O 32 35.86 -1.28 -11.16
N HIS O 33 37.15 -0.95 -11.28
CA HIS O 33 37.79 0.15 -10.56
C HIS O 33 38.59 0.98 -11.57
N LEU O 34 38.32 2.29 -11.66
CA LEU O 34 39.07 3.20 -12.52
C LEU O 34 40.09 3.92 -11.63
N LEU O 35 41.39 3.62 -11.85
CA LEU O 35 42.52 4.13 -11.06
C LEU O 35 43.13 5.43 -11.61
N PRO O 36 43.79 6.29 -10.78
CA PRO O 36 44.39 7.53 -11.32
C PRO O 36 45.88 7.36 -11.68
N CYS O 37 46.24 6.15 -12.12
CA CYS O 37 47.61 5.76 -12.50
C CYS O 37 47.55 4.78 -13.65
N GLU O 38 48.61 4.72 -14.47
CA GLU O 38 48.71 3.82 -15.62
C GLU O 38 49.58 2.63 -15.27
N VAL O 39 49.03 1.40 -15.39
CA VAL O 39 49.78 0.16 -15.14
C VAL O 39 50.13 -0.51 -16.46
N ALA O 40 51.45 -0.68 -16.75
CA ALA O 40 51.97 -1.26 -17.99
C ALA O 40 51.41 -2.66 -18.34
N VAL O 41 51.14 -3.50 -17.33
CA VAL O 41 50.62 -4.86 -17.50
C VAL O 41 49.19 -4.90 -18.05
N ASP O 42 48.89 -5.96 -18.80
CA ASP O 42 47.58 -6.27 -19.39
C ASP O 42 47.35 -7.77 -19.26
N GLY O 43 46.47 -8.14 -18.34
CA GLY O 43 46.15 -9.54 -18.06
C GLY O 43 45.76 -9.80 -16.62
N PRO O 44 45.94 -11.05 -16.11
CA PRO O 44 45.54 -11.35 -14.72
C PRO O 44 46.31 -10.62 -13.61
N ALA O 45 45.62 -10.34 -12.49
CA ALA O 45 46.15 -9.67 -11.30
C ALA O 45 45.33 -10.08 -10.06
N PRO O 46 45.95 -10.25 -8.86
CA PRO O 46 45.17 -10.67 -7.69
C PRO O 46 44.47 -9.54 -6.94
N VAL O 47 43.49 -8.91 -7.59
CA VAL O 47 42.66 -7.81 -7.04
C VAL O 47 41.88 -8.31 -5.81
N GLY O 48 41.40 -9.55 -5.88
CA GLY O 48 40.67 -10.22 -4.81
C GLY O 48 41.47 -10.41 -3.53
N ARG O 49 42.80 -10.55 -3.65
CA ARG O 49 43.70 -10.75 -2.51
C ARG O 49 44.31 -9.45 -1.98
N PHE O 50 44.81 -8.58 -2.87
CA PHE O 50 45.47 -7.33 -2.49
C PHE O 50 44.57 -6.09 -2.33
N PHE O 51 43.88 -5.67 -3.42
CA PHE O 51 43.04 -4.48 -3.46
C PHE O 51 41.75 -4.52 -2.62
N THR O 52 40.78 -5.37 -3.01
CA THR O 52 39.46 -5.52 -2.38
C THR O 52 39.44 -5.72 -0.85
N PRO O 53 40.28 -6.59 -0.22
CA PRO O 53 40.21 -6.72 1.24
C PRO O 53 40.81 -5.54 1.98
N ALA O 54 41.58 -4.68 1.27
CA ALA O 54 42.26 -3.50 1.82
C ALA O 54 41.40 -2.23 1.78
N ILE O 55 40.20 -2.27 1.13
CA ILE O 55 39.31 -1.12 1.04
C ILE O 55 38.65 -0.89 2.41
N ARG O 56 38.56 0.37 2.85
CA ARG O 56 37.93 0.75 4.12
C ARG O 56 37.16 2.07 4.04
N GLN O 57 36.07 2.17 4.82
CA GLN O 57 35.19 3.33 4.86
C GLN O 57 35.72 4.46 5.74
N GLY O 58 35.94 5.62 5.13
CA GLY O 58 36.40 6.82 5.80
C GLY O 58 35.32 7.90 5.79
N PRO O 59 35.42 8.96 6.64
CA PRO O 59 34.37 10.00 6.64
C PRO O 59 34.30 10.79 5.34
N GLU O 60 35.48 11.07 4.74
CA GLU O 60 35.62 11.82 3.49
C GLU O 60 35.19 11.00 2.27
N GLY O 61 35.45 9.69 2.32
CA GLY O 61 35.10 8.75 1.26
C GLY O 61 35.73 7.38 1.46
N LEU O 62 35.72 6.56 0.39
CA LEU O 62 36.32 5.21 0.43
C LEU O 62 37.83 5.35 0.32
N GLU O 63 38.58 4.36 0.87
CA GLU O 63 40.04 4.40 0.82
C GLU O 63 40.75 3.06 0.73
N VAL O 64 41.81 3.04 -0.10
CA VAL O 64 42.75 1.94 -0.35
C VAL O 64 44.08 2.57 -0.69
N SER O 65 45.15 1.80 -0.52
CA SER O 65 46.48 2.23 -0.91
C SER O 65 46.90 1.36 -2.09
N PHE O 66 47.47 1.98 -3.15
CA PHE O 66 48.00 1.25 -4.29
C PHE O 66 49.42 1.71 -4.55
N ARG O 67 50.37 0.78 -4.42
CA ARG O 67 51.82 1.00 -4.58
C ARG O 67 52.37 1.98 -3.52
N GLY O 68 51.74 1.97 -2.35
CA GLY O 68 52.11 2.80 -1.21
C GLY O 68 51.54 4.20 -1.24
N ARG O 69 50.73 4.51 -2.27
CA ARG O 69 50.08 5.82 -2.45
C ARG O 69 48.62 5.74 -2.04
N CYS O 70 48.15 6.73 -1.26
CA CYS O 70 46.76 6.77 -0.76
C CYS O 70 45.75 7.16 -1.83
N LEU O 71 44.79 6.26 -2.09
CA LEU O 71 43.69 6.50 -3.02
C LEU O 71 42.40 6.75 -2.26
N ARG O 72 41.63 7.75 -2.69
CA ARG O 72 40.34 8.12 -2.14
C ARG O 72 39.32 8.16 -3.28
N GLY O 73 38.29 7.34 -3.17
CA GLY O 73 37.27 7.24 -4.21
C GLY O 73 35.83 7.08 -3.77
N GLU O 74 34.94 6.97 -4.77
CA GLU O 74 33.49 6.81 -4.59
C GLU O 74 32.88 5.84 -5.61
N GLU O 75 31.65 5.38 -5.36
CA GLU O 75 30.94 4.48 -6.25
C GLU O 75 30.10 5.32 -7.22
N VAL O 76 30.38 5.21 -8.53
CA VAL O 76 29.67 5.95 -9.59
C VAL O 76 28.81 5.01 -10.45
N ALA O 77 27.50 5.19 -10.36
CA ALA O 77 26.52 4.37 -11.07
C ALA O 77 26.46 4.71 -12.56
N VAL O 78 26.18 3.70 -13.39
CA VAL O 78 26.02 3.82 -14.85
C VAL O 78 24.74 4.67 -15.08
N PRO O 79 24.80 5.74 -15.93
CA PRO O 79 23.60 6.59 -16.12
C PRO O 79 22.31 5.86 -16.48
N PRO O 80 21.12 6.32 -16.00
CA PRO O 80 19.87 5.60 -16.33
C PRO O 80 19.62 5.53 -17.84
N GLY O 81 19.15 4.37 -18.29
CA GLY O 81 18.88 4.07 -19.69
C GLY O 81 20.11 3.61 -20.44
N LEU O 82 21.12 3.08 -19.70
CA LEU O 82 22.39 2.59 -20.26
C LEU O 82 22.81 1.27 -19.65
N VAL O 83 23.56 0.44 -20.40
CA VAL O 83 24.06 -0.88 -19.96
C VAL O 83 25.57 -0.98 -20.16
N GLY O 84 26.29 -1.34 -19.10
CA GLY O 84 27.73 -1.53 -19.14
C GLY O 84 28.11 -2.93 -19.58
N TYR O 85 28.95 -3.03 -20.63
CA TYR O 85 29.44 -4.30 -21.18
C TYR O 85 30.97 -4.35 -21.20
N VAL O 86 31.54 -5.55 -21.03
CA VAL O 86 32.98 -5.80 -21.05
C VAL O 86 33.23 -6.76 -22.22
N MET O 87 33.74 -6.23 -23.33
CA MET O 87 33.98 -7.04 -24.52
C MET O 87 35.45 -7.35 -24.74
N VAL O 88 35.74 -8.61 -25.09
CA VAL O 88 37.10 -9.08 -25.35
C VAL O 88 37.25 -9.43 -26.84
N THR O 89 38.42 -9.10 -27.43
CA THR O 89 38.72 -9.35 -28.84
C THR O 89 38.94 -10.84 -29.13
N ARG O 121 36.31 -12.15 -38.25
CA ARG O 121 36.35 -11.12 -37.21
C ARG O 121 35.13 -11.23 -36.30
N PHE O 122 35.36 -11.32 -34.96
CA PHE O 122 34.32 -11.43 -33.94
C PHE O 122 34.76 -10.99 -32.55
N ILE O 123 33.86 -10.32 -31.82
CA ILE O 123 34.04 -9.87 -30.44
C ILE O 123 32.83 -10.31 -29.60
N GLY O 124 33.10 -10.74 -28.37
CA GLY O 124 32.06 -11.20 -27.47
C GLY O 124 32.14 -10.55 -26.11
N ALA O 125 31.00 -10.51 -25.39
CA ALA O 125 30.92 -9.93 -24.05
C ALA O 125 31.31 -10.97 -22.99
N THR O 126 32.23 -10.59 -22.08
CA THR O 126 32.69 -11.46 -20.99
C THR O 126 31.71 -11.32 -19.81
N ALA O 127 31.38 -10.06 -19.43
CA ALA O 127 30.49 -9.74 -18.32
C ALA O 127 29.87 -8.34 -18.45
N ASN O 128 28.85 -8.05 -17.63
CA ASN O 128 28.12 -6.77 -17.57
C ASN O 128 28.35 -6.10 -16.21
N PHE O 129 28.03 -4.78 -16.09
CA PHE O 129 28.20 -4.01 -14.84
C PHE O 129 27.19 -2.87 -14.65
N SER O 130 26.65 -2.74 -13.42
CA SER O 130 25.70 -1.69 -13.08
C SER O 130 26.39 -0.41 -12.58
N ARG O 131 27.68 -0.53 -12.13
CA ARG O 131 28.52 0.57 -11.64
C ARG O 131 30.01 0.21 -11.53
N PHE O 132 30.85 1.25 -11.36
CA PHE O 132 32.29 1.14 -11.14
C PHE O 132 32.73 2.12 -10.04
N THR O 133 33.86 1.83 -9.38
CA THR O 133 34.39 2.70 -8.33
C THR O 133 35.47 3.60 -8.96
N LEU O 134 35.27 4.93 -8.87
CA LEU O 134 36.20 5.94 -9.37
C LEU O 134 37.22 6.25 -8.28
N TRP O 135 38.53 6.18 -8.60
CA TRP O 135 39.60 6.44 -7.64
C TRP O 135 40.43 7.66 -7.97
N GLY O 136 40.77 8.42 -6.94
CA GLY O 136 41.57 9.62 -7.03
C GLY O 136 42.74 9.61 -6.07
N LEU O 137 43.84 10.26 -6.47
CA LEU O 137 45.04 10.34 -5.64
C LEU O 137 44.82 11.35 -4.52
N GLU O 138 44.95 10.89 -3.25
CA GLU O 138 44.80 11.65 -2.00
C GLU O 138 43.39 12.21 -1.74
N THR O 139 42.64 12.55 -2.79
CA THR O 139 41.28 13.11 -2.75
C THR O 139 40.42 12.52 -3.87
N ILE O 140 39.09 12.49 -3.67
CA ILE O 140 38.12 12.00 -4.67
C ILE O 140 38.09 13.00 -5.86
N PRO O 141 38.15 12.53 -7.14
CA PRO O 141 38.14 13.48 -8.27
C PRO O 141 36.95 14.45 -8.21
N GLY O 142 37.25 15.75 -8.29
CA GLY O 142 36.27 16.83 -8.22
C GLY O 142 35.18 16.77 -9.28
N PRO O 143 34.12 17.62 -9.19
CA PRO O 143 33.07 17.58 -10.22
C PRO O 143 33.59 17.95 -11.59
N ASP O 144 34.71 18.69 -11.62
CA ASP O 144 35.45 19.14 -12.80
C ASP O 144 36.16 18.01 -13.56
N ALA O 145 36.12 16.76 -13.02
CA ALA O 145 36.74 15.57 -13.62
C ALA O 145 36.12 15.25 -14.99
N LYS O 146 36.96 14.79 -15.93
CA LYS O 146 36.55 14.49 -17.30
C LYS O 146 35.63 13.28 -17.41
N VAL O 147 35.86 12.23 -16.57
CA VAL O 147 35.05 10.99 -16.54
C VAL O 147 33.60 11.32 -16.24
N ARG O 148 33.39 12.25 -15.28
CA ARG O 148 32.07 12.73 -14.84
C ARG O 148 31.37 13.49 -15.98
N GLY O 149 32.16 14.20 -16.79
CA GLY O 149 31.68 14.96 -17.93
C GLY O 149 31.30 14.08 -19.10
N ALA O 150 32.07 12.98 -19.29
CA ALA O 150 31.85 12.00 -20.35
C ALA O 150 30.58 11.20 -20.13
N LEU O 151 30.25 10.90 -18.86
CA LEU O 151 29.05 10.14 -18.49
C LEU O 151 27.73 10.89 -18.73
N THR O 152 27.78 12.23 -18.82
CA THR O 152 26.60 13.07 -19.08
C THR O 152 26.21 13.08 -20.57
N TRP O 153 27.20 12.87 -21.46
CA TRP O 153 27.09 12.86 -22.93
C TRP O 153 25.97 11.98 -23.55
N PRO O 154 25.85 10.67 -23.23
CA PRO O 154 24.77 9.86 -23.85
C PRO O 154 23.34 10.41 -23.76
N SER O 155 22.98 11.03 -22.60
CA SER O 155 21.66 11.64 -22.39
C SER O 155 21.45 12.84 -23.31
N LEU O 156 22.53 13.58 -23.60
CA LEU O 156 22.48 14.73 -24.52
C LEU O 156 22.46 14.25 -25.96
N ALA O 157 23.23 13.18 -26.27
CA ALA O 157 23.31 12.57 -27.60
C ALA O 157 21.94 12.04 -28.08
N ALA O 158 21.18 11.40 -27.18
CA ALA O 158 19.83 10.87 -27.42
C ALA O 158 18.82 11.97 -27.78
N ALA O 159 19.07 13.21 -27.32
CA ALA O 159 18.23 14.38 -27.56
C ALA O 159 18.58 15.08 -28.87
N ILE O 160 19.89 15.15 -29.24
CA ILE O 160 20.34 15.78 -30.49
C ILE O 160 19.98 14.88 -31.70
N HIS O 161 20.28 13.58 -31.61
CA HIS O 161 20.04 12.63 -32.70
C HIS O 161 18.60 12.09 -32.82
N ALA O 162 17.66 12.66 -32.04
CA ALA O 162 16.24 12.29 -32.11
C ALA O 162 15.59 12.98 -33.32
N GLN O 163 14.76 12.24 -34.06
CA GLN O 163 14.11 12.73 -35.28
C GLN O 163 13.12 13.88 -35.13
N VAL O 164 13.25 14.88 -36.04
CA VAL O 164 12.38 16.06 -36.13
C VAL O 164 11.00 15.59 -36.68
N PRO O 165 9.88 15.81 -35.97
CA PRO O 165 8.58 15.36 -36.50
C PRO O 165 8.09 16.20 -37.66
N GLU O 166 7.44 15.56 -38.66
CA GLU O 166 6.90 16.24 -39.85
C GLU O 166 5.39 16.49 -39.72
N GLU P 8 25.95 -20.95 -38.18
CA GLU P 8 25.26 -22.06 -37.52
C GLU P 8 26.18 -22.78 -36.53
N LEU P 9 27.44 -23.00 -36.92
CA LEU P 9 28.47 -23.65 -36.11
C LEU P 9 29.30 -22.61 -35.33
N GLU P 10 29.00 -21.31 -35.54
CA GLU P 10 29.66 -20.18 -34.87
C GLU P 10 29.25 -20.09 -33.40
N ARG P 11 28.00 -20.52 -33.08
CA ARG P 11 27.44 -20.53 -31.73
C ARG P 11 28.10 -21.63 -30.86
N ASP P 12 28.04 -21.46 -29.52
CA ASP P 12 28.59 -22.38 -28.53
C ASP P 12 28.20 -23.84 -28.75
N ASN P 13 29.18 -24.76 -28.71
CA ASN P 13 28.95 -26.18 -28.91
C ASN P 13 28.88 -26.92 -27.59
N THR P 14 27.67 -27.43 -27.27
CA THR P 14 27.40 -28.15 -26.03
C THR P 14 27.24 -29.65 -26.29
N GLY P 15 28.33 -30.39 -26.12
CA GLY P 15 28.40 -31.83 -26.32
C GLY P 15 28.25 -32.28 -27.75
N ARG P 16 27.01 -32.31 -28.24
CA ARG P 16 26.66 -32.76 -29.59
C ARG P 16 25.88 -31.69 -30.37
N CYS P 17 26.30 -31.42 -31.61
CA CYS P 17 25.68 -30.46 -32.51
C CYS P 17 25.19 -31.16 -33.79
N ARG P 18 23.92 -30.91 -34.19
CA ARG P 18 23.34 -31.51 -35.38
C ARG P 18 22.92 -30.47 -36.40
N LEU P 19 23.28 -30.71 -37.68
CA LEU P 19 22.97 -29.90 -38.86
C LEU P 19 22.52 -30.85 -39.96
N SER P 20 21.45 -30.47 -40.69
CA SER P 20 20.90 -31.30 -41.77
C SER P 20 20.21 -30.48 -42.86
N SER P 21 20.15 -31.05 -44.07
CA SER P 21 19.48 -30.45 -45.23
C SER P 21 17.98 -30.83 -45.22
N PRO P 22 17.07 -29.93 -45.67
CA PRO P 22 15.64 -30.30 -45.70
C PRO P 22 15.39 -31.52 -46.57
N VAL P 23 14.50 -32.42 -46.13
CA VAL P 23 14.18 -33.68 -46.81
C VAL P 23 13.51 -33.51 -48.19
N PRO P 24 14.12 -34.07 -49.28
CA PRO P 24 13.51 -33.95 -50.62
C PRO P 24 12.27 -34.84 -50.78
N ALA P 25 11.28 -34.38 -51.58
CA ALA P 25 10.04 -35.11 -51.85
C ALA P 25 10.29 -36.51 -52.42
N VAL P 26 11.27 -36.62 -53.35
CA VAL P 26 11.68 -37.87 -54.00
C VAL P 26 12.25 -38.91 -53.02
N CYS P 27 12.84 -38.44 -51.89
CA CYS P 27 13.42 -39.28 -50.83
C CYS P 27 12.36 -39.94 -49.93
N ARG P 28 11.07 -39.63 -50.14
CA ARG P 28 9.95 -40.17 -49.38
C ARG P 28 8.98 -41.02 -50.23
N LYS P 29 9.32 -41.21 -51.52
CA LYS P 29 8.52 -42.04 -52.43
C LYS P 29 9.30 -43.30 -52.82
N GLU P 30 10.41 -43.13 -53.55
CA GLU P 30 11.26 -44.22 -54.02
C GLU P 30 12.37 -44.56 -53.02
N PRO P 31 12.74 -45.87 -52.83
CA PRO P 31 13.81 -46.23 -51.88
C PRO P 31 15.11 -45.45 -52.01
N CYS P 32 15.80 -45.26 -50.87
CA CYS P 32 17.04 -44.50 -50.75
C CYS P 32 18.23 -45.36 -50.37
N VAL P 33 19.42 -44.84 -50.69
CA VAL P 33 20.72 -45.44 -50.40
C VAL P 33 21.45 -44.55 -49.36
N LEU P 34 22.18 -45.16 -48.41
CA LEU P 34 22.87 -44.41 -47.37
C LEU P 34 24.35 -44.71 -47.24
N GLY P 35 25.14 -43.64 -47.16
CA GLY P 35 26.58 -43.67 -47.00
C GLY P 35 27.00 -42.97 -45.72
N VAL P 36 27.81 -43.65 -44.89
CA VAL P 36 28.29 -43.13 -43.61
C VAL P 36 29.82 -43.00 -43.61
N ASP P 37 30.34 -41.84 -43.21
CA ASP P 37 31.76 -41.56 -43.12
C ASP P 37 32.06 -40.54 -42.01
N GLU P 38 33.28 -40.56 -41.47
CA GLU P 38 33.69 -39.66 -40.39
C GLU P 38 34.97 -38.86 -40.69
N ALA P 39 35.18 -37.75 -39.94
CA ALA P 39 36.33 -36.86 -40.05
C ALA P 39 36.73 -36.30 -38.68
N GLY P 40 38.01 -36.44 -38.34
CA GLY P 40 38.57 -35.97 -37.08
C GLY P 40 38.61 -37.03 -36.00
N ARG P 41 39.05 -38.24 -36.37
CA ARG P 41 39.15 -39.42 -35.50
C ARG P 41 40.31 -39.41 -34.51
N GLY P 42 41.51 -39.10 -34.99
CA GLY P 42 42.74 -39.11 -34.20
C GLY P 42 43.28 -37.83 -33.59
N PRO P 43 42.89 -36.58 -34.00
CA PRO P 43 43.50 -35.39 -33.38
C PRO P 43 43.21 -35.17 -31.89
N VAL P 44 44.20 -34.66 -31.14
CA VAL P 44 44.13 -34.37 -29.69
C VAL P 44 43.14 -33.26 -29.38
N LEU P 45 43.06 -32.26 -30.26
CA LEU P 45 42.18 -31.11 -30.06
C LEU P 45 41.20 -30.91 -31.21
N GLY P 46 39.98 -30.52 -30.86
CA GLY P 46 38.92 -30.27 -31.83
C GLY P 46 37.78 -31.26 -31.81
N PRO P 47 36.70 -30.99 -32.56
CA PRO P 47 35.55 -31.91 -32.57
C PRO P 47 35.61 -33.03 -33.61
N MET P 48 34.93 -34.15 -33.31
CA MET P 48 34.81 -35.30 -34.20
C MET P 48 33.47 -35.19 -34.93
N VAL P 49 33.51 -35.11 -36.27
CA VAL P 49 32.29 -34.97 -37.09
C VAL P 49 31.94 -36.27 -37.82
N TYR P 50 30.67 -36.70 -37.67
CA TYR P 50 30.09 -37.88 -38.31
C TYR P 50 29.02 -37.41 -39.28
N ALA P 51 29.11 -37.80 -40.55
CA ALA P 51 28.14 -37.38 -41.56
C ALA P 51 27.53 -38.52 -42.35
N ILE P 52 26.26 -38.31 -42.77
CA ILE P 52 25.50 -39.25 -43.58
C ILE P 52 24.97 -38.57 -44.84
N CYS P 53 25.06 -39.25 -45.99
CA CYS P 53 24.56 -38.73 -47.25
C CYS P 53 23.55 -39.71 -47.85
N TYR P 54 22.45 -39.18 -48.41
CA TYR P 54 21.37 -39.97 -48.99
C TYR P 54 20.79 -39.39 -50.28
N CYS P 55 20.49 -40.28 -51.24
CA CYS P 55 19.86 -39.99 -52.53
C CYS P 55 19.01 -41.21 -52.94
N PRO P 56 18.00 -41.10 -53.86
CA PRO P 56 17.22 -42.31 -54.21
C PRO P 56 18.05 -43.38 -54.93
N LEU P 57 17.54 -44.62 -54.96
CA LEU P 57 18.20 -45.75 -55.61
C LEU P 57 18.27 -45.63 -57.16
N PRO P 58 17.25 -45.14 -57.91
CA PRO P 58 17.40 -45.05 -59.37
C PRO P 58 18.30 -43.91 -59.82
N ARG P 59 18.40 -42.82 -59.03
CA ARG P 59 19.22 -41.64 -59.34
C ARG P 59 20.70 -41.77 -58.85
N LEU P 60 21.14 -43.01 -58.55
CA LEU P 60 22.47 -43.35 -58.08
C LEU P 60 23.57 -43.02 -59.10
N ALA P 61 23.26 -43.18 -60.41
CA ALA P 61 24.19 -42.89 -61.52
C ALA P 61 24.34 -41.38 -61.72
N ASP P 62 23.29 -40.59 -61.37
CA ASP P 62 23.27 -39.12 -61.45
C ASP P 62 24.23 -38.52 -60.43
N LEU P 63 24.35 -39.19 -59.26
CA LEU P 63 25.24 -38.82 -58.16
C LEU P 63 26.66 -39.25 -58.53
N GLU P 64 26.80 -40.41 -59.21
CA GLU P 64 28.08 -40.94 -59.69
C GLU P 64 28.65 -39.99 -60.75
N ALA P 65 27.77 -39.46 -61.62
CA ALA P 65 28.10 -38.49 -62.68
C ALA P 65 28.59 -37.17 -62.09
N LEU P 66 28.03 -36.76 -60.92
CA LEU P 66 28.40 -35.55 -60.19
C LEU P 66 29.85 -35.56 -59.67
N LYS P 67 30.45 -36.77 -59.60
CA LYS P 67 31.83 -37.03 -59.20
C LYS P 67 32.24 -36.48 -57.83
N VAL P 68 31.30 -36.50 -56.87
CA VAL P 68 31.54 -36.05 -55.49
C VAL P 68 32.26 -37.20 -54.76
N ALA P 69 33.54 -37.38 -55.09
CA ALA P 69 34.41 -38.42 -54.53
C ALA P 69 35.79 -37.80 -54.32
N ASP P 70 36.27 -37.79 -53.06
CA ASP P 70 37.54 -37.19 -52.70
C ASP P 70 38.69 -38.17 -52.58
N SER P 71 39.82 -37.74 -53.13
CA SER P 71 41.09 -38.45 -53.04
C SER P 71 41.70 -38.05 -51.69
N LYS P 72 42.67 -38.85 -51.20
CA LYS P 72 43.38 -38.58 -49.94
C LYS P 72 43.98 -37.17 -49.92
N THR P 73 44.58 -36.74 -51.06
CA THR P 73 45.16 -35.42 -51.25
C THR P 73 44.19 -34.55 -52.05
N LEU P 74 43.60 -33.55 -51.38
CA LEU P 74 42.64 -32.60 -51.96
C LEU P 74 42.63 -31.25 -51.21
N LEU P 75 42.10 -30.21 -51.87
CA LEU P 75 41.98 -28.86 -51.35
C LEU P 75 40.68 -28.70 -50.58
N GLU P 76 40.70 -27.83 -49.55
CA GLU P 76 39.53 -27.51 -48.73
C GLU P 76 38.51 -26.73 -49.55
N SER P 77 38.99 -25.84 -50.45
CA SER P 77 38.18 -25.01 -51.35
C SER P 77 37.43 -25.90 -52.35
N GLU P 78 38.12 -26.94 -52.88
CA GLU P 78 37.56 -27.91 -53.84
C GLU P 78 36.51 -28.80 -53.18
N ARG P 79 36.72 -29.18 -51.90
CA ARG P 79 35.81 -30.00 -51.12
C ARG P 79 34.53 -29.23 -50.80
N GLU P 80 34.66 -27.92 -50.56
CA GLU P 80 33.53 -27.02 -50.30
C GLU P 80 32.73 -26.83 -51.59
N ARG P 81 33.43 -26.84 -52.75
CA ARG P 81 32.84 -26.72 -54.09
C ARG P 81 32.00 -27.98 -54.38
N LEU P 82 32.56 -29.17 -54.06
CA LEU P 82 31.92 -30.48 -54.23
C LEU P 82 30.69 -30.63 -53.30
N PHE P 83 30.73 -29.95 -52.14
CA PHE P 83 29.65 -29.92 -51.13
C PHE P 83 28.57 -28.95 -51.60
N ALA P 84 28.97 -27.83 -52.24
CA ALA P 84 28.07 -26.81 -52.78
C ALA P 84 27.21 -27.34 -53.92
N LYS P 85 27.76 -28.28 -54.72
CA LYS P 85 27.08 -28.93 -55.85
C LYS P 85 25.93 -29.81 -55.36
N MET P 86 26.18 -30.64 -54.31
CA MET P 86 25.15 -31.50 -53.72
C MET P 86 24.10 -30.70 -52.93
N GLU P 87 24.52 -29.54 -52.37
CA GLU P 87 23.64 -28.62 -51.63
C GLU P 87 22.69 -27.91 -52.62
N ASP P 88 23.15 -27.72 -53.87
CA ASP P 88 22.42 -27.08 -54.95
C ASP P 88 21.38 -28.02 -55.55
N THR P 89 21.73 -29.30 -55.81
CA THR P 89 20.83 -30.29 -56.41
C THR P 89 19.57 -30.61 -55.60
N ASP P 90 18.50 -31.05 -56.29
CA ASP P 90 17.20 -31.35 -55.69
C ASP P 90 16.91 -32.87 -55.50
N PHE P 91 17.98 -33.69 -55.32
CA PHE P 91 17.84 -35.14 -55.10
C PHE P 91 18.83 -35.72 -54.06
N VAL P 92 19.84 -34.95 -53.63
CA VAL P 92 20.86 -35.38 -52.67
C VAL P 92 20.69 -34.69 -51.30
N GLY P 93 20.45 -35.50 -50.28
CA GLY P 93 20.26 -35.05 -48.89
C GLY P 93 21.40 -35.43 -47.97
N TRP P 94 21.60 -34.62 -46.92
CA TRP P 94 22.66 -34.83 -45.93
C TRP P 94 22.26 -34.50 -44.48
N ALA P 95 23.07 -35.00 -43.52
CA ALA P 95 22.93 -34.79 -42.08
C ALA P 95 24.25 -35.07 -41.38
N LEU P 96 24.64 -34.20 -40.43
CA LEU P 96 25.89 -34.38 -39.69
C LEU P 96 25.84 -34.11 -38.18
N ASP P 97 26.62 -34.91 -37.43
CA ASP P 97 26.75 -34.79 -35.97
C ASP P 97 28.16 -34.37 -35.58
N VAL P 98 28.29 -33.12 -35.10
CA VAL P 98 29.55 -32.54 -34.64
C VAL P 98 29.65 -32.81 -33.15
N LEU P 99 30.53 -33.75 -32.76
CA LEU P 99 30.74 -34.12 -31.36
C LEU P 99 31.90 -33.33 -30.81
N SER P 100 31.64 -32.48 -29.80
CA SER P 100 32.64 -31.61 -29.18
C SER P 100 33.74 -32.43 -28.47
N PRO P 101 35.00 -31.89 -28.41
CA PRO P 101 36.08 -32.60 -27.71
C PRO P 101 35.75 -32.97 -26.27
N ASN P 102 34.82 -32.20 -25.65
CA ASN P 102 34.33 -32.42 -24.28
C ASN P 102 33.52 -33.72 -24.20
N LEU P 103 32.64 -33.96 -25.20
CA LEU P 103 31.80 -35.15 -25.30
C LEU P 103 32.65 -36.41 -25.48
N ILE P 104 33.68 -36.31 -26.35
CA ILE P 104 34.62 -37.40 -26.65
C ILE P 104 35.41 -37.76 -25.37
N SER P 105 35.72 -36.74 -24.54
CA SER P 105 36.42 -36.90 -23.28
C SER P 105 35.51 -37.49 -22.19
N THR P 106 34.37 -36.84 -21.90
CA THR P 106 33.41 -37.27 -20.86
C THR P 106 32.82 -38.67 -21.03
N SER P 107 32.55 -39.10 -22.28
CA SER P 107 32.00 -40.42 -22.59
C SER P 107 33.00 -41.53 -22.26
N MET P 108 34.23 -41.40 -22.83
CA MET P 108 35.35 -42.32 -22.67
C MET P 108 35.87 -42.42 -21.24
N LEU P 109 35.75 -41.33 -20.47
CA LEU P 109 36.20 -41.23 -19.08
C LEU P 109 34.98 -41.20 -18.15
N GLY P 110 34.33 -42.35 -18.01
CA GLY P 110 33.15 -42.50 -17.17
C GLY P 110 33.29 -43.60 -16.14
N ARG P 111 32.14 -44.18 -15.74
CA ARG P 111 32.08 -45.29 -14.78
C ARG P 111 32.45 -46.57 -15.53
N VAL P 112 31.72 -46.87 -16.62
CA VAL P 112 31.92 -48.03 -17.50
C VAL P 112 32.75 -47.59 -18.71
N LYS P 113 33.69 -48.44 -19.14
CA LYS P 113 34.59 -48.17 -20.27
C LYS P 113 33.84 -48.07 -21.61
N TYR P 114 33.88 -46.87 -22.21
CA TYR P 114 33.25 -46.53 -23.48
C TYR P 114 34.38 -46.23 -24.46
N ASN P 115 34.59 -47.11 -25.45
CA ASN P 115 35.65 -46.99 -26.46
C ASN P 115 35.34 -45.87 -27.47
N LEU P 116 36.36 -45.40 -28.22
CA LEU P 116 36.20 -44.41 -29.28
C LEU P 116 35.44 -45.13 -30.40
N ASN P 117 35.71 -46.45 -30.56
CA ASN P 117 35.06 -47.33 -31.53
C ASN P 117 33.59 -47.49 -31.12
N SER P 118 33.32 -47.66 -29.81
CA SER P 118 31.97 -47.77 -29.25
C SER P 118 31.18 -46.48 -29.54
N LEU P 119 31.83 -45.32 -29.30
CA LEU P 119 31.27 -43.98 -29.54
C LEU P 119 30.96 -43.80 -31.03
N SER P 120 31.96 -44.06 -31.91
CA SER P 120 31.85 -43.93 -33.36
C SER P 120 30.72 -44.76 -33.93
N HIS P 121 30.59 -46.01 -33.46
CA HIS P 121 29.53 -46.95 -33.88
C HIS P 121 28.15 -46.47 -33.40
N ASP P 122 28.07 -46.06 -32.11
CA ASP P 122 26.83 -45.57 -31.51
C ASP P 122 26.35 -44.26 -32.12
N THR P 123 27.27 -43.36 -32.49
CA THR P 123 26.93 -42.07 -33.13
C THR P 123 26.50 -42.25 -34.57
N ALA P 124 26.98 -43.32 -35.23
CA ALA P 124 26.63 -43.67 -36.61
C ALA P 124 25.17 -44.12 -36.68
N THR P 125 24.76 -45.03 -35.77
CA THR P 125 23.40 -45.58 -35.63
C THR P 125 22.39 -44.45 -35.45
N GLY P 126 22.73 -43.49 -34.58
CA GLY P 126 21.93 -42.32 -34.25
C GLY P 126 21.64 -41.40 -35.43
N LEU P 127 22.55 -41.37 -36.43
CA LEU P 127 22.41 -40.58 -37.64
C LEU P 127 21.53 -41.29 -38.67
N ILE P 128 21.68 -42.62 -38.79
CA ILE P 128 20.86 -43.47 -39.66
C ILE P 128 19.42 -43.39 -39.14
N GLN P 129 19.24 -43.54 -37.80
CA GLN P 129 17.94 -43.46 -37.13
C GLN P 129 17.27 -42.09 -37.35
N TYR P 130 18.06 -40.99 -37.26
CA TYR P 130 17.61 -39.61 -37.50
C TYR P 130 16.98 -39.49 -38.88
N ALA P 131 17.62 -40.08 -39.91
CA ALA P 131 17.14 -40.09 -41.29
C ALA P 131 15.83 -40.86 -41.42
N LEU P 132 15.72 -42.05 -40.77
CA LEU P 132 14.52 -42.88 -40.76
C LEU P 132 13.36 -42.16 -40.07
N ASP P 133 13.68 -41.36 -39.04
CA ASP P 133 12.73 -40.55 -38.28
C ASP P 133 12.35 -39.29 -39.07
N GLN P 134 13.24 -38.85 -39.97
CA GLN P 134 13.01 -37.67 -40.81
C GLN P 134 12.03 -37.94 -41.97
N GLY P 135 11.82 -39.21 -42.29
CA GLY P 135 10.91 -39.63 -43.34
C GLY P 135 11.55 -40.39 -44.50
N VAL P 136 12.89 -40.33 -44.59
CA VAL P 136 13.71 -40.95 -45.64
C VAL P 136 13.45 -42.47 -45.73
N ASN P 137 13.26 -42.99 -46.96
CA ASN P 137 12.99 -44.41 -47.25
C ASN P 137 14.31 -45.18 -47.47
N VAL P 138 15.14 -45.28 -46.41
CA VAL P 138 16.44 -45.98 -46.43
C VAL P 138 16.21 -47.50 -46.55
N THR P 139 16.88 -48.14 -47.52
CA THR P 139 16.79 -49.59 -47.76
C THR P 139 18.17 -50.25 -47.81
N GLN P 140 19.22 -49.46 -48.15
CA GLN P 140 20.60 -49.92 -48.22
C GLN P 140 21.52 -48.97 -47.46
N VAL P 141 22.39 -49.53 -46.61
CA VAL P 141 23.34 -48.79 -45.78
C VAL P 141 24.77 -49.24 -46.08
N PHE P 142 25.63 -48.27 -46.41
CA PHE P 142 27.04 -48.46 -46.69
C PHE P 142 27.87 -47.63 -45.72
N VAL P 143 28.94 -48.24 -45.16
CA VAL P 143 29.84 -47.62 -44.18
C VAL P 143 31.26 -48.25 -44.22
N ASP P 144 32.31 -47.45 -43.90
CA ASP P 144 33.71 -47.87 -43.87
C ASP P 144 34.13 -48.30 -42.47
N THR P 145 34.91 -49.40 -42.38
CA THR P 145 35.42 -49.94 -41.11
C THR P 145 36.94 -49.81 -41.00
N VAL P 146 37.43 -49.78 -39.76
CA VAL P 146 38.86 -49.71 -39.45
C VAL P 146 39.46 -51.12 -39.21
N GLY P 147 38.72 -51.95 -38.47
CA GLY P 147 39.10 -53.33 -38.16
C GLY P 147 38.31 -54.36 -38.93
N MET P 148 37.58 -55.23 -38.20
CA MET P 148 36.76 -56.31 -38.77
C MET P 148 35.33 -55.87 -39.11
N PRO P 149 34.86 -56.11 -40.37
CA PRO P 149 33.50 -55.70 -40.72
C PRO P 149 32.42 -56.65 -40.18
N GLU P 150 32.76 -57.96 -40.03
CA GLU P 150 31.90 -59.03 -39.54
C GLU P 150 31.18 -58.70 -38.23
N THR P 151 31.93 -58.16 -37.24
CA THR P 151 31.42 -57.78 -35.92
C THR P 151 30.54 -56.52 -35.99
N TYR P 152 30.94 -55.54 -36.80
CA TYR P 152 30.23 -54.27 -36.98
C TYR P 152 28.95 -54.42 -37.80
N GLN P 153 28.92 -55.35 -38.78
CA GLN P 153 27.74 -55.61 -39.60
C GLN P 153 26.61 -56.19 -38.72
N ALA P 154 26.94 -57.22 -37.91
CA ALA P 154 26.04 -57.90 -36.96
C ALA P 154 25.46 -56.93 -35.92
N ARG P 155 26.19 -55.87 -35.57
CA ARG P 155 25.76 -54.85 -34.62
C ARG P 155 24.74 -53.92 -35.27
N LEU P 156 24.96 -53.56 -36.56
CA LEU P 156 24.09 -52.68 -37.35
C LEU P 156 22.89 -53.40 -37.96
N GLN P 157 23.03 -54.71 -38.24
CA GLN P 157 21.95 -55.53 -38.79
C GLN P 157 20.93 -55.85 -37.70
N GLN P 158 21.40 -55.96 -36.43
CA GLN P 158 20.54 -56.19 -35.27
C GLN P 158 19.78 -54.91 -34.96
N SER P 159 20.42 -53.75 -35.26
CA SER P 159 19.84 -52.43 -35.05
C SER P 159 18.78 -52.12 -36.09
N PHE P 160 18.99 -52.55 -37.34
CA PHE P 160 18.07 -52.30 -38.44
C PHE P 160 17.84 -53.62 -39.24
N PRO P 161 16.96 -54.52 -38.74
CA PRO P 161 16.76 -55.82 -39.42
C PRO P 161 16.09 -55.81 -40.79
N GLY P 162 15.42 -54.71 -41.14
CA GLY P 162 14.74 -54.55 -42.42
C GLY P 162 15.48 -53.69 -43.43
N ILE P 163 16.75 -53.39 -43.15
CA ILE P 163 17.61 -52.56 -44.02
C ILE P 163 18.81 -53.42 -44.46
N GLU P 164 19.23 -53.29 -45.74
CA GLU P 164 20.37 -54.05 -46.27
C GLU P 164 21.68 -53.36 -45.85
N VAL P 165 22.15 -53.69 -44.63
CA VAL P 165 23.36 -53.11 -44.04
C VAL P 165 24.63 -53.86 -44.46
N THR P 166 25.53 -53.15 -45.16
CA THR P 166 26.81 -53.68 -45.66
C THR P 166 27.97 -52.77 -45.29
N VAL P 167 28.98 -53.35 -44.63
CA VAL P 167 30.21 -52.66 -44.21
C VAL P 167 31.44 -53.31 -44.86
N LYS P 168 32.23 -52.51 -45.58
CA LYS P 168 33.43 -52.97 -46.27
C LYS P 168 34.57 -51.96 -46.11
N ALA P 169 35.80 -52.47 -45.85
CA ALA P 169 37.01 -51.66 -45.73
C ALA P 169 37.30 -51.02 -47.09
N LYS P 170 37.59 -49.70 -47.11
CA LYS P 170 37.84 -48.87 -48.30
C LYS P 170 36.52 -48.68 -49.08
N ALA P 171 35.44 -48.34 -48.35
CA ALA P 171 34.08 -48.15 -48.89
C ALA P 171 33.93 -46.89 -49.75
N ASP P 172 34.55 -45.77 -49.34
CA ASP P 172 34.55 -44.48 -50.03
C ASP P 172 35.06 -44.60 -51.46
N ALA P 173 36.11 -45.41 -51.66
CA ALA P 173 36.71 -45.68 -52.97
C ALA P 173 35.77 -46.54 -53.85
N LEU P 174 34.95 -47.41 -53.21
CA LEU P 174 34.04 -48.33 -53.88
C LEU P 174 32.65 -47.75 -54.18
N TYR P 175 32.07 -46.99 -53.24
CA TYR P 175 30.72 -46.45 -53.37
C TYR P 175 30.68 -44.92 -53.40
N PRO P 176 29.88 -44.30 -54.29
CA PRO P 176 29.83 -42.83 -54.36
C PRO P 176 29.14 -42.13 -53.19
N VAL P 177 28.28 -42.85 -52.43
CA VAL P 177 27.57 -42.30 -51.26
C VAL P 177 28.45 -42.15 -50.01
N VAL P 178 29.37 -43.12 -49.80
CA VAL P 178 30.31 -43.13 -48.68
C VAL P 178 31.34 -42.00 -48.88
N SER P 179 31.81 -41.81 -50.14
CA SER P 179 32.77 -40.76 -50.50
C SER P 179 32.13 -39.36 -50.41
N ALA P 180 30.82 -39.24 -50.73
CA ALA P 180 30.06 -37.98 -50.64
C ALA P 180 29.93 -37.57 -49.18
N ALA P 181 29.76 -38.57 -48.29
CA ALA P 181 29.67 -38.42 -46.84
C ALA P 181 31.04 -38.06 -46.24
N SER P 182 32.15 -38.46 -46.92
CA SER P 182 33.52 -38.16 -46.50
C SER P 182 33.84 -36.68 -46.75
N ILE P 183 33.30 -36.11 -47.85
CA ILE P 183 33.46 -34.69 -48.21
C ILE P 183 32.67 -33.85 -47.21
N CYS P 184 31.38 -34.21 -47.01
CA CYS P 184 30.41 -33.61 -46.09
C CYS P 184 30.96 -33.52 -44.63
N ALA P 185 31.63 -34.60 -44.15
CA ALA P 185 32.22 -34.66 -42.81
C ALA P 185 33.49 -33.82 -42.67
N LYS P 186 34.36 -33.82 -43.71
CA LYS P 186 35.62 -33.06 -43.73
C LYS P 186 35.37 -31.56 -43.76
N VAL P 187 34.43 -31.10 -44.63
CA VAL P 187 34.08 -29.67 -44.75
C VAL P 187 33.49 -29.11 -43.43
N ALA P 188 32.64 -29.91 -42.76
CA ALA P 188 31.97 -29.58 -41.50
C ALA P 188 32.98 -29.44 -40.36
N ARG P 189 34.04 -30.28 -40.32
CA ARG P 189 35.08 -30.20 -39.30
C ARG P 189 35.92 -28.94 -39.48
N ASP P 190 36.34 -28.66 -40.74
CA ASP P 190 37.14 -27.47 -41.07
C ASP P 190 36.36 -26.18 -40.80
N GLN P 191 35.02 -26.20 -40.99
CA GLN P 191 34.14 -25.07 -40.70
C GLN P 191 33.95 -24.91 -39.17
N ALA P 192 34.04 -26.03 -38.41
CA ALA P 192 33.87 -26.04 -36.94
C ALA P 192 35.06 -25.44 -36.19
N VAL P 193 36.30 -25.87 -36.53
CA VAL P 193 37.53 -25.39 -35.87
C VAL P 193 37.82 -23.90 -36.18
N LYS P 194 37.45 -23.45 -37.39
CA LYS P 194 37.64 -22.07 -37.84
C LYS P 194 36.67 -21.10 -37.15
N LYS P 195 35.50 -21.60 -36.71
CA LYS P 195 34.47 -20.80 -36.04
C LYS P 195 34.29 -21.14 -34.54
N TRP P 196 35.13 -22.04 -33.99
CA TRP P 196 35.09 -22.50 -32.60
C TRP P 196 35.18 -21.37 -31.58
N GLN P 197 34.38 -21.48 -30.51
CA GLN P 197 34.28 -20.52 -29.41
C GLN P 197 34.81 -21.15 -28.11
N PHE P 198 35.93 -20.62 -27.58
CA PHE P 198 36.56 -21.12 -26.36
C PHE P 198 35.83 -20.72 -25.09
N VAL P 199 35.74 -21.66 -24.13
CA VAL P 199 35.10 -21.45 -22.83
C VAL P 199 36.16 -20.91 -21.84
N GLU P 200 36.38 -19.58 -21.87
CA GLU P 200 37.35 -18.88 -21.02
C GLU P 200 36.89 -17.46 -20.68
N GLY P 210 48.48 -26.35 -33.82
CA GLY P 210 48.85 -26.21 -35.22
C GLY P 210 47.88 -26.85 -36.18
N SER P 211 48.19 -28.10 -36.60
CA SER P 211 47.36 -28.90 -37.52
C SER P 211 46.14 -29.52 -36.83
N GLY P 212 46.36 -30.03 -35.62
CA GLY P 212 45.33 -30.67 -34.82
C GLY P 212 45.80 -32.01 -34.28
N TYR P 213 46.44 -32.82 -35.15
CA TYR P 213 46.95 -34.16 -34.85
C TYR P 213 48.00 -34.19 -33.72
N PRO P 214 48.09 -35.31 -32.93
CA PRO P 214 49.03 -35.35 -31.81
C PRO P 214 50.52 -35.18 -32.12
N ASN P 215 51.06 -35.92 -33.10
CA ASN P 215 52.48 -35.81 -33.44
C ASN P 215 52.77 -34.76 -34.52
N ASP P 216 52.81 -33.50 -34.08
CA ASP P 216 53.09 -32.29 -34.85
C ASP P 216 53.89 -31.39 -33.92
N PRO P 217 54.91 -30.69 -34.45
CA PRO P 217 55.72 -29.83 -33.58
C PRO P 217 54.93 -28.70 -32.91
N LYS P 218 54.02 -28.06 -33.67
CA LYS P 218 53.19 -26.97 -33.16
C LYS P 218 52.14 -27.39 -32.13
N THR P 219 51.58 -28.61 -32.27
CA THR P 219 50.54 -29.15 -31.37
C THR P 219 51.09 -29.57 -30.02
N LYS P 220 52.17 -30.40 -30.01
CA LYS P 220 52.81 -30.90 -28.77
C LYS P 220 53.37 -29.76 -27.90
N ALA P 221 53.69 -28.62 -28.54
CA ALA P 221 54.20 -27.41 -27.89
C ALA P 221 53.06 -26.53 -27.35
N TRP P 222 51.89 -26.54 -28.03
CA TRP P 222 50.68 -25.79 -27.65
C TRP P 222 50.16 -26.22 -26.29
N LEU P 223 50.20 -27.53 -26.00
CA LEU P 223 49.77 -28.13 -24.74
C LEU P 223 50.61 -27.59 -23.57
N LYS P 224 51.92 -27.34 -23.81
CA LYS P 224 52.87 -26.80 -22.84
C LYS P 224 52.53 -25.34 -22.51
N GLU P 225 52.19 -24.55 -23.55
CA GLU P 225 51.80 -23.13 -23.45
C GLU P 225 50.37 -22.97 -22.91
N HIS P 226 49.63 -24.08 -22.74
CA HIS P 226 48.26 -24.08 -22.21
C HIS P 226 48.02 -25.06 -21.04
N VAL P 227 49.10 -25.61 -20.45
CA VAL P 227 49.00 -26.52 -19.31
C VAL P 227 48.76 -25.75 -18.01
N GLU P 228 47.96 -26.33 -17.10
CA GLU P 228 47.59 -25.72 -15.83
C GLU P 228 47.69 -26.74 -14.68
N PRO P 229 48.33 -26.40 -13.54
CA PRO P 229 48.47 -27.41 -12.46
C PRO P 229 47.19 -27.82 -11.73
N VAL P 230 46.07 -27.08 -11.90
CA VAL P 230 44.81 -27.39 -11.23
C VAL P 230 43.78 -28.02 -12.20
N PHE P 231 43.35 -27.27 -13.24
CA PHE P 231 42.35 -27.70 -14.23
C PHE P 231 42.92 -28.52 -15.41
N GLY P 232 44.22 -28.38 -15.66
CA GLY P 232 44.91 -29.10 -16.74
C GLY P 232 44.93 -28.37 -18.05
N PHE P 233 43.90 -28.60 -18.88
CA PHE P 233 43.75 -28.01 -20.21
C PHE P 233 42.34 -27.45 -20.43
N PRO P 234 42.11 -26.55 -21.44
CA PRO P 234 40.73 -26.11 -21.72
C PRO P 234 39.90 -27.26 -22.32
N GLN P 235 38.58 -27.07 -22.48
CA GLN P 235 37.67 -28.11 -23.02
C GLN P 235 37.96 -28.54 -24.47
N PHE P 236 38.70 -27.71 -25.25
CA PHE P 236 39.08 -27.95 -26.65
C PHE P 236 40.00 -29.17 -26.83
N VAL P 237 40.73 -29.55 -25.77
CA VAL P 237 41.66 -30.67 -25.76
C VAL P 237 40.91 -31.93 -25.33
N ARG P 238 41.11 -33.05 -26.04
CA ARG P 238 40.51 -34.34 -25.70
C ARG P 238 41.38 -34.99 -24.62
N PHE P 239 40.87 -35.01 -23.37
CA PHE P 239 41.55 -35.57 -22.20
C PHE P 239 41.80 -37.08 -22.31
N SER P 240 40.89 -37.80 -23.00
CA SER P 240 40.95 -39.25 -23.23
C SER P 240 42.16 -39.75 -24.04
N TRP P 241 42.84 -38.84 -24.77
CA TRP P 241 44.02 -39.14 -25.58
C TRP P 241 45.24 -39.36 -24.70
N ARG P 242 46.05 -40.40 -25.01
CA ARG P 242 47.28 -40.80 -24.28
C ARG P 242 48.29 -39.67 -24.16
N THR P 243 48.43 -38.86 -25.23
CA THR P 243 49.32 -37.70 -25.33
C THR P 243 48.99 -36.71 -24.18
N ALA P 244 47.69 -36.42 -23.98
CA ALA P 244 47.17 -35.53 -22.94
C ALA P 244 47.11 -36.18 -21.55
N GLN P 245 46.79 -37.49 -21.49
CA GLN P 245 46.68 -38.27 -20.25
C GLN P 245 48.03 -38.39 -19.51
N THR P 246 49.11 -38.61 -20.27
CA THR P 246 50.48 -38.74 -19.74
C THR P 246 51.03 -37.41 -19.21
N ILE P 247 50.91 -36.32 -20.02
CA ILE P 247 51.38 -34.97 -19.69
C ILE P 247 50.69 -34.35 -18.44
N LEU P 248 49.47 -34.80 -18.12
CA LEU P 248 48.71 -34.33 -16.95
C LEU P 248 49.30 -34.85 -15.63
N GLU P 249 49.81 -36.10 -15.63
CA GLU P 249 50.40 -36.73 -14.44
C GLU P 249 51.73 -36.10 -14.02
N LYS P 250 52.40 -35.37 -14.93
CA LYS P 250 53.69 -34.73 -14.66
C LYS P 250 53.56 -33.24 -14.36
N GLU P 251 52.94 -32.46 -15.27
CA GLU P 251 52.79 -31.00 -15.15
C GLU P 251 51.63 -30.50 -14.26
N ALA P 252 50.62 -31.34 -14.01
CA ALA P 252 49.48 -30.96 -13.18
C ALA P 252 49.38 -31.76 -11.89
N GLU P 253 48.70 -31.19 -10.87
CA GLU P 253 48.52 -31.81 -9.55
C GLU P 253 47.75 -33.12 -9.63
N ASP P 254 48.09 -34.08 -8.75
CA ASP P 254 47.46 -35.39 -8.69
C ASP P 254 46.01 -35.30 -8.22
N VAL P 255 45.10 -35.91 -8.97
CA VAL P 255 43.68 -35.96 -8.63
C VAL P 255 43.20 -37.40 -8.45
N ILE P 256 42.56 -37.68 -7.31
CA ILE P 256 42.06 -39.02 -6.95
C ILE P 256 40.54 -39.00 -6.93
N TRP P 257 39.93 -39.93 -7.68
CA TRP P 257 38.47 -40.07 -7.83
C TRP P 257 37.95 -41.30 -7.08
N GLU P 258 36.61 -41.37 -6.88
CA GLU P 258 35.87 -42.46 -6.21
C GLU P 258 36.25 -43.83 -6.81
N ASP P 259 36.44 -43.86 -8.14
CA ASP P 259 36.83 -45.07 -8.88
C ASP P 259 38.36 -45.18 -9.04
N SER P 260 39.06 -44.04 -9.19
CA SER P 260 40.51 -43.98 -9.36
C SER P 260 41.25 -44.37 -8.07
N HIS P 288 29.16 -42.32 18.77
CA HIS P 288 27.80 -42.78 18.48
C HIS P 288 27.66 -43.30 17.03
N ARG P 289 26.53 -43.99 16.73
CA ARG P 289 26.25 -44.57 15.42
C ARG P 289 25.73 -43.54 14.40
N TYR P 290 24.98 -42.54 14.88
CA TYR P 290 24.39 -41.46 14.09
C TYR P 290 25.48 -40.64 13.38
N PHE P 291 26.51 -40.20 14.14
CA PHE P 291 27.62 -39.37 13.66
C PHE P 291 28.52 -40.05 12.64
N LEU P 292 28.96 -41.30 12.90
CA LEU P 292 29.83 -42.08 12.01
C LEU P 292 29.17 -42.33 10.64
N GLU P 293 27.86 -42.65 10.65
CA GLU P 293 27.05 -42.91 9.45
C GLU P 293 26.90 -41.65 8.59
N ARG P 294 26.93 -40.46 9.24
CA ARG P 294 26.81 -39.15 8.59
C ARG P 294 28.18 -38.47 8.37
N GLY P 295 29.26 -39.24 8.53
CA GLY P 295 30.64 -38.78 8.35
C GLY P 295 31.20 -37.90 9.45
N LEU P 296 30.31 -37.34 10.30
CA LEU P 296 30.62 -36.43 11.41
C LEU P 296 31.54 -37.08 12.44
N GLU P 297 32.61 -36.36 12.81
CA GLU P 297 33.61 -36.80 13.78
C GLU P 297 33.99 -35.64 14.69
N SER P 298 34.12 -35.90 16.01
CA SER P 298 34.49 -34.90 17.01
C SER P 298 35.80 -34.22 16.64
N ALA P 299 35.80 -32.88 16.67
CA ALA P 299 36.97 -32.08 16.30
C ALA P 299 38.03 -32.06 17.41
N THR P 300 39.27 -32.41 17.04
CA THR P 300 40.43 -32.44 17.94
C THR P 300 41.30 -31.21 17.72
N SER P 301 41.62 -30.91 16.44
CA SER P 301 42.43 -29.78 16.02
C SER P 301 41.85 -29.13 14.76
N LEU P 302 42.43 -28.01 14.32
CA LEU P 302 41.99 -27.28 13.13
C LEU P 302 43.02 -27.37 12.00
N MET Q 4 48.98 -21.59 3.69
CA MET Q 4 47.79 -21.30 4.46
C MET Q 4 46.64 -22.25 4.10
N ARG Q 5 45.92 -22.76 5.14
CA ARG Q 5 44.80 -23.69 4.97
C ARG Q 5 43.46 -23.02 5.30
N GLN Q 6 42.50 -23.15 4.38
CA GLN Q 6 41.17 -22.58 4.53
C GLN Q 6 40.20 -23.56 5.20
N HIS Q 7 39.47 -23.08 6.22
CA HIS Q 7 38.50 -23.86 6.96
C HIS Q 7 37.10 -23.36 6.64
N VAL Q 8 36.20 -24.27 6.28
CA VAL Q 8 34.81 -23.91 5.97
C VAL Q 8 33.88 -24.34 7.13
N PHE Q 9 33.29 -23.33 7.79
CA PHE Q 9 32.43 -23.49 8.97
C PHE Q 9 30.96 -23.15 8.74
N LEU Q 10 30.10 -23.68 9.64
CA LEU Q 10 28.67 -23.47 9.70
C LEU Q 10 28.26 -23.27 11.17
N VAL Q 11 27.88 -22.03 11.53
CA VAL Q 11 27.48 -21.67 12.90
C VAL Q 11 25.96 -21.40 13.03
N SER Q 12 25.37 -21.73 14.20
CA SER Q 12 23.95 -21.54 14.51
C SER Q 12 23.58 -20.05 14.68
N GLU Q 13 22.52 -19.61 13.98
CA GLU Q 13 22.00 -18.24 14.03
C GLU Q 13 20.70 -18.18 14.83
N LEU Q 26 34.08 -13.75 19.07
CA LEU Q 26 34.26 -15.18 18.81
C LEU Q 26 35.68 -15.67 19.15
N MET Q 27 35.77 -16.80 19.88
CA MET Q 27 37.00 -17.46 20.34
C MET Q 27 37.03 -18.93 19.95
N PHE Q 28 38.18 -19.59 20.15
CA PHE Q 28 38.38 -21.01 19.90
C PHE Q 28 39.27 -21.56 21.00
N VAL Q 29 38.68 -22.33 21.90
CA VAL Q 29 39.41 -22.92 23.02
C VAL Q 29 38.99 -24.37 23.31
N LYS Q 30 39.97 -25.20 23.72
CA LYS Q 30 39.72 -26.59 24.06
C LYS Q 30 39.28 -26.71 25.52
N LEU Q 31 38.17 -27.43 25.75
CA LEU Q 31 37.58 -27.67 27.06
C LEU Q 31 37.36 -29.17 27.26
N VAL Q 32 37.09 -29.59 28.50
CA VAL Q 32 36.85 -31.01 28.88
C VAL Q 32 35.73 -31.64 28.06
N ASN Q 33 35.91 -32.93 27.71
CA ASN Q 33 34.89 -33.68 27.01
C ASN Q 33 33.84 -34.07 28.06
N PRO Q 34 32.53 -33.84 27.79
CA PRO Q 34 31.51 -34.14 28.81
C PRO Q 34 31.40 -35.60 29.27
N CYS Q 35 31.88 -36.55 28.45
CA CYS Q 35 31.83 -37.98 28.77
C CYS Q 35 33.19 -38.58 29.13
N SER Q 36 34.22 -38.29 28.32
CA SER Q 36 35.57 -38.83 28.50
C SER Q 36 36.47 -38.04 29.46
N GLY Q 37 36.36 -36.71 29.42
CA GLY Q 37 37.19 -35.82 30.23
C GLY Q 37 38.52 -35.53 29.57
N GLU Q 38 38.56 -35.68 28.23
CA GLU Q 38 39.71 -35.44 27.35
C GLU Q 38 39.50 -34.13 26.55
N GLY Q 39 40.45 -33.81 25.68
CA GLY Q 39 40.40 -32.62 24.84
C GLY Q 39 39.26 -32.58 23.86
N ALA Q 40 38.64 -31.39 23.72
CA ALA Q 40 37.52 -31.12 22.81
C ALA Q 40 37.50 -29.63 22.51
N ILE Q 41 37.56 -29.26 21.22
CA ILE Q 41 37.55 -27.85 20.81
C ILE Q 41 36.14 -27.26 20.75
N TYR Q 42 35.97 -26.09 21.38
CA TYR Q 42 34.72 -25.35 21.44
C TYR Q 42 34.90 -23.92 20.96
N LEU Q 43 33.83 -23.33 20.41
CA LEU Q 43 33.80 -21.94 19.95
C LEU Q 43 32.96 -21.14 20.94
N PHE Q 44 33.53 -20.07 21.51
CA PHE Q 44 32.84 -19.22 22.48
C PHE Q 44 32.59 -17.80 21.99
N ASN Q 45 31.33 -17.32 22.12
CA ASN Q 45 30.90 -15.98 21.74
C ASN Q 45 30.82 -15.11 23.00
N MET Q 46 31.39 -13.90 22.95
CA MET Q 46 31.37 -12.96 24.09
C MET Q 46 30.11 -12.09 24.12
N CYS Q 47 29.57 -11.75 22.92
CA CYS Q 47 28.37 -10.91 22.78
C CYS Q 47 27.11 -11.73 23.04
N LEU Q 48 26.95 -12.88 22.36
CA LEU Q 48 25.80 -13.78 22.50
C LEU Q 48 25.90 -14.68 23.75
N GLN Q 49 27.13 -14.82 24.32
CA GLN Q 49 27.47 -15.65 25.50
C GLN Q 49 27.10 -17.14 25.35
N GLN Q 50 27.07 -17.62 24.10
CA GLN Q 50 26.72 -19.00 23.75
C GLN Q 50 27.96 -19.83 23.43
N LEU Q 51 28.01 -21.05 24.01
CA LEU Q 51 29.10 -22.01 23.83
C LEU Q 51 28.71 -23.00 22.72
N PHE Q 52 29.57 -23.11 21.70
CA PHE Q 52 29.33 -23.98 20.56
C PHE Q 52 30.30 -25.15 20.51
N GLU Q 53 29.80 -26.31 20.06
CA GLU Q 53 30.57 -27.55 19.92
C GLU Q 53 30.96 -27.71 18.45
N VAL Q 54 32.27 -27.85 18.19
CA VAL Q 54 32.80 -28.01 16.84
C VAL Q 54 32.87 -29.48 16.45
N LYS Q 55 32.23 -29.84 15.32
CA LYS Q 55 32.18 -31.19 14.75
C LYS Q 55 32.49 -31.12 13.25
N VAL Q 56 33.47 -31.90 12.80
CA VAL Q 56 33.92 -31.93 11.40
C VAL Q 56 33.36 -33.13 10.66
N PHE Q 57 33.02 -32.92 9.38
CA PHE Q 57 32.54 -33.95 8.46
C PHE Q 57 33.76 -34.45 7.67
N LYS Q 58 34.10 -35.74 7.85
CA LYS Q 58 35.22 -36.38 7.18
C LYS Q 58 34.70 -37.46 6.23
N GLU Q 59 35.11 -37.40 4.96
CA GLU Q 59 34.72 -38.37 3.94
C GLU Q 59 35.78 -38.44 2.84
N LYS Q 60 35.98 -39.65 2.29
CA LYS Q 60 36.95 -39.93 1.25
C LYS Q 60 36.55 -39.29 -0.08
N HIS Q 61 37.57 -38.89 -0.88
CA HIS Q 61 37.45 -38.29 -2.22
C HIS Q 61 36.52 -37.05 -2.26
N HIS Q 62 37.00 -35.92 -1.68
CA HIS Q 62 36.27 -34.65 -1.61
C HIS Q 62 37.23 -33.45 -1.56
N SER Q 63 36.84 -32.36 -2.23
CA SER Q 63 37.59 -31.10 -2.28
C SER Q 63 36.68 -29.90 -2.37
N TRP Q 64 37.20 -28.74 -1.92
CA TRP Q 64 36.50 -27.46 -1.97
C TRP Q 64 37.07 -26.56 -3.03
N PHE Q 65 36.25 -25.59 -3.48
CA PHE Q 65 36.60 -24.54 -4.41
C PHE Q 65 36.10 -23.28 -3.75
N ILE Q 66 37.00 -22.52 -3.11
CA ILE Q 66 36.66 -21.27 -2.43
C ILE Q 66 37.13 -20.13 -3.33
N ASN Q 67 36.18 -19.32 -3.82
CA ASN Q 67 36.40 -18.20 -4.73
C ASN Q 67 37.44 -18.51 -5.83
N GLN Q 68 38.70 -18.09 -5.65
CA GLN Q 68 39.76 -18.34 -6.64
C GLN Q 68 40.89 -19.19 -6.06
N SER Q 69 40.53 -20.24 -5.28
CA SER Q 69 41.49 -21.15 -4.67
C SER Q 69 40.94 -22.56 -4.52
N VAL Q 70 41.85 -23.52 -4.28
CA VAL Q 70 41.50 -24.93 -4.09
C VAL Q 70 41.87 -25.43 -2.68
N GLN Q 71 40.92 -26.09 -2.02
CA GLN Q 71 41.13 -26.71 -0.71
C GLN Q 71 40.95 -28.20 -0.88
N SER Q 72 42.05 -28.95 -0.72
CA SER Q 72 42.16 -30.41 -0.84
C SER Q 72 41.37 -31.21 0.21
N GLY Q 73 41.06 -30.57 1.34
CA GLY Q 73 40.35 -31.18 2.46
C GLY Q 73 38.99 -31.78 2.16
N GLY Q 74 38.03 -30.94 1.78
CA GLY Q 74 36.66 -31.37 1.53
C GLY Q 74 35.93 -31.62 2.83
N LEU Q 75 36.48 -31.08 3.94
CA LEU Q 75 35.94 -31.24 5.28
C LEU Q 75 35.05 -30.05 5.59
N LEU Q 76 33.86 -30.31 6.14
CA LEU Q 76 32.89 -29.30 6.51
C LEU Q 76 32.74 -29.26 8.02
N HIS Q 77 32.95 -28.08 8.61
CA HIS Q 77 32.86 -27.88 10.06
C HIS Q 77 31.46 -27.45 10.50
N PHE Q 78 31.07 -27.84 11.73
CA PHE Q 78 29.77 -27.53 12.30
C PHE Q 78 29.92 -27.02 13.72
N ALA Q 79 29.44 -25.80 13.99
CA ALA Q 79 29.48 -25.18 15.31
C ALA Q 79 28.05 -25.06 15.83
N THR Q 80 27.59 -26.13 16.50
CA THR Q 80 26.25 -26.27 17.08
C THR Q 80 26.26 -25.88 18.56
N PRO Q 81 25.17 -25.27 19.12
CA PRO Q 81 25.21 -24.92 20.55
C PRO Q 81 25.07 -26.12 21.48
N VAL Q 82 25.74 -26.06 22.64
CA VAL Q 82 25.69 -27.10 23.68
C VAL Q 82 25.15 -26.53 24.99
N ASP Q 83 24.29 -27.31 25.69
CA ASP Q 83 23.70 -26.92 26.98
C ASP Q 83 24.84 -26.83 28.00
N PRO Q 84 25.03 -25.67 28.68
CA PRO Q 84 26.15 -25.55 29.64
C PRO Q 84 26.11 -26.55 30.80
N LEU Q 85 24.89 -27.05 31.16
CA LEU Q 85 24.67 -28.02 32.23
C LEU Q 85 25.41 -29.35 32.03
N PHE Q 86 25.51 -29.83 30.77
CA PHE Q 86 26.22 -31.07 30.40
C PHE Q 86 27.73 -30.96 30.71
N LEU Q 87 28.32 -29.78 30.50
CA LEU Q 87 29.72 -29.48 30.79
C LEU Q 87 29.88 -29.18 32.27
N LEU Q 88 28.87 -28.52 32.88
CA LEU Q 88 28.85 -28.19 34.31
C LEU Q 88 28.81 -29.45 35.18
N LEU Q 89 28.04 -30.47 34.73
CA LEU Q 89 27.90 -31.77 35.40
C LEU Q 89 29.23 -32.46 35.64
N HIS Q 90 30.15 -32.43 34.63
CA HIS Q 90 31.49 -33.03 34.75
C HIS Q 90 32.19 -32.61 36.04
N TYR Q 91 32.20 -31.29 36.32
CA TYR Q 91 32.82 -30.71 37.50
C TYR Q 91 32.00 -30.93 38.77
N LEU Q 92 30.66 -30.95 38.67
CA LEU Q 92 29.76 -31.17 39.80
C LEU Q 92 29.88 -32.59 40.36
N ILE Q 93 30.04 -33.57 39.47
CA ILE Q 93 30.21 -34.98 39.83
C ILE Q 93 31.62 -35.17 40.45
N LYS Q 94 32.65 -34.51 39.86
CA LYS Q 94 34.04 -34.54 40.31
C LYS Q 94 34.25 -33.85 41.67
N ALA Q 95 33.33 -32.96 42.07
CA ALA Q 95 33.38 -32.26 43.35
C ALA Q 95 32.40 -32.86 44.37
N ASP Q 96 31.45 -33.70 43.90
CA ASP Q 96 30.45 -34.40 44.72
C ASP Q 96 31.09 -35.29 45.78
N LYS Q 97 32.28 -35.86 45.49
CA LYS Q 97 33.04 -36.73 46.38
C LYS Q 97 33.48 -35.96 47.65
N GLU Q 98 34.08 -34.77 47.46
CA GLU Q 98 34.57 -33.89 48.53
C GLU Q 98 33.41 -33.32 49.37
N LYS Q 100 29.92 -32.06 50.47
CA LYS Q 100 30.02 -30.73 51.06
C LYS Q 100 29.63 -29.61 50.08
N PHE Q 101 28.79 -28.68 50.55
CA PHE Q 101 28.29 -27.51 49.80
C PHE Q 101 29.42 -26.50 49.64
N GLN Q 102 29.80 -26.22 48.39
CA GLN Q 102 30.89 -25.29 48.09
C GLN Q 102 30.54 -24.30 46.96
N PRO Q 103 31.21 -23.12 46.86
CA PRO Q 103 30.87 -22.21 45.75
C PRO Q 103 31.41 -22.72 44.42
N LEU Q 104 30.86 -22.20 43.30
CA LEU Q 104 31.23 -22.59 41.93
C LEU Q 104 32.72 -22.47 41.61
N ASP Q 105 33.41 -21.45 42.18
CA ASP Q 105 34.84 -21.19 41.99
C ASP Q 105 35.69 -22.40 42.38
N GLN Q 106 35.36 -23.06 43.50
CA GLN Q 106 36.03 -24.26 43.98
C GLN Q 106 35.62 -25.49 43.14
N VAL Q 107 34.42 -25.45 42.52
CA VAL Q 107 33.89 -26.54 41.69
C VAL Q 107 34.60 -26.60 40.34
N VAL Q 108 34.48 -25.52 39.51
CA VAL Q 108 35.14 -25.47 38.20
C VAL Q 108 36.64 -25.22 38.34
N VAL Q 109 37.39 -26.32 38.54
CA VAL Q 109 38.84 -26.32 38.73
C VAL Q 109 39.46 -27.37 37.81
N ASP Q 110 40.36 -26.92 36.91
CA ASP Q 110 41.08 -27.77 35.96
C ASP Q 110 42.41 -27.13 35.58
N ASN Q 111 43.51 -27.88 35.72
CA ASN Q 111 44.86 -27.44 35.40
C ASN Q 111 45.17 -27.68 33.90
N VAL Q 112 44.73 -28.84 33.37
CA VAL Q 112 44.93 -29.24 31.96
C VAL Q 112 44.16 -28.30 31.02
N PHE Q 113 42.89 -28.01 31.35
CA PHE Q 113 42.00 -27.13 30.59
C PHE Q 113 41.54 -25.97 31.50
N PRO Q 114 42.39 -24.93 31.72
CA PRO Q 114 41.99 -23.84 32.62
C PRO Q 114 41.15 -22.72 31.99
N ASN Q 115 40.22 -23.10 31.09
CA ASN Q 115 39.32 -22.15 30.44
C ASN Q 115 37.85 -22.43 30.78
N CYS Q 116 37.64 -23.30 31.79
CA CYS Q 116 36.32 -23.66 32.34
C CYS Q 116 35.73 -22.49 33.15
N ILE Q 117 36.54 -21.42 33.38
CA ILE Q 117 36.16 -20.19 34.06
C ILE Q 117 35.17 -19.38 33.23
N LEU Q 118 35.07 -19.68 31.90
CA LEU Q 118 34.15 -19.05 30.96
C LEU Q 118 32.70 -19.40 31.32
N LEU Q 119 32.50 -20.58 31.93
CA LEU Q 119 31.21 -21.09 32.39
C LEU Q 119 30.65 -20.27 33.55
N LEU Q 120 31.52 -19.61 34.34
CA LEU Q 120 31.13 -18.74 35.45
C LEU Q 120 30.54 -17.42 34.92
N LYS Q 121 30.99 -16.99 33.74
CA LYS Q 121 30.57 -15.77 33.05
C LYS Q 121 29.22 -15.94 32.32
N LEU Q 122 28.68 -17.18 32.31
CA LEU Q 122 27.40 -17.51 31.66
C LEU Q 122 26.22 -16.84 32.38
N PRO Q 123 25.31 -16.17 31.62
CA PRO Q 123 24.19 -15.49 32.27
C PRO Q 123 23.10 -16.43 32.80
N GLY Q 124 22.60 -16.12 33.98
CA GLY Q 124 21.54 -16.88 34.65
C GLY Q 124 21.94 -18.27 35.06
N LEU Q 125 23.14 -18.41 35.67
CA LEU Q 125 23.69 -19.68 36.17
C LEU Q 125 22.80 -20.27 37.26
N GLU Q 126 22.21 -19.41 38.11
CA GLU Q 126 21.31 -19.81 39.19
C GLU Q 126 20.13 -20.62 38.62
N LYS Q 127 19.50 -20.12 37.53
CA LYS Q 127 18.38 -20.77 36.85
C LYS Q 127 18.77 -22.11 36.23
N LEU Q 128 20.01 -22.21 35.71
CA LEU Q 128 20.55 -23.43 35.09
C LEU Q 128 20.78 -24.52 36.15
N LEU Q 129 21.56 -24.17 37.19
CA LEU Q 129 21.93 -25.06 38.30
C LEU Q 129 20.75 -25.50 39.17
N HIS Q 130 19.59 -24.84 39.05
CA HIS Q 130 18.34 -25.14 39.76
C HIS Q 130 17.84 -26.55 39.43
N HIS Q 131 18.26 -27.09 38.25
CA HIS Q 131 17.87 -28.39 37.69
C HIS Q 131 18.69 -29.60 38.16
N VAL Q 132 19.99 -29.42 38.47
CA VAL Q 132 20.88 -30.52 38.87
C VAL Q 132 21.51 -30.41 40.28
N THR Q 133 21.45 -29.23 40.92
CA THR Q 133 22.05 -29.01 42.25
C THR Q 133 21.08 -28.46 43.32
N GLU Q 134 21.55 -28.41 44.58
CA GLU Q 134 20.85 -27.86 45.75
C GLU Q 134 21.67 -26.69 46.31
N GLU Q 135 20.99 -25.57 46.67
CA GLU Q 135 21.65 -24.35 47.17
C GLU Q 135 21.57 -24.15 48.70
N LYS Q 136 22.48 -23.31 49.24
CA LYS Q 136 22.58 -22.98 50.67
C LYS Q 136 23.22 -21.61 50.87
N LYS Q 145 26.53 -17.80 47.13
CA LYS Q 145 25.71 -19.01 47.12
C LYS Q 145 26.59 -20.26 46.97
N TYR Q 146 26.29 -21.30 47.78
CA TYR Q 146 27.02 -22.57 47.82
C TYR Q 146 26.21 -23.67 47.14
N TYR Q 147 26.87 -24.45 46.25
CA TYR Q 147 26.23 -25.52 45.46
C TYR Q 147 26.74 -26.93 45.78
N LYS Q 148 25.83 -27.93 45.71
CA LYS Q 148 26.11 -29.35 45.95
C LYS Q 148 25.32 -30.20 44.96
N TYR Q 149 26.02 -31.12 44.27
CA TYR Q 149 25.45 -32.00 43.25
C TYR Q 149 24.31 -32.90 43.77
N SER Q 150 23.26 -33.07 42.96
CA SER Q 150 22.11 -33.92 43.27
C SER Q 150 21.93 -34.97 42.18
N LYS Q 151 22.19 -36.24 42.52
CA LYS Q 151 22.10 -37.37 41.58
C LYS Q 151 20.66 -37.65 41.13
N GLU Q 152 19.65 -37.35 41.97
CA GLU Q 152 18.25 -37.58 41.62
C GLU Q 152 17.63 -36.47 40.80
N LYS Q 153 18.07 -35.21 41.03
CA LYS Q 153 17.62 -34.03 40.28
C LYS Q 153 18.14 -34.12 38.84
N THR Q 154 19.34 -34.71 38.65
CA THR Q 154 20.02 -34.92 37.37
C THR Q 154 19.25 -35.93 36.53
N LEU Q 155 18.88 -37.09 37.13
CA LEU Q 155 18.10 -38.16 36.48
C LEU Q 155 16.75 -37.63 36.01
N LYS Q 156 16.10 -36.78 36.83
CA LYS Q 156 14.82 -36.14 36.52
C LYS Q 156 15.00 -35.12 35.39
N TRP Q 157 16.17 -34.44 35.35
CA TRP Q 157 16.53 -33.46 34.31
C TRP Q 157 16.89 -34.18 33.01
N LEU Q 158 17.64 -35.30 33.10
CA LEU Q 158 18.05 -36.08 31.92
C LEU Q 158 16.89 -36.75 31.20
N GLU Q 159 15.80 -37.09 31.93
CA GLU Q 159 14.58 -37.69 31.37
C GLU Q 159 13.85 -36.67 30.48
N LYS Q 160 13.90 -35.39 30.88
CA LYS Q 160 13.32 -34.26 30.14
C LYS Q 160 14.12 -34.03 28.86
N LYS Q 161 15.44 -34.35 28.89
CA LYS Q 161 16.36 -34.25 27.75
C LYS Q 161 16.13 -35.40 26.79
N VAL Q 162 15.77 -36.60 27.32
CA VAL Q 162 15.43 -37.81 26.56
C VAL Q 162 14.11 -37.54 25.82
N ASN Q 163 13.15 -36.88 26.52
CA ASN Q 163 11.84 -36.44 26.00
C ASN Q 163 12.04 -35.52 24.78
N GLN Q 164 13.06 -34.64 24.82
CA GLN Q 164 13.44 -33.71 23.74
C GLN Q 164 14.01 -34.43 22.53
N THR Q 165 14.81 -35.50 22.75
CA THR Q 165 15.43 -36.29 21.68
C THR Q 165 14.40 -37.20 20.99
N VAL Q 166 13.32 -37.60 21.72
CA VAL Q 166 12.24 -38.43 21.20
C VAL Q 166 11.43 -37.61 20.18
N ALA Q 167 11.01 -36.38 20.58
CA ALA Q 167 10.27 -35.44 19.75
C ALA Q 167 11.09 -34.91 18.56
N ALA Q 168 12.43 -34.81 18.71
CA ALA Q 168 13.33 -34.35 17.65
C ALA Q 168 13.50 -35.42 16.56
N LEU Q 169 13.63 -36.70 16.96
CA LEU Q 169 13.76 -37.84 16.05
C LEU Q 169 12.46 -38.10 15.29
N LYS Q 170 11.31 -37.63 15.84
CA LYS Q 170 9.98 -37.73 15.25
C LYS Q 170 9.69 -36.55 14.32
N THR Q 171 10.13 -35.32 14.69
CA THR Q 171 9.96 -34.10 13.89
C THR Q 171 10.84 -34.15 12.63
N ASN Q 172 11.97 -34.88 12.72
CA ASN Q 172 12.90 -35.10 11.62
C ASN Q 172 12.79 -36.55 11.15
N ASN Q 173 13.57 -36.94 10.13
CA ASN Q 173 13.57 -38.30 9.59
C ASN Q 173 14.37 -39.23 10.51
N VAL Q 174 13.82 -40.42 10.78
CA VAL Q 174 14.47 -41.42 11.63
C VAL Q 174 15.64 -42.09 10.91
N ASN Q 175 16.64 -42.56 11.68
CA ASN Q 175 17.83 -43.22 11.13
C ASN Q 175 17.66 -44.75 11.12
N VAL Q 176 17.89 -45.36 9.94
CA VAL Q 176 17.79 -46.80 9.73
C VAL Q 176 18.84 -47.28 8.72
N ILE Q 200 13.30 -43.37 21.70
CA ILE Q 200 13.65 -43.71 23.09
C ILE Q 200 14.93 -44.53 23.18
N ARG Q 201 15.03 -45.61 22.36
CA ARG Q 201 16.18 -46.51 22.32
C ARG Q 201 17.43 -45.78 21.81
N TYR Q 202 17.33 -45.16 20.61
CA TYR Q 202 18.42 -44.40 19.97
C TYR Q 202 18.69 -43.09 20.72
N ALA Q 203 17.64 -42.49 21.30
CA ALA Q 203 17.64 -41.24 22.07
C ALA Q 203 18.63 -41.28 23.25
N HIS Q 204 18.75 -42.44 23.92
CA HIS Q 204 19.66 -42.65 25.05
C HIS Q 204 21.13 -42.64 24.58
N GLY Q 205 21.35 -43.10 23.36
CA GLY Q 205 22.67 -43.16 22.72
C GLY Q 205 23.27 -41.79 22.43
N LEU Q 206 22.43 -40.81 22.08
CA LEU Q 206 22.84 -39.43 21.79
C LEU Q 206 23.20 -38.67 23.06
N ILE Q 207 22.39 -38.83 24.13
CA ILE Q 207 22.59 -38.20 25.45
C ILE Q 207 23.87 -38.75 26.14
N SER Q 208 24.09 -40.08 26.05
CA SER Q 208 25.24 -40.80 26.62
C SER Q 208 26.62 -40.25 26.20
N ASP Q 209 26.67 -39.45 25.12
CA ASP Q 209 27.88 -38.83 24.59
C ASP Q 209 28.18 -37.51 25.31
N TYR Q 210 27.22 -37.02 26.12
CA TYR Q 210 27.32 -35.79 26.90
C TYR Q 210 27.35 -36.02 28.43
N ILE Q 211 27.22 -37.30 28.84
CA ILE Q 211 27.25 -37.72 30.24
C ILE Q 211 28.23 -38.91 30.43
N PRO Q 212 28.89 -39.08 31.61
CA PRO Q 212 29.84 -40.20 31.76
C PRO Q 212 29.21 -41.61 31.68
N LYS Q 213 30.07 -42.64 31.53
CA LYS Q 213 29.68 -44.05 31.43
C LYS Q 213 28.78 -44.49 32.60
N GLU Q 214 29.13 -44.08 33.83
CA GLU Q 214 28.39 -44.38 35.06
C GLU Q 214 26.97 -43.83 35.02
N LEU Q 215 26.80 -42.58 34.54
CA LEU Q 215 25.50 -41.92 34.43
C LEU Q 215 24.65 -42.46 33.29
N SER Q 216 25.28 -42.98 32.22
CA SER Q 216 24.61 -43.57 31.06
C SER Q 216 23.91 -44.88 31.48
N ASP Q 217 24.61 -45.70 32.30
CA ASP Q 217 24.11 -46.95 32.85
C ASP Q 217 23.04 -46.69 33.91
N ASP Q 218 23.23 -45.61 34.71
CA ASP Q 218 22.30 -45.17 35.76
C ASP Q 218 20.97 -44.71 35.15
N LEU Q 219 21.02 -44.05 33.97
CA LEU Q 219 19.85 -43.56 33.23
C LEU Q 219 19.14 -44.71 32.49
N SER Q 220 19.87 -45.83 32.22
CA SER Q 220 19.31 -47.02 31.55
C SER Q 220 18.28 -47.71 32.48
N LYS Q 221 18.62 -47.83 33.78
CA LYS Q 221 17.78 -48.41 34.83
C LYS Q 221 16.58 -47.50 35.12
N TYR Q 222 16.78 -46.17 34.94
CA TYR Q 222 15.78 -45.11 35.13
C TYR Q 222 15.01 -44.94 33.80
N LEU Q 223 14.15 -45.92 33.46
CA LEU Q 223 13.38 -45.90 32.21
C LEU Q 223 12.07 -45.13 32.36
N GLU R 13 44.11 -17.97 28.41
CA GLU R 13 44.59 -16.91 27.53
C GLU R 13 45.55 -17.42 26.45
N ARG R 14 46.45 -18.35 26.83
CA ARG R 14 47.43 -18.97 25.93
C ARG R 14 46.77 -20.01 25.03
N HIS R 15 45.69 -20.65 25.53
CA HIS R 15 44.92 -21.66 24.81
C HIS R 15 43.74 -21.07 24.00
N ARG R 16 43.50 -19.75 24.15
CA ARG R 16 42.46 -18.99 23.44
C ARG R 16 42.93 -18.55 22.04
N VAL R 17 42.09 -18.76 21.01
CA VAL R 17 42.34 -18.37 19.60
C VAL R 17 41.16 -17.50 19.13
N HIS R 18 41.37 -16.17 19.08
CA HIS R 18 40.34 -15.21 18.69
C HIS R 18 40.10 -15.15 17.18
N LEU R 19 38.85 -14.85 16.79
CA LEU R 19 38.41 -14.69 15.40
C LEU R 19 38.50 -13.23 15.00
N ARG R 20 38.87 -12.94 13.73
CA ARG R 20 39.03 -11.58 13.23
C ARG R 20 38.17 -11.30 12.00
N VAL R 28 30.36 -9.15 0.01
CA VAL R 28 30.15 -9.99 -1.17
C VAL R 28 30.22 -11.49 -0.78
N PRO R 29 29.12 -12.26 -1.04
CA PRO R 29 29.14 -13.70 -0.69
C PRO R 29 30.10 -14.51 -1.54
N ALA R 30 30.77 -15.50 -0.91
CA ALA R 30 31.75 -16.38 -1.53
C ALA R 30 31.10 -17.51 -2.33
N THR R 31 31.81 -17.99 -3.38
CA THR R 31 31.36 -19.07 -4.25
C THR R 31 32.06 -20.39 -3.86
N LEU R 32 31.28 -21.35 -3.31
CA LEU R 32 31.77 -22.65 -2.84
C LEU R 32 31.31 -23.81 -3.74
N HIS R 33 32.27 -24.71 -4.10
CA HIS R 33 32.01 -25.90 -4.92
C HIS R 33 32.67 -27.14 -4.29
N LEU R 34 31.84 -28.10 -3.83
CA LEU R 34 32.33 -29.35 -3.23
C LEU R 34 32.43 -30.44 -4.32
N LEU R 35 33.66 -30.72 -4.76
CA LEU R 35 33.96 -31.70 -5.81
C LEU R 35 33.97 -33.15 -5.29
N PRO R 36 33.60 -34.17 -6.11
CA PRO R 36 33.66 -35.56 -5.61
C PRO R 36 35.02 -36.23 -5.84
N CYS R 37 36.10 -35.42 -5.91
CA CYS R 37 37.47 -35.88 -6.11
C CYS R 37 38.43 -35.13 -5.19
N GLU R 38 39.57 -35.77 -4.86
CA GLU R 38 40.61 -35.20 -4.00
C GLU R 38 41.82 -34.75 -4.82
N VAL R 39 42.23 -33.48 -4.66
CA VAL R 39 43.39 -32.88 -5.33
C VAL R 39 44.61 -33.02 -4.40
N ALA R 40 45.84 -32.89 -4.94
CA ALA R 40 47.10 -33.01 -4.19
C ALA R 40 47.71 -31.66 -3.77
N VAL R 41 46.99 -30.53 -3.98
CA VAL R 41 47.48 -29.20 -3.65
C VAL R 41 46.44 -28.28 -2.95
N ASP R 42 46.95 -27.26 -2.21
CA ASP R 42 46.16 -26.27 -1.48
C ASP R 42 46.69 -24.86 -1.84
N GLY R 43 46.27 -24.35 -3.01
CA GLY R 43 46.68 -23.04 -3.52
C GLY R 43 45.65 -22.31 -4.35
N PRO R 44 46.04 -21.19 -5.04
CA PRO R 44 45.06 -20.44 -5.86
C PRO R 44 44.66 -21.22 -7.11
N ALA R 45 43.41 -21.00 -7.56
CA ALA R 45 42.89 -21.67 -8.74
C ALA R 45 42.10 -20.72 -9.64
N PRO R 46 42.32 -20.77 -10.98
CA PRO R 46 41.55 -19.88 -11.88
C PRO R 46 40.13 -20.41 -12.14
N VAL R 47 39.34 -20.53 -11.06
CA VAL R 47 37.96 -21.03 -11.05
C VAL R 47 37.06 -20.15 -11.95
N GLY R 48 37.28 -18.83 -11.88
CA GLY R 48 36.55 -17.83 -12.65
C GLY R 48 36.76 -17.95 -14.15
N ARG R 49 37.98 -18.33 -14.56
CA ARG R 49 38.36 -18.47 -15.96
C ARG R 49 38.15 -19.88 -16.54
N PHE R 50 38.13 -20.91 -15.68
CA PHE R 50 37.97 -22.29 -16.14
C PHE R 50 36.66 -22.99 -15.75
N PHE R 51 36.29 -22.93 -14.47
CA PHE R 51 35.13 -23.63 -13.93
C PHE R 51 33.77 -22.95 -14.15
N THR R 52 33.63 -21.66 -13.77
CA THR R 52 32.37 -20.90 -13.88
C THR R 52 31.74 -20.78 -15.29
N PRO R 53 32.49 -20.42 -16.39
CA PRO R 53 31.83 -20.37 -17.72
C PRO R 53 31.45 -21.74 -18.28
N ALA R 54 32.10 -22.81 -17.80
CA ALA R 54 31.86 -24.19 -18.23
C ALA R 54 30.56 -24.80 -17.67
N ILE R 55 30.02 -24.21 -16.57
CA ILE R 55 28.78 -24.65 -15.90
C ILE R 55 27.58 -24.40 -16.84
N ARG R 56 26.94 -25.49 -17.27
CA ARG R 56 25.77 -25.47 -18.16
C ARG R 56 24.55 -26.01 -17.42
N GLN R 57 23.35 -25.65 -17.88
CA GLN R 57 22.11 -26.12 -17.30
C GLN R 57 21.54 -27.25 -18.16
N GLY R 58 21.31 -28.39 -17.53
CA GLY R 58 20.78 -29.57 -18.20
C GLY R 58 19.35 -29.93 -17.79
N PRO R 59 18.86 -31.14 -18.18
CA PRO R 59 17.49 -31.51 -17.80
C PRO R 59 17.35 -32.01 -16.35
N GLU R 60 18.40 -32.68 -15.82
CA GLU R 60 18.42 -33.21 -14.45
C GLU R 60 19.62 -32.69 -13.65
N GLY R 61 19.69 -31.36 -13.52
CA GLY R 61 20.75 -30.66 -12.80
C GLY R 61 21.76 -29.93 -13.67
N LEU R 62 22.73 -29.27 -13.00
CA LEU R 62 23.81 -28.52 -13.65
C LEU R 62 24.89 -29.47 -14.14
N GLU R 63 25.48 -29.16 -15.29
CA GLU R 63 26.52 -29.98 -15.89
C GLU R 63 27.80 -29.18 -16.10
N VAL R 64 28.93 -29.81 -15.72
CA VAL R 64 30.29 -29.29 -15.86
C VAL R 64 31.24 -30.48 -15.97
N SER R 65 32.40 -30.27 -16.59
CA SER R 65 33.39 -31.33 -16.74
C SER R 65 34.73 -30.90 -16.17
N PHE R 66 35.30 -31.72 -15.27
CA PHE R 66 36.60 -31.46 -14.64
C PHE R 66 37.54 -32.60 -15.01
N ARG R 67 38.72 -32.25 -15.57
CA ARG R 67 39.77 -33.17 -16.04
C ARG R 67 39.23 -34.14 -17.11
N GLY R 68 38.30 -33.65 -17.93
CA GLY R 68 37.65 -34.42 -18.98
C GLY R 68 36.70 -35.48 -18.45
N ARG R 69 36.19 -35.29 -17.21
CA ARG R 69 35.25 -36.20 -16.55
C ARG R 69 33.97 -35.44 -16.23
N CYS R 70 32.81 -36.04 -16.53
CA CYS R 70 31.50 -35.42 -16.30
C CYS R 70 31.12 -35.31 -14.83
N LEU R 71 30.65 -34.12 -14.44
CA LEU R 71 30.19 -33.84 -13.09
C LEU R 71 28.79 -33.26 -13.15
N ARG R 72 27.84 -34.01 -12.58
CA ARG R 72 26.44 -33.59 -12.48
C ARG R 72 26.23 -33.14 -11.04
N GLY R 73 25.77 -31.90 -10.86
CA GLY R 73 25.59 -31.34 -9.53
C GLY R 73 24.34 -30.53 -9.28
N GLU R 74 24.16 -30.11 -8.02
CA GLU R 74 23.03 -29.31 -7.52
C GLU R 74 23.48 -28.29 -6.47
N GLU R 75 22.80 -27.13 -6.43
CA GLU R 75 23.08 -26.06 -5.46
C GLU R 75 22.38 -26.36 -4.14
N VAL R 76 23.16 -26.45 -3.05
CA VAL R 76 22.65 -26.74 -1.71
C VAL R 76 22.68 -25.45 -0.88
N ALA R 77 21.49 -24.93 -0.53
CA ALA R 77 21.36 -23.71 0.26
C ALA R 77 21.53 -24.00 1.75
N VAL R 78 22.10 -23.01 2.48
CA VAL R 78 22.35 -23.10 3.93
C VAL R 78 21.02 -23.14 4.72
N PRO R 79 20.78 -24.16 5.58
CA PRO R 79 19.49 -24.23 6.31
C PRO R 79 19.17 -22.97 7.12
N PRO R 80 17.87 -22.62 7.32
CA PRO R 80 17.56 -21.40 8.10
C PRO R 80 18.10 -21.49 9.53
N GLY R 81 18.80 -20.44 9.94
CA GLY R 81 19.43 -20.36 11.25
C GLY R 81 20.86 -20.89 11.25
N LEU R 82 21.51 -20.90 10.06
CA LEU R 82 22.88 -21.34 9.88
C LEU R 82 23.64 -20.33 9.05
N VAL R 83 24.82 -19.91 9.53
CA VAL R 83 25.69 -18.93 8.87
C VAL R 83 26.98 -19.62 8.42
N GLY R 84 27.30 -19.46 7.13
CA GLY R 84 28.50 -20.03 6.55
C GLY R 84 29.66 -19.07 6.61
N TYR R 85 30.79 -19.51 7.19
CA TYR R 85 32.01 -18.70 7.31
C TYR R 85 33.17 -19.41 6.65
N VAL R 86 34.15 -18.64 6.16
CA VAL R 86 35.37 -19.15 5.55
C VAL R 86 36.52 -18.55 6.36
N MET R 87 37.30 -19.41 7.04
CA MET R 87 38.43 -18.98 7.86
C MET R 87 39.75 -19.43 7.24
N VAL R 88 40.87 -18.80 7.64
CA VAL R 88 42.18 -19.12 7.08
C VAL R 88 43.28 -19.32 8.16
N THR R 89 44.23 -20.25 7.89
CA THR R 89 45.38 -20.65 8.73
C THR R 89 45.02 -20.95 10.18
N ASP R 120 50.76 -16.91 21.60
CA ASP R 120 49.32 -16.96 21.34
C ASP R 120 48.99 -16.79 19.85
N ARG R 121 48.02 -17.58 19.35
CA ARG R 121 47.57 -17.59 17.95
C ARG R 121 46.21 -16.87 17.75
N PHE R 122 45.88 -16.56 16.49
CA PHE R 122 44.63 -15.88 16.11
C PHE R 122 44.17 -16.30 14.70
N ILE R 123 42.86 -16.59 14.58
CA ILE R 123 42.22 -16.98 13.31
C ILE R 123 41.48 -15.78 12.67
N GLY R 124 41.42 -15.77 11.34
CA GLY R 124 40.76 -14.73 10.57
C GLY R 124 39.71 -15.27 9.62
N ALA R 125 38.52 -14.65 9.64
CA ALA R 125 37.39 -15.01 8.78
C ALA R 125 37.44 -14.16 7.50
N THR R 126 37.84 -14.80 6.38
CA THR R 126 37.98 -14.14 5.08
C THR R 126 36.62 -13.77 4.46
N ALA R 127 35.80 -14.78 4.14
CA ALA R 127 34.50 -14.55 3.53
C ALA R 127 33.34 -15.21 4.28
N ASN R 128 32.12 -14.94 3.79
CA ASN R 128 30.85 -15.45 4.30
C ASN R 128 30.06 -15.95 3.10
N PHE R 129 29.16 -16.93 3.30
CA PHE R 129 28.35 -17.50 2.21
C PHE R 129 26.95 -17.95 2.66
N SER R 130 26.05 -18.19 1.68
CA SER R 130 24.68 -18.62 1.93
C SER R 130 24.32 -19.85 1.11
N ARG R 131 25.09 -20.16 0.06
CA ARG R 131 24.84 -21.31 -0.80
C ARG R 131 26.16 -22.01 -1.17
N PHE R 132 26.10 -23.34 -1.39
CA PHE R 132 27.24 -24.13 -1.82
C PHE R 132 26.82 -25.17 -2.84
N THR R 133 27.57 -25.29 -3.94
CA THR R 133 27.24 -26.24 -5.00
C THR R 133 27.86 -27.60 -4.72
N LEU R 134 27.03 -28.65 -4.72
CA LEU R 134 27.47 -30.01 -4.48
C LEU R 134 27.59 -30.75 -5.82
N TRP R 135 28.77 -31.32 -6.09
CA TRP R 135 29.05 -32.02 -7.32
C TRP R 135 29.18 -33.51 -7.15
N GLY R 136 28.74 -34.25 -8.17
CA GLY R 136 28.78 -35.69 -8.20
C GLY R 136 29.31 -36.21 -9.53
N LEU R 137 30.09 -37.31 -9.49
CA LEU R 137 30.66 -37.93 -10.68
C LEU R 137 29.56 -38.62 -11.52
N GLU R 138 29.32 -38.09 -12.74
CA GLU R 138 28.33 -38.54 -13.72
C GLU R 138 26.86 -38.44 -13.28
N THR R 139 26.57 -38.53 -11.96
CA THR R 139 25.22 -38.46 -11.38
C THR R 139 25.21 -37.59 -10.13
N ILE R 140 24.09 -36.88 -9.88
CA ILE R 140 23.88 -36.04 -8.68
C ILE R 140 23.99 -36.97 -7.45
N PRO R 141 24.74 -36.60 -6.37
CA PRO R 141 24.81 -37.50 -5.20
C PRO R 141 23.43 -37.73 -4.58
N GLY R 142 23.08 -39.01 -4.43
CA GLY R 142 21.78 -39.44 -3.91
C GLY R 142 21.47 -39.05 -2.48
N PRO R 143 20.24 -39.32 -1.98
CA PRO R 143 19.91 -38.98 -0.58
C PRO R 143 20.67 -39.79 0.48
N ASP R 144 21.28 -40.91 0.06
CA ASP R 144 22.09 -41.84 0.86
C ASP R 144 23.47 -41.25 1.21
N ALA R 145 23.85 -40.12 0.58
CA ALA R 145 25.13 -39.45 0.76
C ALA R 145 25.36 -38.92 2.17
N LYS R 146 26.58 -39.14 2.70
CA LYS R 146 27.01 -38.69 4.03
C LYS R 146 26.98 -37.16 4.14
N VAL R 147 27.21 -36.46 3.00
CA VAL R 147 27.20 -35.00 2.85
C VAL R 147 25.81 -34.47 3.19
N ARG R 148 24.76 -35.11 2.63
CA ARG R 148 23.37 -34.74 2.82
C ARG R 148 22.90 -35.02 4.25
N GLY R 149 23.44 -36.08 4.86
CA GLY R 149 23.13 -36.49 6.23
C GLY R 149 23.65 -35.56 7.30
N ALA R 150 24.87 -35.03 7.09
CA ALA R 150 25.56 -34.10 8.00
C ALA R 150 24.84 -32.74 8.11
N LEU R 151 24.19 -32.29 7.02
CA LEU R 151 23.46 -31.02 6.95
C LEU R 151 22.19 -31.03 7.82
N THR R 152 21.64 -32.22 8.11
CA THR R 152 20.45 -32.40 8.95
C THR R 152 20.80 -32.15 10.43
N TRP R 153 21.98 -32.62 10.88
CA TRP R 153 22.51 -32.53 12.25
C TRP R 153 22.25 -31.24 13.06
N PRO R 154 22.58 -30.01 12.60
CA PRO R 154 22.34 -28.81 13.45
C PRO R 154 20.89 -28.56 13.86
N SER R 155 19.92 -29.01 13.04
CA SER R 155 18.48 -28.90 13.32
C SER R 155 18.10 -29.83 14.47
N LEU R 156 18.79 -31.00 14.57
CA LEU R 156 18.58 -32.00 15.62
C LEU R 156 19.25 -31.53 16.91
N ALA R 157 20.52 -31.07 16.84
CA ALA R 157 21.33 -30.56 17.95
C ALA R 157 20.63 -29.46 18.73
N ALA R 158 20.07 -28.44 18.02
CA ALA R 158 19.35 -27.29 18.58
C ALA R 158 18.19 -27.70 19.50
N ALA R 159 17.52 -28.83 19.19
CA ALA R 159 16.42 -29.37 19.98
C ALA R 159 16.95 -30.12 21.21
N ILE R 160 18.07 -30.87 21.06
CA ILE R 160 18.72 -31.63 22.13
C ILE R 160 19.19 -30.70 23.25
N HIS R 161 20.05 -29.73 22.89
CA HIS R 161 20.68 -28.78 23.82
C HIS R 161 19.78 -27.62 24.27
N ALA R 162 18.49 -27.63 23.84
CA ALA R 162 17.49 -26.62 24.20
C ALA R 162 17.09 -26.79 25.67
N GLN R 163 17.40 -25.78 26.51
CA GLN R 163 17.11 -25.78 27.94
C GLN R 163 15.60 -25.83 28.22
N VAL R 164 15.21 -26.44 29.35
CA VAL R 164 13.80 -26.55 29.75
C VAL R 164 13.57 -26.08 31.19
#